data_8REC
#
_entry.id   8REC
#
_cell.length_a   1.00
_cell.length_b   1.00
_cell.length_c   1.00
_cell.angle_alpha   90.00
_cell.angle_beta   90.00
_cell.angle_gamma   90.00
#
_symmetry.space_group_name_H-M   'P 1'
#
loop_
_entity.id
_entity.type
_entity.pdbx_description
1 polymer 'DNA (46-MER)'
2 polymer "RNA (5'-R(P*GP*CP*CP*GP*CP*GP*A)-3')"
3 polymer 'DNA (51-MER)'
4 polymer 'DNA-directed RNA polymerase subunit alpha'
5 polymer 'DNA-directed RNA polymerase subunit beta'
6 polymer "DNA-directed RNA polymerase subunit beta'"
7 polymer 'DNA-directed RNA polymerase subunit omega'
8 polymer 'RNA polymerase sigma-54 factor'
9 non-polymer 'MAGNESIUM ION'
10 non-polymer 'ZINC ION'
#
loop_
_entity_poly.entity_id
_entity_poly.type
_entity_poly.pdbx_seq_one_letter_code
_entity_poly.pdbx_strand_id
1 'polydeoxyribonucleotide'
;(DG)(DC)(DT)(DG)(DG)(DC)(DA)(DC)(DG)(DA)(DC)(DT)(DT)(DT)(DT)(DG)(DC)(DA)(DC)(DT)
(DC)(DG)(DA)(DA)(DT)(DA)(DT)(DC)(DT)(DC)(DA)(DT)(DG)(DC)(DT)(DG)(DT)(DT)(DG)(DC)
(DA)(DC)(DA)(DT)(DT)(DC)
;
N
2 'polyribonucleotide' GCCGCGA R
3 'polydeoxyribonucleotide'
;(DG)(DA)(DA)(DT)(DG)(DT)(DG)(DC)(DA)(DA)(DC)(DA)(DG)(DC)(DA)(DT)(DG)(DA)(DT)(DC)
(DG)(DC)(DG)(DG)(DC)(DA)(DA)(DG)(DC)(DT)(DG)(DC)(DG)(DT)(DG)(DC)(DA)(DA)(DA)(DA)
(DG)(DT)(DC)(DG)(DT)(DG)(DC)(DC)(DA)(DG)(DC)
;
T
4 'polypeptide(L)'
;SVTEFLKPRLVDIEQVSSTHAKVTLEPLERGFGHTLGNALRRILLSSMPGCAVTEVEIDGVLHEYSTKEGVQEDILEILL
NLKGLAVRVQGKDEVILTLNKSGIGPVTAADITHDGDVEIVKPQHVICHLTDENASISMRIKVQRGRGYVPASTRIHSEE
DERPIGRLLVDACYSPVERIAYNVEAARVEQRTDLDKLVIEMETNGTIDPEEAIRRAATILAEQLEAFVDLRDVRQPEVK
EEKPEFDPILLRPVDDLELTVRSANCLKAEAIHYIGDLVQRTEVELLKTPNLGKKSLTEIKDVLASRGLSLGMRLENWPP
A
;
A,B
5 'polypeptide(L)'
;MVYSYTEKKRIRKDFGKRPQVLDVPYLLSIQLDSFQKFIEQDPEGQYGLEAAFRSVFPIQSYSGNSELQYVSYRLGEPVF
DVQECQIRGVTYSAPLRVKLRLVIYEREAPEGTVKDIKEQEVYMGEIPLMTDNGTFVINGTERVIVSQLHRSPGVFFDSD
KGKTHSSGKVLYNARIIPYRGSWLDFEFDPKDNLFVRIDRRRKLPATIILRALNYTTEQILDLFFEKVIFEIRDNKLQME
LVPERLRGETASFDIEANGKVYVEKGRRITARHIRQLEKDDVKLIEVPVEYIAGKVVAKDYIDESTGELICAANMELSLD
LLAKLSQSGHKRIETLFTNDLDHGPYISETLRVDPTNDRLSALVEIYRMMRPGEPPTREAAESLFENLFFSEDRYDLSAV
GRMKFNRSLLREEIEGSGILSKDDIIDVMKKLIDIRNGKGEVDDIDHLGNRRIRSVGEMAENQFRVGLVRVERAVKERLS
LGDLDTLMPQDMINAKPISAAVKEFFGSSQLSQFMDQNNPLSEITHKRRISALGPGGLTRERAGFEVRDVHPTHYGRVCP
IETPEGPNIGLINSLSVYAQTNEYGFLETPYRKVTDGVVTDEIHYLSAIEEGNYVIAQANSNLDEEGHFVEDLVTCRSKG
ESSLFSRDQVDYMDVSTQQVVSVGASLIPFLEHDDANRALMGANMQRQAVPTLRADKPLVGTGMERAVAVDSGVTAVAKR
GGVVQYVDASRIVIKVNEDEMYPGEAGIDIYNLTKYTRSNQNTCINQMPCVSLGEPVERGDVLADGPSTDLGELALGQNM
RVAFMPWNGYNFEDSILVSERVVQEDRFTTIHIQELACVSRDTKLGPEEITADIPNVGEAALSKLDESGIVYIGAEVTGG
DILVGKVTPKGETQLTPEEKLLRAIFGEKASDVKDSSLRVPNGVSGTVIDVQVFTRDGVEKDKRALEIEEMQLKQAKKDL
SEELQILEAGLFSRIRAVLVAGGVEAEKLDKLPRDRWLELGLTDEEKQNQLEQLAEQYDELKHEFEKKLEAKRRKITQGD
DLAPGVLKIVKVYLAVKRRIQPGDKMAGRHGNKGVISKINPIEDMPYDENGTPVDIVLNPLGVPSRMNIGQILETHLGMA
AKGIGDKINAMLKQQQEVAKLREFIQRAYDLGADVRQKVDLSTFSDEEVMRLAENLRKGMPIATPVFDGAKEAEIKELLK
LGDLPTSGQIRLYDGRTGEQFERPVTVGYMYMLKLNHLVDDKMHARSTGSYSLVTQQPLGGKAQFGGQRFGEMEVWALEA
YGAAYTLQEMLTVKSDDVNGRTKMYKNIVDGNHQMEPGMPESFNVLLKEIRSLGINIELED
;
C
6 'polypeptide(L)'
;LLKFLKAQTKTEEFDAIKIALASPDMIRSWSFGEVKKPETINYRTFKPERDGLFCARIFGPVKDYECLCGKYKRLKHRGV
ICEKCGVEVTQTKVRRERMGHIELASPTAHIWFLKSLPSRIGLLLDMPLRDIERVLYFESYVVIEGGMTNLERQQILTEE
QYLDALEEFGDEFDAKMGAEAIQALLKSMDLEQECEQLREELNETNSETKRKKLTKRIKLLEAFVQSGNKPEWMILTVLP
VLPPDLRPLVPLDGGRFATSDLNDLYRRVINRNNRLKRLLDLAAPDIIVRNEKRMLQEAVDALLDNGRRGRAITGSNKRP
LKSLADMIKGKQGRFRQNLLGKRVDYSGRSVITVGPYLRLHQCGLPKKMALELFKPFIYGKLELRGLATTIKAAKKMVER
EEAVVWDILDEVIREHPVLLNRAPTLHRLGIQAFEPVLIEGKAIQLHPLVCAAYNADFDGDQMAVHVPLTLEAQLEARAL
MMSTNNILSPANGEPIIVPSQDVVLGLYYMTRDCVNAKGEGMVLTGPKEAERLYRSGLASLHARVKVRITEYEKDANGEL
VAKTSLKDTTVGRAILWMIVPKGLPYSIVNQALGKKAISKMLNTCYRILGLKPTVIFADQIMYTGFAYAARSGASVGIDD
MVIPEKKHEIISEAEAEVAEIQEQFQSGLVTAGERYNKVIDIWAAANDRVSKAMMDNLQTETVINRDGQEEKQVSFNSIY
MMADSGARGSAAQIRQLAGMRGLMAKPDGSIIETPITANFREGLNVLQYFISTHGARKGLADTALKTANSGYLTRRLVDV
AQDLVVTEDDCGTHEGIMMTPVIEGGDVKEPLRDRVLGRVTAEDVLKPGTADILVPRNTLLHEQWCDLLEENSVDAVKVR
SVVSCDTDFGVCAHCYGRDLARGHIINKGEAIGVIAAQSIGEPGTQLTMRTFHIGGAASRAAAESSIQVKNKGSIKLSNV
KSVVNSSGKLVITSRNTELKLIDEFGRTKESYKVPYGAVLAKGDGEQVAGGETVANWDPHTMPVITEVSGFVRFTDMIDG
QTITRQTDELTGLSSLVVLDSAERTAGGKDLRPALKIVDAQGNDVLIPGTDMPAQYFLPGKAIVQLEDGVQISSGDTLAR
IPQESGGTKDITGGLPRVADLFEARRPKEPAILAEISGIVSFGKETKGKRRLVITPVDGSDPYEEMIPKWRQLNVFEGER
VERGDVISDGPEAPHDILRLRGVHAVTRYIVNEVQDVYRLQGVKINDKHIEVIVRQMLRKATIVNAGSSDFLEGEQVEYS
RVKIANRELEANGKVGATYSRDLLGITKASLATESFISAASFQETTRVLTEAAVAGKRDELRGLKENVIVGRLIPAGTGY
AYHQDRMRRRAAG
;
D
7 'polypeptide(L)' ARVTVQDAVEKIGNRFDLVLVAARRARQMQVGGKDPLVPEENDKTTVIALREIEEGLINNQILDVRERQEQQEQ E
8 'polypeptide(L)'
;TAGTPSGNGVDYQDDELPVYQGETTQSLQDYLMWQVELTPFTDTDRAIATSIVDAVDDTGYLTIQIEDIVDSIGDDEIGL
EEVEAVLKRIQRFDPVGVAAKDLRDCLLIQLSQFAKETPWLEEARLIISDHLDLLANHDFRTLMRVTRLKEEVLKEAVNL
IQSLDPRPGQSIQTGEPEYVIPDVLVRKVNDRWVVELNSDSRWLIKSLESANDTLLRVSRCIVEQQQAFFEQGEEYMKPM
VLADIAQAVEMHESTISRVTTQKYLHSPRGIFELKYFFSSHVNTEGGGEASSTAIRALVKKLIAAENPAKPLSDSKLTSM
LSEQGIMVARRTVAKYRESLSIPPSNQ
;
M
#
# COMPACT_ATOMS: atom_id res chain seq x y z
N GLU D 4 -21.73 -28.33 -58.00
CA GLU D 4 -21.32 -27.16 -58.77
C GLU D 4 -20.01 -26.59 -58.25
N PHE D 5 -19.45 -27.25 -57.25
CA PHE D 5 -18.18 -26.85 -56.66
C PHE D 5 -17.13 -27.93 -56.89
N LEU D 6 -15.89 -27.50 -57.09
CA LEU D 6 -14.78 -28.43 -57.25
C LEU D 6 -14.28 -28.90 -55.90
N LYS D 7 -13.91 -30.19 -55.83
CA LYS D 7 -13.50 -30.80 -54.57
C LYS D 7 -11.99 -30.79 -54.45
N PRO D 8 -11.44 -30.28 -53.34
CA PRO D 8 -9.97 -30.20 -53.21
C PRO D 8 -9.35 -31.58 -53.06
N ARG D 9 -8.47 -31.94 -54.00
CA ARG D 9 -7.75 -33.20 -53.97
C ARG D 9 -6.36 -32.98 -53.39
N LEU D 10 -5.96 -33.85 -52.46
CA LEU D 10 -4.64 -33.77 -51.85
C LEU D 10 -3.62 -34.32 -52.86
N VAL D 11 -2.89 -33.42 -53.52
CA VAL D 11 -1.89 -33.80 -54.51
C VAL D 11 -0.59 -33.07 -54.20
N ASP D 12 0.50 -33.64 -54.69
CA ASP D 12 1.83 -33.05 -54.61
C ASP D 12 2.22 -32.72 -53.16
N ILE D 13 2.08 -33.71 -52.29
CA ILE D 13 2.55 -33.59 -50.92
C ILE D 13 4.04 -33.90 -50.90
N GLU D 14 4.84 -32.98 -50.37
CA GLU D 14 6.28 -33.11 -50.37
C GLU D 14 6.82 -32.91 -48.95
N GLN D 15 7.96 -33.53 -48.69
CA GLN D 15 8.57 -33.53 -47.36
C GLN D 15 9.93 -32.86 -47.45
N VAL D 16 10.12 -31.78 -46.70
CA VAL D 16 11.40 -31.07 -46.71
C VAL D 16 12.42 -31.77 -45.82
N SER D 17 12.11 -31.90 -44.54
CA SER D 17 12.98 -32.59 -43.59
C SER D 17 12.18 -33.62 -42.81
N SER D 18 12.80 -34.24 -41.80
CA SER D 18 12.08 -35.20 -40.97
C SER D 18 10.95 -34.55 -40.18
N THR D 19 10.96 -33.23 -40.04
CA THR D 19 9.91 -32.50 -39.35
C THR D 19 9.15 -31.56 -40.27
N HIS D 20 9.85 -30.72 -41.03
CA HIS D 20 9.20 -29.81 -41.96
C HIS D 20 8.52 -30.58 -43.08
N ALA D 21 7.32 -30.15 -43.45
CA ALA D 21 6.59 -30.80 -44.53
C ALA D 21 5.66 -29.80 -45.19
N LYS D 22 5.36 -30.05 -46.47
CA LYS D 22 4.44 -29.24 -47.24
C LYS D 22 3.37 -30.11 -47.86
N VAL D 23 2.11 -29.72 -47.69
CA VAL D 23 0.99 -30.39 -48.34
C VAL D 23 0.29 -29.39 -49.24
N THR D 24 -0.34 -29.90 -50.30
CA THR D 24 -0.94 -29.05 -51.31
C THR D 24 -2.34 -29.56 -51.66
N LEU D 25 -3.30 -28.64 -51.71
CA LEU D 25 -4.65 -28.90 -52.18
C LEU D 25 -4.83 -28.07 -53.44
N GLU D 26 -4.85 -28.73 -54.60
CA GLU D 26 -4.80 -28.03 -55.88
C GLU D 26 -6.13 -27.37 -56.25
N PRO D 27 -7.24 -28.12 -56.37
CA PRO D 27 -8.49 -27.47 -56.82
C PRO D 27 -9.27 -26.83 -55.69
N LEU D 28 -9.44 -25.51 -55.73
CA LEU D 28 -10.25 -24.82 -54.73
C LEU D 28 -10.98 -23.68 -55.41
N GLU D 29 -12.12 -23.30 -54.83
CA GLU D 29 -12.93 -22.23 -55.38
C GLU D 29 -12.37 -20.88 -54.90
N ARG D 30 -13.14 -19.81 -55.11
CA ARG D 30 -12.63 -18.46 -54.85
C ARG D 30 -12.36 -18.23 -53.37
N GLY D 31 -13.40 -18.33 -52.53
CA GLY D 31 -13.27 -17.99 -51.13
C GLY D 31 -13.01 -19.13 -50.18
N PHE D 32 -13.03 -20.38 -50.68
CA PHE D 32 -12.86 -21.52 -49.79
C PHE D 32 -11.43 -21.71 -49.31
N GLY D 33 -10.46 -21.11 -50.01
CA GLY D 33 -9.06 -21.34 -49.65
C GLY D 33 -8.73 -20.87 -48.24
N HIS D 34 -9.04 -19.61 -47.93
CA HIS D 34 -8.73 -19.09 -46.60
C HIS D 34 -9.56 -19.77 -45.52
N THR D 35 -10.83 -20.04 -45.80
CA THR D 35 -11.67 -20.73 -44.83
C THR D 35 -11.08 -22.09 -44.46
N LEU D 36 -10.78 -22.90 -45.48
CA LEU D 36 -10.23 -24.23 -45.23
C LEU D 36 -8.87 -24.13 -44.54
N GLY D 37 -8.02 -23.20 -44.97
CA GLY D 37 -6.71 -23.08 -44.37
C GLY D 37 -6.76 -22.71 -42.90
N ASN D 38 -7.59 -21.71 -42.56
CA ASN D 38 -7.69 -21.29 -41.17
C ASN D 38 -8.32 -22.38 -40.32
N ALA D 39 -9.38 -23.03 -40.81
CA ALA D 39 -10.00 -24.10 -40.04
C ALA D 39 -9.02 -25.23 -39.79
N LEU D 40 -8.28 -25.64 -40.83
CA LEU D 40 -7.32 -26.72 -40.69
C LEU D 40 -6.20 -26.34 -39.73
N ARG D 41 -5.71 -25.10 -39.82
CA ARG D 41 -4.65 -24.66 -38.93
C ARG D 41 -5.11 -24.68 -37.47
N ARG D 42 -6.32 -24.17 -37.21
CA ARG D 42 -6.83 -24.17 -35.84
C ARG D 42 -7.01 -25.59 -35.32
N ILE D 43 -7.56 -26.48 -36.15
CA ILE D 43 -7.76 -27.86 -35.71
C ILE D 43 -6.42 -28.54 -35.44
N LEU D 44 -5.44 -28.34 -36.32
CA LEU D 44 -4.15 -29.01 -36.16
C LEU D 44 -3.39 -28.47 -34.95
N LEU D 45 -3.42 -27.16 -34.72
CA LEU D 45 -2.73 -26.61 -33.56
C LEU D 45 -3.44 -26.97 -32.26
N SER D 46 -4.77 -27.05 -32.28
CA SER D 46 -5.51 -27.24 -31.03
C SER D 46 -5.39 -28.68 -30.53
N SER D 47 -5.85 -29.64 -31.32
CA SER D 47 -5.98 -31.02 -30.86
C SER D 47 -5.43 -31.97 -31.94
N MET D 48 -4.19 -32.42 -31.73
CA MET D 48 -3.58 -33.46 -32.55
C MET D 48 -3.10 -34.58 -31.64
N PRO D 49 -3.64 -35.79 -31.72
CA PRO D 49 -3.20 -36.87 -30.84
C PRO D 49 -1.71 -37.14 -30.98
N GLY D 50 -1.06 -37.41 -29.85
CA GLY D 50 0.36 -37.67 -29.83
C GLY D 50 0.76 -38.34 -28.55
N CYS D 51 2.05 -38.59 -28.43
CA CYS D 51 2.62 -39.28 -27.26
C CYS D 51 3.66 -38.39 -26.59
N ALA D 52 3.65 -38.38 -25.26
CA ALA D 52 4.57 -37.56 -24.49
C ALA D 52 4.86 -38.26 -23.17
N VAL D 53 5.97 -37.86 -22.55
CA VAL D 53 6.39 -38.45 -21.28
C VAL D 53 5.42 -38.03 -20.18
N THR D 54 4.97 -39.01 -19.39
CA THR D 54 4.06 -38.77 -18.28
C THR D 54 4.78 -38.75 -16.93
N GLU D 55 5.60 -39.76 -16.65
CA GLU D 55 6.35 -39.80 -15.40
C GLU D 55 7.62 -40.62 -15.59
N VAL D 56 8.53 -40.48 -14.63
CA VAL D 56 9.82 -41.17 -14.64
C VAL D 56 10.12 -41.70 -13.26
N GLU D 57 11.06 -42.65 -13.21
CA GLU D 57 11.53 -43.23 -11.95
C GLU D 57 13.02 -43.47 -12.09
N ILE D 58 13.82 -42.68 -11.38
CA ILE D 58 15.26 -42.89 -11.34
C ILE D 58 15.59 -43.72 -10.10
N ASP D 59 16.72 -44.43 -10.17
CA ASP D 59 17.05 -45.42 -9.15
C ASP D 59 17.21 -44.77 -7.78
N GLY D 60 18.21 -43.91 -7.61
CA GLY D 60 18.48 -43.30 -6.33
C GLY D 60 17.84 -41.96 -6.09
N VAL D 61 17.16 -41.39 -7.09
CA VAL D 61 16.58 -40.06 -6.95
C VAL D 61 15.27 -40.15 -6.18
N LEU D 62 15.06 -39.17 -5.30
CA LEU D 62 13.91 -39.22 -4.41
C LEU D 62 12.88 -38.15 -4.78
N HIS D 63 13.34 -37.01 -5.30
CA HIS D 63 12.44 -35.96 -5.75
C HIS D 63 13.13 -35.14 -6.84
N GLU D 64 12.37 -34.20 -7.41
CA GLU D 64 12.86 -33.43 -8.55
C GLU D 64 14.00 -32.49 -8.16
N TYR D 65 13.96 -31.93 -6.96
CA TYR D 65 14.94 -30.95 -6.51
C TYR D 65 16.18 -31.59 -5.89
N SER D 66 16.44 -32.86 -6.19
CA SER D 66 17.60 -33.58 -5.67
C SER D 66 18.72 -33.59 -6.71
N THR D 67 19.82 -34.23 -6.34
CA THR D 67 20.96 -34.38 -7.24
C THR D 67 21.46 -35.82 -7.16
N LYS D 68 22.03 -36.29 -8.26
CA LYS D 68 22.60 -37.63 -8.35
C LYS D 68 24.11 -37.50 -8.53
N GLU D 69 24.87 -38.25 -7.75
CA GLU D 69 26.32 -38.19 -7.84
C GLU D 69 26.79 -38.75 -9.17
N GLY D 70 27.65 -38.00 -9.86
CA GLY D 70 28.21 -38.41 -11.12
C GLY D 70 27.59 -37.76 -12.33
N VAL D 71 26.35 -37.29 -12.23
CA VAL D 71 25.68 -36.65 -13.36
C VAL D 71 26.00 -35.16 -13.35
N GLN D 72 25.94 -34.55 -14.53
CA GLN D 72 26.29 -33.15 -14.69
C GLN D 72 25.11 -32.20 -14.60
N GLU D 73 23.88 -32.72 -14.59
CA GLU D 73 22.69 -31.90 -14.62
C GLU D 73 21.79 -32.21 -13.42
N ASP D 74 21.03 -31.21 -13.00
CA ASP D 74 20.05 -31.41 -11.95
C ASP D 74 18.93 -32.32 -12.44
N ILE D 75 18.20 -32.91 -11.49
CA ILE D 75 17.10 -33.78 -11.83
C ILE D 75 15.98 -32.99 -12.49
N LEU D 76 15.80 -31.74 -12.09
CA LEU D 76 14.86 -30.87 -12.79
C LEU D 76 15.28 -30.67 -14.24
N GLU D 77 16.57 -30.47 -14.48
CA GLU D 77 17.06 -30.36 -15.85
C GLU D 77 16.83 -31.66 -16.62
N ILE D 78 16.99 -32.80 -15.97
CA ILE D 78 16.73 -34.08 -16.61
C ILE D 78 15.26 -34.18 -17.01
N LEU D 79 14.36 -33.73 -16.11
CA LEU D 79 12.94 -33.76 -16.43
C LEU D 79 12.61 -32.84 -17.61
N LEU D 80 13.19 -31.64 -17.63
CA LEU D 80 12.94 -30.73 -18.74
C LEU D 80 13.48 -31.30 -20.05
N ASN D 81 14.63 -31.96 -20.01
CA ASN D 81 15.15 -32.62 -21.20
C ASN D 81 14.24 -33.75 -21.67
N LEU D 82 13.75 -34.57 -20.72
CA LEU D 82 12.89 -35.69 -21.09
C LEU D 82 11.53 -35.22 -21.58
N LYS D 83 11.10 -34.02 -21.18
CA LYS D 83 9.85 -33.48 -21.67
C LYS D 83 9.88 -33.30 -23.19
N GLY D 84 11.04 -33.02 -23.75
CA GLY D 84 11.20 -32.86 -25.19
C GLY D 84 11.39 -34.13 -25.96
N LEU D 85 11.45 -35.29 -25.30
CA LEU D 85 11.62 -36.54 -26.00
C LEU D 85 10.37 -36.87 -26.82
N ALA D 86 10.58 -37.17 -28.10
CA ALA D 86 9.49 -37.48 -29.02
C ALA D 86 9.61 -38.92 -29.47
N VAL D 87 8.53 -39.69 -29.29
CA VAL D 87 8.50 -41.10 -29.65
C VAL D 87 7.21 -41.39 -30.42
N ARG D 88 7.21 -42.50 -31.15
CA ARG D 88 6.06 -42.96 -31.88
C ARG D 88 5.79 -44.40 -31.48
N VAL D 89 4.56 -44.67 -31.03
CA VAL D 89 4.19 -46.00 -30.55
C VAL D 89 3.10 -46.57 -31.43
N GLN D 90 2.97 -47.89 -31.40
CA GLN D 90 2.01 -48.62 -32.24
C GLN D 90 1.30 -49.66 -31.37
N GLY D 91 0.00 -49.49 -31.19
CA GLY D 91 -0.81 -50.46 -30.49
C GLY D 91 -0.72 -50.42 -28.98
N LYS D 92 0.02 -49.48 -28.41
CA LYS D 92 0.16 -49.39 -26.95
C LYS D 92 0.02 -47.92 -26.54
N ASP D 93 -0.33 -47.72 -25.27
CA ASP D 93 -0.53 -46.38 -24.74
C ASP D 93 0.19 -46.12 -23.43
N GLU D 94 0.89 -47.11 -22.88
CA GLU D 94 1.57 -46.96 -21.59
C GLU D 94 2.97 -47.55 -21.66
N VAL D 95 3.74 -47.15 -22.68
CA VAL D 95 5.01 -47.83 -22.95
C VAL D 95 6.05 -47.40 -21.92
N ILE D 96 6.71 -48.38 -21.32
CA ILE D 96 7.73 -48.13 -20.30
C ILE D 96 9.09 -48.25 -20.97
N LEU D 97 9.82 -47.14 -21.03
CA LEU D 97 11.12 -47.09 -21.71
C LEU D 97 12.25 -47.07 -20.67
N THR D 98 12.65 -48.27 -20.27
CA THR D 98 13.76 -48.42 -19.33
C THR D 98 15.08 -48.15 -20.05
N LEU D 99 15.92 -47.30 -19.46
CA LEU D 99 17.24 -47.02 -20.00
C LEU D 99 18.26 -47.12 -18.87
N ASN D 100 19.36 -47.81 -19.15
CA ASN D 100 20.48 -47.95 -18.20
C ASN D 100 21.78 -47.78 -18.96
N LYS D 101 22.68 -46.96 -18.44
CA LYS D 101 23.98 -46.80 -19.09
C LYS D 101 24.99 -46.30 -18.08
N SER D 102 26.25 -46.68 -18.31
CA SER D 102 27.36 -46.28 -17.46
C SER D 102 28.53 -45.85 -18.34
N GLY D 103 29.35 -44.95 -17.81
CA GLY D 103 30.53 -44.51 -18.54
C GLY D 103 30.77 -43.01 -18.48
N ILE D 104 31.39 -42.48 -19.53
CA ILE D 104 31.75 -41.07 -19.62
C ILE D 104 31.09 -40.49 -20.85
N GLY D 105 30.41 -39.35 -20.69
CA GLY D 105 29.85 -38.65 -21.82
C GLY D 105 28.35 -38.46 -21.73
N PRO D 106 27.75 -37.93 -22.80
CA PRO D 106 26.30 -37.71 -22.79
C PRO D 106 25.54 -39.01 -22.92
N VAL D 107 24.31 -39.00 -22.42
CA VAL D 107 23.37 -40.10 -22.58
C VAL D 107 22.18 -39.58 -23.38
N THR D 108 21.95 -40.16 -24.55
CA THR D 108 20.90 -39.74 -25.47
C THR D 108 19.81 -40.79 -25.52
N ALA D 109 18.83 -40.56 -26.40
CA ALA D 109 17.75 -41.51 -26.60
C ALA D 109 18.20 -42.77 -27.35
N ALA D 110 19.40 -42.77 -27.92
CA ALA D 110 19.87 -43.92 -28.68
C ALA D 110 20.12 -45.13 -27.79
N ASP D 111 20.53 -44.89 -26.53
CA ASP D 111 20.83 -45.98 -25.61
C ASP D 111 19.62 -46.48 -24.86
N ILE D 112 18.43 -45.93 -25.11
CA ILE D 112 17.21 -46.49 -24.56
C ILE D 112 17.03 -47.91 -25.06
N THR D 113 16.67 -48.81 -24.15
CA THR D 113 16.51 -50.22 -24.52
C THR D 113 15.50 -50.37 -25.66
N HIS D 114 15.87 -51.18 -26.64
CA HIS D 114 15.07 -51.35 -27.85
C HIS D 114 13.80 -52.13 -27.49
N ASP D 115 12.69 -51.41 -27.33
CA ASP D 115 11.43 -52.05 -27.00
C ASP D 115 10.82 -52.72 -28.24
N GLY D 116 9.68 -53.36 -28.03
CA GLY D 116 9.02 -54.08 -29.10
C GLY D 116 8.63 -53.23 -30.29
N ASP D 117 7.67 -52.32 -30.09
CA ASP D 117 7.22 -51.41 -31.15
C ASP D 117 7.20 -49.99 -30.60
N VAL D 118 8.38 -49.34 -30.62
CA VAL D 118 8.53 -47.95 -30.24
C VAL D 118 9.66 -47.36 -31.08
N GLU D 119 9.38 -46.27 -31.78
CA GLU D 119 10.34 -45.63 -32.67
C GLU D 119 10.73 -44.28 -32.11
N ILE D 120 12.02 -44.07 -31.89
CA ILE D 120 12.54 -42.78 -31.48
C ILE D 120 12.86 -41.98 -32.73
N VAL D 121 12.22 -40.81 -32.88
CA VAL D 121 12.35 -40.04 -34.11
C VAL D 121 13.80 -39.57 -34.31
N LYS D 122 14.45 -39.12 -33.23
CA LYS D 122 15.84 -38.71 -33.29
C LYS D 122 16.58 -39.39 -32.14
N PRO D 123 17.71 -40.05 -32.41
CA PRO D 123 18.49 -40.69 -31.34
C PRO D 123 19.60 -39.83 -30.77
N GLN D 124 19.76 -38.59 -31.24
CA GLN D 124 20.82 -37.70 -30.78
C GLN D 124 20.33 -36.70 -29.75
N HIS D 125 19.13 -36.88 -29.22
CA HIS D 125 18.55 -35.98 -28.24
C HIS D 125 19.10 -36.33 -26.87
N VAL D 126 20.10 -35.56 -26.42
CA VAL D 126 20.72 -35.84 -25.13
C VAL D 126 19.77 -35.49 -23.99
N ILE D 127 19.86 -36.25 -22.90
CA ILE D 127 19.03 -36.00 -21.72
C ILE D 127 19.85 -35.79 -20.45
N CYS D 128 21.12 -36.20 -20.40
CA CYS D 128 21.95 -36.03 -19.22
C CYS D 128 23.39 -36.33 -19.61
N HIS D 129 24.30 -36.13 -18.65
CA HIS D 129 25.72 -36.40 -18.86
C HIS D 129 26.26 -37.20 -17.68
N LEU D 130 27.25 -38.05 -17.97
CA LEU D 130 27.96 -38.82 -16.96
C LEU D 130 29.41 -38.33 -16.94
N THR D 131 29.89 -37.96 -15.75
CA THR D 131 31.18 -37.30 -15.61
C THR D 131 32.19 -38.12 -14.81
N ASP D 132 31.95 -39.42 -14.63
CA ASP D 132 32.91 -40.28 -13.95
C ASP D 132 32.72 -41.72 -14.42
N GLU D 133 33.82 -42.47 -14.44
CA GLU D 133 33.80 -43.81 -15.05
C GLU D 133 32.94 -44.78 -14.26
N ASN D 134 33.01 -44.73 -12.93
CA ASN D 134 32.40 -45.75 -12.08
C ASN D 134 30.98 -45.40 -11.65
N ALA D 135 30.33 -44.46 -12.33
CA ALA D 135 28.96 -44.09 -12.03
C ALA D 135 28.04 -44.49 -13.18
N SER D 136 26.82 -44.88 -12.84
CA SER D 136 25.84 -45.33 -13.81
C SER D 136 24.51 -44.62 -13.56
N ILE D 137 23.71 -44.53 -14.61
CA ILE D 137 22.36 -44.00 -14.53
C ILE D 137 21.39 -45.07 -15.00
N SER D 138 20.23 -45.14 -14.35
CA SER D 138 19.22 -46.15 -14.66
C SER D 138 17.86 -45.58 -14.31
N MET D 139 16.99 -45.47 -15.31
CA MET D 139 15.69 -44.84 -15.09
C MET D 139 14.65 -45.53 -15.96
N ARG D 140 13.40 -45.42 -15.52
CA ARG D 140 12.26 -45.96 -16.24
C ARG D 140 11.32 -44.81 -16.59
N ILE D 141 11.00 -44.68 -17.88
CA ILE D 141 10.16 -43.61 -18.40
C ILE D 141 8.84 -44.20 -18.86
N LYS D 142 7.73 -43.59 -18.44
CA LYS D 142 6.42 -43.98 -18.92
C LYS D 142 5.95 -42.97 -19.96
N VAL D 143 5.63 -43.46 -21.16
CA VAL D 143 5.13 -42.64 -22.25
C VAL D 143 3.69 -43.02 -22.52
N GLN D 144 2.81 -42.02 -22.49
CA GLN D 144 1.38 -42.17 -22.68
C GLN D 144 0.95 -41.42 -23.94
N ARG D 145 -0.26 -41.73 -24.41
CA ARG D 145 -0.83 -41.07 -25.56
C ARG D 145 -1.94 -40.13 -25.11
N GLY D 146 -1.93 -38.91 -25.63
CA GLY D 146 -2.92 -37.92 -25.26
C GLY D 146 -3.25 -36.95 -26.38
N ARG D 147 -4.03 -35.92 -26.07
CA ARG D 147 -4.51 -34.98 -27.07
C ARG D 147 -3.98 -33.57 -26.87
N GLY D 148 -4.18 -32.98 -25.69
CA GLY D 148 -3.80 -31.61 -25.44
C GLY D 148 -2.80 -31.47 -24.31
N TYR D 149 -2.61 -30.24 -23.88
CA TYR D 149 -1.67 -29.95 -22.80
C TYR D 149 -2.31 -30.28 -21.46
N VAL D 150 -1.75 -31.27 -20.76
CA VAL D 150 -2.23 -31.67 -19.44
C VAL D 150 -1.13 -31.46 -18.42
N PRO D 151 -1.22 -30.44 -17.56
CA PRO D 151 -0.19 -30.25 -16.54
C PRO D 151 -0.18 -31.40 -15.55
N ALA D 152 1.01 -31.66 -14.99
CA ALA D 152 1.15 -32.75 -14.03
C ALA D 152 0.37 -32.47 -12.75
N SER D 153 0.35 -31.21 -12.31
CA SER D 153 -0.32 -30.88 -11.05
C SER D 153 -1.82 -31.08 -11.13
N THR D 154 -2.44 -30.71 -12.26
CA THR D 154 -3.90 -30.69 -12.34
C THR D 154 -4.51 -32.09 -12.36
N ARG D 155 -3.74 -33.12 -12.70
CA ARG D 155 -4.28 -34.48 -12.75
C ARG D 155 -4.23 -35.09 -11.36
N ILE D 156 -5.36 -35.65 -10.93
CA ILE D 156 -5.52 -36.19 -9.59
C ILE D 156 -5.84 -37.67 -9.68
N HIS D 157 -6.43 -38.07 -10.82
CA HIS D 157 -6.79 -39.48 -11.02
C HIS D 157 -5.58 -40.39 -10.91
N SER D 158 -4.38 -39.89 -11.20
CA SER D 158 -3.18 -40.69 -11.02
C SER D 158 -2.90 -40.99 -9.55
N GLU D 159 -3.53 -40.26 -8.63
CA GLU D 159 -3.36 -40.48 -7.21
C GLU D 159 -4.41 -41.41 -6.62
N GLU D 160 -5.28 -42.00 -7.46
CA GLU D 160 -6.25 -42.96 -6.94
C GLU D 160 -5.55 -44.15 -6.32
N ASP D 161 -4.52 -44.67 -6.97
CA ASP D 161 -3.60 -45.62 -6.36
C ASP D 161 -2.38 -44.87 -5.88
N GLU D 162 -1.99 -45.09 -4.63
CA GLU D 162 -0.89 -44.31 -4.05
C GLU D 162 0.40 -44.54 -4.82
N ARG D 163 1.06 -43.45 -5.17
CA ARG D 163 2.33 -43.55 -5.88
C ARG D 163 3.49 -43.65 -4.89
N PRO D 164 4.42 -44.58 -5.09
CA PRO D 164 5.57 -44.66 -4.20
C PRO D 164 6.42 -43.40 -4.29
N ILE D 165 7.05 -43.04 -3.18
CA ILE D 165 7.88 -41.85 -3.12
C ILE D 165 9.07 -42.08 -4.05
N GLY D 166 9.11 -41.35 -5.15
CA GLY D 166 10.12 -41.58 -6.18
C GLY D 166 9.54 -41.44 -7.57
N ARG D 167 8.22 -41.45 -7.68
CA ARG D 167 7.56 -41.20 -8.96
C ARG D 167 7.55 -39.70 -9.24
N LEU D 168 8.25 -39.31 -10.30
CA LEU D 168 8.38 -37.91 -10.69
C LEU D 168 7.37 -37.63 -11.80
N LEU D 169 6.37 -36.82 -11.49
CA LEU D 169 5.34 -36.47 -12.46
C LEU D 169 5.79 -35.26 -13.27
N VAL D 170 5.82 -35.42 -14.59
CA VAL D 170 6.22 -34.35 -15.50
C VAL D 170 5.01 -33.90 -16.29
N ASP D 171 5.06 -32.66 -16.77
CA ASP D 171 3.99 -32.14 -17.59
C ASP D 171 3.96 -32.85 -18.95
N ALA D 172 2.77 -32.91 -19.53
CA ALA D 172 2.57 -33.59 -20.80
C ALA D 172 1.95 -32.61 -21.80
N CYS D 173 2.55 -32.56 -22.99
CA CYS D 173 2.07 -31.70 -24.07
C CYS D 173 1.18 -32.44 -25.06
N TYR D 174 1.58 -33.63 -25.49
CA TYR D 174 0.84 -34.52 -26.38
C TYR D 174 0.62 -33.94 -27.77
N SER D 175 1.13 -32.75 -28.06
CA SER D 175 0.89 -32.10 -29.34
C SER D 175 2.13 -32.18 -30.20
N PRO D 176 2.11 -32.93 -31.32
CA PRO D 176 3.30 -33.00 -32.18
C PRO D 176 3.47 -31.76 -33.04
N VAL D 177 2.37 -31.16 -33.46
CA VAL D 177 2.41 -30.01 -34.37
C VAL D 177 2.91 -28.81 -33.57
N GLU D 178 4.14 -28.37 -33.85
CA GLU D 178 4.68 -27.20 -33.17
C GLU D 178 4.29 -25.92 -33.91
N ARG D 179 4.47 -25.89 -35.22
CA ARG D 179 4.16 -24.72 -36.02
C ARG D 179 3.41 -25.14 -37.28
N ILE D 180 2.53 -24.27 -37.76
CA ILE D 180 1.83 -24.52 -39.01
C ILE D 180 1.48 -23.18 -39.65
N ALA D 181 1.73 -23.07 -40.96
CA ALA D 181 1.38 -21.89 -41.73
C ALA D 181 0.71 -22.33 -43.02
N TYR D 182 -0.06 -21.43 -43.61
CA TYR D 182 -0.77 -21.73 -44.85
C TYR D 182 -0.69 -20.53 -45.79
N ASN D 183 -0.79 -20.83 -47.09
CA ASN D 183 -0.73 -19.81 -48.12
C ASN D 183 -1.60 -20.26 -49.28
N VAL D 184 -2.04 -19.29 -50.09
CA VAL D 184 -2.89 -19.55 -51.24
C VAL D 184 -2.25 -18.92 -52.48
N GLU D 185 -2.41 -19.59 -53.63
CA GLU D 185 -1.87 -19.12 -54.88
C GLU D 185 -2.85 -19.43 -56.00
N ALA D 186 -2.56 -18.91 -57.18
CA ALA D 186 -3.40 -19.16 -58.35
C ALA D 186 -3.06 -20.50 -58.95
N ALA D 187 -4.08 -21.32 -59.21
CA ALA D 187 -3.86 -22.64 -59.77
C ALA D 187 -3.41 -22.53 -61.22
N ARG D 188 -2.65 -23.54 -61.66
CA ARG D 188 -2.14 -23.57 -63.02
C ARG D 188 -3.18 -23.99 -64.04
N VAL D 189 -4.39 -24.35 -63.61
CA VAL D 189 -5.43 -24.78 -64.53
C VAL D 189 -5.79 -23.61 -65.44
N GLU D 190 -5.64 -23.82 -66.75
CA GLU D 190 -5.90 -22.78 -67.74
C GLU D 190 -7.29 -22.91 -68.38
N GLN D 191 -7.84 -24.12 -68.44
CA GLN D 191 -9.18 -24.30 -68.99
C GLN D 191 -10.22 -23.56 -68.16
N ARG D 192 -10.11 -23.65 -66.84
CA ARG D 192 -10.96 -22.87 -65.95
C ARG D 192 -10.50 -21.41 -65.94
N THR D 193 -11.44 -20.52 -65.64
CA THR D 193 -11.12 -19.09 -65.62
C THR D 193 -10.07 -18.78 -64.56
N ASP D 194 -10.26 -19.30 -63.34
CA ASP D 194 -9.33 -19.06 -62.25
C ASP D 194 -9.68 -20.02 -61.11
N LEU D 195 -8.64 -20.56 -60.46
CA LEU D 195 -8.82 -21.47 -59.34
C LEU D 195 -7.75 -21.17 -58.29
N ASP D 196 -8.03 -21.61 -57.06
CA ASP D 196 -7.16 -21.37 -55.91
C ASP D 196 -6.48 -22.66 -55.51
N LYS D 197 -5.23 -22.56 -55.07
CA LYS D 197 -4.46 -23.70 -54.59
C LYS D 197 -3.88 -23.36 -53.22
N LEU D 198 -4.04 -24.28 -52.26
CA LEU D 198 -3.64 -24.04 -50.89
C LEU D 198 -2.40 -24.89 -50.56
N VAL D 199 -1.39 -24.24 -50.00
CA VAL D 199 -0.17 -24.92 -49.57
C VAL D 199 -0.01 -24.71 -48.08
N ILE D 200 0.09 -25.81 -47.33
CA ILE D 200 0.21 -25.78 -45.88
C ILE D 200 1.55 -26.36 -45.49
N GLU D 201 2.34 -25.58 -44.75
CA GLU D 201 3.64 -26.01 -44.25
C GLU D 201 3.52 -26.31 -42.76
N MET D 202 3.90 -27.52 -42.37
CA MET D 202 3.80 -27.97 -40.99
C MET D 202 5.19 -28.33 -40.47
N GLU D 203 5.50 -27.84 -39.27
CA GLU D 203 6.73 -28.17 -38.57
C GLU D 203 6.36 -28.86 -37.27
N THR D 204 6.67 -30.15 -37.18
CA THR D 204 6.32 -31.00 -36.05
C THR D 204 7.59 -31.52 -35.40
N ASN D 205 7.44 -32.48 -34.48
CA ASN D 205 8.55 -33.17 -33.86
C ASN D 205 8.82 -34.52 -34.51
N GLY D 206 8.21 -34.79 -35.67
CA GLY D 206 8.41 -36.04 -36.38
C GLY D 206 7.57 -37.19 -35.92
N THR D 207 6.63 -36.97 -34.99
CA THR D 207 5.84 -38.07 -34.45
C THR D 207 4.80 -38.55 -35.43
N ILE D 208 4.22 -37.64 -36.21
CA ILE D 208 3.04 -37.92 -37.03
C ILE D 208 3.28 -37.49 -38.47
N ASP D 209 2.75 -38.28 -39.41
CA ASP D 209 2.91 -37.96 -40.82
C ASP D 209 2.04 -36.77 -41.19
N PRO D 210 2.52 -35.88 -42.07
CA PRO D 210 1.70 -34.72 -42.47
C PRO D 210 0.38 -35.12 -43.11
N GLU D 211 0.37 -36.15 -43.96
CA GLU D 211 -0.85 -36.57 -44.61
C GLU D 211 -1.86 -37.10 -43.61
N GLU D 212 -1.39 -37.92 -42.66
CA GLU D 212 -2.27 -38.40 -41.60
C GLU D 212 -2.79 -37.24 -40.76
N ALA D 213 -1.95 -36.23 -40.55
CA ALA D 213 -2.38 -35.05 -39.83
C ALA D 213 -3.52 -34.34 -40.54
N ILE D 214 -3.37 -34.12 -41.85
CA ILE D 214 -4.41 -33.43 -42.62
C ILE D 214 -5.69 -34.24 -42.62
N ARG D 215 -5.57 -35.56 -42.80
CA ARG D 215 -6.76 -36.41 -42.79
C ARG D 215 -7.47 -36.37 -41.45
N ARG D 216 -6.72 -36.44 -40.35
CA ARG D 216 -7.33 -36.41 -39.03
C ARG D 216 -8.01 -35.07 -38.77
N ALA D 217 -7.38 -33.97 -39.15
CA ALA D 217 -7.99 -32.66 -38.97
C ALA D 217 -9.28 -32.53 -39.79
N ALA D 218 -9.25 -33.02 -41.03
CA ALA D 218 -10.44 -32.95 -41.88
C ALA D 218 -11.57 -33.80 -41.31
N THR D 219 -11.24 -35.00 -40.80
CA THR D 219 -12.27 -35.83 -40.19
C THR D 219 -12.84 -35.18 -38.94
N ILE D 220 -12.00 -34.55 -38.13
CA ILE D 220 -12.48 -33.86 -36.93
C ILE D 220 -13.45 -32.74 -37.34
N LEU D 221 -13.07 -31.96 -38.36
CA LEU D 221 -13.93 -30.88 -38.82
C LEU D 221 -15.25 -31.43 -39.35
N ALA D 222 -15.20 -32.54 -40.09
CA ALA D 222 -16.42 -33.12 -40.65
C ALA D 222 -17.37 -33.61 -39.55
N GLU D 223 -16.82 -34.30 -38.55
CA GLU D 223 -17.66 -34.80 -37.47
C GLU D 223 -18.23 -33.64 -36.64
N GLN D 224 -17.45 -32.56 -36.47
CA GLN D 224 -17.98 -31.39 -35.79
C GLN D 224 -19.10 -30.74 -36.60
N LEU D 225 -18.93 -30.67 -37.92
CA LEU D 225 -19.95 -30.08 -38.79
C LEU D 225 -21.19 -30.94 -38.91
N GLU D 226 -21.08 -32.24 -38.61
CA GLU D 226 -22.23 -33.13 -38.71
C GLU D 226 -23.39 -32.65 -37.85
N ALA D 227 -23.10 -31.94 -36.75
CA ALA D 227 -24.17 -31.43 -35.89
C ALA D 227 -25.00 -30.35 -36.58
N PHE D 228 -24.47 -29.70 -37.61
CA PHE D 228 -25.21 -28.68 -38.34
C PHE D 228 -26.03 -29.24 -39.49
N VAL D 229 -25.62 -30.39 -40.05
CA VAL D 229 -26.28 -30.95 -41.22
C VAL D 229 -27.74 -31.27 -40.97
N ASP D 230 -28.10 -31.59 -39.72
CA ASP D 230 -29.49 -31.84 -39.34
C ASP D 230 -29.79 -31.04 -38.08
N LEU D 231 -30.23 -29.78 -38.27
CA LEU D 231 -30.50 -28.91 -37.13
C LEU D 231 -31.71 -29.40 -36.34
N ARG D 232 -32.88 -29.42 -36.99
CA ARG D 232 -34.14 -29.79 -36.34
C ARG D 232 -34.31 -29.05 -35.03
N ASP D 233 -34.77 -29.76 -33.99
CA ASP D 233 -34.90 -29.20 -32.64
C ASP D 233 -35.75 -27.94 -32.63
N VAL D 234 -36.81 -27.94 -33.43
CA VAL D 234 -37.71 -26.79 -33.51
C VAL D 234 -39.09 -27.23 -33.99
N GLU D 245 -34.83 -34.43 -0.12
CA GLU D 245 -34.87 -35.73 0.54
C GLU D 245 -33.98 -36.74 -0.17
N PHE D 246 -32.69 -36.77 0.21
CA PHE D 246 -31.73 -37.65 -0.42
C PHE D 246 -30.88 -38.42 0.58
N ASP D 247 -30.95 -38.13 1.86
CA ASP D 247 -30.12 -38.82 2.85
C ASP D 247 -30.57 -40.27 2.97
N PRO D 248 -29.65 -41.23 2.98
CA PRO D 248 -30.05 -42.64 3.17
C PRO D 248 -30.74 -42.91 4.49
N ILE D 249 -30.47 -42.10 5.52
CA ILE D 249 -31.17 -42.26 6.79
C ILE D 249 -32.65 -42.01 6.59
N LEU D 250 -33.00 -40.97 5.84
CA LEU D 250 -34.38 -40.71 5.47
C LEU D 250 -34.84 -41.73 4.41
N LEU D 251 -36.09 -41.59 3.98
CA LEU D 251 -36.70 -42.50 3.01
C LEU D 251 -36.66 -43.96 3.50
N ARG D 252 -36.74 -44.15 4.81
CA ARG D 252 -36.68 -45.43 5.49
C ARG D 252 -38.05 -45.76 6.05
N PRO D 253 -38.46 -47.04 6.01
CA PRO D 253 -39.77 -47.39 6.60
C PRO D 253 -39.87 -46.97 8.05
N VAL D 254 -41.05 -46.47 8.42
CA VAL D 254 -41.23 -45.89 9.75
C VAL D 254 -41.13 -46.96 10.84
N ASP D 255 -41.44 -48.21 10.52
CA ASP D 255 -41.37 -49.28 11.50
C ASP D 255 -39.94 -49.79 11.64
N ASP D 256 -39.00 -48.87 11.87
CA ASP D 256 -37.60 -49.22 12.09
C ASP D 256 -36.99 -48.47 13.26
N LEU D 257 -37.74 -47.60 13.92
CA LEU D 257 -37.27 -46.88 15.09
C LEU D 257 -37.54 -47.63 16.39
N GLU D 258 -38.18 -48.81 16.32
CA GLU D 258 -38.51 -49.61 17.48
C GLU D 258 -39.37 -48.82 18.48
N LEU D 259 -40.55 -48.43 18.00
CA LEU D 259 -41.47 -47.63 18.77
C LEU D 259 -42.49 -48.50 19.49
N THR D 260 -43.24 -47.89 20.41
CA THR D 260 -44.23 -48.62 21.19
C THR D 260 -45.45 -48.95 20.35
N VAL D 261 -46.28 -49.84 20.88
CA VAL D 261 -47.50 -50.24 20.20
C VAL D 261 -48.46 -49.06 20.06
N ARG D 262 -48.54 -48.24 21.10
CA ARG D 262 -49.52 -47.16 21.12
C ARG D 262 -49.22 -46.11 20.06
N SER D 263 -47.94 -45.94 19.71
CA SER D 263 -47.56 -45.00 18.66
C SER D 263 -47.77 -45.58 17.27
N ALA D 264 -47.69 -46.91 17.12
CA ALA D 264 -47.86 -47.52 15.81
C ALA D 264 -49.26 -47.25 15.25
N ASN D 265 -50.29 -47.39 16.10
CA ASN D 265 -51.64 -47.02 15.68
C ASN D 265 -51.73 -45.51 15.44
N CYS D 266 -51.08 -44.72 16.28
CA CYS D 266 -51.10 -43.27 16.10
C CYS D 266 -50.43 -42.85 14.80
N LEU D 267 -49.25 -43.40 14.51
CA LEU D 267 -48.53 -43.01 13.30
C LEU D 267 -49.29 -43.41 12.05
N LYS D 268 -49.92 -44.59 12.06
CA LYS D 268 -50.75 -44.98 10.93
C LYS D 268 -51.96 -44.07 10.78
N ALA D 269 -52.53 -43.62 11.90
CA ALA D 269 -53.70 -42.74 11.85
C ALA D 269 -53.34 -41.38 11.28
N GLU D 270 -52.13 -40.90 11.54
CA GLU D 270 -51.71 -39.58 11.08
C GLU D 270 -50.97 -39.63 9.74
N ALA D 271 -51.06 -40.75 9.02
CA ALA D 271 -50.46 -40.90 7.69
C ALA D 271 -48.96 -40.63 7.70
N ILE D 272 -48.27 -41.16 8.71
CA ILE D 272 -46.82 -41.05 8.82
C ILE D 272 -46.25 -42.43 8.56
N HIS D 273 -45.84 -42.68 7.32
CA HIS D 273 -45.25 -43.96 6.93
C HIS D 273 -43.76 -43.88 6.66
N TYR D 274 -43.21 -42.69 6.45
CA TYR D 274 -41.79 -42.51 6.19
C TYR D 274 -41.16 -41.74 7.34
N ILE D 275 -39.89 -42.05 7.61
CA ILE D 275 -39.21 -41.45 8.77
C ILE D 275 -39.07 -39.95 8.58
N GLY D 276 -38.74 -39.50 7.36
CA GLY D 276 -38.45 -38.10 7.15
C GLY D 276 -39.64 -37.19 7.40
N ASP D 277 -40.85 -37.68 7.08
CA ASP D 277 -42.05 -36.87 7.32
C ASP D 277 -42.21 -36.56 8.81
N LEU D 278 -41.99 -37.55 9.67
CA LEU D 278 -42.12 -37.33 11.10
C LEU D 278 -41.12 -36.27 11.59
N VAL D 279 -39.97 -36.17 10.91
CA VAL D 279 -38.94 -35.22 11.33
C VAL D 279 -39.41 -33.78 11.12
N GLN D 280 -40.16 -33.52 10.05
CA GLN D 280 -40.55 -32.17 9.65
C GLN D 280 -41.65 -31.55 10.52
N ARG D 281 -42.02 -32.16 11.64
CA ARG D 281 -43.10 -31.67 12.49
C ARG D 281 -42.49 -30.99 13.71
N THR D 282 -42.88 -29.73 13.94
CA THR D 282 -42.50 -29.01 15.14
C THR D 282 -43.15 -29.64 16.36
N GLU D 283 -42.50 -29.49 17.52
CA GLU D 283 -42.96 -30.13 18.74
C GLU D 283 -44.37 -29.66 19.12
N VAL D 284 -44.67 -28.38 18.91
CA VAL D 284 -45.96 -27.84 19.33
C VAL D 284 -47.12 -28.46 18.57
N GLU D 285 -46.97 -28.72 17.26
CA GLU D 285 -48.10 -29.08 16.40
C GLU D 285 -48.60 -30.49 16.65
N LEU D 286 -47.73 -31.48 16.85
CA LEU D 286 -48.21 -32.85 16.93
C LEU D 286 -48.84 -33.18 18.29
N LEU D 287 -48.83 -32.24 19.23
CA LEU D 287 -49.51 -32.47 20.50
C LEU D 287 -51.03 -32.58 20.32
N LYS D 288 -51.58 -31.83 19.36
CA LYS D 288 -53.02 -31.87 19.12
C LYS D 288 -53.48 -33.21 18.54
N THR D 289 -52.57 -34.05 18.10
CA THR D 289 -52.94 -35.38 17.65
C THR D 289 -53.56 -36.16 18.81
N PRO D 290 -54.71 -36.81 18.59
CA PRO D 290 -55.39 -37.50 19.70
C PRO D 290 -54.50 -38.56 20.33
N ASN D 291 -54.60 -38.66 21.65
CA ASN D 291 -53.84 -39.60 22.49
C ASN D 291 -52.38 -39.72 22.06
N LEU D 292 -51.71 -38.59 21.86
CA LEU D 292 -50.27 -38.64 21.56
C LEU D 292 -49.48 -39.08 22.79
N GLY D 293 -49.73 -38.48 23.94
CA GLY D 293 -49.02 -38.82 25.16
C GLY D 293 -47.74 -38.04 25.36
N LYS D 294 -47.64 -37.33 26.48
CA LYS D 294 -46.43 -36.56 26.76
C LYS D 294 -45.22 -37.47 26.93
N LYS D 295 -45.35 -38.52 27.75
CA LYS D 295 -44.25 -39.47 27.90
C LYS D 295 -43.99 -40.22 26.59
N SER D 296 -45.05 -40.57 25.87
CA SER D 296 -44.90 -41.23 24.58
C SER D 296 -44.24 -40.30 23.57
N LEU D 297 -44.58 -39.01 23.59
CA LEU D 297 -43.91 -38.06 22.70
C LEU D 297 -42.42 -37.98 22.99
N THR D 298 -42.05 -37.95 24.27
CA THR D 298 -40.64 -37.92 24.63
C THR D 298 -39.92 -39.17 24.13
N GLU D 299 -40.61 -40.31 24.17
CA GLU D 299 -40.05 -41.52 23.58
C GLU D 299 -39.84 -41.35 22.07
N ILE D 300 -40.80 -40.72 21.39
CA ILE D 300 -40.64 -40.44 19.97
C ILE D 300 -39.45 -39.51 19.74
N LYS D 301 -39.33 -38.47 20.57
CA LYS D 301 -38.18 -37.58 20.46
C LYS D 301 -36.89 -38.29 20.83
N ASP D 302 -36.94 -39.21 21.80
CA ASP D 302 -35.73 -39.89 22.24
C ASP D 302 -35.16 -40.77 21.13
N VAL D 303 -36.02 -41.59 20.50
CA VAL D 303 -35.56 -42.47 19.44
C VAL D 303 -35.11 -41.67 18.23
N LEU D 304 -35.79 -40.55 17.95
CA LEU D 304 -35.37 -39.69 16.84
C LEU D 304 -34.05 -38.99 17.17
N ALA D 305 -33.86 -38.59 18.42
CA ALA D 305 -32.57 -38.06 18.85
C ALA D 305 -31.47 -39.12 18.78
N SER D 306 -31.84 -40.40 18.93
CA SER D 306 -30.85 -41.47 18.80
C SER D 306 -30.30 -41.54 17.38
N ARG D 307 -31.15 -41.30 16.38
CA ARG D 307 -30.66 -41.27 15.01
C ARG D 307 -30.02 -39.93 14.64
N GLY D 308 -30.08 -38.95 15.53
CA GLY D 308 -29.52 -37.65 15.26
C GLY D 308 -30.43 -36.69 14.52
N LEU D 309 -31.68 -37.09 14.25
CA LEU D 309 -32.63 -36.24 13.53
C LEU D 309 -33.54 -35.56 14.55
N SER D 310 -33.16 -34.35 14.94
CA SER D 310 -34.01 -33.57 15.82
C SER D 310 -35.25 -33.08 15.08
N LEU D 311 -36.39 -33.10 15.78
CA LEU D 311 -37.63 -32.64 15.16
C LEU D 311 -37.58 -31.14 14.91
N GLY D 312 -38.21 -30.72 13.81
CA GLY D 312 -38.25 -29.33 13.43
C GLY D 312 -37.44 -28.97 12.20
N MET D 313 -36.95 -29.96 11.44
CA MET D 313 -36.20 -29.69 10.23
C MET D 313 -37.12 -29.12 9.16
N ARG D 314 -36.52 -28.77 8.01
CA ARG D 314 -37.26 -28.14 6.91
C ARG D 314 -36.69 -28.68 5.59
N LEU D 315 -37.39 -29.64 5.00
CA LEU D 315 -37.03 -30.17 3.70
C LEU D 315 -37.71 -29.36 2.59
N GLU D 316 -37.35 -29.67 1.35
CA GLU D 316 -37.91 -28.98 0.19
C GLU D 316 -38.91 -29.84 -0.58
N ASN D 317 -38.49 -31.03 -1.00
CA ASN D 317 -39.32 -31.91 -1.82
C ASN D 317 -39.48 -33.26 -1.13
N TRP D 318 -40.59 -33.93 -1.44
CA TRP D 318 -40.88 -35.24 -0.87
C TRP D 318 -41.39 -36.17 -1.98
N PRO D 319 -40.52 -37.00 -2.56
CA PRO D 319 -40.98 -37.96 -3.55
C PRO D 319 -41.79 -39.06 -2.88
N PRO D 320 -42.72 -39.68 -3.61
CA PRO D 320 -43.51 -40.77 -3.01
C PRO D 320 -42.68 -41.98 -2.61
N ALA D 321 -41.50 -42.15 -3.18
CA ALA D 321 -40.65 -43.30 -2.84
C ALA D 321 -39.58 -42.89 -1.83
N SER E 1 -11.17 -41.85 -25.29
CA SER E 1 -10.57 -40.56 -24.98
C SER E 1 -10.03 -39.88 -26.23
N VAL E 2 -8.86 -40.33 -26.69
CA VAL E 2 -8.25 -39.79 -27.89
C VAL E 2 -9.13 -40.13 -29.10
N THR E 3 -9.22 -39.19 -30.04
CA THR E 3 -10.09 -39.26 -31.21
C THR E 3 -11.56 -39.25 -30.84
N GLU E 4 -11.89 -38.75 -29.66
CA GLU E 4 -13.28 -38.55 -29.23
C GLU E 4 -13.43 -37.11 -28.76
N PHE E 5 -14.31 -36.36 -29.43
CA PHE E 5 -14.47 -34.94 -29.18
C PHE E 5 -15.89 -34.64 -28.74
N LEU E 6 -16.04 -33.53 -28.02
CA LEU E 6 -17.35 -33.11 -27.55
C LEU E 6 -18.21 -32.67 -28.73
N LYS E 7 -19.41 -33.21 -28.81
CA LYS E 7 -20.37 -32.84 -29.84
C LYS E 7 -21.49 -32.03 -29.24
N PRO E 8 -21.85 -30.88 -29.84
CA PRO E 8 -22.94 -30.08 -29.27
C PRO E 8 -24.26 -30.83 -29.31
N ARG E 9 -25.00 -30.73 -28.20
CA ARG E 9 -26.29 -31.41 -28.07
C ARG E 9 -27.29 -30.45 -27.43
N LEU E 10 -28.56 -30.71 -27.70
CA LEU E 10 -29.67 -29.86 -27.24
C LEU E 10 -29.45 -28.41 -27.67
N VAL E 11 -29.44 -28.22 -29.00
CA VAL E 11 -29.27 -26.89 -29.57
C VAL E 11 -30.55 -26.09 -29.39
N ASP E 12 -30.40 -24.76 -29.42
CA ASP E 12 -31.53 -23.87 -29.25
C ASP E 12 -31.66 -22.95 -30.45
N ILE E 13 -32.88 -22.80 -30.95
CA ILE E 13 -33.18 -21.91 -32.06
C ILE E 13 -34.28 -20.96 -31.61
N GLU E 14 -33.97 -19.66 -31.60
CA GLU E 14 -34.93 -18.63 -31.24
C GLU E 14 -35.31 -17.92 -32.54
N GLN E 15 -36.38 -18.40 -33.18
CA GLN E 15 -36.82 -17.80 -34.41
C GLN E 15 -37.57 -16.49 -34.14
N VAL E 16 -37.31 -15.49 -34.98
CA VAL E 16 -37.97 -14.20 -34.90
C VAL E 16 -38.58 -13.90 -36.26
N SER E 17 -39.89 -13.61 -36.27
CA SER E 17 -40.63 -13.45 -37.51
C SER E 17 -40.46 -14.68 -38.39
N SER E 18 -39.97 -14.49 -39.61
CA SER E 18 -39.69 -15.60 -40.51
C SER E 18 -38.34 -15.49 -41.19
N THR E 19 -37.57 -14.43 -40.94
CA THR E 19 -36.27 -14.22 -41.57
C THR E 19 -35.12 -14.08 -40.58
N HIS E 20 -35.40 -13.87 -39.30
CA HIS E 20 -34.36 -13.66 -38.29
C HIS E 20 -34.33 -14.87 -37.37
N ALA E 21 -33.13 -15.39 -37.10
CA ALA E 21 -32.97 -16.56 -36.27
C ALA E 21 -31.70 -16.43 -35.43
N LYS E 22 -31.70 -17.10 -34.28
CA LYS E 22 -30.57 -17.12 -33.36
C LYS E 22 -30.36 -18.57 -32.92
N VAL E 23 -29.42 -19.25 -33.57
CA VAL E 23 -29.14 -20.66 -33.30
C VAL E 23 -28.05 -20.74 -32.24
N THR E 24 -28.33 -21.46 -31.15
CA THR E 24 -27.39 -21.59 -30.05
C THR E 24 -26.95 -23.04 -29.92
N LEU E 25 -25.64 -23.25 -29.76
CA LEU E 25 -25.05 -24.57 -29.65
C LEU E 25 -24.15 -24.61 -28.43
N GLU E 26 -24.22 -25.71 -27.67
CA GLU E 26 -23.43 -25.85 -26.47
C GLU E 26 -23.46 -27.30 -26.03
N PRO E 27 -22.34 -27.87 -25.59
CA PRO E 27 -21.01 -27.27 -25.49
C PRO E 27 -20.09 -27.64 -26.65
N LEU E 28 -19.09 -26.83 -26.93
CA LEU E 28 -18.07 -27.11 -27.93
C LEU E 28 -16.69 -27.07 -27.27
N GLU E 29 -15.75 -27.82 -27.85
CA GLU E 29 -14.40 -27.85 -27.31
C GLU E 29 -13.76 -26.48 -27.41
N ARG E 30 -12.82 -26.21 -26.50
CA ARG E 30 -12.16 -24.91 -26.44
C ARG E 30 -11.47 -24.59 -27.75
N GLY E 31 -11.92 -23.53 -28.41
CA GLY E 31 -11.39 -23.12 -29.69
C GLY E 31 -12.18 -23.59 -30.89
N PHE E 32 -13.07 -24.58 -30.72
CA PHE E 32 -13.88 -25.05 -31.84
C PHE E 32 -15.00 -24.09 -32.17
N GLY E 33 -15.47 -23.32 -31.18
CA GLY E 33 -16.53 -22.36 -31.46
C GLY E 33 -16.11 -21.31 -32.48
N HIS E 34 -14.91 -20.75 -32.30
CA HIS E 34 -14.42 -19.78 -33.27
C HIS E 34 -14.23 -20.39 -34.64
N THR E 35 -13.67 -21.60 -34.71
CA THR E 35 -13.47 -22.25 -35.99
C THR E 35 -14.79 -22.45 -36.73
N LEU E 36 -15.78 -23.05 -36.05
CA LEU E 36 -17.06 -23.32 -36.69
C LEU E 36 -17.75 -22.02 -37.08
N GLY E 37 -17.76 -21.04 -36.18
CA GLY E 37 -18.44 -19.78 -36.47
C GLY E 37 -17.82 -19.05 -37.64
N ASN E 38 -16.49 -18.94 -37.65
CA ASN E 38 -15.83 -18.23 -38.74
C ASN E 38 -16.01 -18.95 -40.07
N ALA E 39 -15.87 -20.27 -40.08
CA ALA E 39 -16.06 -21.02 -41.33
C ALA E 39 -17.47 -20.86 -41.86
N LEU E 40 -18.47 -21.02 -40.98
CA LEU E 40 -19.85 -20.91 -41.41
C LEU E 40 -20.18 -19.50 -41.88
N ARG E 41 -19.68 -18.48 -41.16
CA ARG E 41 -19.94 -17.11 -41.57
C ARG E 41 -19.30 -16.80 -42.92
N ARG E 42 -18.05 -17.22 -43.12
CA ARG E 42 -17.38 -16.96 -44.38
C ARG E 42 -18.09 -17.65 -45.53
N ILE E 43 -18.54 -18.89 -45.33
CA ILE E 43 -19.22 -19.59 -46.41
C ILE E 43 -20.59 -18.98 -46.67
N LEU E 44 -21.33 -18.62 -45.62
CA LEU E 44 -22.64 -18.03 -45.80
C LEU E 44 -22.56 -16.65 -46.43
N LEU E 45 -21.44 -15.96 -46.27
CA LEU E 45 -21.30 -14.58 -46.72
C LEU E 45 -20.63 -14.45 -48.08
N SER E 46 -19.72 -15.35 -48.43
CA SER E 46 -18.89 -15.19 -49.62
C SER E 46 -19.33 -16.06 -50.80
N SER E 47 -19.79 -17.28 -50.55
CA SER E 47 -20.10 -18.22 -51.64
C SER E 47 -21.35 -19.00 -51.28
N MET E 48 -22.51 -18.55 -51.77
CA MET E 48 -23.76 -19.28 -51.69
C MET E 48 -24.55 -19.07 -52.98
N PRO E 49 -25.21 -20.11 -53.49
CA PRO E 49 -26.05 -19.94 -54.67
C PRO E 49 -27.25 -19.07 -54.36
N GLY E 50 -27.71 -18.33 -55.37
CA GLY E 50 -28.85 -17.47 -55.21
C GLY E 50 -29.12 -16.70 -56.49
N CYS E 51 -30.22 -15.94 -56.47
CA CYS E 51 -30.66 -15.19 -57.62
C CYS E 51 -30.98 -13.76 -57.20
N ALA E 52 -30.46 -12.79 -57.96
CA ALA E 52 -30.73 -11.38 -57.71
C ALA E 52 -30.69 -10.64 -59.03
N VAL E 53 -31.43 -9.53 -59.09
CA VAL E 53 -31.50 -8.76 -60.33
C VAL E 53 -30.13 -8.22 -60.70
N THR E 54 -29.85 -8.17 -61.99
CA THR E 54 -28.56 -7.72 -62.48
C THR E 54 -28.66 -6.58 -63.49
N GLU E 55 -29.65 -6.63 -64.40
CA GLU E 55 -29.76 -5.64 -65.47
C GLU E 55 -31.11 -4.93 -65.38
N VAL E 56 -31.12 -3.66 -65.76
CA VAL E 56 -32.36 -2.89 -65.83
C VAL E 56 -32.38 -2.08 -67.13
N GLU E 57 -33.57 -1.91 -67.67
CA GLU E 57 -33.81 -1.07 -68.85
C GLU E 57 -35.02 -0.21 -68.58
N ILE E 58 -34.83 1.11 -68.61
CA ILE E 58 -35.91 2.07 -68.40
C ILE E 58 -36.10 2.85 -69.68
N ASP E 59 -37.33 2.88 -70.18
CA ASP E 59 -37.62 3.60 -71.43
C ASP E 59 -37.35 5.09 -71.25
N GLY E 60 -36.64 5.66 -72.22
CA GLY E 60 -36.25 7.06 -72.18
C GLY E 60 -34.73 7.20 -72.20
N VAL E 61 -34.23 8.12 -71.37
CA VAL E 61 -32.79 8.35 -71.29
C VAL E 61 -32.14 7.19 -70.55
N LEU E 62 -31.06 6.66 -71.13
CA LEU E 62 -30.35 5.52 -70.58
C LEU E 62 -29.07 5.91 -69.83
N HIS E 63 -28.86 7.20 -69.60
CA HIS E 63 -27.64 7.66 -68.95
C HIS E 63 -27.66 7.28 -67.47
N GLU E 64 -26.45 7.27 -66.88
CA GLU E 64 -26.33 6.97 -65.46
C GLU E 64 -27.05 8.00 -64.60
N TYR E 65 -26.94 9.28 -64.97
CA TYR E 65 -27.69 10.35 -64.33
C TYR E 65 -28.80 10.78 -65.28
N SER E 66 -30.03 10.74 -64.80
CA SER E 66 -31.20 10.98 -65.64
C SER E 66 -32.20 11.86 -64.92
N THR E 67 -33.02 12.56 -65.71
CA THR E 67 -34.08 13.39 -65.16
C THR E 67 -35.23 12.56 -64.60
N LYS E 68 -35.29 11.26 -64.94
CA LYS E 68 -36.29 10.33 -64.45
C LYS E 68 -37.72 10.71 -64.85
N GLU E 69 -37.84 11.53 -65.91
CA GLU E 69 -39.12 11.93 -66.50
C GLU E 69 -40.17 12.35 -65.47
N GLY E 70 -39.71 12.84 -64.32
CA GLY E 70 -40.62 13.23 -63.25
C GLY E 70 -41.36 12.07 -62.64
N VAL E 71 -40.62 11.13 -62.03
CA VAL E 71 -41.23 9.96 -61.40
C VAL E 71 -41.15 10.05 -59.88
N GLN E 72 -40.86 11.23 -59.34
CA GLN E 72 -40.92 11.54 -57.91
C GLN E 72 -39.78 10.88 -57.16
N GLU E 73 -39.00 10.04 -57.83
CA GLU E 73 -37.89 9.33 -57.21
C GLU E 73 -36.76 9.21 -58.21
N ASP E 74 -35.55 9.56 -57.77
CA ASP E 74 -34.40 9.45 -58.66
C ASP E 74 -34.17 7.99 -59.05
N ILE E 75 -33.68 7.79 -60.28
CA ILE E 75 -33.45 6.44 -60.78
C ILE E 75 -32.44 5.70 -59.92
N LEU E 76 -31.57 6.42 -59.21
CA LEU E 76 -30.66 5.78 -58.27
C LEU E 76 -31.45 5.08 -57.16
N GLU E 77 -32.49 5.74 -56.65
CA GLU E 77 -33.35 5.11 -55.66
C GLU E 77 -34.11 3.93 -56.24
N ILE E 78 -34.50 4.01 -57.52
CA ILE E 78 -35.15 2.88 -58.17
C ILE E 78 -34.20 1.69 -58.23
N LEU E 79 -32.94 1.93 -58.60
CA LEU E 79 -31.96 0.86 -58.63
C LEU E 79 -31.73 0.28 -57.23
N LEU E 80 -31.70 1.15 -56.22
CA LEU E 80 -31.53 0.67 -54.84
C LEU E 80 -32.70 -0.21 -54.42
N ASN E 81 -33.92 0.19 -54.76
CA ASN E 81 -35.09 -0.62 -54.43
C ASN E 81 -35.08 -1.94 -55.17
N LEU E 82 -34.69 -1.93 -56.44
CA LEU E 82 -34.59 -3.17 -57.21
C LEU E 82 -33.49 -4.07 -56.66
N LYS E 83 -32.46 -3.49 -56.05
CA LYS E 83 -31.36 -4.29 -55.52
C LYS E 83 -31.84 -5.20 -54.40
N GLY E 84 -32.72 -4.70 -53.53
CA GLY E 84 -33.26 -5.50 -52.45
C GLY E 84 -34.34 -6.46 -52.84
N LEU E 85 -34.75 -6.47 -54.11
CA LEU E 85 -35.77 -7.39 -54.58
C LEU E 85 -35.21 -8.81 -54.62
N ALA E 86 -35.98 -9.76 -54.08
CA ALA E 86 -35.59 -11.17 -54.04
C ALA E 86 -36.53 -11.98 -54.91
N VAL E 87 -35.97 -12.95 -55.63
CA VAL E 87 -36.72 -13.77 -56.57
C VAL E 87 -36.32 -15.23 -56.39
N ARG E 88 -37.16 -16.11 -56.93
CA ARG E 88 -36.89 -17.56 -56.99
C ARG E 88 -37.10 -17.98 -58.44
N VAL E 89 -36.00 -18.22 -59.16
CA VAL E 89 -36.08 -18.72 -60.52
C VAL E 89 -36.05 -20.25 -60.48
N GLN E 90 -36.75 -20.88 -61.41
CA GLN E 90 -36.89 -22.33 -61.44
C GLN E 90 -36.41 -22.89 -62.77
N GLY E 91 -35.19 -23.42 -62.78
CA GLY E 91 -34.67 -24.09 -63.96
C GLY E 91 -34.19 -23.18 -65.07
N LYS E 92 -33.89 -21.92 -64.78
CA LYS E 92 -33.26 -21.03 -65.74
C LYS E 92 -32.07 -20.35 -65.10
N ASP E 93 -30.98 -20.21 -65.87
CA ASP E 93 -29.84 -19.43 -65.43
C ASP E 93 -30.14 -17.94 -65.51
N GLU E 94 -30.88 -17.51 -66.53
CA GLU E 94 -31.23 -16.12 -66.75
C GLU E 94 -32.72 -16.01 -67.04
N VAL E 95 -33.31 -14.87 -66.67
CA VAL E 95 -34.71 -14.63 -67.00
C VAL E 95 -34.96 -13.13 -67.04
N ILE E 96 -35.75 -12.71 -68.02
CA ILE E 96 -36.10 -11.30 -68.24
C ILE E 96 -37.56 -11.12 -67.86
N LEU E 97 -37.85 -10.08 -67.09
CA LEU E 97 -39.21 -9.73 -66.70
C LEU E 97 -39.47 -8.27 -67.07
N THR E 98 -40.74 -7.94 -67.28
CA THR E 98 -41.14 -6.58 -67.61
C THR E 98 -42.26 -6.13 -66.68
N LEU E 99 -42.24 -4.84 -66.34
CA LEU E 99 -43.30 -4.22 -65.56
C LEU E 99 -43.71 -2.92 -66.25
N ASN E 100 -45.01 -2.66 -66.27
CA ASN E 100 -45.57 -1.46 -66.91
C ASN E 100 -46.75 -0.97 -66.09
N LYS E 101 -46.72 0.31 -65.74
CA LYS E 101 -47.83 0.94 -65.03
C LYS E 101 -48.25 2.25 -65.67
N SER E 102 -49.56 2.48 -65.67
CA SER E 102 -50.16 3.77 -65.98
C SER E 102 -51.21 4.09 -64.94
N GLY E 103 -51.20 5.34 -64.47
CA GLY E 103 -52.13 5.75 -63.43
C GLY E 103 -51.48 5.90 -62.07
N ILE E 104 -51.79 7.00 -61.38
CA ILE E 104 -51.08 7.34 -60.15
C ILE E 104 -51.25 6.24 -59.11
N GLY E 105 -50.14 5.91 -58.44
CA GLY E 105 -50.14 4.88 -57.42
C GLY E 105 -48.78 4.21 -57.32
N PRO E 106 -48.37 3.90 -56.08
CA PRO E 106 -47.07 3.24 -55.89
C PRO E 106 -47.04 1.87 -56.57
N VAL E 107 -45.86 1.53 -57.11
CA VAL E 107 -45.67 0.26 -57.80
C VAL E 107 -45.17 -0.77 -56.79
N THR E 108 -45.54 -2.03 -57.00
CA THR E 108 -45.15 -3.13 -56.11
C THR E 108 -44.51 -4.23 -56.92
N ALA E 109 -43.95 -5.22 -56.21
CA ALA E 109 -43.29 -6.33 -56.88
C ALA E 109 -44.28 -7.31 -57.49
N ALA E 110 -45.52 -7.32 -57.00
CA ALA E 110 -46.55 -8.19 -57.55
C ALA E 110 -47.01 -7.74 -58.94
N ASP E 111 -46.57 -6.56 -59.38
CA ASP E 111 -47.12 -5.94 -60.57
C ASP E 111 -46.29 -6.22 -61.82
N ILE E 112 -45.23 -7.02 -61.70
CA ILE E 112 -44.49 -7.49 -62.85
C ILE E 112 -45.35 -8.48 -63.63
N THR E 113 -45.08 -8.59 -64.92
CA THR E 113 -45.82 -9.54 -65.75
C THR E 113 -45.66 -10.95 -65.21
N HIS E 114 -46.76 -11.69 -65.16
CA HIS E 114 -46.78 -12.99 -64.52
C HIS E 114 -45.95 -14.00 -65.31
N ASP E 115 -44.97 -14.60 -64.65
CA ASP E 115 -44.21 -15.72 -65.19
C ASP E 115 -44.36 -16.88 -64.22
N GLY E 116 -44.82 -18.03 -64.74
CA GLY E 116 -45.11 -19.16 -63.87
C GLY E 116 -43.87 -19.80 -63.25
N ASP E 117 -42.71 -19.60 -63.86
CA ASP E 117 -41.47 -20.22 -63.39
C ASP E 117 -40.65 -19.31 -62.49
N VAL E 118 -41.06 -18.06 -62.30
CA VAL E 118 -40.36 -17.11 -61.44
C VAL E 118 -41.30 -16.72 -60.31
N GLU E 119 -40.84 -16.86 -59.08
CA GLU E 119 -41.65 -16.61 -57.90
C GLU E 119 -41.15 -15.37 -57.17
N ILE E 120 -42.08 -14.49 -56.82
CA ILE E 120 -41.78 -13.29 -56.04
C ILE E 120 -42.10 -13.58 -54.59
N VAL E 121 -41.11 -13.37 -53.72
CA VAL E 121 -41.30 -13.70 -52.30
C VAL E 121 -42.08 -12.60 -51.59
N LYS E 122 -41.85 -11.34 -51.96
CA LYS E 122 -42.42 -10.20 -51.25
C LYS E 122 -43.17 -9.35 -52.26
N PRO E 123 -44.44 -9.66 -52.52
CA PRO E 123 -45.17 -8.96 -53.59
C PRO E 123 -45.38 -7.47 -53.37
N GLN E 124 -45.37 -6.99 -52.12
CA GLN E 124 -45.66 -5.58 -51.89
C GLN E 124 -44.41 -4.70 -51.92
N HIS E 125 -43.25 -5.25 -52.23
CA HIS E 125 -42.02 -4.48 -52.27
C HIS E 125 -42.14 -3.31 -53.24
N VAL E 126 -41.84 -2.10 -52.74
CA VAL E 126 -42.04 -0.87 -53.49
C VAL E 126 -40.78 -0.54 -54.27
N ILE E 127 -40.97 -0.17 -55.54
CA ILE E 127 -39.87 0.23 -56.41
C ILE E 127 -39.88 1.74 -56.65
N CYS E 128 -41.05 2.32 -56.87
CA CYS E 128 -41.21 3.75 -57.08
C CYS E 128 -42.64 4.14 -56.75
N HIS E 129 -42.98 5.39 -57.00
CA HIS E 129 -44.32 5.93 -56.74
C HIS E 129 -44.94 6.48 -58.02
N LEU E 130 -44.68 5.81 -59.14
CA LEU E 130 -45.26 6.15 -60.44
C LEU E 130 -44.74 7.49 -60.94
N THR E 131 -44.88 7.74 -62.24
CA THR E 131 -44.36 8.98 -62.84
C THR E 131 -45.19 10.17 -62.43
N ASP E 132 -45.03 10.60 -61.16
CA ASP E 132 -45.71 11.76 -60.61
C ASP E 132 -47.23 11.61 -60.72
N GLU E 133 -47.79 12.00 -61.86
CA GLU E 133 -49.23 11.98 -62.06
C GLU E 133 -49.54 11.92 -63.54
N ASN E 134 -50.54 11.11 -63.90
CA ASN E 134 -51.06 11.02 -65.27
C ASN E 134 -49.95 10.69 -66.26
N ALA E 135 -49.16 9.68 -65.94
CA ALA E 135 -48.08 9.23 -66.81
C ALA E 135 -47.83 7.75 -66.53
N SER E 136 -46.88 7.17 -67.28
CA SER E 136 -46.61 5.75 -67.24
C SER E 136 -45.13 5.49 -67.02
N ILE E 137 -44.84 4.28 -66.54
CA ILE E 137 -43.47 3.84 -66.32
C ILE E 137 -43.34 2.40 -66.81
N SER E 138 -42.25 2.12 -67.53
CA SER E 138 -41.95 0.79 -68.03
C SER E 138 -40.52 0.44 -67.64
N MET E 139 -40.34 -0.72 -67.01
CA MET E 139 -39.03 -1.17 -66.56
C MET E 139 -38.87 -2.65 -66.91
N ARG E 140 -37.81 -2.98 -67.66
CA ARG E 140 -37.51 -4.35 -68.03
C ARG E 140 -36.28 -4.79 -67.24
N ILE E 141 -36.46 -5.71 -66.31
CA ILE E 141 -35.38 -6.20 -65.46
C ILE E 141 -34.90 -7.53 -66.00
N LYS E 142 -33.64 -7.84 -65.72
CA LYS E 142 -33.03 -9.11 -66.07
C LYS E 142 -32.31 -9.64 -64.84
N VAL E 143 -32.63 -10.87 -64.45
CA VAL E 143 -32.09 -11.47 -63.23
C VAL E 143 -31.49 -12.83 -63.59
N GLN E 144 -30.28 -13.08 -63.11
CA GLN E 144 -29.57 -14.33 -63.34
C GLN E 144 -29.07 -14.89 -62.03
N ARG E 145 -29.04 -16.22 -61.95
CA ARG E 145 -28.57 -16.89 -60.75
C ARG E 145 -27.04 -16.84 -60.69
N GLY E 146 -26.51 -16.43 -59.54
CA GLY E 146 -25.08 -16.32 -59.36
C GLY E 146 -24.61 -16.91 -58.04
N ARG E 147 -23.49 -16.41 -57.53
CA ARG E 147 -22.92 -16.91 -56.28
C ARG E 147 -22.24 -15.78 -55.55
N GLY E 148 -22.52 -15.65 -54.26
CA GLY E 148 -21.88 -14.63 -53.46
C GLY E 148 -22.35 -13.23 -53.84
N TYR E 149 -21.45 -12.27 -53.63
CA TYR E 149 -21.71 -10.87 -53.91
C TYR E 149 -20.77 -10.42 -55.02
N VAL E 150 -21.33 -9.96 -56.13
CA VAL E 150 -20.53 -9.38 -57.20
C VAL E 150 -20.86 -7.89 -57.28
N PRO E 151 -19.93 -7.01 -56.94
CA PRO E 151 -20.17 -5.57 -57.10
C PRO E 151 -20.13 -5.18 -58.56
N ALA E 152 -20.79 -4.05 -58.85
CA ALA E 152 -20.86 -3.53 -60.21
C ALA E 152 -19.54 -2.85 -60.61
N SER E 153 -18.47 -3.65 -60.60
CA SER E 153 -17.15 -3.13 -60.96
C SER E 153 -17.11 -2.73 -62.43
N THR E 154 -17.54 -3.63 -63.31
CA THR E 154 -17.55 -3.35 -64.75
C THR E 154 -18.46 -4.35 -65.43
N ARG E 155 -18.82 -4.04 -66.68
CA ARG E 155 -19.66 -4.93 -67.46
C ARG E 155 -18.81 -5.96 -68.21
N ILE E 156 -17.90 -5.48 -69.05
CA ILE E 156 -16.98 -6.34 -69.80
C ILE E 156 -17.75 -7.35 -70.64
N HIS E 157 -18.72 -6.85 -71.41
CA HIS E 157 -19.55 -7.72 -72.25
C HIS E 157 -19.94 -6.97 -73.52
N SER E 158 -20.31 -7.74 -74.53
CA SER E 158 -20.77 -7.23 -75.84
C SER E 158 -19.68 -6.33 -76.41
N GLU E 159 -20.00 -5.16 -76.96
CA GLU E 159 -18.99 -4.26 -77.51
C GLU E 159 -19.34 -2.83 -77.14
N GLU E 160 -18.30 -2.05 -76.83
CA GLU E 160 -18.41 -0.63 -76.49
C GLU E 160 -19.32 -0.52 -75.27
N ASP E 161 -20.33 0.36 -75.28
CA ASP E 161 -21.19 0.58 -74.13
C ASP E 161 -22.57 -0.06 -74.28
N GLU E 162 -22.73 -0.98 -75.24
CA GLU E 162 -24.04 -1.60 -75.45
C GLU E 162 -24.47 -2.40 -74.23
N ARG E 163 -23.61 -3.30 -73.75
CA ARG E 163 -23.90 -4.10 -72.57
C ARG E 163 -24.02 -3.23 -71.31
N PRO E 164 -23.11 -2.27 -71.07
CA PRO E 164 -23.28 -1.41 -69.89
C PRO E 164 -24.61 -0.67 -69.84
N ILE E 165 -25.11 -0.18 -70.98
CA ILE E 165 -26.40 0.50 -70.95
C ILE E 165 -27.54 -0.50 -70.93
N GLY E 166 -27.33 -1.71 -71.46
CA GLY E 166 -28.35 -2.74 -71.38
C GLY E 166 -28.50 -3.30 -69.98
N ARG E 167 -27.47 -3.15 -69.14
CA ARG E 167 -27.52 -3.64 -67.78
C ARG E 167 -27.55 -2.52 -66.73
N LEU E 168 -26.98 -1.36 -67.04
CA LEU E 168 -26.89 -0.22 -66.13
C LEU E 168 -26.10 -0.53 -64.87
N LEU E 169 -25.45 -1.69 -64.81
CA LEU E 169 -24.59 -2.09 -63.70
C LEU E 169 -25.32 -1.99 -62.35
N VAL E 170 -26.40 -2.77 -62.24
CA VAL E 170 -27.11 -2.89 -60.98
C VAL E 170 -26.38 -3.88 -60.09
N ASP E 171 -26.11 -3.48 -58.86
CA ASP E 171 -25.40 -4.34 -57.92
C ASP E 171 -26.19 -5.62 -57.65
N ALA E 172 -25.48 -6.74 -57.64
CA ALA E 172 -26.08 -8.06 -57.50
C ALA E 172 -25.69 -8.68 -56.17
N CYS E 173 -26.68 -9.13 -55.41
CA CYS E 173 -26.47 -9.84 -54.14
C CYS E 173 -27.08 -11.23 -54.29
N TYR E 174 -26.30 -12.16 -54.84
CA TYR E 174 -26.83 -13.49 -55.10
C TYR E 174 -27.07 -14.26 -53.80
N SER E 175 -26.11 -14.21 -52.89
CA SER E 175 -26.19 -15.00 -51.66
C SER E 175 -27.34 -14.51 -50.80
N PRO E 176 -28.29 -15.36 -50.43
CA PRO E 176 -29.44 -14.93 -49.61
C PRO E 176 -29.13 -14.93 -48.13
N VAL E 177 -28.22 -14.05 -47.72
CA VAL E 177 -27.87 -13.86 -46.31
C VAL E 177 -27.79 -12.35 -46.06
N GLU E 178 -28.82 -11.79 -45.45
CA GLU E 178 -28.84 -10.35 -45.21
C GLU E 178 -27.83 -9.94 -44.13
N ARG E 179 -27.66 -10.76 -43.10
CA ARG E 179 -26.63 -10.51 -42.10
C ARG E 179 -26.33 -11.80 -41.36
N ILE E 180 -25.05 -12.02 -41.06
CA ILE E 180 -24.60 -13.18 -40.31
C ILE E 180 -23.60 -12.72 -39.26
N ALA E 181 -23.85 -13.09 -38.00
CA ALA E 181 -22.95 -12.76 -36.91
C ALA E 181 -22.80 -13.97 -36.01
N TYR E 182 -21.57 -14.18 -35.52
CA TYR E 182 -21.27 -15.30 -34.65
C TYR E 182 -20.59 -14.79 -33.39
N ASN E 183 -20.96 -15.38 -32.26
CA ASN E 183 -20.40 -15.03 -30.96
C ASN E 183 -20.04 -16.30 -30.21
N VAL E 184 -18.93 -16.26 -29.49
CA VAL E 184 -18.44 -17.39 -28.71
C VAL E 184 -18.39 -16.95 -27.25
N GLU E 185 -19.09 -17.68 -26.39
CA GLU E 185 -19.11 -17.43 -24.96
C GLU E 185 -18.62 -18.66 -24.19
N ALA E 186 -18.49 -18.50 -22.89
CA ALA E 186 -17.94 -19.54 -22.03
C ALA E 186 -19.05 -20.42 -21.47
N ALA E 187 -18.89 -21.73 -21.63
CA ALA E 187 -19.82 -22.71 -21.09
C ALA E 187 -19.01 -23.86 -20.48
N ARG E 188 -19.62 -24.54 -19.53
CA ARG E 188 -18.96 -25.62 -18.80
C ARG E 188 -19.86 -26.86 -18.78
N VAL E 189 -19.21 -28.02 -18.74
CA VAL E 189 -19.88 -29.30 -18.62
C VAL E 189 -19.09 -30.16 -17.64
N GLU E 190 -19.81 -30.88 -16.77
CA GLU E 190 -19.27 -31.65 -15.65
C GLU E 190 -18.10 -30.91 -14.99
N GLN E 191 -16.96 -31.58 -14.80
CA GLN E 191 -15.83 -30.94 -14.16
C GLN E 191 -15.14 -29.94 -15.08
N ARG E 192 -15.24 -30.13 -16.40
CA ARG E 192 -14.59 -29.24 -17.34
C ARG E 192 -15.25 -27.86 -17.30
N THR E 193 -14.42 -26.82 -17.37
CA THR E 193 -14.90 -25.45 -17.30
C THR E 193 -14.68 -24.65 -18.57
N ASP E 194 -13.56 -24.88 -19.27
CA ASP E 194 -13.24 -24.13 -20.47
C ASP E 194 -13.89 -24.81 -21.68
N LEU E 195 -15.15 -24.45 -21.91
CA LEU E 195 -15.87 -24.90 -23.09
C LEU E 195 -16.44 -23.71 -23.83
N ASP E 196 -16.63 -23.86 -25.13
CA ASP E 196 -17.16 -22.80 -25.97
C ASP E 196 -18.63 -23.05 -26.28
N LYS E 197 -19.40 -21.96 -26.29
CA LYS E 197 -20.80 -21.98 -26.73
C LYS E 197 -20.94 -20.99 -27.87
N LEU E 198 -21.68 -21.39 -28.90
CA LEU E 198 -21.74 -20.64 -30.15
C LEU E 198 -23.15 -20.08 -30.35
N VAL E 199 -23.24 -18.79 -30.62
CA VAL E 199 -24.51 -18.13 -30.93
C VAL E 199 -24.38 -17.55 -32.33
N ILE E 200 -25.28 -17.98 -33.22
CA ILE E 200 -25.27 -17.58 -34.62
C ILE E 200 -26.56 -16.82 -34.89
N GLU E 201 -26.45 -15.51 -35.08
CA GLU E 201 -27.59 -14.67 -35.40
C GLU E 201 -27.58 -14.38 -36.90
N MET E 202 -28.61 -14.82 -37.60
CA MET E 202 -28.69 -14.64 -39.04
C MET E 202 -30.03 -14.05 -39.42
N GLU E 203 -29.99 -13.01 -40.26
CA GLU E 203 -31.18 -12.44 -40.89
C GLU E 203 -31.10 -12.69 -42.38
N THR E 204 -32.19 -13.19 -42.96
CA THR E 204 -32.23 -13.58 -44.35
C THR E 204 -33.13 -12.63 -45.14
N ASN E 205 -32.75 -12.36 -46.39
CA ASN E 205 -33.59 -11.54 -47.25
C ASN E 205 -34.90 -12.22 -47.61
N GLY E 206 -35.00 -13.52 -47.39
CA GLY E 206 -36.16 -14.31 -47.75
C GLY E 206 -35.79 -15.41 -48.71
N THR E 207 -36.82 -16.07 -49.24
CA THR E 207 -36.70 -17.15 -50.23
C THR E 207 -35.97 -18.38 -49.67
N ILE E 208 -35.55 -18.33 -48.41
CA ILE E 208 -34.87 -19.46 -47.80
C ILE E 208 -34.92 -19.35 -46.28
N ASP E 209 -35.26 -20.45 -45.63
CA ASP E 209 -35.32 -20.48 -44.17
C ASP E 209 -33.91 -20.36 -43.59
N PRO E 210 -33.72 -19.56 -42.54
CA PRO E 210 -32.36 -19.39 -41.98
C PRO E 210 -31.72 -20.70 -41.54
N GLU E 211 -32.48 -21.59 -40.91
CA GLU E 211 -31.95 -22.92 -40.61
C GLU E 211 -31.61 -23.67 -41.89
N GLU E 212 -32.39 -23.49 -42.94
CA GLU E 212 -32.03 -24.07 -44.24
C GLU E 212 -30.73 -23.49 -44.76
N ALA E 213 -30.49 -22.20 -44.53
CA ALA E 213 -29.22 -21.59 -44.95
C ALA E 213 -28.05 -22.20 -44.19
N ILE E 214 -28.19 -22.37 -42.87
CA ILE E 214 -27.15 -23.03 -42.10
C ILE E 214 -26.93 -24.44 -42.61
N ARG E 215 -28.02 -25.15 -42.91
CA ARG E 215 -27.91 -26.52 -43.41
C ARG E 215 -27.15 -26.57 -44.73
N ARG E 216 -27.47 -25.66 -45.65
CA ARG E 216 -26.79 -25.65 -46.94
C ARG E 216 -25.32 -25.32 -46.80
N ALA E 217 -24.99 -24.32 -45.98
CA ALA E 217 -23.58 -23.97 -45.78
C ALA E 217 -22.81 -25.14 -45.17
N ALA E 218 -23.39 -25.79 -44.16
CA ALA E 218 -22.72 -26.92 -43.53
C ALA E 218 -22.56 -28.08 -44.50
N THR E 219 -23.59 -28.35 -45.31
CA THR E 219 -23.51 -29.46 -46.26
C THR E 219 -22.43 -29.22 -47.30
N ILE E 220 -22.36 -28.00 -47.84
CA ILE E 220 -21.33 -27.74 -48.85
C ILE E 220 -19.94 -27.76 -48.23
N LEU E 221 -19.79 -27.26 -47.01
CA LEU E 221 -18.48 -27.33 -46.36
C LEU E 221 -18.08 -28.78 -46.09
N ALA E 222 -19.03 -29.61 -45.66
CA ALA E 222 -18.73 -31.01 -45.41
C ALA E 222 -18.38 -31.76 -46.69
N GLU E 223 -19.14 -31.50 -47.76
CA GLU E 223 -18.84 -32.13 -49.04
C GLU E 223 -17.54 -31.63 -49.65
N GLN E 224 -17.05 -30.46 -49.19
CA GLN E 224 -15.73 -30.02 -49.59
C GLN E 224 -14.62 -30.85 -48.96
N LEU E 225 -14.92 -31.72 -48.00
CA LEU E 225 -13.93 -32.53 -47.31
C LEU E 225 -14.05 -34.02 -47.63
N GLU E 226 -14.82 -34.38 -48.67
CA GLU E 226 -14.97 -35.79 -49.02
C GLU E 226 -13.63 -36.42 -49.41
N ALA E 227 -12.79 -35.67 -50.14
CA ALA E 227 -11.52 -36.22 -50.58
C ALA E 227 -10.61 -36.59 -49.43
N PHE E 228 -10.85 -36.05 -48.23
CA PHE E 228 -10.06 -36.38 -47.06
C PHE E 228 -10.80 -37.26 -46.07
N VAL E 229 -12.13 -37.37 -46.17
CA VAL E 229 -12.92 -38.19 -45.26
C VAL E 229 -13.41 -39.47 -45.92
N ASP E 230 -13.28 -39.60 -47.25
CA ASP E 230 -13.80 -40.77 -47.95
C ASP E 230 -13.13 -42.04 -47.45
N LEU E 231 -11.82 -42.18 -47.66
CA LEU E 231 -11.13 -43.39 -47.22
C LEU E 231 -11.05 -43.45 -45.69
N ARG E 232 -10.75 -42.32 -45.05
CA ARG E 232 -10.70 -42.26 -43.58
C ARG E 232 -12.10 -41.99 -43.04
N ASP E 233 -12.96 -43.01 -43.18
CA ASP E 233 -14.35 -42.94 -42.77
C ASP E 233 -14.65 -44.06 -41.79
N VAL E 234 -15.40 -43.74 -40.74
CA VAL E 234 -15.79 -44.76 -39.77
C VAL E 234 -16.71 -45.79 -40.41
N ARG E 235 -17.68 -45.33 -41.21
CA ARG E 235 -18.60 -46.24 -41.88
C ARG E 235 -18.30 -46.32 -43.37
N MET F 1 44.01 -13.88 -25.34
CA MET F 1 44.51 -12.73 -24.59
C MET F 1 43.51 -11.59 -24.59
N VAL F 2 42.90 -11.34 -25.74
CA VAL F 2 41.92 -10.27 -25.86
C VAL F 2 40.67 -10.59 -25.04
N TYR F 3 40.29 -11.86 -24.97
CA TYR F 3 39.08 -12.28 -24.27
C TYR F 3 39.41 -13.48 -23.39
N SER F 4 38.83 -13.50 -22.19
CA SER F 4 39.07 -14.62 -21.28
C SER F 4 38.17 -15.80 -21.67
N TYR F 5 38.28 -16.89 -20.91
CA TYR F 5 37.65 -18.14 -21.31
C TYR F 5 36.14 -18.08 -21.20
N THR F 6 35.60 -17.22 -20.33
CA THR F 6 34.15 -17.07 -20.25
C THR F 6 33.59 -16.28 -21.43
N GLU F 7 34.28 -15.25 -21.90
CA GLU F 7 33.75 -14.41 -22.97
C GLU F 7 33.67 -15.11 -24.31
N LYS F 8 34.64 -15.96 -24.64
CA LYS F 8 34.60 -16.66 -25.92
C LYS F 8 33.41 -17.61 -26.03
N LYS F 9 32.79 -18.00 -24.92
CA LYS F 9 31.57 -18.79 -24.98
C LYS F 9 30.44 -18.01 -25.65
N ARG F 10 30.32 -16.73 -25.31
CA ARG F 10 29.24 -15.89 -25.84
C ARG F 10 29.67 -14.44 -25.72
N ILE F 11 29.82 -13.76 -26.85
CA ILE F 11 30.33 -12.40 -26.90
C ILE F 11 29.17 -11.45 -27.14
N ARG F 12 29.01 -10.48 -26.24
CA ARG F 12 27.98 -9.47 -26.40
C ARG F 12 28.42 -8.43 -27.42
N LYS F 13 27.56 -8.14 -28.40
CA LYS F 13 27.86 -7.14 -29.41
C LYS F 13 27.70 -5.77 -28.77
N ASP F 14 28.80 -5.20 -28.31
CA ASP F 14 28.78 -3.86 -27.75
C ASP F 14 28.62 -2.82 -28.85
N PHE F 15 27.89 -1.75 -28.53
CA PHE F 15 27.74 -0.63 -29.45
C PHE F 15 28.60 0.56 -29.09
N GLY F 16 28.83 0.80 -27.80
CA GLY F 16 29.88 1.70 -27.35
C GLY F 16 29.87 3.09 -27.94
N LYS F 17 30.84 3.36 -28.81
CA LYS F 17 31.17 4.62 -29.48
C LYS F 17 31.99 5.53 -28.57
N ARG F 18 32.31 5.12 -27.35
CA ARG F 18 33.14 5.93 -26.47
C ARG F 18 34.05 5.05 -25.63
N PRO F 19 35.37 5.21 -25.75
CA PRO F 19 36.28 4.33 -25.02
C PRO F 19 36.16 4.51 -23.51
N GLN F 20 36.37 3.41 -22.78
CA GLN F 20 36.36 3.44 -21.32
C GLN F 20 37.78 3.64 -20.81
N VAL F 21 37.91 4.48 -19.78
CA VAL F 21 39.22 4.84 -19.23
C VAL F 21 39.51 4.06 -17.97
N LEU F 22 38.58 4.06 -17.01
CA LEU F 22 38.72 3.30 -15.78
C LEU F 22 37.60 2.26 -15.71
N ASP F 23 37.97 1.01 -15.42
CA ASP F 23 37.00 -0.06 -15.35
C ASP F 23 36.13 0.09 -14.09
N VAL F 24 34.95 -0.50 -14.15
CA VAL F 24 33.99 -0.40 -13.04
C VAL F 24 34.63 -0.97 -11.78
N PRO F 25 34.52 -0.30 -10.62
CA PRO F 25 35.14 -0.82 -9.41
C PRO F 25 34.50 -2.10 -8.90
N TYR F 26 34.94 -2.57 -7.73
CA TYR F 26 34.50 -3.85 -7.21
C TYR F 26 33.00 -3.90 -6.98
N LEU F 27 32.34 -2.75 -6.90
CA LEU F 27 30.90 -2.55 -6.78
C LEU F 27 30.39 -2.88 -5.39
N LEU F 28 31.24 -3.36 -4.48
CA LEU F 28 30.87 -3.60 -3.10
C LEU F 28 31.99 -3.17 -2.16
N SER F 29 32.78 -2.19 -2.57
CA SER F 29 34.00 -1.85 -1.83
C SER F 29 33.71 -1.11 -0.53
N ILE F 30 32.56 -0.42 -0.44
CA ILE F 30 32.30 0.43 0.72
C ILE F 30 32.20 -0.42 1.99
N GLN F 31 31.37 -1.46 1.97
CA GLN F 31 31.15 -2.27 3.16
C GLN F 31 32.43 -3.02 3.55
N LEU F 32 33.07 -3.66 2.57
CA LEU F 32 34.28 -4.44 2.86
C LEU F 32 35.38 -3.53 3.41
N ASP F 33 35.61 -2.38 2.78
CA ASP F 33 36.63 -1.46 3.26
C ASP F 33 36.31 -0.94 4.65
N SER F 34 35.04 -0.61 4.91
CA SER F 34 34.65 -0.12 6.22
C SER F 34 34.94 -1.16 7.30
N PHE F 35 34.52 -2.39 7.08
CA PHE F 35 34.75 -3.40 8.11
C PHE F 35 36.22 -3.78 8.23
N GLN F 36 36.96 -3.76 7.12
CA GLN F 36 38.39 -4.08 7.20
C GLN F 36 39.13 -3.02 8.00
N LYS F 37 38.82 -1.75 7.79
CA LYS F 37 39.43 -0.69 8.59
C LYS F 37 38.90 -0.68 10.02
N PHE F 38 37.72 -1.26 10.26
CA PHE F 38 37.22 -1.42 11.62
C PHE F 38 37.88 -2.58 12.36
N ILE F 39 38.31 -3.61 11.65
CA ILE F 39 38.78 -4.87 12.23
C ILE F 39 40.30 -4.96 12.24
N GLU F 40 40.93 -4.64 11.11
CA GLU F 40 42.36 -4.86 10.94
C GLU F 40 43.17 -4.03 11.93
N GLN F 41 44.33 -4.56 12.29
CA GLN F 41 45.22 -3.89 13.23
C GLN F 41 45.75 -2.59 12.64
N ASP F 42 46.22 -1.72 13.53
CA ASP F 42 46.77 -0.43 13.12
C ASP F 42 47.93 -0.06 14.03
N PRO F 43 49.12 0.17 13.47
CA PRO F 43 50.25 0.59 14.31
C PRO F 43 49.99 1.89 15.05
N GLU F 44 49.19 2.79 14.49
CA GLU F 44 48.78 4.01 15.15
C GLU F 44 47.32 3.86 15.62
N GLY F 45 46.77 4.94 16.14
CA GLY F 45 45.41 4.92 16.65
C GLY F 45 44.41 5.60 15.74
N GLN F 46 44.51 5.35 14.44
CA GLN F 46 43.64 6.00 13.47
C GLN F 46 42.19 5.58 13.63
N TYR F 47 41.92 4.29 13.45
CA TYR F 47 40.55 3.79 13.52
C TYR F 47 40.58 2.32 13.89
N GLY F 48 39.44 1.83 14.38
CA GLY F 48 39.29 0.43 14.72
C GLY F 48 39.27 0.16 16.20
N LEU F 49 39.19 -1.13 16.53
CA LEU F 49 39.20 -1.54 17.94
C LEU F 49 40.48 -1.07 18.62
N GLU F 50 41.59 -1.00 17.89
CA GLU F 50 42.82 -0.45 18.44
C GLU F 50 42.65 1.02 18.83
N ALA F 51 41.99 1.80 17.97
CA ALA F 51 41.75 3.20 18.28
C ALA F 51 40.82 3.35 19.48
N ALA F 52 39.79 2.49 19.56
CA ALA F 52 38.90 2.54 20.71
C ALA F 52 39.64 2.20 21.99
N PHE F 53 40.53 1.21 21.94
CA PHE F 53 41.35 0.85 23.10
C PHE F 53 42.25 2.00 23.52
N ARG F 54 42.89 2.66 22.54
CA ARG F 54 43.67 3.85 22.84
C ARG F 54 42.83 4.94 23.48
N SER F 55 41.59 5.09 23.02
CA SER F 55 40.70 6.09 23.61
C SER F 55 40.37 5.76 25.06
N VAL F 56 40.09 4.50 25.36
CA VAL F 56 39.65 4.12 26.70
C VAL F 56 40.85 3.79 27.58
N PHE F 57 41.62 2.77 27.20
CA PHE F 57 42.75 2.34 27.99
C PHE F 57 43.92 3.32 27.82
N PRO F 58 44.82 3.40 28.81
CA PRO F 58 44.84 2.68 30.09
C PRO F 58 43.89 3.28 31.13
N ILE F 59 43.51 2.50 32.14
CA ILE F 59 42.64 2.96 33.22
C ILE F 59 43.32 2.67 34.55
N GLN F 60 43.01 3.49 35.55
CA GLN F 60 43.62 3.36 36.86
C GLN F 60 42.63 3.80 37.92
N SER F 61 42.83 3.31 39.14
CA SER F 61 42.01 3.71 40.27
C SER F 61 42.40 5.09 40.74
N TYR F 62 41.47 5.74 41.45
CA TYR F 62 41.67 7.10 41.95
C TYR F 62 42.71 7.05 43.07
N SER F 63 43.94 7.45 42.74
CA SER F 63 45.07 7.48 43.68
C SER F 63 45.35 6.12 44.31
N GLY F 64 44.83 5.04 43.72
CA GLY F 64 45.03 3.70 44.23
C GLY F 64 46.31 3.03 43.82
N ASN F 65 47.12 3.67 42.97
CA ASN F 65 48.42 3.15 42.53
C ASN F 65 48.26 1.80 41.82
N SER F 66 47.11 1.57 41.20
CA SER F 66 46.84 0.35 40.46
C SER F 66 46.38 0.72 39.05
N GLU F 67 47.03 0.16 38.04
CA GLU F 67 46.73 0.50 36.66
C GLU F 67 46.65 -0.76 35.80
N LEU F 68 45.88 -0.66 34.72
CA LEU F 68 45.67 -1.75 33.76
C LEU F 68 46.37 -1.35 32.47
N GLN F 69 47.57 -1.89 32.25
CA GLN F 69 48.35 -1.58 31.06
C GLN F 69 48.18 -2.70 30.04
N TYR F 70 47.54 -2.39 28.91
CA TYR F 70 47.22 -3.39 27.92
C TYR F 70 48.20 -3.30 26.74
N VAL F 71 48.35 -4.42 26.04
CA VAL F 71 49.18 -4.50 24.84
C VAL F 71 48.44 -5.33 23.79
N SER F 72 48.17 -4.71 22.64
CA SER F 72 47.62 -5.37 21.46
C SER F 72 46.28 -6.03 21.72
N TYR F 73 45.79 -6.77 20.72
CA TYR F 73 44.55 -7.53 20.80
C TYR F 73 44.54 -8.51 19.63
N ARG F 74 43.62 -9.48 19.70
CA ARG F 74 43.56 -10.52 18.69
C ARG F 74 42.14 -11.05 18.59
N LEU F 75 41.71 -11.31 17.35
CA LEU F 75 40.39 -11.88 17.08
C LEU F 75 40.53 -13.38 16.84
N GLY F 76 39.68 -14.16 17.51
CA GLY F 76 39.74 -15.60 17.39
C GLY F 76 39.16 -16.11 16.08
N GLU F 77 39.43 -17.38 15.81
CA GLU F 77 38.90 -18.04 14.63
C GLU F 77 37.47 -18.50 14.88
N PRO F 78 36.53 -18.17 13.99
CA PRO F 78 35.15 -18.61 14.20
C PRO F 78 35.05 -20.14 14.24
N VAL F 79 34.17 -20.64 15.10
CA VAL F 79 34.02 -22.09 15.26
C VAL F 79 33.21 -22.71 14.13
N PHE F 80 32.48 -21.91 13.36
CA PHE F 80 31.65 -22.41 12.27
C PHE F 80 31.88 -21.58 11.02
N ASP F 81 31.93 -22.25 9.88
CA ASP F 81 31.98 -21.55 8.60
C ASP F 81 30.60 -20.97 8.28
N VAL F 82 30.55 -20.17 7.22
CA VAL F 82 29.31 -19.46 6.87
C VAL F 82 28.21 -20.46 6.54
N GLN F 83 28.54 -21.54 5.81
CA GLN F 83 27.52 -22.51 5.42
C GLN F 83 26.91 -23.19 6.64
N GLU F 84 27.74 -23.74 7.52
CA GLU F 84 27.23 -24.42 8.70
C GLU F 84 26.54 -23.43 9.64
N CYS F 85 27.07 -22.23 9.77
CA CYS F 85 26.45 -21.23 10.63
C CYS F 85 25.06 -20.85 10.13
N GLN F 86 24.92 -20.67 8.81
CA GLN F 86 23.61 -20.37 8.24
C GLN F 86 22.65 -21.55 8.41
N ILE F 87 23.14 -22.77 8.20
CA ILE F 87 22.28 -23.96 8.31
C ILE F 87 21.78 -24.10 9.75
N ARG F 88 22.67 -23.96 10.72
CA ARG F 88 22.33 -24.19 12.11
C ARG F 88 21.48 -23.06 12.70
N GLY F 89 21.54 -21.85 12.15
CA GLY F 89 20.74 -20.76 12.65
C GLY F 89 21.38 -19.95 13.76
N VAL F 90 22.71 -20.02 13.92
CA VAL F 90 23.40 -19.25 14.93
C VAL F 90 24.14 -18.10 14.23
N THR F 91 24.68 -17.18 15.04
CA THR F 91 25.32 -15.98 14.55
C THR F 91 26.77 -16.27 14.16
N TYR F 92 27.17 -15.80 12.98
CA TYR F 92 28.56 -15.89 12.53
C TYR F 92 29.37 -14.80 13.20
N SER F 93 30.27 -15.20 14.10
CA SER F 93 31.02 -14.24 14.89
C SER F 93 32.36 -14.87 15.27
N ALA F 94 33.21 -14.06 15.89
CA ALA F 94 34.52 -14.49 16.36
C ALA F 94 34.75 -14.00 17.78
N PRO F 95 35.41 -14.80 18.62
CA PRO F 95 35.76 -14.34 19.96
C PRO F 95 36.83 -13.27 19.92
N LEU F 96 36.83 -12.42 20.93
CA LEU F 96 37.78 -11.31 21.04
C LEU F 96 38.65 -11.54 22.26
N ARG F 97 39.97 -11.60 22.04
CA ARG F 97 40.95 -11.82 23.10
C ARG F 97 41.85 -10.59 23.21
N VAL F 98 42.15 -10.18 24.44
CA VAL F 98 42.89 -8.95 24.70
C VAL F 98 43.90 -9.22 25.81
N LYS F 99 45.12 -8.71 25.64
CA LYS F 99 46.19 -8.89 26.61
C LYS F 99 46.35 -7.62 27.44
N LEU F 100 46.28 -7.75 28.76
CA LEU F 100 46.44 -6.62 29.65
C LEU F 100 47.08 -7.11 30.95
N ARG F 101 47.80 -6.21 31.61
CA ARG F 101 48.63 -6.54 32.76
C ARG F 101 48.35 -5.58 33.90
N LEU F 102 48.37 -6.13 35.12
CA LEU F 102 48.27 -5.32 36.33
C LEU F 102 49.61 -4.68 36.66
N VAL F 103 49.58 -3.40 37.02
CA VAL F 103 50.73 -2.74 37.60
C VAL F 103 50.31 -2.07 38.91
N ILE F 104 50.89 -2.54 40.01
CA ILE F 104 50.62 -2.02 41.35
C ILE F 104 51.83 -1.21 41.78
N TYR F 105 51.61 0.06 42.08
CA TYR F 105 52.68 1.00 42.37
C TYR F 105 52.89 1.13 43.88
N GLU F 106 54.08 1.61 44.24
CA GLU F 106 54.42 1.75 45.65
C GLU F 106 53.70 2.95 46.25
N ARG F 107 53.06 2.74 47.40
CA ARG F 107 52.42 3.85 48.11
C ARG F 107 53.46 4.73 48.80
N GLU F 108 54.47 4.12 49.41
CA GLU F 108 55.49 4.90 50.12
C GLU F 108 56.40 5.64 49.14
N ALA F 109 56.82 4.97 48.06
CA ALA F 109 57.71 5.58 47.09
C ALA F 109 56.91 6.21 45.97
N PRO F 110 56.95 7.53 45.80
CA PRO F 110 56.23 8.16 44.69
C PRO F 110 56.77 7.71 43.34
N GLU F 111 55.87 7.51 42.40
CA GLU F 111 56.20 7.11 41.03
C GLU F 111 57.00 5.81 41.00
N GLY F 112 56.84 4.97 42.03
CA GLY F 112 57.52 3.69 42.11
C GLY F 112 56.53 2.55 42.10
N THR F 113 56.96 1.42 41.54
CA THR F 113 56.11 0.26 41.36
C THR F 113 56.61 -0.90 42.21
N VAL F 114 55.68 -1.74 42.66
CA VAL F 114 56.02 -2.92 43.43
C VAL F 114 55.58 -4.22 42.77
N LYS F 115 54.57 -4.20 41.91
CA LYS F 115 54.08 -5.43 41.29
C LYS F 115 53.78 -5.17 39.83
N ASP F 116 54.12 -6.16 38.99
CA ASP F 116 53.81 -6.10 37.56
C ASP F 116 53.40 -7.51 37.14
N ILE F 117 52.11 -7.77 37.14
CA ILE F 117 51.56 -9.09 36.80
C ILE F 117 51.14 -9.04 35.33
N LYS F 118 51.94 -9.70 34.48
CA LYS F 118 51.66 -9.72 33.03
C LYS F 118 50.83 -10.97 32.69
N GLU F 119 49.56 -10.88 33.03
CA GLU F 119 48.64 -11.97 32.76
C GLU F 119 48.38 -12.09 31.26
N GLN F 120 48.04 -13.31 30.83
CA GLN F 120 47.83 -13.59 29.42
C GLN F 120 46.54 -12.93 28.92
N GLU F 121 46.22 -13.18 27.65
CA GLU F 121 45.04 -12.58 27.05
C GLU F 121 43.77 -13.11 27.72
N VAL F 122 42.74 -12.27 27.74
CA VAL F 122 41.44 -12.61 28.32
C VAL F 122 40.39 -12.48 27.23
N TYR F 123 39.30 -13.22 27.39
CA TYR F 123 38.22 -13.17 26.41
C TYR F 123 37.14 -12.19 26.87
N MET F 124 36.68 -11.34 25.95
CA MET F 124 35.51 -10.51 26.21
C MET F 124 34.79 -10.27 24.90
N GLY F 125 33.46 -10.42 24.93
CA GLY F 125 32.64 -10.13 23.77
C GLY F 125 32.82 -11.09 22.61
N GLU F 126 31.83 -11.11 21.72
CA GLU F 126 31.93 -11.87 20.47
C GLU F 126 31.51 -10.95 19.33
N ILE F 127 32.44 -10.68 18.42
CA ILE F 127 32.24 -9.69 17.36
C ILE F 127 31.73 -10.42 16.12
N PRO F 128 30.53 -10.13 15.64
CA PRO F 128 30.09 -10.69 14.36
C PRO F 128 31.00 -10.24 13.23
N LEU F 129 31.24 -11.16 12.30
CA LEU F 129 32.12 -10.93 11.17
C LEU F 129 31.29 -10.80 9.90
N MET F 130 31.79 -10.04 8.93
CA MET F 130 31.09 -9.88 7.67
C MET F 130 31.55 -10.97 6.71
N THR F 131 30.61 -11.52 5.95
CA THR F 131 30.93 -12.53 4.95
C THR F 131 31.70 -11.90 3.79
N ASP F 132 32.13 -12.76 2.86
CA ASP F 132 32.84 -12.29 1.68
C ASP F 132 31.97 -11.46 0.75
N ASN F 133 30.64 -11.51 0.92
CA ASN F 133 29.72 -10.76 0.05
C ASN F 133 29.26 -9.44 0.66
N GLY F 134 29.44 -9.23 1.96
CA GLY F 134 29.00 -8.00 2.55
C GLY F 134 27.82 -8.12 3.50
N THR F 135 27.66 -9.27 4.14
CA THR F 135 26.50 -9.52 4.98
C THR F 135 26.93 -10.11 6.32
N PHE F 136 26.11 -9.84 7.35
CA PHE F 136 26.36 -10.28 8.71
C PHE F 136 25.39 -11.40 9.05
N VAL F 137 25.88 -12.64 9.01
CA VAL F 137 25.03 -13.80 9.29
C VAL F 137 24.82 -13.85 10.79
N ILE F 138 23.68 -13.31 11.25
CA ILE F 138 23.32 -13.29 12.66
C ILE F 138 21.97 -13.97 12.82
N ASN F 139 21.89 -14.88 13.80
CA ASN F 139 20.66 -15.63 14.08
C ASN F 139 20.18 -16.39 12.84
N GLY F 140 21.12 -16.91 12.06
CA GLY F 140 20.76 -17.62 10.84
C GLY F 140 20.05 -16.75 9.83
N THR F 141 20.51 -15.52 9.66
CA THR F 141 19.84 -14.55 8.80
C THR F 141 20.93 -13.75 8.08
N GLU F 142 20.59 -12.90 7.13
CA GLU F 142 21.58 -12.21 6.31
C GLU F 142 21.90 -10.81 6.84
N ARG F 143 20.88 -9.97 7.04
CA ARG F 143 21.00 -8.71 7.80
C ARG F 143 22.12 -7.82 7.27
N VAL F 144 21.92 -7.31 6.05
CA VAL F 144 22.80 -6.28 5.53
C VAL F 144 22.53 -4.97 6.26
N ILE F 145 23.58 -4.19 6.50
CA ILE F 145 23.48 -2.94 7.25
C ILE F 145 23.68 -1.79 6.28
N VAL F 146 22.71 -0.89 6.25
CA VAL F 146 22.69 0.21 5.28
C VAL F 146 23.58 1.33 5.77
N SER F 147 24.39 1.88 4.87
CA SER F 147 25.17 3.07 5.18
C SER F 147 24.26 4.26 5.40
N GLN F 148 24.61 5.07 6.39
CA GLN F 148 23.82 6.23 6.78
C GLN F 148 24.43 7.50 6.22
N LEU F 149 23.57 8.44 5.81
CA LEU F 149 24.01 9.75 5.35
C LEU F 149 23.41 10.80 6.27
N HIS F 150 24.27 11.58 6.92
CA HIS F 150 23.83 12.53 7.93
C HIS F 150 24.57 13.86 7.81
N ARG F 151 24.34 14.76 8.75
CA ARG F 151 25.04 16.04 8.78
C ARG F 151 26.44 15.84 9.32
N SER F 152 27.44 16.33 8.58
CA SER F 152 28.81 16.29 9.06
C SER F 152 28.97 17.26 10.23
N PRO F 153 29.60 16.85 11.34
CA PRO F 153 29.77 17.76 12.46
C PRO F 153 30.63 18.96 12.10
N GLY F 154 30.28 20.11 12.65
CA GLY F 154 31.05 21.32 12.40
C GLY F 154 30.20 22.56 12.62
N VAL F 155 30.48 23.58 11.81
CA VAL F 155 29.82 24.87 11.88
C VAL F 155 28.90 25.01 10.68
N PHE F 156 27.63 25.33 10.93
CA PHE F 156 26.66 25.53 9.86
C PHE F 156 25.96 26.87 10.04
N PHE F 157 26.03 27.71 9.01
CA PHE F 157 25.33 28.98 9.01
C PHE F 157 24.04 28.86 8.20
N ASP F 158 22.96 29.38 8.75
CA ASP F 158 21.65 29.31 8.13
C ASP F 158 20.99 30.68 8.13
N SER F 159 20.08 30.88 7.18
CA SER F 159 19.39 32.15 7.00
C SER F 159 17.93 32.13 7.42
N ASP F 160 17.37 30.95 7.74
CA ASP F 160 15.98 30.76 8.17
C ASP F 160 14.99 31.08 7.04
N LYS F 161 15.48 31.51 5.87
CA LYS F 161 14.72 31.95 4.70
C LYS F 161 14.12 33.34 4.87
N GLY F 162 14.31 33.98 6.03
CA GLY F 162 13.91 35.36 6.20
C GLY F 162 12.44 35.61 6.35
N LYS F 163 11.64 34.59 6.69
CA LYS F 163 10.20 34.76 6.93
C LYS F 163 9.88 34.10 8.28
N THR F 164 10.06 34.87 9.35
CA THR F 164 9.70 34.44 10.69
C THR F 164 8.76 35.42 11.38
N HIS F 165 9.09 36.70 11.36
CA HIS F 165 8.28 37.74 11.99
C HIS F 165 7.46 38.54 11.00
N SER F 166 7.44 38.14 9.73
CA SER F 166 6.68 38.77 8.65
C SER F 166 7.10 40.22 8.40
N SER F 167 8.19 40.68 9.01
CA SER F 167 8.68 42.03 8.81
C SER F 167 9.78 42.11 7.75
N GLY F 168 10.13 40.99 7.12
CA GLY F 168 11.19 40.98 6.13
C GLY F 168 12.59 40.93 6.69
N LYS F 169 12.75 40.86 8.01
CA LYS F 169 14.07 40.82 8.62
C LYS F 169 14.61 39.39 8.57
N VAL F 170 15.67 39.20 7.79
CA VAL F 170 16.28 37.88 7.65
C VAL F 170 17.18 37.63 8.85
N LEU F 171 16.97 36.50 9.52
CA LEU F 171 17.71 36.15 10.72
C LEU F 171 18.78 35.11 10.37
N TYR F 172 20.04 35.45 10.59
CA TYR F 172 21.15 34.55 10.33
C TYR F 172 21.61 33.92 11.64
N ASN F 173 21.71 32.59 11.65
CA ASN F 173 22.09 31.87 12.85
C ASN F 173 23.24 30.91 12.53
N ALA F 174 23.99 30.55 13.57
CA ALA F 174 25.12 29.64 13.48
C ALA F 174 24.87 28.45 14.39
N ARG F 175 25.25 27.26 13.93
CA ARG F 175 25.06 26.03 14.69
C ARG F 175 26.40 25.32 14.82
N ILE F 176 26.70 24.94 16.06
CA ILE F 176 27.88 24.15 16.42
C ILE F 176 27.38 22.76 16.71
N ILE F 177 27.76 21.80 15.87
CA ILE F 177 27.29 20.42 15.95
C ILE F 177 28.49 19.52 16.16
N PRO F 178 28.60 18.82 17.29
CA PRO F 178 29.70 17.89 17.50
C PRO F 178 29.33 16.48 17.03
N TYR F 179 30.36 15.65 16.87
CA TYR F 179 30.12 14.23 16.67
C TYR F 179 29.48 13.60 17.89
N ARG F 180 29.92 14.01 19.08
CA ARG F 180 29.33 13.55 20.33
C ARG F 180 29.44 14.67 21.35
N GLY F 181 28.32 15.12 21.87
CA GLY F 181 28.29 16.17 22.88
C GLY F 181 27.11 17.08 22.68
N SER F 182 27.17 18.23 23.36
CA SER F 182 26.08 19.19 23.32
C SER F 182 26.23 20.14 22.13
N TRP F 183 25.10 20.53 21.54
CA TRP F 183 25.15 21.50 20.46
C TRP F 183 25.18 22.93 21.01
N LEU F 184 25.44 23.86 20.10
CA LEU F 184 25.41 25.29 20.40
C LEU F 184 24.71 26.03 19.28
N ASP F 185 23.94 27.06 19.62
CA ASP F 185 23.27 27.86 18.61
C ASP F 185 23.48 29.34 18.92
N PHE F 186 23.87 30.10 17.91
CA PHE F 186 23.98 31.55 18.00
C PHE F 186 22.93 32.16 17.09
N GLU F 187 21.95 32.85 17.68
CA GLU F 187 20.84 33.41 16.94
C GLU F 187 20.83 34.93 17.06
N PHE F 188 20.19 35.56 16.07
CA PHE F 188 20.01 37.00 16.02
C PHE F 188 18.54 37.33 16.22
N ASP F 189 18.26 38.12 17.25
CA ASP F 189 16.90 38.59 17.48
C ASP F 189 16.53 39.65 16.45
N PRO F 190 15.23 39.90 16.25
CA PRO F 190 14.84 41.00 15.35
C PRO F 190 15.39 42.34 15.77
N LYS F 191 15.66 42.55 17.05
CA LYS F 191 16.31 43.75 17.54
C LYS F 191 17.83 43.70 17.42
N ASP F 192 18.36 42.76 16.63
CA ASP F 192 19.80 42.60 16.43
C ASP F 192 20.54 42.39 17.75
N ASN F 193 20.17 41.30 18.42
CA ASN F 193 20.76 40.94 19.71
C ASN F 193 21.32 39.53 19.63
N LEU F 194 22.57 39.37 20.05
CA LEU F 194 23.16 38.05 20.16
C LEU F 194 22.40 37.23 21.19
N PHE F 195 22.03 36.00 20.82
CA PHE F 195 21.43 35.07 21.76
C PHE F 195 22.07 33.70 21.57
N VAL F 196 22.20 32.97 22.68
CA VAL F 196 22.86 31.68 22.67
C VAL F 196 21.90 30.64 23.20
N ARG F 197 21.62 29.63 22.38
CA ARG F 197 20.82 28.47 22.76
C ARG F 197 21.78 27.30 22.94
N ILE F 198 22.07 26.96 24.19
CA ILE F 198 23.02 25.90 24.52
C ILE F 198 22.21 24.67 24.93
N ASP F 199 22.44 23.55 24.25
CA ASP F 199 21.70 22.30 24.48
C ASP F 199 20.21 22.49 24.30
N ARG F 200 19.83 23.41 23.40
CA ARG F 200 18.42 23.71 23.10
C ARG F 200 17.65 24.12 24.34
N ARG F 201 18.26 24.98 25.16
CA ARG F 201 17.59 25.57 26.31
C ARG F 201 16.93 26.89 25.91
N ARG F 202 16.53 27.69 26.88
CA ARG F 202 15.97 29.00 26.60
C ARG F 202 17.06 29.93 26.04
N LYS F 203 16.60 30.97 25.35
CA LYS F 203 17.52 31.90 24.71
C LYS F 203 18.28 32.72 25.76
N LEU F 204 19.60 32.84 25.57
CA LEU F 204 20.48 33.53 26.51
C LEU F 204 21.46 34.41 25.73
N PRO F 205 21.67 35.65 26.17
CA PRO F 205 22.67 36.50 25.51
C PRO F 205 24.06 35.88 25.61
N ALA F 206 24.89 36.16 24.60
CA ALA F 206 26.22 35.58 24.53
C ALA F 206 27.24 36.25 25.44
N THR F 207 26.89 37.38 26.05
CA THR F 207 27.85 38.10 26.86
C THR F 207 28.26 37.32 28.11
N ILE F 208 27.35 36.52 28.67
CA ILE F 208 27.68 35.76 29.86
C ILE F 208 28.76 34.73 29.56
N ILE F 209 28.59 33.95 28.49
CA ILE F 209 29.62 32.97 28.16
C ILE F 209 30.88 33.67 27.66
N LEU F 210 30.74 34.84 27.04
CA LEU F 210 31.93 35.59 26.63
C LEU F 210 32.76 36.01 27.84
N ARG F 211 32.10 36.47 28.90
CA ARG F 211 32.80 36.86 30.12
C ARG F 211 33.26 35.64 30.93
N ALA F 212 32.60 34.50 30.76
CA ALA F 212 32.98 33.29 31.48
C ALA F 212 34.36 32.78 31.10
N LEU F 213 34.94 33.27 30.00
CA LEU F 213 36.29 32.94 29.60
C LEU F 213 37.32 33.87 30.23
N ASN F 214 37.00 34.47 31.37
CA ASN F 214 37.84 35.46 32.05
C ASN F 214 38.13 36.64 31.12
N TYR F 215 37.07 37.18 30.55
CA TYR F 215 37.13 38.32 29.64
C TYR F 215 36.40 39.49 30.26
N THR F 216 37.11 40.61 30.42
CA THR F 216 36.49 41.81 30.96
C THR F 216 35.71 42.54 29.86
N THR F 217 34.80 43.42 30.31
CA THR F 217 33.96 44.15 29.36
C THR F 217 34.80 45.05 28.46
N GLU F 218 35.76 45.77 29.03
CA GLU F 218 36.63 46.62 28.21
C GLU F 218 37.46 45.77 27.24
N GLN F 219 37.98 44.64 27.70
CA GLN F 219 38.69 43.73 26.81
C GLN F 219 37.78 43.18 25.73
N ILE F 220 36.52 42.87 26.08
CA ILE F 220 35.57 42.38 25.09
C ILE F 220 35.33 43.43 24.01
N LEU F 221 35.14 44.68 24.42
CA LEU F 221 34.93 45.76 23.45
C LEU F 221 36.15 45.97 22.58
N ASP F 222 37.35 45.91 23.18
CA ASP F 222 38.58 46.07 22.40
C ASP F 222 38.74 44.93 21.39
N LEU F 223 38.37 43.71 21.78
CA LEU F 223 38.54 42.57 20.89
C LEU F 223 37.52 42.59 19.76
N PHE F 224 36.26 42.92 20.06
CA PHE F 224 35.18 42.81 19.09
C PHE F 224 34.91 44.10 18.34
N PHE F 225 35.71 45.14 18.55
CA PHE F 225 35.49 46.42 17.89
C PHE F 225 36.82 47.09 17.62
N GLU F 226 36.80 48.04 16.69
CA GLU F 226 37.96 48.86 16.37
C GLU F 226 37.85 50.17 17.14
N LYS F 227 38.84 50.46 17.97
CA LYS F 227 38.80 51.62 18.84
C LYS F 227 39.50 52.82 18.21
N VAL F 228 38.96 54.00 18.50
CA VAL F 228 39.55 55.27 18.07
C VAL F 228 39.80 56.11 19.32
N ILE F 229 40.70 57.09 19.17
CA ILE F 229 41.12 57.95 20.26
C ILE F 229 40.83 59.39 19.88
N PHE F 230 40.14 60.11 20.75
CA PHE F 230 39.85 61.53 20.58
C PHE F 230 40.71 62.31 21.57
N GLU F 231 41.49 63.26 21.06
CA GLU F 231 42.40 64.06 21.88
C GLU F 231 41.82 65.45 22.08
N ILE F 232 41.69 65.86 23.33
CA ILE F 232 41.17 67.19 23.69
C ILE F 232 42.25 67.86 24.53
N ARG F 233 43.11 68.63 23.88
CA ARG F 233 44.19 69.35 24.54
C ARG F 233 44.08 70.82 24.20
N ASP F 234 44.14 71.67 25.24
CA ASP F 234 44.02 73.12 25.09
C ASP F 234 42.72 73.49 24.38
N ASN F 235 41.64 72.77 24.70
CA ASN F 235 40.31 72.97 24.15
C ASN F 235 40.24 72.82 22.64
N LYS F 236 41.29 72.28 22.01
CA LYS F 236 41.27 72.10 20.56
C LYS F 236 40.32 70.98 20.17
N LEU F 237 40.33 69.87 20.90
CA LEU F 237 39.49 68.70 20.64
C LEU F 237 39.71 68.20 19.22
N GLN F 238 40.94 67.73 18.98
CA GLN F 238 41.33 67.23 17.68
C GLN F 238 40.76 65.83 17.45
N MET F 239 40.74 65.43 16.17
CA MET F 239 40.23 64.13 15.76
C MET F 239 41.26 63.46 14.86
N GLU F 240 41.44 62.15 15.06
CA GLU F 240 42.34 61.40 14.19
C GLU F 240 41.71 61.20 12.82
N LEU F 241 42.56 61.01 11.81
CA LEU F 241 42.13 60.82 10.43
C LEU F 241 42.33 59.37 10.04
N VAL F 242 41.24 58.70 9.67
CA VAL F 242 41.29 57.34 9.15
C VAL F 242 40.48 57.33 7.85
N PRO F 243 41.12 57.64 6.72
CA PRO F 243 40.35 57.85 5.47
C PRO F 243 39.54 56.63 5.03
N GLU F 244 40.04 55.42 5.29
CA GLU F 244 39.32 54.23 4.85
C GLU F 244 38.02 54.03 5.63
N ARG F 245 37.90 54.65 6.81
CA ARG F 245 36.73 54.41 7.65
C ARG F 245 35.53 55.21 7.16
N LEU F 246 35.65 56.53 7.11
CA LEU F 246 34.51 57.39 6.80
C LEU F 246 34.17 57.26 5.31
N ARG F 247 33.18 56.42 5.03
CA ARG F 247 32.64 56.26 3.69
C ARG F 247 31.29 56.95 3.52
N GLY F 248 30.35 56.69 4.42
CA GLY F 248 29.08 57.39 4.42
C GLY F 248 28.88 58.20 5.69
N GLU F 249 28.94 59.53 5.56
CA GLU F 249 28.77 60.41 6.71
C GLU F 249 28.41 61.80 6.19
N THR F 250 27.86 62.61 7.09
CA THR F 250 27.47 63.98 6.79
C THR F 250 28.36 64.94 7.56
N ALA F 251 28.99 65.87 6.85
CA ALA F 251 29.89 66.85 7.47
C ALA F 251 29.05 67.87 8.22
N SER F 252 28.98 67.72 9.54
CA SER F 252 28.21 68.64 10.36
C SER F 252 28.84 70.03 10.44
N PHE F 253 30.12 70.14 10.08
CA PHE F 253 30.80 71.44 10.12
C PHE F 253 31.94 71.40 9.11
N ASP F 254 32.57 72.56 8.92
CA ASP F 254 33.68 72.66 7.98
C ASP F 254 34.85 71.79 8.44
N ILE F 255 35.41 71.04 7.49
CA ILE F 255 36.54 70.14 7.74
C ILE F 255 37.75 70.70 7.01
N GLU F 256 38.74 71.14 7.78
CA GLU F 256 39.93 71.78 7.24
C GLU F 256 41.14 70.87 7.47
N ALA F 257 42.05 70.86 6.49
CA ALA F 257 43.26 70.05 6.55
C ALA F 257 44.46 70.97 6.78
N ASN F 258 45.07 70.86 7.96
CA ASN F 258 46.24 71.66 8.32
C ASN F 258 45.97 73.16 8.17
N GLY F 259 44.78 73.58 8.59
CA GLY F 259 44.39 74.97 8.47
C GLY F 259 43.82 75.36 7.12
N LYS F 260 43.79 74.45 6.16
CA LYS F 260 43.23 74.71 4.84
C LYS F 260 41.99 73.86 4.64
N VAL F 261 40.93 74.48 4.12
CA VAL F 261 39.65 73.79 3.96
C VAL F 261 39.81 72.60 3.04
N TYR F 262 39.44 71.42 3.53
CA TYR F 262 39.49 70.19 2.76
C TYR F 262 38.12 69.75 2.26
N VAL F 263 37.16 69.60 3.16
CA VAL F 263 35.79 69.23 2.80
C VAL F 263 34.84 70.17 3.52
N GLU F 264 33.98 70.85 2.76
CA GLU F 264 33.06 71.80 3.35
C GLU F 264 31.97 71.08 4.14
N LYS F 265 31.21 71.86 4.92
CA LYS F 265 30.10 71.32 5.68
C LYS F 265 29.01 70.85 4.72
N GLY F 266 28.66 69.57 4.80
CA GLY F 266 27.71 68.99 3.86
C GLY F 266 28.20 69.01 2.42
N ARG F 267 29.49 68.81 2.21
CA ARG F 267 30.07 68.85 0.87
C ARG F 267 29.90 67.49 0.20
N ARG F 268 30.60 67.30 -0.92
CA ARG F 268 30.48 66.05 -1.68
C ARG F 268 31.02 64.87 -0.88
N ILE F 269 30.35 63.73 -1.02
CA ILE F 269 30.74 62.50 -0.35
C ILE F 269 31.36 61.49 -1.30
N THR F 270 31.54 61.85 -2.57
CA THR F 270 32.04 60.92 -3.57
C THR F 270 33.46 60.47 -3.25
N ALA F 271 33.87 59.38 -3.89
CA ALA F 271 35.19 58.81 -3.63
C ALA F 271 36.32 59.73 -4.07
N ARG F 272 36.04 60.70 -4.96
CA ARG F 272 37.07 61.64 -5.37
C ARG F 272 37.53 62.50 -4.18
N HIS F 273 36.59 62.97 -3.36
CA HIS F 273 36.96 63.77 -2.20
C HIS F 273 37.76 62.95 -1.19
N ILE F 274 37.36 61.69 -0.98
CA ILE F 274 38.09 60.82 -0.06
C ILE F 274 39.50 60.56 -0.56
N ARG F 275 39.64 60.32 -1.86
CA ARG F 275 40.97 60.09 -2.44
C ARG F 275 41.84 61.34 -2.33
N GLN F 276 41.25 62.52 -2.57
CA GLN F 276 42.00 63.77 -2.43
C GLN F 276 42.44 63.98 -0.99
N LEU F 277 41.57 63.70 -0.03
CA LEU F 277 41.93 63.83 1.38
C LEU F 277 43.03 62.86 1.76
N GLU F 278 42.95 61.62 1.27
CA GLU F 278 43.98 60.63 1.59
C GLU F 278 45.32 60.97 0.95
N LYS F 279 45.29 61.56 -0.26
CA LYS F 279 46.54 61.91 -0.93
C LYS F 279 47.30 62.97 -0.13
N ASP F 280 46.59 63.94 0.43
CA ASP F 280 47.23 64.98 1.24
C ASP F 280 47.50 64.41 2.64
N ASP F 281 48.77 64.44 3.04
CA ASP F 281 49.18 63.94 4.35
C ASP F 281 48.80 64.98 5.40
N VAL F 282 47.78 64.68 6.20
CA VAL F 282 47.23 65.60 7.18
C VAL F 282 47.26 64.94 8.55
N LYS F 283 47.71 65.68 9.56
CA LYS F 283 47.71 65.20 10.94
C LYS F 283 46.30 65.35 11.52
N LEU F 284 46.18 65.18 12.83
CA LEU F 284 44.88 65.28 13.49
C LEU F 284 44.32 66.69 13.34
N ILE F 285 42.99 66.76 13.18
CA ILE F 285 42.29 68.03 12.96
C ILE F 285 41.16 68.14 13.96
N GLU F 286 40.76 69.38 14.23
CA GLU F 286 39.68 69.65 15.16
C GLU F 286 38.32 69.29 14.55
N VAL F 287 37.37 69.01 15.41
CA VAL F 287 36.01 68.64 15.00
C VAL F 287 35.01 69.34 15.92
N PRO F 288 33.78 69.53 15.43
CA PRO F 288 32.75 70.13 16.28
C PRO F 288 32.44 69.25 17.49
N VAL F 289 32.05 69.90 18.58
CA VAL F 289 31.78 69.19 19.83
C VAL F 289 30.57 68.29 19.68
N GLU F 290 29.54 68.74 18.95
CA GLU F 290 28.30 67.99 18.83
C GLU F 290 28.50 66.62 18.16
N TYR F 291 29.56 66.46 17.38
CA TYR F 291 29.81 65.17 16.73
C TYR F 291 30.11 64.07 17.75
N ILE F 292 30.88 64.41 18.79
CA ILE F 292 31.27 63.41 19.79
C ILE F 292 30.14 63.05 20.75
N ALA F 293 29.01 63.76 20.69
CA ALA F 293 27.91 63.48 21.62
C ALA F 293 27.36 62.07 21.43
N GLY F 294 27.22 61.63 20.18
CA GLY F 294 26.69 60.30 19.91
C GLY F 294 27.66 59.17 20.08
N LYS F 295 28.94 59.47 20.29
CA LYS F 295 29.95 58.43 20.46
C LYS F 295 29.78 57.72 21.80
N VAL F 296 30.30 56.50 21.87
CA VAL F 296 30.23 55.67 23.07
C VAL F 296 31.66 55.35 23.50
N VAL F 297 31.97 55.63 24.77
CA VAL F 297 33.31 55.38 25.29
C VAL F 297 33.57 53.89 25.35
N ALA F 298 34.79 53.48 24.97
CA ALA F 298 35.17 52.07 24.97
C ALA F 298 35.88 51.69 26.27
N LYS F 299 36.97 52.38 26.60
CA LYS F 299 37.76 52.07 27.78
C LYS F 299 37.16 52.78 29.00
N ASP F 300 37.89 52.74 30.12
CA ASP F 300 37.47 53.37 31.37
C ASP F 300 38.65 54.16 31.91
N TYR F 301 38.70 55.44 31.58
CA TYR F 301 39.80 56.29 32.03
C TYR F 301 39.73 56.51 33.55
N ILE F 302 40.90 56.59 34.17
CA ILE F 302 41.02 56.75 35.62
C ILE F 302 41.47 58.16 35.93
N ASP F 303 40.82 58.78 36.92
CA ASP F 303 41.19 60.11 37.38
C ASP F 303 42.42 60.02 38.26
N GLU F 304 43.42 60.85 37.96
CA GLU F 304 44.66 60.84 38.73
C GLU F 304 44.50 61.48 40.11
N SER F 305 43.49 62.33 40.29
CA SER F 305 43.32 63.01 41.57
C SER F 305 42.64 62.13 42.60
N THR F 306 41.52 61.51 42.23
CA THR F 306 40.74 60.68 43.15
C THR F 306 40.45 59.34 42.50
N GLY F 307 40.15 58.35 43.34
CA GLY F 307 39.83 57.02 42.86
C GLY F 307 38.55 56.95 42.05
N GLU F 308 37.67 57.93 42.19
CA GLU F 308 36.45 57.97 41.39
C GLU F 308 36.79 58.11 39.91
N LEU F 309 36.11 57.32 39.07
CA LEU F 309 36.37 57.32 37.65
C LEU F 309 35.09 56.95 36.91
N ILE F 310 35.06 57.30 35.62
CA ILE F 310 33.92 56.99 34.77
C ILE F 310 34.21 55.64 34.13
N CYS F 311 33.83 54.57 34.84
CA CYS F 311 34.03 53.21 34.37
C CYS F 311 32.82 52.66 33.63
N ALA F 312 31.80 53.49 33.38
CA ALA F 312 30.57 53.05 32.73
C ALA F 312 30.83 52.84 31.24
N ALA F 313 31.31 51.64 30.91
CA ALA F 313 31.54 51.28 29.52
C ALA F 313 30.20 51.09 28.81
N ASN F 314 30.27 51.14 27.47
CA ASN F 314 29.07 51.05 26.62
C ASN F 314 28.06 52.14 26.96
N MET F 315 28.54 53.34 27.25
CA MET F 315 27.69 54.47 27.58
C MET F 315 28.20 55.72 26.88
N GLU F 316 27.29 56.69 26.70
CA GLU F 316 27.62 57.93 26.03
C GLU F 316 28.28 58.89 27.03
N LEU F 317 28.46 60.14 26.62
CA LEU F 317 29.08 61.15 27.45
C LEU F 317 28.19 62.38 27.54
N SER F 318 28.34 63.11 28.63
CA SER F 318 27.57 64.32 28.89
C SER F 318 28.47 65.54 28.73
N LEU F 319 27.82 66.71 28.61
CA LEU F 319 28.57 67.96 28.49
C LEU F 319 29.34 68.24 29.78
N ASP F 320 28.72 68.01 30.93
CA ASP F 320 29.45 68.14 32.20
C ASP F 320 30.53 67.07 32.33
N LEU F 321 30.32 65.92 31.70
CA LEU F 321 31.35 64.87 31.73
C LEU F 321 32.63 65.33 31.03
N LEU F 322 32.51 66.19 30.02
CA LEU F 322 33.69 66.74 29.36
C LEU F 322 34.52 67.56 30.33
N ALA F 323 33.87 68.42 31.11
CA ALA F 323 34.58 69.19 32.12
C ALA F 323 35.14 68.28 33.21
N LYS F 324 34.39 67.24 33.58
CA LYS F 324 34.86 66.30 34.60
C LYS F 324 36.14 65.60 34.16
N LEU F 325 36.20 65.16 32.91
CA LEU F 325 37.40 64.50 32.42
C LEU F 325 38.53 65.48 32.16
N SER F 326 38.21 66.73 31.77
CA SER F 326 39.24 67.74 31.60
C SER F 326 39.91 68.06 32.94
N GLN F 327 39.12 68.15 34.01
CA GLN F 327 39.69 68.38 35.34
C GLN F 327 40.57 67.21 35.77
N SER F 328 40.15 65.98 35.46
CA SER F 328 40.93 64.80 35.82
C SER F 328 42.18 64.65 34.96
N GLY F 329 42.32 65.42 33.88
CA GLY F 329 43.48 65.33 33.04
C GLY F 329 43.38 64.36 31.89
N HIS F 330 42.16 63.93 31.52
CA HIS F 330 41.99 62.98 30.44
C HIS F 330 42.18 63.66 29.09
N LYS F 331 43.43 63.71 28.61
CA LYS F 331 43.71 64.32 27.32
C LYS F 331 43.18 63.48 26.16
N ARG F 332 43.31 62.16 26.27
CA ARG F 332 42.88 61.24 25.21
C ARG F 332 41.79 60.32 25.76
N ILE F 333 40.71 60.17 25.00
CA ILE F 333 39.59 59.34 25.37
C ILE F 333 39.38 58.29 24.29
N GLU F 334 39.29 57.03 24.70
CA GLU F 334 39.12 55.92 23.76
C GLU F 334 37.65 55.60 23.62
N THR F 335 37.12 55.73 22.40
CA THR F 335 35.74 55.40 22.08
C THR F 335 35.72 54.39 20.95
N LEU F 336 34.69 53.55 20.95
CA LEU F 336 34.60 52.50 19.95
C LEU F 336 34.26 53.10 18.58
N PHE F 337 34.09 52.23 17.59
CA PHE F 337 33.96 52.69 16.20
C PHE F 337 32.74 53.59 16.01
N THR F 338 31.60 53.20 16.56
CA THR F 338 30.35 53.95 16.46
C THR F 338 29.96 54.23 15.00
N ASN F 339 30.43 53.38 14.08
CA ASN F 339 30.18 53.56 12.66
C ASN F 339 29.22 52.49 12.17
N ASP F 340 28.19 52.91 11.44
CA ASP F 340 27.22 51.98 10.86
C ASP F 340 27.12 52.28 9.37
N LEU F 341 28.06 51.73 8.60
CA LEU F 341 27.99 51.69 7.14
C LEU F 341 28.02 50.26 6.64
N ASP F 342 29.02 49.47 7.07
CA ASP F 342 29.05 48.03 6.90
C ASP F 342 28.99 47.30 8.22
N HIS F 343 29.66 47.82 9.25
CA HIS F 343 29.55 47.29 10.59
C HIS F 343 28.22 47.72 11.22
N GLY F 344 27.90 47.12 12.36
CA GLY F 344 26.66 47.41 13.05
C GLY F 344 26.80 47.33 14.54
N PRO F 345 25.80 47.84 15.27
CA PRO F 345 25.84 47.81 16.73
C PRO F 345 25.51 46.42 17.27
N TYR F 346 26.53 45.73 17.73
CA TYR F 346 26.38 44.39 18.31
C TYR F 346 27.27 44.30 19.55
N ILE F 347 27.19 43.16 20.23
CA ILE F 347 27.99 42.86 21.41
C ILE F 347 27.67 43.84 22.54
N SER F 348 27.85 45.13 22.28
CA SER F 348 27.59 46.14 23.30
C SER F 348 26.13 46.15 23.72
N GLU F 349 25.21 45.93 22.78
CA GLU F 349 23.79 45.86 23.12
C GLU F 349 23.51 44.70 24.07
N THR F 350 24.09 43.53 23.77
CA THR F 350 23.91 42.38 24.65
C THR F 350 24.55 42.61 26.01
N LEU F 351 25.68 43.33 26.06
CA LEU F 351 26.29 43.65 27.34
C LEU F 351 25.42 44.62 28.13
N ARG F 352 24.70 45.51 27.43
CA ARG F 352 23.74 46.37 28.11
C ARG F 352 22.51 45.57 28.56
N VAL F 353 22.22 44.46 27.90
CA VAL F 353 21.07 43.64 28.28
C VAL F 353 21.28 43.01 29.65
N ASP F 354 22.47 42.44 29.88
CA ASP F 354 22.73 41.73 31.12
C ASP F 354 23.88 42.37 31.88
N PRO F 355 23.73 42.56 33.20
CA PRO F 355 24.77 43.25 33.98
C PRO F 355 25.86 42.37 34.55
N THR F 356 25.81 41.05 34.34
CA THR F 356 26.83 40.16 34.89
C THR F 356 28.18 40.46 34.24
N ASN F 357 29.16 40.85 35.06
CA ASN F 357 30.47 41.26 34.58
C ASN F 357 31.60 40.47 35.23
N ASP F 358 31.29 39.34 35.85
CA ASP F 358 32.28 38.52 36.53
C ASP F 358 32.21 37.08 36.01
N ARG F 359 33.37 36.40 36.05
CA ARG F 359 33.40 34.99 35.67
C ARG F 359 32.53 34.16 36.60
N LEU F 360 32.58 34.46 37.91
CA LEU F 360 31.73 33.76 38.87
C LEU F 360 30.26 34.02 38.58
N SER F 361 29.90 35.28 38.28
CA SER F 361 28.52 35.61 37.98
C SER F 361 28.04 34.90 36.73
N ALA F 362 28.88 34.88 35.68
CA ALA F 362 28.50 34.16 34.46
C ALA F 362 28.34 32.66 34.71
N LEU F 363 29.26 32.09 35.49
CA LEU F 363 29.19 30.65 35.77
C LEU F 363 27.93 30.30 36.54
N VAL F 364 27.60 31.09 37.58
CA VAL F 364 26.41 30.79 38.36
C VAL F 364 25.15 31.05 37.53
N GLU F 365 25.18 32.05 36.66
CA GLU F 365 24.02 32.34 35.81
C GLU F 365 23.76 31.19 34.85
N ILE F 366 24.81 30.68 34.20
CA ILE F 366 24.61 29.56 33.27
C ILE F 366 24.25 28.29 34.03
N TYR F 367 24.76 28.14 35.27
CA TYR F 367 24.37 27.00 36.08
C TYR F 367 22.87 27.02 36.41
N ARG F 368 22.36 28.19 36.78
CA ARG F 368 20.92 28.32 37.02
C ARG F 368 20.13 28.21 35.72
N MET F 369 20.75 28.57 34.59
CA MET F 369 20.06 28.57 33.31
C MET F 369 19.82 27.15 32.81
N MET F 370 20.90 26.38 32.61
CA MET F 370 20.70 25.06 32.02
C MET F 370 20.01 24.12 33.00
N ARG F 371 20.19 24.35 34.30
CA ARG F 371 19.71 23.45 35.35
C ARG F 371 18.96 24.27 36.39
N PRO F 372 17.64 24.16 36.45
CA PRO F 372 16.87 24.96 37.41
C PRO F 372 16.86 24.35 38.81
N GLY F 373 17.76 23.42 39.06
CA GLY F 373 17.79 22.73 40.35
C GLY F 373 18.52 23.47 41.44
N GLU F 374 19.35 22.75 42.18
CA GLU F 374 20.03 23.34 43.32
C GLU F 374 21.06 24.37 42.87
N PRO F 375 21.14 25.52 43.53
CA PRO F 375 22.17 26.52 43.19
C PRO F 375 23.55 25.98 43.51
N PRO F 376 24.59 26.44 42.79
CA PRO F 376 25.92 25.89 42.97
C PRO F 376 26.68 26.50 44.15
N THR F 377 27.84 25.94 44.45
CA THR F 377 28.70 26.40 45.54
C THR F 377 30.11 26.72 45.01
N ARG F 378 30.16 27.43 43.88
CA ARG F 378 31.40 27.86 43.22
C ARG F 378 32.12 26.68 42.59
N GLU F 379 31.66 25.46 42.89
CA GLU F 379 32.27 24.25 42.36
C GLU F 379 31.42 23.55 41.31
N ALA F 380 30.10 23.55 41.48
CA ALA F 380 29.24 22.94 40.47
C ALA F 380 29.28 23.73 39.16
N ALA F 381 29.35 25.06 39.25
CA ALA F 381 29.39 25.89 38.05
C ALA F 381 30.66 25.64 37.25
N GLU F 382 31.82 25.64 37.92
CA GLU F 382 33.07 25.41 37.22
C GLU F 382 33.12 24.00 36.62
N SER F 383 32.67 23.00 37.39
CA SER F 383 32.68 21.64 36.89
C SER F 383 31.77 21.47 35.69
N LEU F 384 30.57 22.06 35.73
CA LEU F 384 29.67 21.99 34.59
C LEU F 384 30.22 22.72 33.38
N PHE F 385 30.87 23.88 33.57
CA PHE F 385 31.43 24.59 32.43
C PHE F 385 32.57 23.79 31.82
N GLU F 386 33.35 23.11 32.66
CA GLU F 386 34.41 22.25 32.13
C GLU F 386 33.83 21.04 31.40
N ASN F 387 32.75 20.46 31.91
CA ASN F 387 32.21 19.24 31.33
C ASN F 387 31.45 19.50 30.04
N LEU F 388 30.70 20.60 29.97
CA LEU F 388 29.86 20.86 28.81
C LEU F 388 30.71 21.08 27.55
N PHE F 389 31.54 22.12 27.56
CA PHE F 389 32.48 22.39 26.49
C PHE F 389 33.90 22.32 27.01
N PHE F 390 34.84 22.32 26.08
CA PHE F 390 36.27 22.13 26.36
C PHE F 390 36.50 21.05 27.43
N SER F 391 35.98 19.86 27.14
CA SER F 391 36.19 18.68 27.97
C SER F 391 36.82 17.59 27.12
N GLU F 392 37.78 16.86 27.70
CA GLU F 392 38.48 15.83 26.93
C GLU F 392 37.55 14.68 26.58
N ASP F 393 36.70 14.25 27.51
CA ASP F 393 35.89 13.05 27.32
C ASP F 393 34.40 13.34 27.14
N ARG F 394 33.84 14.31 27.87
CA ARG F 394 32.41 14.57 27.78
C ARG F 394 32.02 15.11 26.41
N TYR F 395 32.86 15.97 25.83
CA TYR F 395 32.58 16.62 24.56
C TYR F 395 33.75 16.33 23.62
N ASP F 396 33.43 16.00 22.36
CA ASP F 396 34.49 15.62 21.43
C ASP F 396 34.02 15.83 20.00
N LEU F 397 34.63 16.80 19.30
CA LEU F 397 34.50 16.86 17.85
C LEU F 397 35.34 15.77 17.21
N SER F 398 34.86 15.25 16.09
CA SER F 398 35.63 14.28 15.34
C SER F 398 36.69 15.00 14.49
N ALA F 399 37.56 14.22 13.86
CA ALA F 399 38.56 14.80 12.96
C ALA F 399 37.90 15.51 11.79
N VAL F 400 36.84 14.92 11.24
CA VAL F 400 36.08 15.57 10.19
C VAL F 400 35.47 16.87 10.70
N GLY F 401 35.00 16.89 11.95
CA GLY F 401 34.48 18.13 12.51
C GLY F 401 35.55 19.20 12.61
N ARG F 402 36.75 18.84 13.05
CA ARG F 402 37.84 19.80 13.13
C ARG F 402 38.21 20.33 11.75
N MET F 403 38.28 19.46 10.75
CA MET F 403 38.66 19.92 9.42
C MET F 403 37.58 20.81 8.82
N LYS F 404 36.30 20.48 9.04
CA LYS F 404 35.22 21.34 8.58
C LYS F 404 35.27 22.70 9.29
N PHE F 405 35.59 22.69 10.59
CA PHE F 405 35.75 23.93 11.34
C PHE F 405 36.85 24.80 10.73
N ASN F 406 38.01 24.20 10.48
CA ASN F 406 39.14 24.96 9.95
C ASN F 406 38.85 25.49 8.55
N ARG F 407 38.21 24.67 7.71
CA ARG F 407 37.87 25.14 6.36
C ARG F 407 36.84 26.25 6.39
N SER F 408 35.84 26.15 7.27
CA SER F 408 34.77 27.14 7.29
C SER F 408 35.26 28.50 7.78
N LEU F 409 36.29 28.53 8.62
CA LEU F 409 36.83 29.78 9.14
C LEU F 409 38.12 30.19 8.45
N LEU F 410 38.49 29.54 7.35
CA LEU F 410 39.67 29.89 6.56
C LEU F 410 40.93 29.87 7.41
N ARG F 411 41.26 28.68 7.92
CA ARG F 411 42.44 28.47 8.75
C ARG F 411 43.43 27.58 8.00
N GLU F 412 44.70 27.96 8.00
CA GLU F 412 45.71 27.23 7.24
C GLU F 412 45.86 25.80 7.74
N GLU F 413 45.91 25.60 9.05
CA GLU F 413 46.08 24.27 9.61
C GLU F 413 44.79 23.48 9.50
N ILE F 414 44.92 22.18 9.25
CA ILE F 414 43.79 21.27 9.18
C ILE F 414 43.69 20.41 10.43
N GLU F 415 44.79 19.80 10.84
CA GLU F 415 44.83 19.05 12.08
C GLU F 415 44.78 19.99 13.28
N GLY F 416 44.38 19.44 14.41
CA GLY F 416 44.31 20.23 15.63
C GLY F 416 43.69 19.43 16.75
N SER F 417 43.54 20.10 17.89
CA SER F 417 42.93 19.47 19.04
C SER F 417 41.46 19.16 18.76
N GLY F 418 41.03 17.97 19.16
CA GLY F 418 39.66 17.54 18.94
C GLY F 418 38.66 18.25 19.84
N ILE F 419 39.08 19.35 20.46
CA ILE F 419 38.26 20.12 21.37
C ILE F 419 38.33 21.58 20.97
N LEU F 420 37.30 22.34 21.36
CA LEU F 420 37.20 23.74 21.01
C LEU F 420 37.86 24.61 22.08
N SER F 421 38.62 25.61 21.63
CA SER F 421 39.40 26.47 22.50
C SER F 421 38.71 27.81 22.69
N LYS F 422 39.39 28.74 23.37
CA LYS F 422 38.81 30.05 23.67
C LYS F 422 38.63 30.88 22.39
N ASP F 423 39.68 30.96 21.57
CA ASP F 423 39.60 31.75 20.34
C ASP F 423 38.59 31.21 19.34
N ASP F 424 38.20 29.94 19.49
CA ASP F 424 37.27 29.33 18.54
C ASP F 424 35.91 30.01 18.60
N ILE F 425 35.37 30.21 19.81
CA ILE F 425 34.07 30.86 19.96
C ILE F 425 34.14 32.31 19.50
N ILE F 426 35.26 32.99 19.79
CA ILE F 426 35.44 34.35 19.32
C ILE F 426 35.42 34.40 17.80
N ASP F 427 36.09 33.44 17.16
CA ASP F 427 36.13 33.41 15.69
C ASP F 427 34.75 33.18 15.09
N VAL F 428 33.99 32.23 15.64
CA VAL F 428 32.68 31.96 15.05
C VAL F 428 31.73 33.12 15.29
N MET F 429 31.82 33.76 16.47
CA MET F 429 31.00 34.94 16.73
C MET F 429 31.36 36.09 15.78
N LYS F 430 32.66 36.29 15.54
CA LYS F 430 33.08 37.34 14.61
C LYS F 430 32.58 37.05 13.19
N LYS F 431 32.64 35.78 12.78
CA LYS F 431 32.15 35.43 11.45
C LYS F 431 30.64 35.63 11.35
N LEU F 432 29.90 35.31 12.40
CA LEU F 432 28.46 35.55 12.40
C LEU F 432 28.13 37.03 12.38
N ILE F 433 28.96 37.85 13.02
CA ILE F 433 28.79 39.30 12.90
C ILE F 433 29.06 39.75 11.47
N ASP F 434 30.11 39.21 10.86
CA ASP F 434 30.50 39.61 9.51
C ASP F 434 29.44 39.24 8.48
N ILE F 435 28.83 38.05 8.62
CA ILE F 435 27.86 37.63 7.61
C ILE F 435 26.65 38.55 7.60
N ARG F 436 26.24 39.06 8.77
CA ARG F 436 25.19 40.07 8.79
C ARG F 436 25.71 41.42 8.32
N ASN F 437 26.99 41.71 8.56
CA ASN F 437 27.58 42.95 8.07
C ASN F 437 27.59 43.03 6.55
N GLY F 438 27.59 41.89 5.87
CA GLY F 438 27.58 41.88 4.42
C GLY F 438 28.64 40.97 3.84
N LYS F 439 29.81 40.93 4.46
CA LYS F 439 30.89 40.05 4.01
C LYS F 439 30.51 38.60 4.26
N GLY F 440 30.79 37.74 3.27
CA GLY F 440 30.45 36.34 3.37
C GLY F 440 29.04 36.06 2.92
N GLU F 441 28.70 34.77 2.93
CA GLU F 441 27.39 34.32 2.48
C GLU F 441 27.01 33.06 3.23
N VAL F 442 25.70 32.78 3.25
CA VAL F 442 25.17 31.59 3.89
C VAL F 442 25.38 30.37 2.98
N ASP F 443 25.72 29.25 3.58
CA ASP F 443 25.98 28.02 2.84
C ASP F 443 24.70 27.22 2.63
N ASP F 444 24.78 26.24 1.74
CA ASP F 444 23.66 25.37 1.43
C ASP F 444 23.65 24.17 2.37
N ILE F 445 22.51 23.93 3.00
CA ILE F 445 22.40 22.81 3.94
C ILE F 445 22.47 21.48 3.20
N ASP F 446 21.83 21.40 2.03
CA ASP F 446 21.75 20.16 1.26
C ASP F 446 22.95 19.94 0.35
N HIS F 447 23.97 20.80 0.43
CA HIS F 447 25.20 20.57 -0.29
C HIS F 447 25.81 19.23 0.11
N LEU F 448 26.21 18.43 -0.88
CA LEU F 448 26.78 17.13 -0.59
C LEU F 448 28.16 17.22 0.05
N GLY F 449 28.77 18.39 0.06
CA GLY F 449 29.98 18.60 0.83
C GLY F 449 29.74 18.85 2.30
N ASN F 450 28.49 19.11 2.69
CA ASN F 450 28.12 19.27 4.08
C ASN F 450 27.41 18.05 4.63
N ARG F 451 27.36 16.95 3.87
CA ARG F 451 26.68 15.73 4.29
C ARG F 451 27.70 14.60 4.28
N ARG F 452 27.86 13.94 5.43
CA ARG F 452 28.79 12.84 5.58
C ARG F 452 28.06 11.51 5.44
N ILE F 453 28.83 10.47 5.13
CA ILE F 453 28.32 9.11 5.05
C ILE F 453 29.11 8.24 6.01
N ARG F 454 28.41 7.62 6.96
CA ARG F 454 29.00 6.70 7.91
C ARG F 454 28.57 5.28 7.54
N SER F 455 29.53 4.37 7.52
CA SER F 455 29.29 3.00 7.12
C SER F 455 29.11 2.10 8.35
N VAL F 456 29.12 0.79 8.11
CA VAL F 456 28.92 -0.17 9.21
C VAL F 456 30.05 -0.08 10.22
N GLY F 457 31.29 0.06 9.74
CA GLY F 457 32.43 0.05 10.64
C GLY F 457 32.39 1.18 11.65
N GLU F 458 32.03 2.38 11.21
CA GLU F 458 31.99 3.52 12.13
C GLU F 458 30.92 3.34 13.20
N MET F 459 29.74 2.83 12.81
CA MET F 459 28.68 2.59 13.78
C MET F 459 29.07 1.52 14.78
N ALA F 460 29.68 0.43 14.30
CA ALA F 460 30.16 -0.60 15.21
C ALA F 460 31.23 -0.06 16.13
N GLU F 461 32.09 0.83 15.62
CA GLU F 461 33.10 1.49 16.44
C GLU F 461 32.45 2.29 17.56
N ASN F 462 31.42 3.07 17.23
CA ASN F 462 30.74 3.87 18.24
C ASN F 462 30.09 2.98 19.29
N GLN F 463 29.43 1.91 18.85
CA GLN F 463 28.79 1.00 19.81
C GLN F 463 29.81 0.34 20.72
N PHE F 464 30.94 -0.10 20.16
CA PHE F 464 31.97 -0.73 20.97
C PHE F 464 32.60 0.27 21.93
N ARG F 465 32.75 1.52 21.52
CA ARG F 465 33.26 2.54 22.42
C ARG F 465 32.31 2.80 23.58
N VAL F 466 31.00 2.82 23.28
CA VAL F 466 30.01 2.98 24.35
C VAL F 466 30.09 1.81 25.33
N GLY F 467 30.18 0.59 24.79
CA GLY F 467 30.33 -0.56 25.66
C GLY F 467 31.59 -0.53 26.50
N LEU F 468 32.70 -0.08 25.90
CA LEU F 468 33.96 0.02 26.63
C LEU F 468 33.87 1.04 27.75
N VAL F 469 33.20 2.17 27.50
CA VAL F 469 32.99 3.17 28.55
C VAL F 469 32.16 2.57 29.68
N ARG F 470 31.10 1.85 29.32
CA ARG F 470 30.26 1.21 30.34
C ARG F 470 31.06 0.22 31.17
N VAL F 471 31.93 -0.55 30.53
CA VAL F 471 32.76 -1.52 31.25
C VAL F 471 33.74 -0.80 32.17
N GLU F 472 34.40 0.24 31.66
CA GLU F 472 35.39 0.97 32.45
C GLU F 472 34.75 1.62 33.67
N ARG F 473 33.48 2.03 33.56
CA ARG F 473 32.80 2.67 34.68
C ARG F 473 32.88 1.83 35.95
N ALA F 474 32.71 0.51 35.83
CA ALA F 474 32.82 -0.37 36.99
C ALA F 474 34.20 -1.02 37.11
N VAL F 475 34.99 -1.04 36.03
CA VAL F 475 36.38 -1.47 36.16
C VAL F 475 37.12 -0.56 37.13
N LYS F 476 36.85 0.74 37.07
CA LYS F 476 37.45 1.67 38.02
C LYS F 476 37.05 1.34 39.45
N GLU F 477 35.78 1.01 39.67
CA GLU F 477 35.32 0.68 41.02
C GLU F 477 35.97 -0.60 41.52
N ARG F 478 36.14 -1.59 40.65
CA ARG F 478 36.72 -2.87 41.08
C ARG F 478 38.16 -2.69 41.57
N LEU F 479 38.90 -1.74 40.99
CA LEU F 479 40.30 -1.58 41.36
C LEU F 479 40.46 -0.98 42.75
N SER F 480 39.42 -0.36 43.29
CA SER F 480 39.53 0.30 44.59
C SER F 480 39.77 -0.72 45.70
N LEU F 481 39.08 -1.86 45.66
CA LEU F 481 39.17 -2.88 46.69
C LEU F 481 39.94 -4.11 46.22
N GLY F 482 40.75 -3.97 45.17
CA GLY F 482 41.46 -5.11 44.62
C GLY F 482 42.82 -5.36 45.27
N ASP F 483 43.05 -6.60 45.67
CA ASP F 483 44.33 -6.99 46.24
C ASP F 483 45.25 -7.52 45.14
N LEU F 484 46.44 -7.98 45.54
CA LEU F 484 47.40 -8.47 44.56
C LEU F 484 46.99 -9.81 43.96
N ASP F 485 46.10 -10.55 44.62
CA ASP F 485 45.70 -11.87 44.12
C ASP F 485 44.79 -11.77 42.90
N THR F 486 44.21 -10.60 42.64
CA THR F 486 43.26 -10.46 41.53
C THR F 486 43.99 -10.52 40.20
N LEU F 487 43.42 -11.28 39.25
CA LEU F 487 43.87 -11.32 37.87
C LEU F 487 42.80 -10.69 36.97
N MET F 488 43.15 -10.50 35.69
CA MET F 488 42.25 -9.87 34.73
C MET F 488 40.89 -10.55 34.59
N PRO F 489 40.83 -11.89 34.50
CA PRO F 489 39.50 -12.52 34.56
C PRO F 489 38.71 -12.13 35.78
N GLN F 490 39.36 -12.00 36.94
CA GLN F 490 38.72 -11.56 38.18
C GLN F 490 38.85 -10.06 38.40
N ASP F 491 39.41 -9.31 37.44
CA ASP F 491 39.52 -7.86 37.53
C ASP F 491 38.33 -7.16 36.89
N MET F 492 37.15 -7.77 36.94
CA MET F 492 35.92 -7.18 36.41
C MET F 492 36.02 -6.96 34.90
N ILE F 493 36.17 -8.06 34.17
CA ILE F 493 36.27 -7.98 32.72
C ILE F 493 34.95 -7.49 32.13
N ASN F 494 33.83 -8.06 32.57
CA ASN F 494 32.48 -7.67 32.14
C ASN F 494 32.33 -7.73 30.62
N ALA F 495 32.44 -8.95 30.09
CA ALA F 495 32.17 -9.17 28.67
C ALA F 495 30.70 -8.98 28.32
N LYS F 496 29.81 -9.13 29.30
CA LYS F 496 28.37 -9.12 29.02
C LYS F 496 27.89 -7.78 28.46
N PRO F 497 28.22 -6.62 29.05
CA PRO F 497 27.77 -5.36 28.41
C PRO F 497 28.29 -5.19 26.99
N ILE F 498 29.54 -5.57 26.74
CA ILE F 498 30.12 -5.43 25.40
C ILE F 498 29.34 -6.28 24.42
N SER F 499 29.13 -7.56 24.76
CA SER F 499 28.41 -8.46 23.87
C SER F 499 26.97 -7.99 23.66
N ALA F 500 26.33 -7.53 24.74
CA ALA F 500 24.94 -7.10 24.63
C ALA F 500 24.82 -5.88 23.71
N ALA F 501 25.70 -4.90 23.87
CA ALA F 501 25.63 -3.71 23.02
C ALA F 501 25.93 -4.06 21.56
N VAL F 502 26.95 -4.89 21.32
CA VAL F 502 27.32 -5.24 19.95
C VAL F 502 26.17 -6.01 19.28
N LYS F 503 25.60 -6.98 19.99
CA LYS F 503 24.51 -7.75 19.43
C LYS F 503 23.27 -6.90 19.23
N GLU F 504 23.00 -5.96 20.14
CA GLU F 504 21.84 -5.10 20.00
C GLU F 504 21.98 -4.22 18.76
N PHE F 505 23.18 -3.69 18.51
CA PHE F 505 23.37 -2.92 17.29
C PHE F 505 23.23 -3.79 16.04
N PHE F 506 23.91 -4.94 16.02
CA PHE F 506 23.98 -5.72 14.79
C PHE F 506 22.65 -6.39 14.45
N GLY F 507 21.88 -6.79 15.45
CA GLY F 507 20.65 -7.54 15.20
C GLY F 507 19.39 -6.70 15.14
N SER F 508 19.16 -5.87 16.15
CA SER F 508 17.93 -5.10 16.29
C SER F 508 18.27 -3.61 16.24
N SER F 509 18.29 -3.04 15.03
CA SER F 509 18.58 -1.63 14.85
C SER F 509 17.74 -1.10 13.69
N GLN F 510 17.72 0.23 13.56
CA GLN F 510 16.95 0.84 12.49
C GLN F 510 17.61 0.63 11.13
N LEU F 511 18.94 0.60 11.10
CA LEU F 511 19.70 0.49 9.85
C LEU F 511 20.35 -0.87 9.68
N SER F 512 19.76 -1.91 10.25
CA SER F 512 20.18 -3.30 10.03
C SER F 512 18.93 -4.10 9.68
N GLN F 513 18.62 -4.19 8.40
CA GLN F 513 17.39 -4.79 7.92
C GLN F 513 17.67 -6.07 7.15
N PHE F 514 16.61 -6.86 6.96
CA PHE F 514 16.71 -8.09 6.19
C PHE F 514 17.15 -7.79 4.77
N MET F 515 18.13 -8.55 4.27
CA MET F 515 18.62 -8.32 2.91
C MET F 515 17.64 -8.90 1.91
N ASP F 516 17.33 -8.12 0.87
CA ASP F 516 16.50 -8.62 -0.22
C ASP F 516 17.25 -9.70 -0.99
N GLN F 517 16.54 -10.77 -1.34
CA GLN F 517 17.16 -11.92 -1.99
C GLN F 517 16.53 -12.28 -3.33
N ASN F 518 15.77 -11.37 -3.94
CA ASN F 518 15.26 -11.58 -5.28
C ASN F 518 16.30 -11.07 -6.28
N ASN F 519 16.90 -11.99 -7.03
CA ASN F 519 18.00 -11.72 -7.96
C ASN F 519 19.24 -11.24 -7.22
N PRO F 520 20.43 -11.30 -7.85
CA PRO F 520 21.59 -10.64 -7.26
C PRO F 520 21.51 -9.13 -7.28
N LEU F 521 20.66 -8.57 -8.15
CA LEU F 521 20.55 -7.11 -8.25
C LEU F 521 20.02 -6.50 -6.98
N SER F 522 19.03 -7.12 -6.36
CA SER F 522 18.49 -6.60 -5.09
C SER F 522 19.55 -6.62 -4.01
N GLU F 523 20.32 -7.70 -3.91
CA GLU F 523 21.39 -7.75 -2.92
C GLU F 523 22.43 -6.67 -3.18
N ILE F 524 22.81 -6.49 -4.45
CA ILE F 524 23.81 -5.48 -4.80
C ILE F 524 23.32 -4.10 -4.41
N THR F 525 22.09 -3.76 -4.81
CA THR F 525 21.57 -2.42 -4.55
C THR F 525 21.26 -2.19 -3.07
N HIS F 526 20.97 -3.25 -2.31
CA HIS F 526 20.73 -3.07 -0.88
C HIS F 526 22.04 -2.91 -0.12
N LYS F 527 23.09 -3.61 -0.54
CA LYS F 527 24.37 -3.47 0.14
C LYS F 527 24.94 -2.07 -0.02
N ARG F 528 24.88 -1.50 -1.23
CA ARG F 528 25.29 -0.12 -1.45
C ARG F 528 24.05 0.78 -1.49
N ARG F 529 23.51 1.00 -0.29
CA ARG F 529 22.32 1.82 -0.10
C ARG F 529 22.66 2.94 0.88
N ILE F 530 22.10 4.12 0.65
CA ILE F 530 22.41 5.32 1.42
C ILE F 530 21.13 5.82 2.03
N SER F 531 21.01 5.73 3.35
CA SER F 531 19.79 6.07 4.07
C SER F 531 19.99 7.35 4.86
N ALA F 532 19.07 8.30 4.71
CA ALA F 532 19.09 9.54 5.46
C ALA F 532 18.51 9.39 6.86
N LEU F 533 17.84 8.27 7.15
CA LEU F 533 17.27 8.03 8.46
C LEU F 533 18.32 7.38 9.36
N GLY F 534 17.90 6.93 10.54
CA GLY F 534 18.80 6.27 11.46
C GLY F 534 18.82 6.94 12.82
N PRO F 535 19.73 6.48 13.70
CA PRO F 535 19.84 7.08 15.03
C PRO F 535 20.24 8.55 14.99
N GLY F 536 21.35 8.85 14.33
CA GLY F 536 21.83 10.20 14.18
C GLY F 536 21.24 10.97 13.01
N GLY F 537 20.31 10.36 12.29
CA GLY F 537 19.71 10.99 11.12
C GLY F 537 18.43 11.74 11.46
N LEU F 538 17.63 11.96 10.43
CA LEU F 538 16.40 12.73 10.54
C LEU F 538 15.18 11.82 10.38
N THR F 539 14.17 12.05 11.21
CA THR F 539 12.92 11.33 11.11
C THR F 539 12.17 11.76 9.84
N ARG F 540 11.37 10.83 9.30
CA ARG F 540 10.62 11.10 8.07
C ARG F 540 9.83 12.39 8.16
N GLU F 541 9.12 12.59 9.27
CA GLU F 541 8.32 13.79 9.43
C GLU F 541 9.16 15.04 9.61
N ARG F 542 10.39 14.91 10.12
CA ARG F 542 11.28 16.06 10.25
C ARG F 542 11.86 16.51 8.92
N ALA F 543 11.68 15.73 7.85
CA ALA F 543 12.22 16.09 6.55
C ALA F 543 11.27 17.03 5.81
N GLY F 544 11.86 17.88 4.97
CA GLY F 544 11.10 18.80 4.16
C GLY F 544 11.25 18.49 2.68
N PHE F 545 10.68 19.38 1.87
CA PHE F 545 10.77 19.20 0.42
C PHE F 545 12.20 19.33 -0.08
N GLU F 546 12.97 20.26 0.49
CA GLU F 546 14.33 20.49 0.00
C GLU F 546 15.22 19.28 0.23
N VAL F 547 14.97 18.50 1.29
CA VAL F 547 15.80 17.34 1.59
C VAL F 547 15.55 16.23 0.58
N ARG F 548 14.39 16.22 -0.06
CA ARG F 548 14.01 15.15 -0.98
C ARG F 548 14.19 15.53 -2.44
N ASP F 549 14.86 16.64 -2.73
CA ASP F 549 15.11 17.06 -4.10
C ASP F 549 16.50 16.62 -4.55
N VAL F 550 16.75 16.75 -5.84
CA VAL F 550 18.03 16.38 -6.44
C VAL F 550 18.92 17.61 -6.44
N HIS F 551 19.83 17.69 -5.48
CA HIS F 551 20.78 18.78 -5.46
C HIS F 551 21.73 18.66 -6.64
N PRO F 552 22.15 19.78 -7.25
CA PRO F 552 23.07 19.70 -8.40
C PRO F 552 24.39 19.03 -8.08
N THR F 553 24.68 18.74 -6.82
CA THR F 553 25.91 18.08 -6.44
C THR F 553 25.77 16.55 -6.42
N HIS F 554 24.57 16.04 -6.73
CA HIS F 554 24.31 14.61 -6.82
C HIS F 554 24.78 14.01 -8.13
N TYR F 555 25.64 14.68 -8.88
CA TYR F 555 25.97 14.26 -10.23
C TYR F 555 26.65 12.89 -10.26
N GLY F 556 27.86 12.79 -9.71
CA GLY F 556 28.60 11.54 -9.81
C GLY F 556 28.64 10.74 -8.53
N ARG F 557 27.77 11.08 -7.57
CA ARG F 557 27.83 10.50 -6.24
C ARG F 557 26.56 9.75 -5.86
N VAL F 558 25.40 10.34 -6.11
CA VAL F 558 24.12 9.76 -5.71
C VAL F 558 23.24 9.65 -6.95
N CYS F 559 22.63 8.48 -7.14
CA CYS F 559 21.77 8.27 -8.29
C CYS F 559 20.56 9.20 -8.24
N PRO F 560 20.22 9.87 -9.34
CA PRO F 560 19.01 10.71 -9.35
C PRO F 560 17.75 9.95 -9.68
N ILE F 561 17.86 8.69 -10.13
CA ILE F 561 16.70 7.95 -10.62
C ILE F 561 16.20 6.97 -9.57
N GLU F 562 17.08 6.07 -9.12
CA GLU F 562 16.67 4.98 -8.26
C GLU F 562 16.43 5.49 -6.84
N THR F 563 15.18 5.41 -6.39
CA THR F 563 14.77 5.79 -5.04
C THR F 563 13.36 5.27 -4.78
N PRO F 564 13.00 4.95 -3.53
CA PRO F 564 11.65 4.49 -3.25
C PRO F 564 10.60 5.55 -3.58
N GLU F 565 9.37 5.10 -3.74
CA GLU F 565 8.33 5.95 -4.33
C GLU F 565 7.49 6.71 -3.31
N GLY F 566 6.71 5.98 -2.50
CA GLY F 566 5.67 6.61 -1.73
C GLY F 566 6.11 7.43 -0.54
N PRO F 567 6.53 6.77 0.54
CA PRO F 567 6.85 7.50 1.77
C PRO F 567 8.30 7.97 1.86
N ASN F 568 9.21 7.26 1.21
CA ASN F 568 10.64 7.45 1.41
C ASN F 568 11.32 8.03 0.17
N ILE F 569 10.59 8.79 -0.64
CA ILE F 569 11.16 9.36 -1.85
C ILE F 569 12.14 10.45 -1.48
N GLY F 570 13.38 10.33 -1.96
CA GLY F 570 14.43 11.28 -1.67
C GLY F 570 15.17 11.03 -0.38
N LEU F 571 14.60 10.26 0.55
CA LEU F 571 15.27 9.96 1.80
C LEU F 571 16.17 8.72 1.70
N ILE F 572 16.02 7.93 0.65
CA ILE F 572 16.86 6.76 0.41
C ILE F 572 17.45 6.88 -0.99
N ASN F 573 18.73 6.56 -1.12
CA ASN F 573 19.44 6.74 -2.38
C ASN F 573 20.35 5.54 -2.63
N SER F 574 20.89 5.48 -3.84
CA SER F 574 21.82 4.45 -4.24
C SER F 574 23.10 5.10 -4.74
N LEU F 575 24.24 4.54 -4.34
CA LEU F 575 25.53 5.06 -4.79
C LEU F 575 25.67 4.89 -6.30
N SER F 576 26.28 5.87 -6.94
CA SER F 576 26.58 5.77 -8.36
C SER F 576 27.62 4.69 -8.60
N VAL F 577 27.81 4.34 -9.87
CA VAL F 577 28.67 3.20 -10.21
C VAL F 577 30.11 3.48 -9.81
N TYR F 578 30.60 4.71 -10.00
CA TYR F 578 31.99 5.05 -9.71
C TYR F 578 32.17 5.80 -8.40
N ALA F 579 31.09 6.09 -7.67
CA ALA F 579 31.20 6.90 -6.47
C ALA F 579 31.89 6.13 -5.35
N GLN F 580 32.82 6.81 -4.66
CA GLN F 580 33.49 6.22 -3.51
C GLN F 580 33.46 7.19 -2.34
N THR F 581 34.09 6.82 -1.23
CA THR F 581 34.06 7.63 -0.01
C THR F 581 35.45 8.19 0.27
N ASN F 582 35.49 9.47 0.61
CA ASN F 582 36.73 10.14 0.96
C ASN F 582 37.28 9.59 2.27
N GLU F 583 38.50 10.01 2.61
CA GLU F 583 39.10 9.61 3.88
C GLU F 583 38.27 10.13 5.05
N TYR F 584 37.77 11.36 4.96
CA TYR F 584 36.96 11.94 6.02
C TYR F 584 35.51 11.46 5.99
N GLY F 585 35.04 10.95 4.86
CA GLY F 585 33.71 10.41 4.74
C GLY F 585 32.78 11.09 3.76
N PHE F 586 33.30 11.87 2.82
CA PHE F 586 32.49 12.55 1.83
C PHE F 586 32.56 11.84 0.49
N LEU F 587 31.50 11.96 -0.30
CA LEU F 587 31.43 11.26 -1.57
C LEU F 587 32.32 11.92 -2.61
N GLU F 588 33.11 11.09 -3.29
CA GLU F 588 33.96 11.54 -4.39
C GLU F 588 33.58 10.81 -5.67
N THR F 589 33.86 11.45 -6.79
CA THR F 589 33.65 10.88 -8.11
C THR F 589 34.89 11.10 -8.95
N PRO F 590 35.23 10.15 -9.82
CA PRO F 590 36.45 10.29 -10.63
C PRO F 590 36.28 11.24 -11.80
N TYR F 591 37.40 11.82 -12.21
CA TYR F 591 37.45 12.67 -13.39
C TYR F 591 38.83 12.52 -14.03
N ARG F 592 38.90 12.86 -15.30
CA ARG F 592 40.15 12.81 -16.06
C ARG F 592 40.75 14.21 -16.15
N LYS F 593 42.04 14.31 -15.84
CA LYS F 593 42.72 15.60 -15.89
C LYS F 593 42.81 16.09 -17.33
N VAL F 594 42.82 17.41 -17.48
CA VAL F 594 42.97 18.06 -18.78
C VAL F 594 44.16 18.99 -18.71
N THR F 595 45.20 18.70 -19.50
CA THR F 595 46.40 19.51 -19.58
C THR F 595 46.47 20.12 -20.98
N ASP F 596 46.63 21.44 -21.04
CA ASP F 596 46.63 22.20 -22.29
C ASP F 596 45.31 21.90 -23.00
N GLY F 597 45.31 21.28 -24.18
CA GLY F 597 44.07 20.94 -24.84
C GLY F 597 43.85 19.46 -24.98
N VAL F 598 44.83 18.66 -24.52
CA VAL F 598 44.78 17.21 -24.63
C VAL F 598 44.31 16.63 -23.30
N VAL F 599 43.34 15.72 -23.37
CA VAL F 599 42.80 15.07 -22.18
C VAL F 599 43.64 13.82 -21.90
N THR F 600 44.33 13.82 -20.77
CA THR F 600 45.18 12.69 -20.41
C THR F 600 44.35 11.60 -19.74
N ASP F 601 45.00 10.45 -19.54
CA ASP F 601 44.35 9.29 -18.92
C ASP F 601 44.48 9.29 -17.40
N GLU F 602 45.21 10.24 -16.81
CA GLU F 602 45.36 10.30 -15.37
C GLU F 602 44.06 10.75 -14.72
N ILE F 603 43.78 10.20 -13.54
CA ILE F 603 42.46 10.30 -12.92
C ILE F 603 42.60 10.90 -11.53
N HIS F 604 41.76 11.89 -11.23
CA HIS F 604 41.64 12.45 -9.89
C HIS F 604 40.23 12.24 -9.36
N TYR F 605 40.13 11.87 -8.08
CA TYR F 605 38.83 11.75 -7.42
C TYR F 605 38.50 13.09 -6.76
N LEU F 606 37.40 13.70 -7.20
CA LEU F 606 36.99 15.01 -6.72
C LEU F 606 35.74 14.88 -5.86
N SER F 607 35.74 15.59 -4.74
CA SER F 607 34.60 15.63 -3.83
C SER F 607 33.70 16.81 -4.18
N ALA F 608 32.68 17.03 -3.35
CA ALA F 608 31.70 18.07 -3.62
C ALA F 608 32.33 19.46 -3.56
N ILE F 609 33.18 19.71 -2.57
CA ILE F 609 33.78 21.03 -2.41
C ILE F 609 34.77 21.30 -3.54
N GLU F 610 35.58 20.29 -3.89
CA GLU F 610 36.66 20.50 -4.85
C GLU F 610 36.12 20.71 -6.26
N GLU F 611 35.12 19.93 -6.67
CA GLU F 611 34.65 19.98 -8.05
C GLU F 611 33.89 21.26 -8.39
N GLY F 612 33.53 22.07 -7.39
CA GLY F 612 32.81 23.30 -7.65
C GLY F 612 33.65 24.43 -8.21
N ASN F 613 34.98 24.31 -8.13
CA ASN F 613 35.88 25.34 -8.63
C ASN F 613 36.33 25.10 -10.06
N TYR F 614 36.71 23.88 -10.39
CA TYR F 614 37.18 23.56 -11.73
C TYR F 614 36.01 23.52 -12.71
N VAL F 615 36.33 23.63 -14.00
CA VAL F 615 35.37 23.48 -15.07
C VAL F 615 35.46 22.05 -15.58
N ILE F 616 34.35 21.32 -15.49
CA ILE F 616 34.31 19.90 -15.78
C ILE F 616 33.68 19.70 -17.15
N ALA F 617 34.36 18.93 -18.01
CA ALA F 617 33.89 18.68 -19.36
C ALA F 617 32.75 17.66 -19.32
N GLN F 618 32.31 17.23 -20.50
CA GLN F 618 31.19 16.31 -20.63
C GLN F 618 31.65 15.00 -21.24
N ALA F 619 31.00 13.90 -20.83
CA ALA F 619 31.37 12.59 -21.34
C ALA F 619 31.08 12.48 -22.83
N ASN F 620 30.01 13.10 -23.30
CA ASN F 620 29.65 13.06 -24.72
C ASN F 620 30.35 14.19 -25.50
N SER F 621 31.66 14.26 -25.32
CA SER F 621 32.50 15.20 -26.02
C SER F 621 33.46 14.42 -26.90
N ASN F 622 33.39 14.64 -28.22
CA ASN F 622 34.21 13.88 -29.15
C ASN F 622 35.68 14.28 -29.03
N LEU F 623 36.56 13.31 -29.23
CA LEU F 623 38.00 13.51 -29.12
C LEU F 623 38.68 13.16 -30.44
N ASP F 624 39.96 13.52 -30.53
CA ASP F 624 40.77 13.21 -31.69
C ASP F 624 41.71 12.04 -31.38
N GLU F 625 42.57 11.72 -32.35
CA GLU F 625 43.54 10.64 -32.14
C GLU F 625 44.52 10.97 -31.03
N GLU F 626 44.99 12.22 -30.98
CA GLU F 626 45.93 12.64 -29.96
C GLU F 626 45.26 13.00 -28.65
N GLY F 627 43.93 13.05 -28.60
CA GLY F 627 43.21 13.41 -27.41
C GLY F 627 42.66 14.83 -27.39
N HIS F 628 43.04 15.65 -28.36
CA HIS F 628 42.54 17.03 -28.40
C HIS F 628 41.05 17.04 -28.73
N PHE F 629 40.37 18.06 -28.23
CA PHE F 629 38.96 18.25 -28.55
C PHE F 629 38.77 18.57 -30.02
N VAL F 630 37.80 17.91 -30.65
CA VAL F 630 37.51 18.17 -32.05
C VAL F 630 36.96 19.58 -32.27
N GLU F 631 36.16 20.07 -31.32
CA GLU F 631 35.52 21.38 -31.43
C GLU F 631 36.21 22.36 -30.50
N ASP F 632 36.35 23.61 -30.95
CA ASP F 632 36.93 24.65 -30.11
C ASP F 632 36.00 25.07 -28.99
N LEU F 633 34.73 24.65 -29.03
CA LEU F 633 33.73 25.00 -28.03
C LEU F 633 33.13 23.72 -27.48
N VAL F 634 33.08 23.62 -26.14
CA VAL F 634 32.67 22.39 -25.46
C VAL F 634 31.72 22.76 -24.33
N THR F 635 30.63 22.00 -24.19
CA THR F 635 29.72 22.17 -23.07
C THR F 635 30.35 21.67 -21.79
N CYS F 636 30.11 22.38 -20.69
CA CYS F 636 30.78 22.10 -19.43
C CYS F 636 29.90 22.57 -18.27
N ARG F 637 30.31 22.17 -17.07
CA ARG F 637 29.71 22.64 -15.82
C ARG F 637 30.79 23.35 -15.01
N SER F 638 30.54 24.61 -14.67
CA SER F 638 31.54 25.42 -13.97
C SER F 638 31.27 25.52 -12.48
N LYS F 639 30.12 26.07 -12.08
CA LYS F 639 29.75 26.19 -10.66
C LYS F 639 28.25 25.94 -10.56
N GLY F 640 27.87 24.67 -10.37
CA GLY F 640 26.48 24.32 -10.24
C GLY F 640 25.63 24.68 -11.44
N GLU F 641 26.24 24.84 -12.61
CA GLU F 641 25.52 25.30 -13.80
C GLU F 641 25.97 24.54 -15.03
N SER F 642 25.56 25.00 -16.21
CA SER F 642 25.99 24.40 -17.47
C SER F 642 26.14 25.51 -18.50
N SER F 643 27.32 25.61 -19.09
CA SER F 643 27.60 26.65 -20.07
C SER F 643 28.48 26.06 -21.16
N LEU F 644 29.02 26.92 -22.01
CA LEU F 644 29.86 26.52 -23.13
C LEU F 644 31.18 27.28 -23.05
N PHE F 645 32.29 26.55 -23.05
CA PHE F 645 33.61 27.13 -22.84
C PHE F 645 34.55 26.78 -23.98
N SER F 646 35.63 27.53 -24.07
CA SER F 646 36.66 27.22 -25.05
C SER F 646 37.42 25.96 -24.65
N ARG F 647 38.11 25.37 -25.62
CA ARG F 647 38.85 24.13 -25.38
C ARG F 647 39.99 24.31 -24.39
N ASP F 648 40.47 25.54 -24.20
CA ASP F 648 41.58 25.80 -23.30
C ASP F 648 41.16 26.05 -21.86
N GLN F 649 39.87 26.34 -21.61
CA GLN F 649 39.40 26.60 -20.27
C GLN F 649 38.88 25.36 -19.55
N VAL F 650 38.92 24.20 -20.20
CA VAL F 650 38.44 22.97 -19.59
C VAL F 650 39.48 22.46 -18.61
N ASP F 651 39.03 22.16 -17.38
CA ASP F 651 39.91 21.68 -16.33
C ASP F 651 39.82 20.18 -16.10
N TYR F 652 38.62 19.61 -16.10
CA TYR F 652 38.42 18.19 -15.87
C TYR F 652 37.42 17.64 -16.88
N MET F 653 37.46 16.33 -17.09
CA MET F 653 36.62 15.65 -18.05
C MET F 653 35.88 14.50 -17.37
N ASP F 654 34.60 14.35 -17.70
CA ASP F 654 33.82 13.23 -17.20
C ASP F 654 34.37 11.92 -17.74
N VAL F 655 34.51 10.94 -16.84
CA VAL F 655 35.17 9.69 -17.21
C VAL F 655 34.29 8.86 -18.15
N SER F 656 33.00 8.78 -17.86
CA SER F 656 32.12 7.92 -18.66
C SER F 656 30.69 8.43 -18.57
N THR F 657 29.86 7.93 -19.47
CA THR F 657 28.46 8.33 -19.53
C THR F 657 27.62 7.70 -18.43
N GLN F 658 28.12 6.66 -17.77
CA GLN F 658 27.39 5.98 -16.71
C GLN F 658 27.62 6.61 -15.34
N GLN F 659 28.46 7.64 -15.24
CA GLN F 659 28.90 8.15 -13.94
C GLN F 659 27.73 8.62 -13.09
N VAL F 660 26.68 9.15 -13.71
CA VAL F 660 25.56 9.68 -12.95
C VAL F 660 24.61 8.58 -12.50
N VAL F 661 24.61 7.42 -13.15
CA VAL F 661 23.59 6.40 -13.00
C VAL F 661 24.12 5.28 -12.13
N SER F 662 23.31 4.83 -11.17
CA SER F 662 23.70 3.78 -10.24
C SER F 662 23.62 2.41 -10.92
N VAL F 663 23.79 1.36 -10.12
CA VAL F 663 23.81 0.00 -10.67
C VAL F 663 22.42 -0.39 -11.18
N GLY F 664 21.39 -0.13 -10.39
CA GLY F 664 20.05 -0.58 -10.76
C GLY F 664 19.56 0.06 -12.06
N ALA F 665 19.81 1.35 -12.23
CA ALA F 665 19.40 2.05 -13.44
C ALA F 665 20.37 1.87 -14.60
N SER F 666 21.55 1.28 -14.35
CA SER F 666 22.51 1.03 -15.43
C SER F 666 22.12 -0.15 -16.30
N LEU F 667 21.19 -1.00 -15.85
CA LEU F 667 20.77 -2.15 -16.62
C LEU F 667 19.51 -1.88 -17.44
N ILE F 668 19.09 -0.62 -17.53
CA ILE F 668 17.94 -0.25 -18.34
C ILE F 668 18.44 0.27 -19.68
N PRO F 669 18.35 -0.52 -20.75
CA PRO F 669 18.82 -0.04 -22.05
C PRO F 669 17.93 1.07 -22.58
N PHE F 670 18.54 1.97 -23.36
CA PHE F 670 17.85 3.14 -23.88
C PHE F 670 17.21 3.94 -22.74
N LEU F 671 17.96 4.10 -21.65
CA LEU F 671 17.45 4.82 -20.48
C LEU F 671 17.17 6.27 -20.83
N GLU F 672 17.99 6.86 -21.71
CA GLU F 672 17.83 8.26 -22.10
C GLU F 672 16.56 8.50 -22.92
N HIS F 673 15.94 7.45 -23.45
CA HIS F 673 14.69 7.60 -24.18
C HIS F 673 13.46 7.46 -23.30
N ASP F 674 13.62 7.14 -22.02
CA ASP F 674 12.51 6.94 -21.11
C ASP F 674 12.33 8.16 -20.21
N ASP F 675 11.09 8.39 -19.79
CA ASP F 675 10.81 9.44 -18.83
C ASP F 675 11.45 9.11 -17.49
N ALA F 676 11.81 10.15 -16.74
CA ALA F 676 12.56 9.95 -15.50
C ALA F 676 11.75 9.17 -14.47
N ASN F 677 10.46 9.49 -14.34
CA ASN F 677 9.63 8.78 -13.36
C ASN F 677 9.39 7.34 -13.78
N ARG F 678 9.16 7.10 -15.07
CA ARG F 678 8.99 5.73 -15.55
C ARG F 678 10.30 4.96 -15.45
N ALA F 679 11.43 5.63 -15.67
CA ALA F 679 12.73 4.99 -15.45
C ALA F 679 12.91 4.62 -13.99
N LEU F 680 12.48 5.51 -13.08
CA LEU F 680 12.52 5.20 -11.65
C LEU F 680 11.66 3.98 -11.34
N MET F 681 10.46 3.92 -11.93
CA MET F 681 9.58 2.77 -11.72
C MET F 681 10.22 1.49 -12.20
N GLY F 682 10.84 1.52 -13.38
CA GLY F 682 11.50 0.33 -13.91
C GLY F 682 12.68 -0.11 -13.06
N ALA F 683 13.48 0.86 -12.59
CA ALA F 683 14.60 0.53 -11.73
C ALA F 683 14.13 -0.09 -10.42
N ASN F 684 13.04 0.44 -9.85
CA ASN F 684 12.49 -0.13 -8.63
C ASN F 684 11.96 -1.54 -8.88
N MET F 685 11.29 -1.76 -10.01
CA MET F 685 10.67 -3.04 -10.29
C MET F 685 11.68 -4.11 -10.69
N GLN F 686 12.83 -3.73 -11.23
CA GLN F 686 13.85 -4.72 -11.58
C GLN F 686 14.32 -5.50 -10.37
N ARG F 687 14.24 -4.92 -9.18
CA ARG F 687 14.72 -5.53 -7.96
C ARG F 687 13.69 -6.44 -7.29
N GLN F 688 12.48 -6.52 -7.86
CA GLN F 688 11.43 -7.38 -7.32
C GLN F 688 11.25 -8.67 -8.12
N ALA F 689 11.91 -8.79 -9.27
CA ALA F 689 11.78 -10.00 -10.08
C ALA F 689 12.36 -11.20 -9.34
N VAL F 690 11.79 -12.37 -9.60
CA VAL F 690 12.22 -13.59 -8.94
C VAL F 690 12.89 -14.50 -9.96
N PRO F 691 13.88 -15.30 -9.57
CA PRO F 691 14.50 -16.23 -10.52
C PRO F 691 13.55 -17.33 -10.93
N THR F 692 13.60 -17.67 -12.22
CA THR F 692 12.74 -18.67 -12.82
C THR F 692 13.45 -20.01 -12.89
N LEU F 693 12.83 -20.98 -13.58
CA LEU F 693 13.42 -22.31 -13.72
C LEU F 693 14.76 -22.25 -14.44
N ARG F 694 14.80 -21.56 -15.57
CA ARG F 694 16.00 -21.45 -16.39
C ARG F 694 16.31 -19.98 -16.64
N ALA F 695 17.54 -19.58 -16.34
CA ALA F 695 17.97 -18.21 -16.62
C ALA F 695 18.06 -17.98 -18.12
N ASP F 696 17.60 -16.82 -18.56
CA ASP F 696 17.62 -16.44 -19.97
C ASP F 696 18.31 -15.09 -20.10
N LYS F 697 19.37 -15.04 -20.90
CA LYS F 697 20.10 -13.80 -21.09
C LYS F 697 19.21 -12.74 -21.73
N PRO F 698 19.42 -11.47 -21.40
CA PRO F 698 18.71 -10.40 -22.12
C PRO F 698 19.30 -10.25 -23.52
N LEU F 699 18.45 -10.38 -24.54
CA LEU F 699 18.91 -10.21 -25.92
C LEU F 699 19.44 -8.80 -26.16
N VAL F 700 18.97 -7.83 -25.39
CA VAL F 700 19.49 -6.46 -25.41
C VAL F 700 19.79 -6.05 -23.98
N GLY F 701 21.04 -5.70 -23.70
CA GLY F 701 21.44 -5.31 -22.37
C GLY F 701 22.28 -4.05 -22.38
N THR F 702 23.04 -3.82 -21.30
CA THR F 702 23.90 -2.65 -21.19
C THR F 702 25.35 -3.00 -20.90
N GLY F 703 25.70 -4.27 -20.80
CA GLY F 703 27.05 -4.68 -20.50
C GLY F 703 27.42 -4.67 -19.04
N MET F 704 26.51 -4.25 -18.16
CA MET F 704 26.75 -4.27 -16.73
C MET F 704 26.25 -5.55 -16.08
N GLU F 705 25.63 -6.45 -16.84
CA GLU F 705 25.13 -7.70 -16.27
C GLU F 705 26.27 -8.56 -15.74
N ARG F 706 27.38 -8.64 -16.48
CA ARG F 706 28.51 -9.45 -16.04
C ARG F 706 29.08 -8.92 -14.73
N ALA F 707 29.26 -7.59 -14.63
CA ALA F 707 29.82 -7.00 -13.42
C ALA F 707 28.91 -7.24 -12.23
N VAL F 708 27.60 -7.04 -12.41
CA VAL F 708 26.66 -7.25 -11.32
C VAL F 708 26.65 -8.70 -10.88
N ALA F 709 26.64 -9.63 -11.85
CA ALA F 709 26.58 -11.06 -11.50
C ALA F 709 27.86 -11.50 -10.77
N VAL F 710 29.02 -11.08 -11.27
CA VAL F 710 30.27 -11.52 -10.66
C VAL F 710 30.48 -10.88 -9.31
N ASP F 711 30.20 -9.58 -9.19
CA ASP F 711 30.52 -8.82 -7.99
C ASP F 711 29.51 -9.02 -6.86
N SER F 712 28.42 -9.73 -7.12
CA SER F 712 27.43 -9.98 -6.08
C SER F 712 27.74 -11.21 -5.24
N GLY F 713 28.72 -12.01 -5.64
CA GLY F 713 29.05 -13.23 -4.92
C GLY F 713 28.05 -14.35 -5.09
N VAL F 714 27.06 -14.18 -5.98
CA VAL F 714 26.04 -15.20 -6.15
C VAL F 714 26.58 -16.39 -6.93
N THR F 715 27.57 -16.15 -7.79
CA THR F 715 28.13 -17.20 -8.62
C THR F 715 29.32 -17.86 -7.93
N ALA F 716 30.03 -18.71 -8.68
CA ALA F 716 31.26 -19.33 -8.22
C ALA F 716 32.38 -18.89 -9.14
N VAL F 717 33.38 -18.21 -8.59
CA VAL F 717 34.49 -17.68 -9.35
C VAL F 717 35.75 -18.45 -8.99
N ALA F 718 36.50 -18.88 -9.99
CA ALA F 718 37.73 -19.63 -9.77
C ALA F 718 38.80 -18.69 -9.22
N LYS F 719 39.23 -18.94 -7.99
CA LYS F 719 40.23 -18.10 -7.36
C LYS F 719 41.58 -18.22 -8.08
N ARG F 720 42.05 -19.44 -8.28
CA ARG F 720 43.30 -19.71 -8.97
C ARG F 720 43.15 -20.91 -9.90
N GLY F 721 42.05 -20.96 -10.63
CA GLY F 721 41.73 -22.13 -11.42
C GLY F 721 42.74 -22.38 -12.54
N GLY F 722 42.98 -23.66 -12.81
CA GLY F 722 43.80 -24.08 -13.92
C GLY F 722 42.99 -24.80 -14.97
N VAL F 723 43.04 -26.13 -14.96
CA VAL F 723 42.20 -26.96 -15.82
C VAL F 723 41.23 -27.73 -14.92
N VAL F 724 39.98 -27.84 -15.35
CA VAL F 724 38.97 -28.49 -14.54
C VAL F 724 39.19 -29.99 -14.57
N GLN F 725 39.16 -30.63 -13.40
CA GLN F 725 39.43 -32.05 -13.27
C GLN F 725 38.15 -32.88 -13.13
N TYR F 726 37.18 -32.41 -12.37
CA TYR F 726 35.97 -33.19 -12.12
C TYR F 726 34.78 -32.25 -11.96
N VAL F 727 33.74 -32.47 -12.75
CA VAL F 727 32.54 -31.66 -12.72
C VAL F 727 31.36 -32.51 -12.25
N ASP F 728 30.62 -32.01 -11.27
CA ASP F 728 29.44 -32.68 -10.77
C ASP F 728 28.36 -31.62 -10.59
N ALA F 729 27.11 -32.07 -10.42
CA ALA F 729 26.02 -31.14 -10.19
C ALA F 729 26.12 -30.43 -8.84
N SER F 730 27.03 -30.89 -7.96
CA SER F 730 27.20 -30.28 -6.66
C SER F 730 28.65 -29.99 -6.30
N ARG F 731 29.63 -30.48 -7.06
CA ARG F 731 31.03 -30.25 -6.77
C ARG F 731 31.78 -29.89 -8.05
N ILE F 732 32.81 -29.05 -7.89
CA ILE F 732 33.74 -28.73 -8.97
C ILE F 732 35.15 -28.86 -8.42
N VAL F 733 35.96 -29.71 -9.05
CA VAL F 733 37.34 -29.96 -8.63
C VAL F 733 38.26 -29.55 -9.77
N ILE F 734 39.18 -28.63 -9.49
CA ILE F 734 40.07 -28.04 -10.48
C ILE F 734 41.51 -28.33 -10.06
N LYS F 735 42.30 -28.84 -11.01
CA LYS F 735 43.73 -29.03 -10.82
C LYS F 735 44.45 -27.76 -11.23
N VAL F 736 45.11 -27.11 -10.27
CA VAL F 736 45.75 -25.83 -10.53
C VAL F 736 46.97 -26.03 -11.43
N ASN F 737 47.20 -25.07 -12.32
CA ASN F 737 48.32 -25.14 -13.23
C ASN F 737 49.64 -25.08 -12.48
N GLU F 738 50.68 -25.68 -13.06
CA GLU F 738 51.99 -25.72 -12.43
C GLU F 738 52.75 -24.42 -12.54
N ASP F 739 52.30 -23.47 -13.36
CA ASP F 739 53.01 -22.20 -13.50
C ASP F 739 53.01 -21.42 -12.19
N GLU F 740 51.88 -21.41 -11.48
CA GLU F 740 51.78 -20.82 -10.16
C GLU F 740 51.33 -21.89 -9.18
N MET F 741 52.01 -21.97 -8.04
CA MET F 741 51.73 -23.03 -7.08
C MET F 741 52.30 -22.62 -5.73
N TYR F 742 51.75 -23.25 -4.68
CA TYR F 742 52.28 -23.08 -3.33
C TYR F 742 53.27 -24.19 -3.05
N PRO F 743 54.53 -23.87 -2.76
CA PRO F 743 55.53 -24.94 -2.57
C PRO F 743 55.14 -25.88 -1.45
N GLY F 744 55.32 -27.18 -1.69
CA GLY F 744 54.97 -28.19 -0.72
C GLY F 744 53.50 -28.54 -0.72
N GLU F 745 53.19 -29.84 -0.64
CA GLU F 745 51.86 -30.42 -0.50
C GLU F 745 51.00 -30.25 -1.75
N ALA F 746 51.49 -29.56 -2.78
CA ALA F 746 50.75 -29.34 -4.04
C ALA F 746 49.38 -28.75 -3.70
N GLY F 747 48.29 -29.28 -4.24
CA GLY F 747 46.97 -28.79 -3.90
C GLY F 747 46.05 -28.61 -5.10
N ILE F 748 44.75 -28.70 -4.85
CA ILE F 748 43.72 -28.52 -5.86
C ILE F 748 42.60 -27.65 -5.27
N ASP F 749 41.75 -27.12 -6.15
CA ASP F 749 40.66 -26.25 -5.73
C ASP F 749 39.35 -27.04 -5.75
N ILE F 750 38.60 -27.00 -4.65
CA ILE F 750 37.32 -27.65 -4.54
C ILE F 750 36.25 -26.60 -4.25
N TYR F 751 35.18 -26.61 -5.04
CA TYR F 751 34.04 -25.74 -4.86
C TYR F 751 32.81 -26.60 -4.63
N ASN F 752 32.12 -26.37 -3.52
CA ASN F 752 30.89 -27.07 -3.19
C ASN F 752 29.72 -26.15 -3.49
N LEU F 753 29.01 -26.44 -4.58
CA LEU F 753 27.88 -25.61 -4.98
C LEU F 753 26.74 -25.74 -3.98
N THR F 754 26.03 -24.63 -3.78
CA THR F 754 24.85 -24.62 -2.92
C THR F 754 23.63 -24.98 -3.76
N LYS F 755 22.99 -26.09 -3.44
CA LYS F 755 21.81 -26.54 -4.16
C LYS F 755 20.59 -25.77 -3.65
N TYR F 756 19.40 -26.25 -3.99
CA TYR F 756 18.16 -25.55 -3.66
C TYR F 756 18.11 -25.20 -2.18
N THR F 757 18.14 -23.90 -1.89
CA THR F 757 18.22 -23.40 -0.53
C THR F 757 17.29 -22.20 -0.40
N ARG F 758 16.51 -22.17 0.68
CA ARG F 758 15.56 -21.10 0.89
C ARG F 758 16.27 -19.76 1.10
N SER F 759 15.77 -18.73 0.44
CA SER F 759 16.31 -17.39 0.54
C SER F 759 15.58 -16.62 1.65
N ASN F 760 15.86 -15.32 1.75
CA ASN F 760 15.18 -14.50 2.74
C ASN F 760 13.73 -14.25 2.35
N GLN F 761 13.44 -14.15 1.06
CA GLN F 761 12.09 -13.92 0.57
C GLN F 761 11.40 -15.22 0.16
N ASN F 762 11.83 -16.35 0.70
CA ASN F 762 11.28 -17.68 0.44
C ASN F 762 11.40 -18.07 -1.03
N THR F 763 12.36 -17.49 -1.75
CA THR F 763 12.63 -17.89 -3.12
C THR F 763 13.66 -19.02 -3.09
N CYS F 764 14.13 -19.46 -4.24
CA CYS F 764 15.11 -20.55 -4.29
C CYS F 764 16.47 -20.01 -4.69
N ILE F 765 17.52 -20.59 -4.11
CA ILE F 765 18.89 -20.32 -4.49
C ILE F 765 19.50 -21.61 -5.00
N ASN F 766 19.92 -21.61 -6.26
CA ASN F 766 20.50 -22.79 -6.89
C ASN F 766 21.70 -22.38 -7.72
N GLN F 767 22.66 -23.29 -7.83
CA GLN F 767 23.88 -23.06 -8.61
C GLN F 767 24.11 -24.24 -9.53
N MET F 768 24.35 -23.96 -10.81
CA MET F 768 24.63 -24.99 -11.81
C MET F 768 25.95 -24.67 -12.49
N PRO F 769 26.77 -25.68 -12.75
CA PRO F 769 28.09 -25.43 -13.35
C PRO F 769 27.99 -24.99 -14.81
N CYS F 770 29.00 -24.23 -15.24
CA CYS F 770 29.15 -23.86 -16.63
C CYS F 770 30.21 -24.69 -17.36
N VAL F 771 31.20 -25.20 -16.65
CA VAL F 771 32.29 -25.97 -17.24
C VAL F 771 31.86 -27.43 -17.34
N SER F 772 32.35 -28.11 -18.37
CA SER F 772 31.95 -29.49 -18.63
C SER F 772 32.97 -30.51 -18.14
N LEU F 773 34.18 -30.48 -18.67
CA LEU F 773 35.28 -31.34 -18.25
C LEU F 773 36.54 -30.93 -18.98
N GLY F 774 37.68 -30.96 -18.28
CA GLY F 774 38.95 -30.63 -18.89
C GLY F 774 39.01 -29.23 -19.49
N GLU F 775 38.07 -28.37 -19.15
CA GLU F 775 38.00 -27.04 -19.73
C GLU F 775 39.04 -26.14 -19.10
N PRO F 776 39.87 -25.45 -19.88
CA PRO F 776 40.88 -24.57 -19.27
C PRO F 776 40.22 -23.31 -18.72
N VAL F 777 40.41 -23.10 -17.41
CA VAL F 777 39.75 -22.02 -16.68
C VAL F 777 40.82 -21.08 -16.14
N GLU F 778 40.69 -19.80 -16.47
CA GLU F 778 41.62 -18.79 -16.00
C GLU F 778 41.17 -18.22 -14.66
N ARG F 779 42.05 -17.45 -14.03
CA ARG F 779 41.70 -16.79 -12.78
C ARG F 779 40.62 -15.75 -13.02
N GLY F 780 39.62 -15.74 -12.14
CA GLY F 780 38.47 -14.86 -12.30
C GLY F 780 37.39 -15.41 -13.20
N ASP F 781 37.53 -16.63 -13.70
CA ASP F 781 36.50 -17.22 -14.55
C ASP F 781 35.27 -17.59 -13.71
N VAL F 782 34.16 -17.82 -14.41
CA VAL F 782 32.91 -18.21 -13.77
C VAL F 782 32.71 -19.70 -13.95
N LEU F 783 32.54 -20.41 -12.84
CA LEU F 783 32.32 -21.86 -12.86
C LEU F 783 30.85 -22.23 -12.76
N ALA F 784 30.14 -21.71 -11.76
CA ALA F 784 28.73 -21.99 -11.56
C ALA F 784 27.96 -20.69 -11.49
N ASP F 785 26.79 -20.66 -12.12
CA ASP F 785 25.91 -19.50 -12.09
C ASP F 785 24.82 -19.71 -11.05
N GLY F 786 24.58 -18.68 -10.24
CA GLY F 786 23.58 -18.75 -9.20
C GLY F 786 22.18 -18.55 -9.75
N PRO F 787 21.23 -18.27 -8.88
CA PRO F 787 19.85 -18.02 -9.34
C PRO F 787 19.79 -16.76 -10.20
N SER F 788 19.08 -16.87 -11.32
CA SER F 788 18.90 -15.77 -12.27
C SER F 788 20.24 -15.23 -12.76
N THR F 789 21.02 -16.12 -13.37
CA THR F 789 22.32 -15.77 -13.93
C THR F 789 22.66 -16.80 -15.00
N ASP F 790 23.08 -16.32 -16.18
CA ASP F 790 23.38 -17.18 -17.31
C ASP F 790 24.81 -16.94 -17.78
N LEU F 791 25.66 -17.96 -17.63
CA LEU F 791 27.05 -17.92 -18.08
C LEU F 791 27.78 -16.71 -17.51
N GLY F 792 27.58 -16.47 -16.23
CA GLY F 792 28.20 -15.32 -15.58
C GLY F 792 27.61 -13.99 -15.95
N GLU F 793 26.42 -13.97 -16.55
CA GLU F 793 25.76 -12.75 -16.96
C GLU F 793 24.44 -12.64 -16.23
N LEU F 794 24.16 -11.47 -15.66
CA LEU F 794 22.92 -11.27 -14.92
C LEU F 794 21.72 -11.46 -15.84
N ALA F 795 20.77 -12.27 -15.40
CA ALA F 795 19.60 -12.58 -16.22
C ALA F 795 18.43 -12.86 -15.26
N LEU F 796 17.61 -11.85 -15.01
CA LEU F 796 16.52 -11.93 -14.04
C LEU F 796 15.15 -11.86 -14.69
N GLY F 797 15.03 -12.26 -15.94
CA GLY F 797 13.76 -12.31 -16.63
C GLY F 797 13.86 -13.26 -17.81
N GLN F 798 12.94 -13.11 -18.77
CA GLN F 798 12.95 -13.95 -19.96
C GLN F 798 12.62 -13.12 -21.18
N ASN F 799 13.21 -13.48 -22.31
CA ASN F 799 12.94 -12.82 -23.58
C ASN F 799 11.66 -13.38 -24.17
N MET F 800 10.73 -12.51 -24.54
CA MET F 800 9.41 -12.92 -24.97
C MET F 800 9.06 -12.16 -26.24
N ARG F 801 8.39 -12.85 -27.17
CA ARG F 801 7.95 -12.21 -28.40
C ARG F 801 6.70 -11.38 -28.11
N VAL F 802 6.80 -10.07 -28.35
CA VAL F 802 5.80 -9.10 -27.92
C VAL F 802 5.26 -8.36 -29.14
N ALA F 803 3.93 -8.25 -29.22
CA ALA F 803 3.26 -7.45 -30.23
C ALA F 803 2.49 -6.33 -29.53
N PHE F 804 2.67 -5.11 -30.03
CA PHE F 804 2.02 -3.93 -29.45
C PHE F 804 0.74 -3.66 -30.22
N MET F 805 -0.40 -4.09 -29.66
CA MET F 805 -1.67 -3.98 -30.35
C MET F 805 -2.79 -4.28 -29.36
N PRO F 806 -3.92 -3.58 -29.45
CA PRO F 806 -5.07 -3.92 -28.60
C PRO F 806 -5.74 -5.19 -29.11
N TRP F 807 -6.10 -6.07 -28.18
CA TRP F 807 -6.64 -7.40 -28.51
C TRP F 807 -7.92 -7.63 -27.71
N ASN F 808 -9.06 -7.25 -28.31
CA ASN F 808 -10.39 -7.48 -27.73
C ASN F 808 -10.52 -6.92 -26.32
N GLY F 809 -9.70 -5.94 -25.95
CA GLY F 809 -9.77 -5.39 -24.62
C GLY F 809 -9.20 -6.27 -23.53
N TYR F 810 -8.57 -7.39 -23.89
CA TYR F 810 -7.91 -8.23 -22.90
C TYR F 810 -6.59 -7.65 -22.43
N ASN F 811 -6.08 -6.62 -23.09
CA ASN F 811 -4.95 -5.83 -22.62
C ASN F 811 -5.37 -4.41 -22.27
N PHE F 812 -6.62 -4.25 -21.83
CA PHE F 812 -7.14 -2.94 -21.47
C PHE F 812 -6.39 -2.39 -20.26
N GLU F 813 -6.27 -1.05 -20.22
CA GLU F 813 -5.48 -0.35 -19.21
C GLU F 813 -4.05 -0.90 -19.28
N ASP F 814 -3.53 -1.53 -18.22
CA ASP F 814 -2.20 -2.09 -18.25
C ASP F 814 -2.19 -3.61 -18.26
N SER F 815 -3.32 -4.23 -18.60
CA SER F 815 -3.41 -5.68 -18.60
C SER F 815 -2.53 -6.28 -19.71
N ILE F 816 -2.14 -7.53 -19.52
CA ILE F 816 -1.24 -8.23 -20.43
C ILE F 816 -1.92 -9.51 -20.88
N LEU F 817 -1.87 -9.79 -22.18
CA LEU F 817 -2.39 -11.02 -22.75
C LEU F 817 -1.23 -11.96 -23.06
N VAL F 818 -1.30 -13.17 -22.53
CA VAL F 818 -0.20 -14.13 -22.59
C VAL F 818 -0.70 -15.39 -23.28
N SER F 819 0.08 -15.91 -24.22
CA SER F 819 -0.26 -17.14 -24.91
C SER F 819 -0.06 -18.35 -23.99
N GLU F 820 -0.65 -19.48 -24.41
CA GLU F 820 -0.54 -20.70 -23.63
C GLU F 820 0.84 -21.35 -23.73
N ARG F 821 1.59 -21.06 -24.79
CA ARG F 821 2.92 -21.65 -24.94
C ARG F 821 3.86 -21.18 -23.83
N VAL F 822 3.66 -19.95 -23.33
CA VAL F 822 4.46 -19.45 -22.23
C VAL F 822 4.27 -20.34 -21.00
N VAL F 823 3.03 -20.74 -20.74
CA VAL F 823 2.76 -21.65 -19.63
C VAL F 823 3.30 -23.03 -19.93
N GLN F 824 3.17 -23.48 -21.18
CA GLN F 824 3.58 -24.84 -21.53
C GLN F 824 5.09 -25.03 -21.37
N GLU F 825 5.89 -24.08 -21.84
CA GLU F 825 7.34 -24.20 -21.80
C GLU F 825 7.93 -23.91 -20.44
N ASP F 826 7.10 -23.83 -19.39
CA ASP F 826 7.53 -23.61 -18.02
C ASP F 826 8.31 -22.31 -17.85
N ARG F 827 8.16 -21.37 -18.77
CA ARG F 827 8.73 -20.05 -18.59
C ARG F 827 7.93 -19.28 -17.53
N PHE F 828 8.64 -18.44 -16.78
CA PHE F 828 8.08 -17.71 -15.65
C PHE F 828 7.56 -18.63 -14.56
N THR F 829 8.10 -19.85 -14.48
CA THR F 829 7.78 -20.79 -13.42
C THR F 829 8.89 -20.76 -12.39
N THR F 830 8.51 -20.55 -11.12
CA THR F 830 9.47 -20.32 -10.05
C THR F 830 9.29 -21.36 -8.95
N ILE F 831 10.37 -21.58 -8.20
CA ILE F 831 10.38 -22.50 -7.06
C ILE F 831 10.47 -21.65 -5.79
N HIS F 832 9.54 -21.90 -4.86
CA HIS F 832 9.51 -21.21 -3.58
C HIS F 832 9.71 -22.21 -2.46
N ILE F 833 10.70 -21.95 -1.60
CA ILE F 833 11.04 -22.84 -0.49
C ILE F 833 10.49 -22.24 0.79
N GLN F 834 9.79 -23.05 1.57
CA GLN F 834 9.24 -22.65 2.85
C GLN F 834 9.78 -23.55 3.95
N GLU F 835 10.12 -22.95 5.09
CA GLU F 835 10.71 -23.67 6.22
C GLU F 835 9.68 -23.78 7.33
N LEU F 836 9.49 -24.99 7.84
CA LEU F 836 8.60 -25.26 8.96
C LEU F 836 9.42 -25.84 10.11
N ALA F 837 9.17 -25.33 11.31
CA ALA F 837 9.95 -25.71 12.48
C ALA F 837 9.04 -26.24 13.58
N CYS F 838 9.40 -27.39 14.13
CA CYS F 838 8.77 -27.96 15.31
C CYS F 838 9.85 -28.25 16.34
N VAL F 839 9.58 -27.91 17.60
CA VAL F 839 10.56 -28.01 18.65
C VAL F 839 10.02 -28.86 19.79
N SER F 840 10.88 -29.72 20.33
CA SER F 840 10.57 -30.49 21.52
C SER F 840 11.31 -29.90 22.72
N ARG F 841 10.62 -29.83 23.85
CA ARG F 841 11.20 -29.23 25.04
C ARG F 841 10.50 -29.75 26.28
N ASP F 842 11.21 -29.73 27.40
CA ASP F 842 10.69 -30.25 28.66
C ASP F 842 9.65 -29.31 29.25
N THR F 843 8.79 -29.85 30.10
CA THR F 843 7.70 -29.09 30.72
C THR F 843 7.46 -29.53 32.15
N LYS F 844 6.31 -29.15 32.71
CA LYS F 844 5.97 -29.54 34.07
C LYS F 844 6.04 -31.05 34.25
N LEU F 845 5.37 -31.80 33.38
CA LEU F 845 5.16 -33.22 33.65
C LEU F 845 6.21 -34.13 33.02
N GLY F 846 7.21 -33.57 32.33
CA GLY F 846 8.25 -34.39 31.75
C GLY F 846 8.71 -33.89 30.39
N PRO F 847 9.30 -34.79 29.60
CA PRO F 847 9.82 -34.40 28.29
C PRO F 847 8.79 -34.54 27.18
N GLU F 848 8.75 -33.53 26.31
CA GLU F 848 7.93 -33.59 25.11
C GLU F 848 8.67 -34.46 24.11
N GLU F 849 8.08 -35.62 23.80
CA GLU F 849 8.84 -36.65 23.12
C GLU F 849 8.30 -36.88 21.71
N ILE F 850 9.23 -37.09 20.77
CA ILE F 850 8.91 -37.17 19.35
C ILE F 850 8.97 -38.64 18.92
N THR F 851 7.85 -39.15 18.40
CA THR F 851 7.74 -40.52 17.94
C THR F 851 6.83 -40.58 16.73
N ALA F 852 6.97 -41.66 15.95
CA ALA F 852 6.01 -41.93 14.89
C ALA F 852 4.65 -42.32 15.48
N ASP F 853 4.66 -43.13 16.53
CA ASP F 853 3.42 -43.57 17.17
C ASP F 853 2.77 -42.38 17.88
N ILE F 854 1.51 -42.11 17.52
CA ILE F 854 0.77 -40.98 18.06
C ILE F 854 -0.65 -41.41 18.39
N PRO F 855 -1.12 -41.22 19.62
CA PRO F 855 -2.48 -41.66 19.98
C PRO F 855 -3.55 -40.99 19.14
N ASN F 856 -4.63 -41.72 18.89
CA ASN F 856 -5.85 -41.20 18.28
C ASN F 856 -5.58 -40.61 16.89
N VAL F 857 -4.70 -41.25 16.13
CA VAL F 857 -4.47 -40.90 14.74
C VAL F 857 -4.41 -42.18 13.92
N GLY F 858 -5.17 -42.23 12.83
CA GLY F 858 -5.24 -43.43 12.03
C GLY F 858 -3.96 -43.72 11.28
N GLU F 859 -3.90 -44.93 10.74
CA GLU F 859 -2.72 -45.36 9.98
C GLU F 859 -2.55 -44.59 8.68
N ALA F 860 -3.60 -43.92 8.20
CA ALA F 860 -3.50 -43.16 6.96
C ALA F 860 -2.50 -42.02 7.08
N ALA F 861 -2.51 -41.32 8.21
CA ALA F 861 -1.62 -40.18 8.41
C ALA F 861 -0.20 -40.59 8.81
N LEU F 862 0.01 -41.83 9.22
CA LEU F 862 1.32 -42.32 9.61
C LEU F 862 2.06 -43.03 8.48
N SER F 863 1.50 -43.02 7.27
CA SER F 863 2.15 -43.69 6.15
C SER F 863 3.44 -42.99 5.73
N LYS F 864 3.52 -41.67 5.94
CA LYS F 864 4.65 -40.88 5.48
C LYS F 864 5.66 -40.56 6.57
N LEU F 865 5.58 -41.24 7.72
CA LEU F 865 6.48 -40.99 8.83
C LEU F 865 7.38 -42.20 9.05
N ASP F 866 8.67 -41.96 9.25
CA ASP F 866 9.64 -43.02 9.47
C ASP F 866 9.54 -43.52 10.90
N GLU F 867 10.47 -44.40 11.31
CA GLU F 867 10.38 -44.99 12.64
C GLU F 867 10.75 -44.01 13.74
N SER F 868 11.28 -42.84 13.41
CA SER F 868 11.60 -41.82 14.41
C SER F 868 10.54 -40.73 14.49
N GLY F 869 9.64 -40.65 13.52
CA GLY F 869 8.57 -39.67 13.56
C GLY F 869 8.83 -38.43 12.73
N ILE F 870 9.43 -38.61 11.55
CA ILE F 870 9.70 -37.53 10.62
C ILE F 870 9.25 -37.95 9.24
N VAL F 871 8.97 -36.97 8.38
CA VAL F 871 8.54 -37.26 7.02
C VAL F 871 9.68 -37.90 6.24
N TYR F 872 9.34 -38.82 5.35
CA TYR F 872 10.28 -39.28 4.35
C TYR F 872 10.67 -38.11 3.45
N ILE F 873 11.96 -38.04 3.11
CA ILE F 873 12.42 -37.00 2.20
C ILE F 873 11.77 -37.20 0.84
N GLY F 874 11.25 -36.13 0.27
CA GLY F 874 10.60 -36.19 -1.02
C GLY F 874 9.12 -36.50 -0.99
N ALA F 875 8.55 -36.78 0.18
CA ALA F 875 7.12 -37.03 0.27
C ALA F 875 6.34 -35.76 -0.04
N GLU F 876 5.29 -35.91 -0.85
CA GLU F 876 4.49 -34.78 -1.30
C GLU F 876 3.39 -34.53 -0.28
N VAL F 877 3.53 -33.45 0.50
CA VAL F 877 2.56 -33.09 1.53
C VAL F 877 1.61 -32.05 0.96
N THR F 878 0.37 -32.08 1.48
CA THR F 878 -0.67 -31.16 1.07
C THR F 878 -1.66 -31.01 2.21
N GLY F 879 -2.28 -29.83 2.31
CA GLY F 879 -3.28 -29.62 3.35
C GLY F 879 -2.67 -29.66 4.73
N GLY F 880 -3.26 -30.47 5.60
CA GLY F 880 -2.83 -30.57 6.98
C GLY F 880 -2.15 -31.87 7.34
N ASP F 881 -1.29 -32.35 6.45
CA ASP F 881 -0.59 -33.61 6.70
C ASP F 881 0.36 -33.48 7.89
N ILE F 882 0.55 -34.60 8.58
CA ILE F 882 1.40 -34.63 9.78
C ILE F 882 2.86 -34.67 9.35
N LEU F 883 3.66 -33.76 9.90
CA LEU F 883 5.09 -33.69 9.60
C LEU F 883 5.92 -34.47 10.61
N VAL F 884 5.87 -34.09 11.88
CA VAL F 884 6.61 -34.77 12.93
C VAL F 884 5.67 -35.06 14.09
N GLY F 885 5.72 -36.30 14.58
CA GLY F 885 4.84 -36.70 15.66
C GLY F 885 5.40 -36.39 17.04
N LYS F 886 4.93 -35.29 17.63
CA LYS F 886 5.36 -34.85 18.95
C LYS F 886 4.22 -35.01 19.94
N VAL F 887 4.51 -35.62 21.09
CA VAL F 887 3.53 -35.84 22.13
C VAL F 887 4.00 -35.15 23.41
N THR F 888 3.07 -34.42 24.04
CA THR F 888 3.34 -33.66 25.25
C THR F 888 2.64 -34.33 26.43
N PRO F 889 3.37 -34.80 27.44
CA PRO F 889 2.73 -35.49 28.56
C PRO F 889 1.79 -34.57 29.33
N LYS F 890 0.72 -35.17 29.84
CA LYS F 890 -0.26 -34.47 30.67
C LYS F 890 -0.16 -34.94 32.11
N GLY F 891 -0.90 -34.25 32.98
CA GLY F 891 -0.81 -34.52 34.40
C GLY F 891 -1.98 -35.25 35.02
N GLU F 892 -1.69 -36.36 35.71
CA GLU F 892 -2.72 -37.09 36.45
C GLU F 892 -2.03 -38.00 37.44
N THR F 893 -2.33 -37.82 38.73
CA THR F 893 -1.80 -38.68 39.78
C THR F 893 -2.90 -39.37 40.57
N GLN F 894 -4.15 -39.26 40.13
CA GLN F 894 -5.29 -39.86 40.80
C GLN F 894 -5.96 -40.81 39.82
N LEU F 895 -5.54 -42.07 39.83
CA LEU F 895 -6.08 -43.08 38.93
C LEU F 895 -7.45 -43.50 39.43
N THR F 896 -8.48 -42.78 38.98
CA THR F 896 -9.85 -43.15 39.29
C THR F 896 -10.20 -44.46 38.59
N PRO F 897 -11.20 -45.19 39.12
CA PRO F 897 -11.54 -46.50 38.51
C PRO F 897 -11.84 -46.40 37.01
N GLU F 898 -12.46 -45.30 36.57
CA GLU F 898 -12.67 -45.10 35.15
C GLU F 898 -11.33 -45.05 34.41
N GLU F 899 -10.37 -44.31 34.97
CA GLU F 899 -9.03 -44.24 34.36
C GLU F 899 -8.33 -45.59 34.44
N LYS F 900 -8.55 -46.33 35.53
CA LYS F 900 -7.95 -47.65 35.66
C LYS F 900 -8.43 -48.58 34.55
N LEU F 901 -9.75 -48.65 34.34
CA LEU F 901 -10.26 -49.51 33.29
C LEU F 901 -9.93 -48.97 31.90
N LEU F 902 -9.76 -47.65 31.77
CA LEU F 902 -9.29 -47.08 30.52
C LEU F 902 -7.88 -47.57 30.19
N ARG F 903 -6.98 -47.52 31.18
CA ARG F 903 -5.64 -48.03 30.97
C ARG F 903 -5.64 -49.54 30.77
N ALA F 904 -6.65 -50.23 31.31
CA ALA F 904 -6.75 -51.67 31.10
C ALA F 904 -7.17 -52.01 29.67
N ILE F 905 -8.15 -51.29 29.13
CA ILE F 905 -8.67 -51.63 27.81
C ILE F 905 -7.75 -51.14 26.69
N PHE F 906 -7.03 -50.05 26.93
CA PHE F 906 -6.14 -49.47 25.93
C PHE F 906 -4.69 -49.55 26.45
N GLY F 907 -3.79 -48.88 25.75
CA GLY F 907 -2.39 -48.90 26.13
C GLY F 907 -2.16 -48.36 27.54
N GLU F 908 -0.92 -48.51 28.00
CA GLU F 908 -0.57 -48.07 29.34
C GLU F 908 -0.83 -46.58 29.53
N LYS F 909 -0.47 -45.77 28.52
CA LYS F 909 -0.79 -44.35 28.58
C LYS F 909 -2.29 -44.12 28.46
N ALA F 910 -3.01 -44.99 27.77
CA ALA F 910 -4.44 -44.83 27.53
C ALA F 910 -4.73 -43.47 26.91
N SER F 911 -3.83 -43.04 26.02
CA SER F 911 -3.91 -41.73 25.36
C SER F 911 -3.93 -40.58 26.36
N ASP F 912 -3.25 -40.75 27.50
CA ASP F 912 -3.10 -39.63 28.42
C ASP F 912 -2.25 -38.53 27.80
N VAL F 913 -1.22 -38.91 27.06
CA VAL F 913 -0.36 -37.93 26.41
C VAL F 913 -1.14 -37.23 25.30
N LYS F 914 -1.04 -35.91 25.27
CA LYS F 914 -1.64 -35.10 24.22
C LYS F 914 -0.68 -35.02 23.04
N ASP F 915 -1.20 -34.69 21.86
CA ASP F 915 -0.37 -34.50 20.68
C ASP F 915 -0.28 -33.02 20.35
N SER F 916 0.94 -32.56 20.08
CA SER F 916 1.22 -31.25 19.51
C SER F 916 2.18 -31.49 18.37
N SER F 917 1.64 -31.87 17.22
CA SER F 917 2.42 -32.32 16.08
C SER F 917 2.42 -31.23 15.02
N LEU F 918 3.59 -31.02 14.40
CA LEU F 918 3.69 -30.04 13.32
C LEU F 918 2.89 -30.54 12.13
N ARG F 919 1.79 -29.85 11.83
CA ARG F 919 1.00 -30.12 10.64
C ARG F 919 1.20 -28.99 9.64
N VAL F 920 1.18 -29.35 8.36
CA VAL F 920 1.34 -28.32 7.34
C VAL F 920 0.17 -27.35 7.42
N PRO F 921 0.40 -26.04 7.48
CA PRO F 921 -0.71 -25.09 7.51
C PRO F 921 -1.53 -25.18 6.22
N ASN F 922 -2.82 -24.88 6.36
CA ASN F 922 -3.74 -25.01 5.23
C ASN F 922 -3.32 -24.06 4.10
N GLY F 923 -3.49 -24.53 2.86
CA GLY F 923 -3.08 -23.77 1.71
C GLY F 923 -1.61 -23.90 1.34
N VAL F 924 -0.87 -24.76 2.02
CA VAL F 924 0.55 -24.98 1.74
C VAL F 924 0.72 -26.42 1.29
N SER F 925 1.41 -26.60 0.16
CA SER F 925 1.64 -27.92 -0.40
C SER F 925 3.05 -27.97 -0.97
N GLY F 926 3.49 -29.19 -1.30
CA GLY F 926 4.77 -29.36 -1.95
C GLY F 926 5.57 -30.54 -1.47
N THR F 927 6.79 -30.69 -1.99
CA THR F 927 7.64 -31.82 -1.65
C THR F 927 8.61 -31.44 -0.54
N VAL F 928 8.92 -32.42 0.31
CA VAL F 928 9.86 -32.22 1.41
C VAL F 928 11.27 -32.29 0.85
N ILE F 929 12.08 -31.28 1.15
CA ILE F 929 13.43 -31.17 0.59
C ILE F 929 14.46 -31.72 1.58
N ASP F 930 14.50 -31.15 2.78
CA ASP F 930 15.53 -31.50 3.76
C ASP F 930 14.94 -31.48 5.16
N VAL F 931 15.58 -32.25 6.04
CA VAL F 931 15.26 -32.26 7.47
C VAL F 931 16.58 -32.03 8.23
N GLN F 932 16.54 -31.16 9.23
CA GLN F 932 17.73 -30.69 9.93
C GLN F 932 17.60 -30.94 11.43
N VAL F 933 17.31 -32.18 11.79
CA VAL F 933 17.12 -32.56 13.19
C VAL F 933 18.33 -32.15 14.01
N PHE F 934 18.09 -31.42 15.10
CA PHE F 934 19.13 -31.01 16.03
C PHE F 934 18.83 -31.60 17.41
N THR F 935 19.86 -32.15 18.06
CA THR F 935 19.70 -32.86 19.32
C THR F 935 20.57 -32.25 20.40
N ARG F 936 20.10 -32.35 21.63
CA ARG F 936 20.84 -31.89 22.80
C ARG F 936 21.88 -32.94 23.20
N ASP F 937 23.06 -32.46 23.61
CA ASP F 937 24.11 -33.37 24.06
C ASP F 937 23.67 -34.12 25.31
N GLY F 938 23.97 -35.41 25.36
CA GLY F 938 23.58 -36.23 26.49
C GLY F 938 22.40 -37.12 26.20
N VAL F 939 21.42 -36.59 25.46
CA VAL F 939 20.23 -37.37 25.12
C VAL F 939 20.55 -38.32 23.96
N GLU F 940 19.71 -39.34 23.80
CA GLU F 940 19.89 -40.31 22.74
C GLU F 940 19.71 -39.66 21.38
N LYS F 941 20.65 -39.93 20.47
CA LYS F 941 20.57 -39.37 19.13
C LYS F 941 19.43 -40.00 18.34
N ASP F 942 18.79 -39.20 17.50
CA ASP F 942 17.68 -39.68 16.69
C ASP F 942 18.17 -40.69 15.65
N LYS F 943 17.26 -41.58 15.24
CA LYS F 943 17.59 -42.57 14.23
C LYS F 943 17.95 -41.91 12.91
N ARG F 944 17.18 -40.90 12.50
CA ARG F 944 17.50 -40.17 11.28
C ARG F 944 18.75 -39.32 11.46
N ALA F 945 19.00 -38.87 12.69
CA ALA F 945 20.22 -38.12 12.96
C ALA F 945 21.46 -38.97 12.68
N LEU F 946 21.40 -40.27 12.97
CA LEU F 946 22.53 -41.15 12.65
C LEU F 946 22.81 -41.16 11.16
N GLU F 947 21.76 -41.24 10.34
CA GLU F 947 21.95 -41.19 8.90
C GLU F 947 22.51 -39.84 8.46
N ILE F 948 22.07 -38.76 9.11
CA ILE F 948 22.60 -37.43 8.78
C ILE F 948 24.10 -37.38 9.05
N GLU F 949 24.53 -37.90 10.21
CA GLU F 949 25.96 -37.88 10.53
C GLU F 949 26.74 -38.81 9.62
N GLU F 950 26.15 -39.94 9.23
CA GLU F 950 26.82 -40.83 8.28
C GLU F 950 27.02 -40.14 6.94
N MET F 951 26.00 -39.42 6.46
CA MET F 951 26.13 -38.66 5.22
C MET F 951 27.21 -37.61 5.34
N GLN F 952 27.24 -36.88 6.46
CA GLN F 952 28.26 -35.86 6.66
C GLN F 952 29.67 -36.47 6.65
N LEU F 953 29.84 -37.60 7.34
CA LEU F 953 31.14 -38.28 7.34
C LEU F 953 31.54 -38.72 5.95
N LYS F 954 30.61 -39.34 5.21
CA LYS F 954 30.96 -39.84 3.89
C LYS F 954 31.34 -38.69 2.97
N GLN F 955 30.61 -37.57 3.05
CA GLN F 955 30.97 -36.40 2.25
C GLN F 955 32.35 -35.86 2.65
N ALA F 956 32.62 -35.81 3.97
CA ALA F 956 33.90 -35.28 4.42
C ALA F 956 35.07 -36.11 3.92
N LYS F 957 34.98 -37.44 4.08
CA LYS F 957 36.08 -38.30 3.63
C LYS F 957 36.18 -38.30 2.10
N LYS F 958 35.04 -38.24 1.40
CA LYS F 958 35.10 -38.21 -0.06
C LYS F 958 35.79 -36.95 -0.56
N ASP F 959 35.44 -35.79 0.02
CA ASP F 959 36.06 -34.54 -0.39
C ASP F 959 37.46 -34.35 0.17
N LEU F 960 37.86 -35.17 1.16
CA LEU F 960 39.21 -35.11 1.69
C LEU F 960 40.16 -36.11 1.03
N SER F 961 39.66 -37.16 0.39
CA SER F 961 40.58 -38.18 -0.12
C SER F 961 41.38 -37.72 -1.35
N GLU F 962 40.97 -36.64 -2.01
CA GLU F 962 41.58 -36.29 -3.29
C GLU F 962 43.02 -35.82 -3.13
N GLU F 963 43.26 -34.88 -2.21
CA GLU F 963 44.62 -34.38 -1.98
C GLU F 963 45.55 -35.48 -1.47
N LEU F 964 45.07 -36.33 -0.55
CA LEU F 964 45.88 -37.47 -0.14
C LEU F 964 46.19 -38.42 -1.29
N GLN F 965 45.21 -38.70 -2.16
CA GLN F 965 45.51 -39.57 -3.30
C GLN F 965 46.57 -38.95 -4.20
N ILE F 966 46.46 -37.65 -4.45
CA ILE F 966 47.45 -36.96 -5.29
C ILE F 966 48.82 -36.99 -4.64
N LEU F 967 48.88 -36.76 -3.32
CA LEU F 967 50.16 -36.75 -2.62
C LEU F 967 50.82 -38.11 -2.64
N GLU F 968 50.06 -39.19 -2.41
CA GLU F 968 50.70 -40.50 -2.44
C GLU F 968 51.08 -40.89 -3.85
N ALA F 969 50.32 -40.42 -4.86
CA ALA F 969 50.74 -40.64 -6.24
C ALA F 969 52.07 -39.96 -6.52
N GLY F 970 52.24 -38.73 -6.03
CA GLY F 970 53.52 -38.05 -6.19
C GLY F 970 54.66 -38.76 -5.49
N LEU F 971 54.41 -39.21 -4.25
CA LEU F 971 55.43 -39.96 -3.53
C LEU F 971 55.79 -41.27 -4.24
N PHE F 972 54.79 -41.96 -4.78
CA PHE F 972 55.04 -43.18 -5.53
C PHE F 972 55.85 -42.90 -6.79
N SER F 973 55.56 -41.80 -7.48
CA SER F 973 56.35 -41.43 -8.64
C SER F 973 57.80 -41.13 -8.26
N ARG F 974 58.00 -40.43 -7.14
CA ARG F 974 59.36 -40.15 -6.69
C ARG F 974 60.10 -41.44 -6.36
N ILE F 975 59.43 -42.36 -5.66
CA ILE F 975 60.05 -43.62 -5.28
C ILE F 975 60.38 -44.45 -6.53
N ARG F 976 59.47 -44.45 -7.51
CA ARG F 976 59.72 -45.16 -8.75
C ARG F 976 60.93 -44.58 -9.48
N ALA F 977 61.02 -43.25 -9.55
CA ALA F 977 62.19 -42.63 -10.18
C ALA F 977 63.47 -42.99 -9.45
N VAL F 978 63.42 -43.02 -8.11
CA VAL F 978 64.59 -43.40 -7.33
C VAL F 978 65.01 -44.83 -7.64
N LEU F 979 64.05 -45.73 -7.75
CA LEU F 979 64.40 -47.13 -8.01
C LEU F 979 64.89 -47.34 -9.44
N VAL F 980 64.37 -46.58 -10.41
CA VAL F 980 64.94 -46.63 -11.75
C VAL F 980 66.36 -46.06 -11.76
N ALA F 981 66.64 -45.11 -10.87
CA ALA F 981 68.00 -44.59 -10.78
C ALA F 981 69.01 -45.68 -10.41
N GLY F 982 68.57 -46.69 -9.66
CA GLY F 982 69.45 -47.79 -9.31
C GLY F 982 68.70 -49.06 -8.92
N GLY F 983 69.09 -50.19 -9.52
CA GLY F 983 68.43 -51.45 -9.25
C GLY F 983 66.99 -51.50 -9.71
N VAL F 984 66.74 -51.05 -10.94
CA VAL F 984 65.38 -51.01 -11.49
C VAL F 984 64.94 -52.42 -11.85
N GLU F 985 63.76 -52.81 -11.37
CA GLU F 985 63.16 -54.09 -11.72
C GLU F 985 62.07 -53.95 -12.77
N ALA F 986 61.91 -52.76 -13.34
CA ALA F 986 60.93 -52.47 -14.41
C ALA F 986 59.53 -52.76 -13.86
N GLU F 987 58.65 -53.35 -14.65
CA GLU F 987 57.27 -53.57 -14.21
C GLU F 987 57.20 -54.46 -12.99
N LYS F 988 58.17 -55.36 -12.82
CA LYS F 988 58.20 -56.20 -11.63
C LYS F 988 58.30 -55.34 -10.37
N LEU F 989 59.08 -54.26 -10.42
CA LEU F 989 59.14 -53.35 -9.29
C LEU F 989 57.78 -52.74 -8.99
N ASP F 990 56.97 -52.50 -10.03
CA ASP F 990 55.60 -52.03 -9.83
C ASP F 990 54.64 -53.15 -9.48
N LYS F 991 55.04 -54.41 -9.68
CA LYS F 991 54.14 -55.52 -9.36
C LYS F 991 54.00 -55.71 -7.85
N LEU F 992 55.12 -55.64 -7.12
CA LEU F 992 55.09 -55.84 -5.68
C LEU F 992 54.80 -54.53 -4.97
N PRO F 993 53.85 -54.50 -4.02
CA PRO F 993 53.56 -53.25 -3.32
C PRO F 993 54.69 -52.85 -2.37
N ARG F 994 54.54 -51.67 -1.74
CA ARG F 994 55.55 -51.12 -0.84
C ARG F 994 56.90 -50.97 -1.55
N ASP F 995 56.85 -50.65 -2.84
CA ASP F 995 58.03 -50.48 -3.68
C ASP F 995 58.88 -51.74 -3.69
N ARG F 996 58.22 -52.90 -3.63
CA ARG F 996 58.89 -54.20 -3.57
C ARG F 996 59.87 -54.24 -2.40
N TRP F 997 59.32 -54.07 -1.20
CA TRP F 997 60.11 -53.98 0.03
C TRP F 997 61.18 -52.90 -0.06
N LEU F 998 60.79 -51.75 -0.62
CA LEU F 998 61.69 -50.60 -0.80
C LEU F 998 62.91 -50.96 -1.65
N GLU F 999 62.73 -51.91 -2.56
CA GLU F 999 63.79 -52.35 -3.48
C GLU F 999 65.05 -52.77 -2.73
N LEU F 1000 64.84 -53.46 -1.60
CA LEU F 1000 65.93 -53.93 -0.72
C LEU F 1000 66.72 -52.70 -0.30
N GLY F 1001 68.05 -52.70 -0.38
CA GLY F 1001 68.84 -51.54 -0.04
C GLY F 1001 69.58 -50.95 -1.21
N LEU F 1002 69.98 -51.80 -2.15
CA LEU F 1002 70.74 -51.41 -3.35
C LEU F 1002 72.01 -50.71 -2.87
N THR F 1003 72.31 -49.51 -3.36
CA THR F 1003 73.49 -48.80 -2.88
C THR F 1003 73.28 -48.29 -1.46
N ASP F 1004 74.40 -48.10 -0.74
CA ASP F 1004 74.32 -47.64 0.64
C ASP F 1004 73.72 -46.25 0.72
N GLU F 1005 74.10 -45.35 -0.20
CA GLU F 1005 73.58 -43.99 -0.17
C GLU F 1005 72.07 -43.95 -0.38
N GLU F 1006 71.57 -44.74 -1.34
CA GLU F 1006 70.13 -44.78 -1.59
C GLU F 1006 69.37 -45.35 -0.40
N LYS F 1007 69.88 -46.42 0.19
CA LYS F 1007 69.20 -47.03 1.33
C LYS F 1007 69.19 -46.11 2.55
N GLN F 1008 70.32 -45.44 2.82
CA GLN F 1008 70.42 -44.60 4.00
C GLN F 1008 69.70 -43.27 3.83
N ASN F 1009 69.67 -42.72 2.62
CA ASN F 1009 69.12 -41.38 2.38
C ASN F 1009 67.81 -41.40 1.60
N GLN F 1010 67.76 -42.04 0.44
CA GLN F 1010 66.58 -41.95 -0.41
C GLN F 1010 65.41 -42.76 0.15
N LEU F 1011 65.61 -44.07 0.33
CA LEU F 1011 64.51 -44.93 0.77
C LEU F 1011 64.04 -44.56 2.17
N GLU F 1012 64.97 -44.26 3.08
CA GLU F 1012 64.60 -43.89 4.44
C GLU F 1012 63.78 -42.61 4.45
N GLN F 1013 64.21 -41.60 3.69
CA GLN F 1013 63.46 -40.35 3.63
C GLN F 1013 62.09 -40.55 3.01
N LEU F 1014 62.00 -41.37 1.96
CA LEU F 1014 60.71 -41.64 1.34
C LEU F 1014 59.76 -42.33 2.32
N ALA F 1015 60.27 -43.31 3.07
CA ALA F 1015 59.44 -44.00 4.06
C ALA F 1015 59.01 -43.04 5.16
N GLU F 1016 59.91 -42.16 5.60
CA GLU F 1016 59.56 -41.19 6.63
C GLU F 1016 58.47 -40.23 6.13
N GLN F 1017 58.60 -39.76 4.89
CA GLN F 1017 57.56 -38.89 4.31
C GLN F 1017 56.23 -39.61 4.24
N TYR F 1018 56.24 -40.87 3.81
CA TYR F 1018 55.01 -41.66 3.75
C TYR F 1018 54.38 -41.77 5.13
N ASP F 1019 55.19 -42.08 6.14
CA ASP F 1019 54.67 -42.27 7.49
C ASP F 1019 54.05 -40.99 8.03
N GLU F 1020 54.74 -39.86 7.90
CA GLU F 1020 54.20 -38.63 8.46
C GLU F 1020 52.98 -38.15 7.68
N LEU F 1021 52.96 -38.37 6.36
CA LEU F 1021 51.78 -38.01 5.58
C LEU F 1021 50.57 -38.84 6.03
N LYS F 1022 50.77 -40.15 6.21
CA LYS F 1022 49.67 -40.99 6.68
C LYS F 1022 49.20 -40.57 8.08
N HIS F 1023 50.15 -40.26 8.97
CA HIS F 1023 49.77 -39.84 10.32
C HIS F 1023 48.98 -38.53 10.30
N GLU F 1024 49.43 -37.55 9.52
CA GLU F 1024 48.71 -36.29 9.42
C GLU F 1024 47.33 -36.50 8.80
N PHE F 1025 47.24 -37.38 7.81
CA PHE F 1025 45.95 -37.67 7.18
C PHE F 1025 44.99 -38.27 8.21
N GLU F 1026 45.45 -39.25 8.98
CA GLU F 1026 44.60 -39.86 9.99
C GLU F 1026 44.19 -38.83 11.04
N LYS F 1027 45.14 -37.97 11.45
CA LYS F 1027 44.83 -36.96 12.46
C LYS F 1027 43.76 -36.01 11.98
N LYS F 1028 43.89 -35.48 10.77
CA LYS F 1028 42.92 -34.52 10.27
C LYS F 1028 41.57 -35.17 10.02
N LEU F 1029 41.56 -36.40 9.49
CA LEU F 1029 40.28 -37.08 9.28
C LEU F 1029 39.57 -37.37 10.59
N GLU F 1030 40.33 -37.80 11.61
CA GLU F 1030 39.73 -38.04 12.93
C GLU F 1030 39.23 -36.74 13.55
N ALA F 1031 39.97 -35.64 13.35
CA ALA F 1031 39.52 -34.36 13.87
C ALA F 1031 38.20 -33.94 13.23
N LYS F 1032 38.09 -34.09 11.92
CA LYS F 1032 36.83 -33.77 11.24
C LYS F 1032 35.70 -34.69 11.71
N ARG F 1033 36.01 -35.98 11.88
CA ARG F 1033 35.02 -36.93 12.38
C ARG F 1033 34.48 -36.49 13.73
N ARG F 1034 35.38 -36.19 14.68
CA ARG F 1034 34.96 -35.75 16.01
C ARG F 1034 34.19 -34.43 15.93
N LYS F 1035 34.60 -33.54 15.02
CA LYS F 1035 33.95 -32.25 14.90
C LYS F 1035 32.50 -32.40 14.46
N ILE F 1036 32.24 -33.28 13.49
CA ILE F 1036 30.89 -33.35 12.92
C ILE F 1036 29.90 -33.91 13.94
N THR F 1037 30.26 -34.98 14.64
CA THR F 1037 29.35 -35.63 15.59
C THR F 1037 29.64 -35.12 16.98
N GLN F 1038 29.11 -33.93 17.28
CA GLN F 1038 29.22 -33.34 18.61
C GLN F 1038 27.84 -32.91 19.07
N GLY F 1039 27.48 -33.29 20.29
CA GLY F 1039 26.21 -32.90 20.86
C GLY F 1039 26.08 -31.41 21.00
N ASP F 1040 24.97 -30.85 20.50
CA ASP F 1040 24.77 -29.41 20.50
C ASP F 1040 24.43 -28.91 21.90
N ASP F 1041 25.09 -27.84 22.31
CA ASP F 1041 24.78 -27.17 23.58
C ASP F 1041 23.61 -26.23 23.32
N LEU F 1042 22.42 -26.80 23.28
CA LEU F 1042 21.25 -26.10 22.79
C LEU F 1042 20.68 -25.16 23.85
N ALA F 1043 19.54 -24.55 23.54
CA ALA F 1043 18.86 -23.68 24.48
C ALA F 1043 18.43 -24.49 25.71
N PRO F 1044 18.30 -23.85 26.87
CA PRO F 1044 17.87 -24.61 28.05
C PRO F 1044 16.55 -25.33 27.86
N GLY F 1045 15.45 -24.60 27.69
CA GLY F 1045 14.14 -25.25 27.66
C GLY F 1045 14.05 -26.28 26.56
N VAL F 1046 14.64 -25.99 25.41
CA VAL F 1046 14.59 -26.82 24.22
C VAL F 1046 15.47 -28.06 24.42
N LEU F 1047 14.94 -29.23 24.05
CA LEU F 1047 15.69 -30.48 24.05
C LEU F 1047 16.01 -30.98 22.65
N LYS F 1048 15.09 -30.79 21.70
CA LYS F 1048 15.30 -31.27 20.33
C LYS F 1048 14.59 -30.33 19.36
N ILE F 1049 15.24 -30.06 18.23
CA ILE F 1049 14.69 -29.20 17.18
C ILE F 1049 14.71 -29.96 15.87
N VAL F 1050 13.60 -29.95 15.14
CA VAL F 1050 13.51 -30.50 13.79
C VAL F 1050 12.96 -29.41 12.88
N LYS F 1051 13.49 -29.33 11.66
CA LYS F 1051 13.06 -28.33 10.68
C LYS F 1051 12.76 -29.03 9.37
N VAL F 1052 11.64 -28.66 8.75
CA VAL F 1052 11.16 -29.26 7.51
C VAL F 1052 11.05 -28.17 6.46
N TYR F 1053 11.63 -28.43 5.28
CA TYR F 1053 11.59 -27.50 4.16
C TYR F 1053 10.66 -28.04 3.08
N LEU F 1054 9.76 -27.19 2.60
CA LEU F 1054 8.81 -27.56 1.56
C LEU F 1054 9.08 -26.75 0.30
N ALA F 1055 9.04 -27.43 -0.85
CA ALA F 1055 9.25 -26.80 -2.14
C ALA F 1055 8.01 -26.98 -3.00
N VAL F 1056 7.55 -25.88 -3.60
CA VAL F 1056 6.37 -25.87 -4.46
C VAL F 1056 6.70 -25.08 -5.71
N LYS F 1057 6.19 -25.54 -6.86
CA LYS F 1057 6.41 -24.87 -8.14
C LYS F 1057 5.19 -24.00 -8.44
N ARG F 1058 5.41 -22.69 -8.56
CA ARG F 1058 4.35 -21.73 -8.79
C ARG F 1058 4.34 -21.36 -10.28
N ARG F 1059 3.38 -21.90 -11.01
CA ARG F 1059 3.24 -21.61 -12.43
C ARG F 1059 2.48 -20.29 -12.64
N ILE F 1060 2.67 -19.72 -13.83
CA ILE F 1060 2.04 -18.44 -14.13
C ILE F 1060 0.53 -18.61 -14.21
N GLN F 1061 -0.19 -17.52 -13.96
CA GLN F 1061 -1.65 -17.53 -13.90
C GLN F 1061 -2.14 -16.11 -14.21
N PRO F 1062 -3.43 -15.96 -14.55
CA PRO F 1062 -3.94 -14.63 -14.93
C PRO F 1062 -3.61 -13.52 -13.94
N GLY F 1063 -4.00 -13.66 -12.68
CA GLY F 1063 -3.88 -12.52 -11.77
C GLY F 1063 -2.45 -12.08 -11.50
N ASP F 1064 -1.46 -12.87 -11.89
CA ASP F 1064 -0.08 -12.58 -11.54
C ASP F 1064 0.39 -11.27 -12.17
N LYS F 1065 1.47 -10.73 -11.60
CA LYS F 1065 2.02 -9.44 -11.99
C LYS F 1065 3.29 -9.64 -12.80
N MET F 1066 3.33 -9.06 -13.99
CA MET F 1066 4.49 -9.11 -14.86
C MET F 1066 4.83 -7.71 -15.36
N ALA F 1067 6.13 -7.44 -15.51
CA ALA F 1067 6.58 -6.12 -15.89
C ALA F 1067 7.88 -6.22 -16.67
N GLY F 1068 8.15 -5.19 -17.47
CA GLY F 1068 9.43 -5.02 -18.11
C GLY F 1068 10.40 -4.25 -17.22
N ARG F 1069 11.46 -3.73 -17.85
CA ARG F 1069 12.45 -2.93 -17.14
C ARG F 1069 12.46 -1.48 -17.63
N HIS F 1070 11.33 -1.01 -18.16
CA HIS F 1070 11.15 0.40 -18.54
C HIS F 1070 10.02 1.05 -17.76
N GLY F 1071 9.61 0.48 -16.64
CA GLY F 1071 8.52 1.01 -15.86
C GLY F 1071 7.14 0.55 -16.26
N ASN F 1072 7.03 -0.23 -17.33
CA ASN F 1072 5.74 -0.76 -17.76
C ASN F 1072 5.45 -2.04 -16.98
N LYS F 1073 4.28 -2.09 -16.34
CA LYS F 1073 3.89 -3.22 -15.53
C LYS F 1073 2.44 -3.56 -15.84
N GLY F 1074 2.00 -4.71 -15.35
CA GLY F 1074 0.61 -5.06 -15.49
C GLY F 1074 0.32 -6.40 -14.84
N VAL F 1075 -0.96 -6.73 -14.82
CA VAL F 1075 -1.44 -8.03 -14.38
C VAL F 1075 -2.03 -8.74 -15.59
N ILE F 1076 -1.64 -10.01 -15.79
CA ILE F 1076 -2.16 -10.77 -16.90
C ILE F 1076 -3.68 -10.83 -16.78
N SER F 1077 -4.36 -10.84 -17.93
CA SER F 1077 -5.81 -10.87 -17.95
C SER F 1077 -6.38 -12.16 -18.52
N LYS F 1078 -5.65 -12.84 -19.39
CA LYS F 1078 -6.15 -14.05 -20.03
C LYS F 1078 -4.97 -14.84 -20.59
N ILE F 1079 -5.00 -16.15 -20.40
CA ILE F 1079 -4.02 -17.05 -20.98
C ILE F 1079 -4.64 -17.61 -22.25
N ASN F 1080 -4.16 -17.15 -23.39
CA ASN F 1080 -4.74 -17.46 -24.69
C ASN F 1080 -4.15 -18.74 -25.26
N PRO F 1081 -4.95 -19.56 -25.93
CA PRO F 1081 -4.42 -20.73 -26.64
C PRO F 1081 -3.56 -20.29 -27.82
N ILE F 1082 -2.79 -21.24 -28.34
CA ILE F 1082 -1.86 -20.95 -29.43
C ILE F 1082 -2.63 -20.49 -30.66
N GLU F 1083 -3.75 -21.14 -30.96
CA GLU F 1083 -4.49 -20.83 -32.18
C GLU F 1083 -5.11 -19.44 -32.16
N ASP F 1084 -5.33 -18.85 -30.98
CA ASP F 1084 -5.98 -17.56 -30.88
C ASP F 1084 -5.03 -16.38 -30.92
N MET F 1085 -3.72 -16.61 -30.86
CA MET F 1085 -2.80 -15.48 -30.86
C MET F 1085 -2.42 -15.08 -32.28
N PRO F 1086 -2.11 -13.81 -32.49
CA PRO F 1086 -1.74 -13.35 -33.84
C PRO F 1086 -0.46 -14.03 -34.33
N TYR F 1087 -0.41 -14.25 -35.65
CA TYR F 1087 0.72 -14.89 -36.29
C TYR F 1087 1.07 -14.15 -37.56
N ASP F 1088 2.34 -14.24 -37.95
CA ASP F 1088 2.83 -13.57 -39.14
C ASP F 1088 2.72 -14.51 -40.34
N GLU F 1089 3.37 -14.14 -41.46
CA GLU F 1089 3.31 -14.96 -42.66
C GLU F 1089 3.92 -16.34 -42.45
N ASN F 1090 5.04 -16.42 -41.71
CA ASN F 1090 5.67 -17.70 -41.44
C ASN F 1090 4.87 -18.58 -40.49
N GLY F 1091 3.84 -18.03 -39.85
CA GLY F 1091 2.98 -18.82 -38.99
C GLY F 1091 3.40 -18.90 -37.54
N THR F 1092 4.50 -18.28 -37.15
CA THR F 1092 4.92 -18.30 -35.76
C THR F 1092 4.10 -17.29 -34.96
N PRO F 1093 3.40 -17.71 -33.91
CA PRO F 1093 2.56 -16.78 -33.16
C PRO F 1093 3.38 -15.97 -32.15
N VAL F 1094 2.83 -14.82 -31.78
CA VAL F 1094 3.44 -13.98 -30.75
C VAL F 1094 3.17 -14.58 -29.37
N ASP F 1095 3.98 -14.18 -28.40
CA ASP F 1095 3.88 -14.69 -27.03
C ASP F 1095 3.16 -13.73 -26.09
N ILE F 1096 3.43 -12.43 -26.18
CA ILE F 1096 2.82 -11.42 -25.33
C ILE F 1096 2.21 -10.34 -26.20
N VAL F 1097 1.01 -9.89 -25.84
CA VAL F 1097 0.33 -8.81 -26.51
C VAL F 1097 0.21 -7.64 -25.54
N LEU F 1098 0.74 -6.48 -25.92
CA LEU F 1098 0.74 -5.30 -25.09
C LEU F 1098 -0.06 -4.18 -25.74
N ASN F 1099 -0.64 -3.33 -24.90
CA ASN F 1099 -1.44 -2.21 -25.37
C ASN F 1099 -0.52 -1.08 -25.81
N PRO F 1100 -0.66 -0.60 -27.06
CA PRO F 1100 0.15 0.55 -27.48
C PRO F 1100 -0.11 1.80 -26.67
N LEU F 1101 -1.32 1.97 -26.14
CA LEU F 1101 -1.71 3.22 -25.49
C LEU F 1101 -0.82 3.57 -24.30
N GLY F 1102 -0.15 2.58 -23.71
CA GLY F 1102 0.72 2.86 -22.59
C GLY F 1102 1.99 3.61 -22.95
N VAL F 1103 2.38 3.58 -24.23
CA VAL F 1103 3.63 4.20 -24.66
C VAL F 1103 3.50 5.71 -24.78
N PRO F 1104 2.60 6.26 -25.60
CA PRO F 1104 2.63 7.71 -25.85
C PRO F 1104 2.36 8.56 -24.62
N SER F 1105 1.68 8.02 -23.60
CA SER F 1105 1.37 8.79 -22.41
C SER F 1105 2.41 8.65 -21.31
N ARG F 1106 3.13 7.54 -21.26
CA ARG F 1106 4.18 7.34 -20.28
C ARG F 1106 5.56 7.75 -20.80
N MET F 1107 5.68 8.05 -22.09
CA MET F 1107 6.97 8.39 -22.72
C MET F 1107 8.01 7.29 -22.53
N ASN F 1108 7.60 6.03 -22.69
CA ASN F 1108 8.52 4.90 -22.66
C ASN F 1108 8.91 4.50 -24.08
N ILE F 1109 9.72 5.36 -24.70
CA ILE F 1109 10.20 5.09 -26.05
C ILE F 1109 11.25 3.99 -26.03
N GLY F 1110 11.92 3.80 -24.90
CA GLY F 1110 12.81 2.68 -24.74
C GLY F 1110 12.12 1.34 -24.96
N GLN F 1111 10.83 1.27 -24.64
CA GLN F 1111 10.06 0.07 -24.94
C GLN F 1111 10.11 -0.28 -26.42
N ILE F 1112 9.77 0.70 -27.27
CA ILE F 1112 9.71 0.44 -28.71
C ILE F 1112 11.11 0.20 -29.26
N LEU F 1113 12.09 0.98 -28.82
CA LEU F 1113 13.45 0.78 -29.31
C LEU F 1113 13.98 -0.59 -28.93
N GLU F 1114 13.74 -1.01 -27.68
CA GLU F 1114 14.19 -2.33 -27.25
C GLU F 1114 13.47 -3.44 -28.00
N THR F 1115 12.17 -3.29 -28.26
CA THR F 1115 11.48 -4.32 -29.02
C THR F 1115 12.03 -4.44 -30.43
N HIS F 1116 12.25 -3.30 -31.11
CA HIS F 1116 12.83 -3.34 -32.44
C HIS F 1116 14.21 -3.99 -32.43
N LEU F 1117 15.05 -3.61 -31.47
CA LEU F 1117 16.42 -4.11 -31.45
C LEU F 1117 16.48 -5.57 -31.05
N GLY F 1118 15.60 -6.01 -30.15
CA GLY F 1118 15.52 -7.42 -29.83
C GLY F 1118 15.01 -8.25 -31.00
N MET F 1119 14.08 -7.67 -31.79
CA MET F 1119 13.68 -8.34 -33.02
C MET F 1119 14.86 -8.50 -33.97
N ALA F 1120 15.68 -7.47 -34.09
CA ALA F 1120 16.87 -7.58 -34.94
C ALA F 1120 17.84 -8.64 -34.42
N ALA F 1121 18.05 -8.66 -33.10
CA ALA F 1121 18.96 -9.64 -32.52
C ALA F 1121 18.44 -11.07 -32.72
N LYS F 1122 17.14 -11.28 -32.53
CA LYS F 1122 16.58 -12.60 -32.75
C LYS F 1122 16.58 -12.97 -34.22
N GLY F 1123 16.48 -11.99 -35.12
CA GLY F 1123 16.64 -12.28 -36.53
C GLY F 1123 18.04 -12.75 -36.87
N ILE F 1124 19.05 -12.10 -36.29
CA ILE F 1124 20.43 -12.56 -36.47
C ILE F 1124 20.59 -13.98 -35.92
N GLY F 1125 20.03 -14.23 -34.74
CA GLY F 1125 20.09 -15.57 -34.17
C GLY F 1125 19.40 -16.60 -35.04
N ASP F 1126 18.27 -16.25 -35.63
CA ASP F 1126 17.55 -17.16 -36.51
C ASP F 1126 18.36 -17.43 -37.78
N LYS F 1127 19.02 -16.41 -38.32
CA LYS F 1127 19.90 -16.63 -39.47
C LYS F 1127 21.02 -17.59 -39.12
N ILE F 1128 21.64 -17.41 -37.96
CA ILE F 1128 22.72 -18.29 -37.53
C ILE F 1128 22.20 -19.71 -37.33
N ASN F 1129 21.03 -19.86 -36.72
CA ASN F 1129 20.44 -21.17 -36.50
C ASN F 1129 20.13 -21.87 -37.83
N ALA F 1130 19.57 -21.13 -38.78
CA ALA F 1130 19.27 -21.70 -40.09
C ALA F 1130 20.54 -22.14 -40.80
N MET F 1131 21.60 -21.34 -40.71
CA MET F 1131 22.86 -21.72 -41.32
C MET F 1131 23.47 -22.94 -40.63
N LEU F 1132 23.29 -23.05 -39.32
CA LEU F 1132 23.74 -24.23 -38.58
C LEU F 1132 22.91 -25.47 -38.92
N LYS F 1133 21.66 -25.29 -39.32
CA LYS F 1133 20.80 -26.43 -39.63
C LYS F 1133 21.35 -27.24 -40.81
N GLN F 1134 21.84 -26.55 -41.84
CA GLN F 1134 22.30 -27.20 -43.06
C GLN F 1134 23.74 -27.69 -42.97
N GLN F 1135 24.43 -27.42 -41.87
CA GLN F 1135 25.79 -27.93 -41.62
C GLN F 1135 26.74 -27.52 -42.74
N GLN F 1136 26.74 -26.22 -43.06
CA GLN F 1136 27.63 -25.69 -44.08
C GLN F 1136 29.05 -25.56 -43.52
N GLU F 1137 29.98 -25.20 -44.40
CA GLU F 1137 31.38 -25.09 -44.00
C GLU F 1137 31.56 -23.98 -42.97
N VAL F 1138 32.53 -24.19 -42.07
CA VAL F 1138 32.78 -23.26 -40.98
C VAL F 1138 33.24 -21.90 -41.50
N ALA F 1139 33.88 -21.85 -42.68
CA ALA F 1139 34.43 -20.60 -43.18
C ALA F 1139 33.33 -19.57 -43.43
N LYS F 1140 32.23 -19.99 -44.06
CA LYS F 1140 31.17 -19.03 -44.40
C LYS F 1140 30.40 -18.60 -43.16
N LEU F 1141 30.22 -19.51 -42.19
CA LEU F 1141 29.61 -19.12 -40.92
C LEU F 1141 30.49 -18.13 -40.17
N ARG F 1142 31.80 -18.36 -40.17
CA ARG F 1142 32.73 -17.41 -39.57
C ARG F 1142 32.67 -16.06 -40.26
N GLU F 1143 32.56 -16.07 -41.60
CA GLU F 1143 32.44 -14.82 -42.34
C GLU F 1143 31.16 -14.08 -41.96
N PHE F 1144 30.04 -14.80 -41.84
CA PHE F 1144 28.79 -14.14 -41.46
C PHE F 1144 28.87 -13.57 -40.04
N ILE F 1145 29.46 -14.32 -39.11
CA ILE F 1145 29.62 -13.82 -37.75
C ILE F 1145 30.50 -12.58 -37.72
N GLN F 1146 31.59 -12.61 -38.49
CA GLN F 1146 32.49 -11.46 -38.57
C GLN F 1146 31.78 -10.24 -39.13
N ARG F 1147 30.99 -10.44 -40.19
CA ARG F 1147 30.25 -9.33 -40.79
C ARG F 1147 29.22 -8.77 -39.82
N ALA F 1148 28.56 -9.65 -39.05
CA ALA F 1148 27.58 -9.17 -38.08
C ALA F 1148 28.24 -8.42 -36.93
N TYR F 1149 29.43 -8.83 -36.49
CA TYR F 1149 30.04 -8.19 -35.35
C TYR F 1149 30.63 -6.83 -35.69
N ASP F 1150 31.13 -6.65 -36.91
CA ASP F 1150 31.73 -5.39 -37.32
C ASP F 1150 30.71 -4.34 -37.73
N LEU F 1151 29.42 -4.69 -37.75
CA LEU F 1151 28.39 -3.72 -38.08
C LEU F 1151 28.32 -2.64 -37.01
N GLY F 1152 28.12 -1.40 -37.46
CA GLY F 1152 28.01 -0.27 -36.58
C GLY F 1152 28.60 0.96 -37.22
N ALA F 1153 28.66 2.04 -36.44
CA ALA F 1153 29.19 3.33 -36.90
C ALA F 1153 30.28 3.74 -35.91
N ASP F 1154 31.51 3.32 -36.18
CA ASP F 1154 32.68 3.63 -35.34
C ASP F 1154 32.46 3.14 -33.91
N VAL F 1155 32.31 1.83 -33.80
CA VAL F 1155 32.06 1.14 -32.54
C VAL F 1155 33.38 0.62 -31.98
N ARG F 1156 33.59 0.82 -30.68
CA ARG F 1156 34.84 0.39 -30.05
C ARG F 1156 34.83 -1.09 -29.70
N GLN F 1157 34.45 -1.92 -30.66
CA GLN F 1157 34.45 -3.38 -30.49
C GLN F 1157 35.35 -3.98 -31.55
N LYS F 1158 36.40 -4.66 -31.12
CA LYS F 1158 37.41 -5.22 -32.01
C LYS F 1158 37.45 -6.73 -31.94
N VAL F 1159 36.27 -7.36 -31.88
CA VAL F 1159 36.20 -8.81 -31.89
C VAL F 1159 36.48 -9.32 -33.30
N ASP F 1160 37.45 -10.23 -33.41
CA ASP F 1160 37.85 -10.78 -34.69
C ASP F 1160 37.89 -12.31 -34.59
N LEU F 1161 37.35 -12.96 -35.61
CA LEU F 1161 37.30 -14.41 -35.66
C LEU F 1161 38.51 -15.03 -36.35
N SER F 1162 39.39 -14.21 -36.92
CA SER F 1162 40.60 -14.74 -37.55
C SER F 1162 41.51 -15.40 -36.52
N THR F 1163 41.66 -14.78 -35.35
CA THR F 1163 42.42 -15.35 -34.25
C THR F 1163 41.60 -16.30 -33.39
N PHE F 1164 40.42 -16.69 -33.86
CA PHE F 1164 39.48 -17.49 -33.10
C PHE F 1164 39.54 -18.93 -33.62
N SER F 1165 39.62 -19.89 -32.70
CA SER F 1165 39.77 -21.29 -33.10
C SER F 1165 38.54 -21.77 -33.85
N ASP F 1166 38.76 -22.75 -34.74
CA ASP F 1166 37.66 -23.31 -35.53
C ASP F 1166 36.60 -23.94 -34.62
N GLU F 1167 37.05 -24.77 -33.67
CA GLU F 1167 36.12 -25.34 -32.70
C GLU F 1167 35.52 -24.25 -31.83
N GLU F 1168 36.31 -23.23 -31.48
CA GLU F 1168 35.78 -22.10 -30.72
C GLU F 1168 34.73 -21.34 -31.52
N VAL F 1169 34.96 -21.17 -32.82
CA VAL F 1169 33.96 -20.53 -33.68
C VAL F 1169 32.68 -21.36 -33.73
N MET F 1170 32.82 -22.68 -33.86
CA MET F 1170 31.66 -23.56 -33.85
C MET F 1170 30.88 -23.43 -32.55
N ARG F 1171 31.58 -23.44 -31.42
CA ARG F 1171 30.93 -23.35 -30.13
C ARG F 1171 30.25 -22.00 -29.94
N LEU F 1172 30.91 -20.91 -30.36
CA LEU F 1172 30.30 -19.59 -30.25
C LEU F 1172 29.06 -19.48 -31.10
N ALA F 1173 29.10 -20.00 -32.34
CA ALA F 1173 27.92 -19.95 -33.20
C ALA F 1173 26.80 -20.83 -32.65
N GLU F 1174 27.14 -21.92 -31.96
CA GLU F 1174 26.11 -22.75 -31.35
C GLU F 1174 25.52 -22.09 -30.11
N ASN F 1175 26.31 -21.27 -29.41
CA ASN F 1175 25.81 -20.65 -28.18
C ASN F 1175 24.79 -19.55 -28.46
N LEU F 1176 25.05 -18.71 -29.46
CA LEU F 1176 24.15 -17.60 -29.79
C LEU F 1176 23.22 -17.94 -30.94
N ARG F 1177 22.83 -19.21 -31.06
CA ARG F 1177 21.85 -19.58 -32.09
C ARG F 1177 20.45 -19.06 -31.72
N LYS F 1178 20.18 -18.86 -30.44
CA LYS F 1178 18.90 -18.28 -30.04
C LYS F 1178 18.79 -16.84 -30.50
N GLY F 1179 19.81 -16.04 -30.23
CA GLY F 1179 19.85 -14.67 -30.68
C GLY F 1179 21.18 -14.04 -30.31
N MET F 1180 21.55 -13.02 -31.07
CA MET F 1180 22.81 -12.33 -30.82
C MET F 1180 22.64 -11.41 -29.61
N PRO F 1181 23.25 -11.73 -28.47
CA PRO F 1181 23.02 -10.93 -27.27
C PRO F 1181 23.83 -9.65 -27.26
N ILE F 1182 23.34 -8.61 -27.93
CA ILE F 1182 24.07 -7.36 -28.02
C ILE F 1182 23.99 -6.60 -26.70
N ALA F 1183 24.82 -5.57 -26.55
CA ALA F 1183 24.82 -4.75 -25.35
C ALA F 1183 24.96 -3.29 -25.75
N THR F 1184 23.95 -2.49 -25.42
CA THR F 1184 23.99 -1.05 -25.65
C THR F 1184 24.19 -0.35 -24.32
N PRO F 1185 25.29 0.37 -24.11
CA PRO F 1185 25.49 1.10 -22.85
C PRO F 1185 24.45 2.20 -22.68
N VAL F 1186 24.42 2.77 -21.49
CA VAL F 1186 23.28 3.55 -21.01
C VAL F 1186 23.07 4.82 -21.82
N PHE F 1187 24.03 5.74 -21.78
CA PHE F 1187 23.85 7.04 -22.42
C PHE F 1187 24.60 7.15 -23.75
N ASP F 1188 25.29 6.10 -24.16
CA ASP F 1188 25.82 6.00 -25.53
C ASP F 1188 25.44 4.64 -26.15
N GLY F 1189 24.21 4.57 -26.66
CA GLY F 1189 23.70 3.28 -27.10
C GLY F 1189 23.52 3.22 -28.60
N ALA F 1190 22.80 2.22 -29.09
CA ALA F 1190 22.61 2.12 -30.53
C ALA F 1190 21.66 3.19 -31.02
N LYS F 1191 21.98 3.79 -32.16
CA LYS F 1191 21.11 4.77 -32.78
C LYS F 1191 20.10 4.07 -33.68
N GLU F 1192 19.12 4.84 -34.16
CA GLU F 1192 18.10 4.28 -35.01
C GLU F 1192 18.68 3.75 -36.31
N ALA F 1193 19.68 4.45 -36.86
CA ALA F 1193 20.31 3.98 -38.10
C ALA F 1193 20.99 2.64 -37.90
N GLU F 1194 21.69 2.48 -36.77
CA GLU F 1194 22.36 1.20 -36.50
C GLU F 1194 21.36 0.07 -36.32
N ILE F 1195 20.26 0.34 -35.61
CA ILE F 1195 19.23 -0.68 -35.43
C ILE F 1195 18.62 -1.07 -36.77
N LYS F 1196 18.35 -0.07 -37.63
CA LYS F 1196 17.75 -0.35 -38.92
C LYS F 1196 18.70 -1.14 -39.82
N GLU F 1197 20.00 -0.81 -39.79
CA GLU F 1197 20.94 -1.57 -40.59
C GLU F 1197 21.13 -2.99 -40.04
N LEU F 1198 21.04 -3.15 -38.72
CA LEU F 1198 21.04 -4.50 -38.14
C LEU F 1198 19.83 -5.29 -38.60
N LEU F 1199 18.66 -4.64 -38.65
CA LEU F 1199 17.47 -5.30 -39.17
C LEU F 1199 17.64 -5.67 -40.63
N LYS F 1200 18.25 -4.79 -41.42
CA LYS F 1200 18.52 -5.10 -42.83
C LYS F 1200 19.46 -6.30 -42.95
N LEU F 1201 20.44 -6.40 -42.05
CA LEU F 1201 21.38 -7.52 -42.10
C LEU F 1201 20.67 -8.86 -41.93
N GLY F 1202 19.72 -8.92 -41.01
CA GLY F 1202 19.01 -10.14 -40.69
C GLY F 1202 17.81 -10.47 -41.56
N ASP F 1203 17.66 -9.77 -42.68
CA ASP F 1203 16.54 -9.98 -43.61
C ASP F 1203 15.19 -9.77 -42.89
N LEU F 1204 15.05 -8.59 -42.31
CA LEU F 1204 13.86 -8.19 -41.57
C LEU F 1204 13.45 -6.79 -42.03
N PRO F 1205 12.18 -6.43 -41.87
CA PRO F 1205 11.74 -5.10 -42.31
C PRO F 1205 12.49 -3.99 -41.58
N THR F 1206 12.80 -2.91 -42.32
CA THR F 1206 13.55 -1.80 -41.75
C THR F 1206 12.71 -1.04 -40.72
N SER F 1207 11.41 -0.90 -40.97
CA SER F 1207 10.55 -0.16 -40.05
C SER F 1207 10.32 -0.90 -38.75
N GLY F 1208 10.60 -2.20 -38.70
CA GLY F 1208 10.40 -2.97 -37.49
C GLY F 1208 8.99 -3.48 -37.29
N GLN F 1209 8.09 -3.28 -38.25
CA GLN F 1209 6.71 -3.74 -38.17
C GLN F 1209 6.43 -4.75 -39.27
N ILE F 1210 5.67 -5.78 -38.93
CA ILE F 1210 5.34 -6.85 -39.88
C ILE F 1210 3.82 -6.99 -39.95
N ARG F 1211 3.37 -7.65 -41.01
CA ARG F 1211 1.95 -7.93 -41.18
C ARG F 1211 1.54 -9.08 -40.28
N LEU F 1212 0.56 -8.84 -39.41
CA LEU F 1212 0.07 -9.84 -38.47
C LEU F 1212 -1.33 -10.28 -38.86
N TYR F 1213 -1.58 -11.58 -38.76
CA TYR F 1213 -2.88 -12.15 -39.07
C TYR F 1213 -3.58 -12.55 -37.77
N ASP F 1214 -4.89 -12.37 -37.73
CA ASP F 1214 -5.66 -12.81 -36.58
C ASP F 1214 -5.66 -14.32 -36.50
N GLY F 1215 -5.38 -14.86 -35.31
CA GLY F 1215 -5.31 -16.31 -35.16
C GLY F 1215 -6.64 -17.00 -35.24
N ARG F 1216 -7.73 -16.31 -34.91
CA ARG F 1216 -9.05 -16.94 -34.88
C ARG F 1216 -9.78 -16.83 -36.22
N THR F 1217 -9.75 -15.65 -36.84
CA THR F 1217 -10.45 -15.44 -38.10
C THR F 1217 -9.55 -15.55 -39.33
N GLY F 1218 -8.24 -15.50 -39.15
CA GLY F 1218 -7.32 -15.58 -40.27
C GLY F 1218 -7.23 -14.32 -41.10
N GLU F 1219 -7.80 -13.21 -40.63
CA GLU F 1219 -7.82 -11.97 -41.39
C GLU F 1219 -6.67 -11.06 -40.97
N GLN F 1220 -5.98 -10.50 -41.95
CA GLN F 1220 -4.85 -9.63 -41.67
C GLN F 1220 -5.33 -8.32 -41.06
N PHE F 1221 -4.62 -7.85 -40.04
CA PHE F 1221 -4.89 -6.55 -39.46
C PHE F 1221 -4.51 -5.44 -40.44
N GLU F 1222 -5.29 -4.36 -40.43
CA GLU F 1222 -5.09 -3.29 -41.41
C GLU F 1222 -3.72 -2.64 -41.27
N ARG F 1223 -3.29 -2.37 -40.04
CA ARG F 1223 -2.00 -1.71 -39.95
C ARG F 1223 -0.93 -2.70 -39.52
N PRO F 1224 0.32 -2.47 -39.95
CA PRO F 1224 1.43 -3.29 -39.45
C PRO F 1224 1.61 -3.10 -37.94
N VAL F 1225 2.04 -4.17 -37.29
CA VAL F 1225 2.20 -4.21 -35.83
C VAL F 1225 3.67 -4.43 -35.51
N THR F 1226 4.19 -3.65 -34.57
CA THR F 1226 5.59 -3.74 -34.17
C THR F 1226 5.76 -5.00 -33.32
N VAL F 1227 6.25 -6.07 -33.94
CA VAL F 1227 6.55 -7.32 -33.25
C VAL F 1227 8.04 -7.35 -32.95
N GLY F 1228 8.39 -7.57 -31.68
CA GLY F 1228 9.77 -7.61 -31.29
C GLY F 1228 10.02 -8.61 -30.17
N TYR F 1229 11.20 -8.56 -29.56
CA TYR F 1229 11.53 -9.41 -28.43
C TYR F 1229 11.88 -8.51 -27.24
N MET F 1230 11.10 -8.63 -26.17
CA MET F 1230 11.26 -7.79 -24.99
C MET F 1230 11.54 -8.66 -23.78
N TYR F 1231 12.38 -8.15 -22.88
CA TYR F 1231 12.76 -8.88 -21.68
C TYR F 1231 11.75 -8.59 -20.58
N MET F 1232 10.89 -9.57 -20.30
CA MET F 1232 9.84 -9.42 -19.30
C MET F 1232 10.27 -10.07 -17.99
N LEU F 1233 9.84 -9.47 -16.88
CA LEU F 1233 10.19 -9.91 -15.55
C LEU F 1233 8.91 -10.29 -14.80
N LYS F 1234 8.96 -11.39 -14.05
CA LYS F 1234 7.85 -11.82 -13.22
C LYS F 1234 8.09 -11.29 -11.81
N LEU F 1235 7.37 -10.24 -11.43
CA LEU F 1235 7.55 -9.63 -10.13
C LEU F 1235 7.02 -10.55 -9.03
N ASN F 1236 7.34 -10.21 -7.78
CA ASN F 1236 7.05 -11.04 -6.63
C ASN F 1236 5.68 -10.75 -6.03
N HIS F 1237 4.73 -10.26 -6.82
CA HIS F 1237 3.37 -9.98 -6.38
C HIS F 1237 2.45 -10.99 -7.06
N LEU F 1238 2.22 -12.12 -6.40
CA LEU F 1238 1.41 -13.20 -6.93
C LEU F 1238 0.10 -13.30 -6.16
N VAL F 1239 -0.96 -13.72 -6.86
CA VAL F 1239 -2.28 -13.79 -6.25
C VAL F 1239 -2.40 -14.95 -5.26
N ASP F 1240 -1.53 -15.96 -5.37
CA ASP F 1240 -1.53 -17.01 -4.35
C ASP F 1240 -1.24 -16.47 -2.97
N ASP F 1241 -0.62 -15.29 -2.88
CA ASP F 1241 -0.38 -14.62 -1.61
C ASP F 1241 -1.24 -13.36 -1.44
N LYS F 1242 -2.19 -13.12 -2.35
CA LYS F 1242 -3.01 -11.92 -2.32
C LYS F 1242 -4.48 -12.26 -2.52
N MET F 1243 -4.87 -13.52 -2.27
CA MET F 1243 -6.26 -13.95 -2.37
C MET F 1243 -6.72 -14.39 -0.99
N HIS F 1244 -7.60 -13.60 -0.38
CA HIS F 1244 -8.10 -13.87 0.96
C HIS F 1244 -9.62 -13.75 0.97
N ALA F 1245 -10.25 -14.57 1.82
CA ALA F 1245 -11.70 -14.55 1.96
C ALA F 1245 -12.04 -15.11 3.33
N ARG F 1246 -12.90 -14.41 4.07
CA ARG F 1246 -13.32 -14.83 5.40
C ARG F 1246 -14.81 -14.63 5.55
N SER F 1247 -15.48 -15.59 6.20
CA SER F 1247 -16.88 -15.47 6.57
C SER F 1247 -17.06 -15.30 8.07
N THR F 1248 -16.37 -16.12 8.87
CA THR F 1248 -16.44 -16.03 10.32
C THR F 1248 -15.19 -16.70 10.88
N GLY F 1249 -14.41 -15.96 11.65
CA GLY F 1249 -13.19 -16.50 12.21
C GLY F 1249 -12.97 -16.12 13.66
N SER F 1250 -11.77 -15.68 14.00
CA SER F 1250 -11.42 -15.30 15.35
C SER F 1250 -11.54 -13.79 15.52
N TYR F 1251 -11.81 -13.38 16.76
CA TYR F 1251 -11.97 -11.97 17.11
C TYR F 1251 -11.00 -11.64 18.24
N SER F 1252 -10.97 -10.35 18.60
CA SER F 1252 -10.16 -9.89 19.70
C SER F 1252 -11.02 -9.71 20.94
N LEU F 1253 -10.46 -10.04 22.11
CA LEU F 1253 -11.23 -9.90 23.35
C LEU F 1253 -11.65 -8.46 23.59
N VAL F 1254 -10.85 -7.50 23.15
CA VAL F 1254 -11.20 -6.09 23.25
C VAL F 1254 -11.86 -5.66 21.96
N THR F 1255 -13.01 -4.98 22.09
CA THR F 1255 -13.81 -4.44 20.99
C THR F 1255 -14.51 -5.54 20.20
N GLN F 1256 -14.19 -6.80 20.49
CA GLN F 1256 -14.85 -7.97 19.89
C GLN F 1256 -14.93 -7.89 18.38
N GLN F 1257 -13.94 -7.25 17.76
CA GLN F 1257 -13.97 -7.14 16.31
C GLN F 1257 -13.07 -8.19 15.67
N PRO F 1258 -13.34 -8.57 14.42
CA PRO F 1258 -12.50 -9.57 13.76
C PRO F 1258 -11.06 -9.11 13.62
N LEU F 1259 -10.14 -10.08 13.60
CA LEU F 1259 -8.73 -9.80 13.45
C LEU F 1259 -8.46 -9.19 12.07
N GLY F 1260 -7.22 -8.82 11.82
CA GLY F 1260 -6.85 -8.11 10.59
C GLY F 1260 -5.81 -8.86 9.78
N GLY F 1261 -6.00 -8.86 8.47
CA GLY F 1261 -4.99 -9.31 7.54
C GLY F 1261 -4.97 -10.81 7.33
N LYS F 1262 -4.24 -11.23 6.30
CA LYS F 1262 -4.03 -12.63 6.02
C LYS F 1262 -3.06 -13.23 7.04
N ALA F 1263 -2.90 -14.56 6.97
CA ALA F 1263 -2.10 -15.33 7.92
C ALA F 1263 -2.69 -15.23 9.31
N GLN F 1264 -3.84 -14.57 9.43
CA GLN F 1264 -4.57 -14.46 10.68
C GLN F 1264 -6.07 -14.64 10.48
N PHE F 1265 -6.52 -14.92 9.26
CA PHE F 1265 -7.93 -15.04 8.92
C PHE F 1265 -8.71 -13.80 9.37
N GLY F 1266 -8.28 -12.65 8.88
CA GLY F 1266 -8.93 -11.39 9.20
C GLY F 1266 -9.86 -10.93 8.11
N GLY F 1267 -10.73 -9.98 8.48
CA GLY F 1267 -11.67 -9.38 7.57
C GLY F 1267 -11.18 -8.04 7.06
N GLN F 1268 -11.72 -7.66 5.90
CA GLN F 1268 -11.36 -6.39 5.28
C GLN F 1268 -11.96 -5.25 6.10
N ARG F 1269 -11.11 -4.31 6.51
CA ARG F 1269 -11.58 -3.21 7.35
C ARG F 1269 -12.46 -2.27 6.55
N PHE F 1270 -13.60 -1.91 7.14
CA PHE F 1270 -14.50 -0.92 6.54
C PHE F 1270 -14.18 0.43 7.17
N GLY F 1271 -13.30 1.18 6.51
CA GLY F 1271 -12.82 2.43 7.04
C GLY F 1271 -13.86 3.54 6.92
N GLU F 1272 -13.42 4.74 7.31
CA GLU F 1272 -14.34 5.88 7.39
C GLU F 1272 -14.88 6.27 6.01
N MET F 1273 -14.03 6.20 4.99
CA MET F 1273 -14.42 6.69 3.66
C MET F 1273 -15.53 5.85 3.05
N GLU F 1274 -15.45 4.52 3.18
CA GLU F 1274 -16.49 3.68 2.62
C GLU F 1274 -17.81 3.85 3.35
N VAL F 1275 -17.75 4.14 4.65
CA VAL F 1275 -18.99 4.44 5.39
C VAL F 1275 -19.57 5.78 4.94
N TRP F 1276 -18.70 6.76 4.65
CA TRP F 1276 -19.18 8.00 4.06
C TRP F 1276 -19.88 7.74 2.74
N ALA F 1277 -19.29 6.86 1.91
CA ALA F 1277 -19.91 6.52 0.64
C ALA F 1277 -21.24 5.81 0.84
N LEU F 1278 -21.33 4.93 1.84
CA LEU F 1278 -22.59 4.27 2.14
C LEU F 1278 -23.65 5.28 2.56
N GLU F 1279 -23.28 6.26 3.38
CA GLU F 1279 -24.21 7.31 3.77
C GLU F 1279 -24.65 8.13 2.56
N ALA F 1280 -23.71 8.42 1.65
CA ALA F 1280 -24.05 9.19 0.45
C ALA F 1280 -25.02 8.42 -0.43
N TYR F 1281 -24.81 7.11 -0.57
CA TYR F 1281 -25.76 6.29 -1.33
C TYR F 1281 -27.12 6.24 -0.64
N GLY F 1282 -27.16 6.43 0.68
CA GLY F 1282 -28.37 6.27 1.43
C GLY F 1282 -28.66 4.85 1.89
N ALA F 1283 -27.75 3.91 1.64
CA ALA F 1283 -27.94 2.52 2.03
C ALA F 1283 -27.72 2.41 3.54
N ALA F 1284 -28.78 2.68 4.29
CA ALA F 1284 -28.69 2.65 5.75
C ALA F 1284 -28.68 1.23 6.29
N TYR F 1285 -29.41 0.30 5.66
CA TYR F 1285 -29.46 -1.06 6.17
C TYR F 1285 -28.14 -1.79 5.96
N THR F 1286 -27.52 -1.60 4.79
CA THR F 1286 -26.20 -2.17 4.56
C THR F 1286 -25.18 -1.59 5.54
N LEU F 1287 -25.26 -0.29 5.81
CA LEU F 1287 -24.36 0.31 6.79
C LEU F 1287 -24.59 -0.28 8.18
N GLN F 1288 -25.85 -0.46 8.57
CA GLN F 1288 -26.15 -1.01 9.89
C GLN F 1288 -25.65 -2.44 10.02
N GLU F 1289 -25.83 -3.25 8.97
CA GLU F 1289 -25.31 -4.62 9.02
C GLU F 1289 -23.79 -4.65 8.99
N MET F 1290 -23.16 -3.64 8.37
CA MET F 1290 -21.71 -3.57 8.35
C MET F 1290 -21.13 -2.99 9.63
N LEU F 1291 -21.94 -2.34 10.46
CA LEU F 1291 -21.45 -1.74 11.70
C LEU F 1291 -21.73 -2.57 12.93
N THR F 1292 -22.84 -3.31 12.97
CA THR F 1292 -23.22 -4.05 14.17
C THR F 1292 -23.16 -5.55 13.98
N VAL F 1293 -23.92 -6.10 13.03
CA VAL F 1293 -24.13 -7.54 12.96
C VAL F 1293 -22.95 -8.28 12.35
N LYS F 1294 -21.98 -7.56 11.78
CA LYS F 1294 -20.81 -8.19 11.17
C LYS F 1294 -19.57 -8.16 12.03
N SER F 1295 -19.40 -7.13 12.86
CA SER F 1295 -18.14 -6.91 13.56
C SER F 1295 -18.24 -7.07 15.07
N ASP F 1296 -19.12 -6.31 15.73
CA ASP F 1296 -19.04 -6.17 17.18
C ASP F 1296 -20.32 -6.53 17.94
N ASP F 1297 -21.27 -7.20 17.30
CA ASP F 1297 -22.49 -7.65 18.00
C ASP F 1297 -22.27 -9.09 18.45
N VAL F 1298 -21.95 -9.26 19.73
CA VAL F 1298 -21.58 -10.59 20.24
C VAL F 1298 -22.72 -11.59 20.04
N ASN F 1299 -23.94 -11.19 20.39
CA ASN F 1299 -25.10 -12.02 20.14
C ASN F 1299 -25.71 -11.79 18.77
N GLY F 1300 -25.53 -10.60 18.20
CA GLY F 1300 -26.05 -10.33 16.87
C GLY F 1300 -25.40 -11.21 15.81
N ARG F 1301 -24.09 -11.45 15.94
CA ARG F 1301 -23.40 -12.33 15.01
C ARG F 1301 -24.00 -13.74 15.02
N THR F 1302 -24.18 -14.29 16.22
CA THR F 1302 -24.74 -15.64 16.34
C THR F 1302 -26.17 -15.69 15.85
N LYS F 1303 -26.98 -14.68 16.16
CA LYS F 1303 -28.36 -14.66 15.68
C LYS F 1303 -28.40 -14.58 14.16
N MET F 1304 -27.53 -13.77 13.56
CA MET F 1304 -27.48 -13.66 12.10
C MET F 1304 -27.06 -14.99 11.48
N TYR F 1305 -26.05 -15.64 12.07
CA TYR F 1305 -25.61 -16.92 11.54
C TYR F 1305 -26.72 -17.96 11.61
N LYS F 1306 -27.44 -18.00 12.74
CA LYS F 1306 -28.54 -18.94 12.90
C LYS F 1306 -29.67 -18.65 11.90
N ASN F 1307 -29.98 -17.36 11.70
CA ASN F 1307 -31.02 -17.00 10.75
C ASN F 1307 -30.63 -17.39 9.33
N ILE F 1308 -29.37 -17.18 8.96
CA ILE F 1308 -28.94 -17.52 7.60
C ILE F 1308 -28.92 -19.02 7.39
N VAL F 1309 -28.42 -19.78 8.38
CA VAL F 1309 -28.47 -21.23 8.27
C VAL F 1309 -29.91 -21.71 8.17
N ASP F 1310 -30.81 -21.11 8.96
CA ASP F 1310 -32.23 -21.37 8.80
C ASP F 1310 -32.73 -20.90 7.43
N GLY F 1311 -32.26 -19.74 6.98
CA GLY F 1311 -32.68 -19.18 5.71
C GLY F 1311 -33.70 -18.07 5.88
N ASN F 1312 -33.47 -17.20 6.85
CA ASN F 1312 -34.40 -16.13 7.18
C ASN F 1312 -33.97 -14.77 6.66
N HIS F 1313 -32.67 -14.49 6.63
CA HIS F 1313 -32.12 -13.20 6.20
C HIS F 1313 -32.72 -12.05 7.01
N GLN F 1314 -32.87 -12.25 8.31
CA GLN F 1314 -33.37 -11.25 9.22
C GLN F 1314 -32.22 -10.60 9.98
N MET F 1315 -32.35 -9.29 10.23
CA MET F 1315 -31.24 -8.54 10.81
C MET F 1315 -31.10 -8.82 12.31
N GLU F 1316 -32.12 -8.45 13.10
CA GLU F 1316 -32.08 -8.53 14.55
C GLU F 1316 -30.80 -7.90 15.10
N PRO F 1317 -30.65 -6.58 15.00
CA PRO F 1317 -29.42 -5.93 15.42
C PRO F 1317 -29.35 -5.80 16.94
N GLY F 1318 -28.26 -5.20 17.41
CA GLY F 1318 -28.06 -5.03 18.83
C GLY F 1318 -27.20 -3.83 19.18
N MET F 1319 -26.30 -4.00 20.14
CA MET F 1319 -25.47 -2.92 20.65
C MET F 1319 -24.00 -3.32 20.48
N PRO F 1320 -23.24 -2.64 19.61
CA PRO F 1320 -21.85 -3.04 19.39
C PRO F 1320 -21.03 -2.95 20.67
N GLU F 1321 -20.12 -3.92 20.84
CA GLU F 1321 -19.28 -3.95 22.03
C GLU F 1321 -18.26 -2.83 22.04
N SER F 1322 -17.91 -2.27 20.88
CA SER F 1322 -16.93 -1.19 20.83
C SER F 1322 -17.44 0.04 21.58
N PHE F 1323 -18.72 0.39 21.41
CA PHE F 1323 -19.25 1.55 22.11
C PHE F 1323 -19.36 1.30 23.61
N ASN F 1324 -19.68 0.07 24.01
CA ASN F 1324 -19.66 -0.26 25.44
C ASN F 1324 -18.25 -0.13 26.01
N VAL F 1325 -17.24 -0.57 25.25
CA VAL F 1325 -15.86 -0.39 25.67
C VAL F 1325 -15.53 1.09 25.82
N LEU F 1326 -15.96 1.91 24.85
CA LEU F 1326 -15.71 3.34 24.90
C LEU F 1326 -16.39 3.97 26.13
N LEU F 1327 -17.61 3.55 26.42
CA LEU F 1327 -18.31 4.04 27.61
C LEU F 1327 -17.54 3.67 28.88
N LYS F 1328 -17.05 2.44 28.94
CA LYS F 1328 -16.28 2.01 30.10
C LYS F 1328 -15.00 2.83 30.26
N GLU F 1329 -14.31 3.11 29.14
CA GLU F 1329 -13.11 3.94 29.20
C GLU F 1329 -13.44 5.34 29.70
N ILE F 1330 -14.52 5.94 29.19
CA ILE F 1330 -14.87 7.29 29.60
C ILE F 1330 -15.26 7.32 31.08
N ARG F 1331 -16.02 6.32 31.53
CA ARG F 1331 -16.39 6.23 32.94
C ARG F 1331 -15.17 5.96 33.82
N SER F 1332 -14.14 5.33 33.26
CA SER F 1332 -12.92 5.08 34.03
C SER F 1332 -12.16 6.36 34.34
N LEU F 1333 -12.44 7.45 33.62
CA LEU F 1333 -11.95 8.77 33.97
C LEU F 1333 -12.86 9.35 35.04
N GLY F 1334 -12.72 10.65 35.31
CA GLY F 1334 -13.63 11.32 36.20
C GLY F 1334 -14.93 11.75 35.58
N ILE F 1335 -15.22 11.29 34.36
CA ILE F 1335 -16.38 11.71 33.59
C ILE F 1335 -17.45 10.62 33.64
N ASN F 1336 -18.68 11.02 33.90
CA ASN F 1336 -19.82 10.11 33.95
C ASN F 1336 -20.62 10.25 32.66
N ILE F 1337 -20.75 9.16 31.92
CA ILE F 1337 -21.55 9.13 30.70
C ILE F 1337 -22.51 7.96 30.79
N GLU F 1338 -23.76 8.18 30.39
CA GLU F 1338 -24.81 7.19 30.55
C GLU F 1338 -25.80 7.31 29.41
N LEU F 1339 -26.66 6.30 29.30
CA LEU F 1339 -27.71 6.25 28.29
C LEU F 1339 -29.05 6.55 28.94
N GLU F 1340 -29.72 7.59 28.46
CA GLU F 1340 -31.05 7.92 28.98
C GLU F 1340 -32.11 7.05 28.33
N ASP F 1341 -33.29 7.04 28.93
CA ASP F 1341 -34.41 6.25 28.43
C ASP F 1341 -35.35 7.10 27.59
N LEU G 1 -36.28 -21.38 39.78
CA LEU G 1 -35.21 -20.38 39.64
C LEU G 1 -34.37 -20.67 38.41
N LEU G 2 -35.03 -20.98 37.29
CA LEU G 2 -34.37 -21.26 36.03
C LEU G 2 -35.07 -20.51 34.91
N LYS G 3 -34.63 -20.76 33.68
CA LYS G 3 -35.16 -20.10 32.49
C LYS G 3 -35.07 -18.58 32.64
N PHE G 4 -33.83 -18.10 32.73
CA PHE G 4 -33.54 -16.67 32.85
C PHE G 4 -32.57 -16.28 31.75
N LEU G 5 -32.85 -15.16 31.09
CA LEU G 5 -32.00 -14.63 30.03
C LEU G 5 -31.54 -13.23 30.45
N LYS G 6 -30.23 -13.01 30.39
CA LYS G 6 -29.66 -11.71 30.70
C LYS G 6 -28.94 -11.06 29.53
N ALA G 7 -28.35 -11.84 28.64
CA ALA G 7 -27.72 -11.27 27.44
C ALA G 7 -28.76 -10.61 26.54
N GLN G 8 -29.91 -11.27 26.35
CA GLN G 8 -30.94 -10.71 25.49
C GLN G 8 -31.57 -9.47 26.11
N THR G 9 -31.91 -9.54 27.40
CA THR G 9 -32.50 -8.37 28.07
C THR G 9 -31.48 -7.27 28.33
N LYS G 10 -30.19 -7.54 28.13
CA LYS G 10 -29.18 -6.49 28.29
C LYS G 10 -29.30 -5.41 27.23
N THR G 11 -29.98 -5.70 26.11
CA THR G 11 -30.22 -4.72 25.07
C THR G 11 -31.47 -3.93 25.44
N GLU G 12 -31.29 -2.86 26.20
CA GLU G 12 -32.39 -2.03 26.67
C GLU G 12 -32.56 -0.83 25.74
N GLU G 13 -33.81 -0.39 25.60
CA GLU G 13 -34.10 0.78 24.77
C GLU G 13 -33.53 2.03 25.43
N PHE G 14 -32.96 2.90 24.60
CA PHE G 14 -32.27 4.08 25.12
C PHE G 14 -32.26 5.17 24.05
N ASP G 15 -31.93 6.38 24.48
CA ASP G 15 -31.78 7.54 23.60
C ASP G 15 -31.12 8.65 24.39
N ALA G 16 -30.56 9.62 23.67
CA ALA G 16 -30.05 10.86 24.24
C ALA G 16 -28.97 10.60 25.28
N ILE G 17 -27.83 10.11 24.78
CA ILE G 17 -26.66 9.89 25.63
C ILE G 17 -26.36 11.15 26.42
N LYS G 18 -26.19 11.00 27.74
CA LYS G 18 -25.97 12.11 28.64
C LYS G 18 -24.60 11.99 29.30
N ILE G 19 -23.90 13.11 29.40
CA ILE G 19 -22.55 13.16 29.96
C ILE G 19 -22.51 14.20 31.07
N ALA G 20 -21.84 13.86 32.17
CA ALA G 20 -21.73 14.77 33.30
C ALA G 20 -20.52 14.36 34.13
N LEU G 21 -20.21 15.18 35.12
CA LEU G 21 -19.13 14.85 36.06
C LEU G 21 -19.56 13.71 36.97
N ALA G 22 -18.57 12.95 37.44
CA ALA G 22 -18.81 11.78 38.28
C ALA G 22 -18.55 12.14 39.73
N SER G 23 -19.60 12.09 40.55
CA SER G 23 -19.45 12.32 41.97
C SER G 23 -18.78 11.11 42.62
N PRO G 24 -18.10 11.31 43.76
CA PRO G 24 -17.50 10.15 44.45
C PRO G 24 -18.51 9.08 44.82
N ASP G 25 -19.72 9.49 45.21
CA ASP G 25 -20.76 8.51 45.51
C ASP G 25 -21.13 7.70 44.29
N MET G 26 -21.25 8.35 43.13
CA MET G 26 -21.56 7.63 41.90
C MET G 26 -20.43 6.71 41.49
N ILE G 27 -19.18 7.15 41.67
CA ILE G 27 -18.03 6.30 41.36
C ILE G 27 -18.03 5.06 42.24
N ARG G 28 -18.30 5.23 43.54
CA ARG G 28 -18.40 4.08 44.43
C ARG G 28 -19.59 3.20 44.06
N SER G 29 -20.67 3.79 43.55
CA SER G 29 -21.80 2.99 43.08
C SER G 29 -21.41 2.12 41.89
N TRP G 30 -20.63 2.68 40.97
CA TRP G 30 -20.11 1.86 39.87
C TRP G 30 -19.22 0.75 40.40
N SER G 31 -18.38 1.06 41.37
CA SER G 31 -17.40 0.10 41.87
C SER G 31 -18.08 -1.07 42.56
N PHE G 32 -17.60 -2.29 42.24
CA PHE G 32 -18.03 -3.48 42.95
C PHE G 32 -17.12 -3.81 44.14
N GLY G 33 -15.99 -3.12 44.28
CA GLY G 33 -15.07 -3.39 45.36
C GLY G 33 -13.92 -2.41 45.32
N GLU G 34 -12.92 -2.70 46.15
CA GLU G 34 -11.77 -1.83 46.33
C GLU G 34 -10.49 -2.62 46.07
N VAL G 35 -9.59 -2.03 45.28
CA VAL G 35 -8.29 -2.64 44.97
C VAL G 35 -7.24 -2.06 45.91
N LYS G 36 -6.43 -2.93 46.49
CA LYS G 36 -5.43 -2.50 47.47
C LYS G 36 -4.02 -3.01 47.20
N LYS G 37 -3.82 -3.97 46.30
CA LYS G 37 -2.51 -4.53 46.06
C LYS G 37 -2.08 -4.26 44.62
N PRO G 38 -0.85 -3.78 44.40
CA PRO G 38 -0.39 -3.54 43.02
C PRO G 38 -0.21 -4.79 42.20
N GLU G 39 -0.06 -5.96 42.83
CA GLU G 39 0.18 -7.19 42.09
C GLU G 39 -1.07 -7.63 41.34
N THR G 40 -0.87 -8.37 40.25
CA THR G 40 -1.96 -8.84 39.41
C THR G 40 -2.14 -10.33 39.45
N ILE G 41 -1.12 -11.11 39.11
CA ILE G 41 -1.20 -12.57 39.07
C ILE G 41 0.01 -13.15 39.80
N ASN G 42 -0.25 -14.14 40.65
CA ASN G 42 0.81 -14.88 41.32
C ASN G 42 1.24 -16.07 40.48
N TYR G 43 2.56 -16.24 40.36
CA TYR G 43 3.13 -17.34 39.60
C TYR G 43 3.12 -18.66 40.36
N ARG G 44 2.88 -18.64 41.67
CA ARG G 44 2.84 -19.87 42.45
C ARG G 44 1.61 -20.71 42.15
N THR G 45 0.53 -20.09 41.67
CA THR G 45 -0.69 -20.82 41.36
C THR G 45 -1.29 -20.47 40.01
N PHE G 46 -0.74 -19.52 39.26
CA PHE G 46 -1.29 -19.08 37.97
C PHE G 46 -2.74 -18.65 38.12
N LYS G 47 -3.02 -17.94 39.20
CA LYS G 47 -4.35 -17.47 39.55
C LYS G 47 -4.30 -15.99 39.88
N PRO G 48 -5.40 -15.27 39.68
CA PRO G 48 -5.41 -13.83 39.99
C PRO G 48 -5.29 -13.59 41.49
N GLU G 49 -4.97 -12.34 41.83
CA GLU G 49 -4.75 -11.95 43.22
C GLU G 49 -6.06 -11.87 43.99
N ARG G 50 -5.99 -11.44 45.25
CA ARG G 50 -7.16 -11.29 46.10
C ARG G 50 -7.72 -9.87 46.10
N ASP G 51 -6.86 -8.85 46.16
CA ASP G 51 -7.29 -7.45 46.15
C ASP G 51 -6.43 -6.63 45.18
N GLY G 52 -5.94 -7.26 44.11
CA GLY G 52 -5.10 -6.60 43.14
C GLY G 52 -5.88 -6.06 41.95
N LEU G 53 -5.13 -5.62 40.95
CA LEU G 53 -5.74 -5.18 39.70
C LEU G 53 -6.53 -6.29 39.04
N PHE G 54 -5.96 -7.48 38.96
CA PHE G 54 -6.62 -8.66 38.42
C PHE G 54 -6.95 -9.56 39.60
N CYS G 55 -8.17 -9.42 40.14
CA CYS G 55 -8.61 -10.21 41.27
C CYS G 55 -10.01 -10.73 40.99
N ALA G 56 -10.37 -11.83 41.65
CA ALA G 56 -11.60 -12.56 41.34
C ALA G 56 -12.73 -12.28 42.32
N ARG G 57 -12.44 -11.77 43.52
CA ARG G 57 -13.51 -11.46 44.45
C ARG G 57 -14.48 -10.44 43.86
N ILE G 58 -13.94 -9.42 43.21
CA ILE G 58 -14.73 -8.51 42.38
C ILE G 58 -14.34 -8.78 40.93
N PHE G 59 -15.00 -8.09 40.00
CA PHE G 59 -14.86 -8.21 38.55
C PHE G 59 -15.49 -9.49 38.02
N GLY G 60 -15.97 -10.39 38.89
CA GLY G 60 -16.57 -11.63 38.44
C GLY G 60 -15.58 -12.78 38.41
N PRO G 61 -16.06 -13.97 38.07
CA PRO G 61 -15.19 -15.14 38.01
C PRO G 61 -14.26 -15.09 36.80
N VAL G 62 -13.28 -15.99 36.81
CA VAL G 62 -12.25 -16.03 35.78
C VAL G 62 -12.58 -17.07 34.72
N LYS G 63 -13.18 -18.19 35.15
CA LYS G 63 -13.44 -19.31 34.23
C LYS G 63 -14.90 -19.72 34.36
N ASP G 64 -15.75 -19.17 33.48
CA ASP G 64 -17.15 -19.54 33.35
C ASP G 64 -17.87 -19.52 34.70
N TYR G 65 -18.73 -20.51 34.93
CA TYR G 65 -19.52 -20.62 36.15
C TYR G 65 -18.75 -21.27 37.29
N GLU G 66 -17.42 -21.28 37.23
CA GLU G 66 -16.60 -21.87 38.29
C GLU G 66 -16.11 -20.78 39.24
N CYS G 67 -16.15 -21.09 40.53
CA CYS G 67 -15.67 -20.19 41.56
C CYS G 67 -14.29 -20.63 42.03
N LEU G 68 -13.56 -19.69 42.64
CA LEU G 68 -12.22 -20.00 43.13
C LEU G 68 -12.29 -21.02 44.25
N CYS G 69 -11.22 -21.82 44.36
CA CYS G 69 -11.07 -22.95 45.27
C CYS G 69 -11.99 -24.12 44.92
N GLY G 70 -12.82 -24.00 43.89
CA GLY G 70 -13.65 -25.10 43.45
C GLY G 70 -14.77 -25.49 44.39
N LYS G 71 -15.18 -24.59 45.29
CA LYS G 71 -16.25 -24.92 46.23
C LYS G 71 -17.61 -24.95 45.53
N TYR G 72 -17.89 -23.96 44.68
CA TYR G 72 -19.13 -23.89 43.91
C TYR G 72 -18.77 -23.67 42.45
N LYS G 73 -18.66 -24.76 41.68
CA LYS G 73 -18.35 -24.68 40.25
C LYS G 73 -19.38 -25.52 39.48
N ARG G 74 -20.56 -24.94 39.25
CA ARG G 74 -21.61 -25.56 38.45
C ARG G 74 -22.53 -24.44 37.96
N LEU G 75 -23.34 -24.78 36.94
CA LEU G 75 -24.40 -23.88 36.52
C LEU G 75 -25.61 -23.95 37.44
N LYS G 76 -25.74 -25.02 38.23
CA LYS G 76 -26.84 -25.12 39.18
C LYS G 76 -26.78 -23.99 40.19
N HIS G 77 -25.59 -23.70 40.72
CA HIS G 77 -25.42 -22.56 41.60
C HIS G 77 -25.43 -21.28 40.79
N ARG G 78 -26.23 -20.31 41.20
CA ARG G 78 -26.33 -19.02 40.51
C ARG G 78 -26.39 -17.91 41.55
N GLY G 79 -25.45 -16.97 41.46
CA GLY G 79 -25.45 -15.83 42.37
C GLY G 79 -25.25 -16.20 43.83
N VAL G 80 -24.32 -17.12 44.10
CA VAL G 80 -24.04 -17.56 45.47
C VAL G 80 -22.61 -17.15 45.81
N ILE G 81 -22.45 -16.51 46.96
CA ILE G 81 -21.14 -16.07 47.43
C ILE G 81 -20.51 -17.22 48.21
N CYS G 82 -19.34 -17.68 47.76
CA CYS G 82 -18.63 -18.72 48.47
C CYS G 82 -18.10 -18.19 49.79
N GLU G 83 -18.10 -19.05 50.82
CA GLU G 83 -17.61 -18.63 52.13
C GLU G 83 -16.10 -18.39 52.09
N LYS G 84 -15.36 -19.24 51.38
CA LYS G 84 -13.91 -19.09 51.34
C LYS G 84 -13.49 -17.84 50.56
N CYS G 85 -14.14 -17.56 49.44
CA CYS G 85 -13.81 -16.42 48.61
C CYS G 85 -15.08 -15.76 48.11
N GLY G 86 -15.05 -14.44 48.00
CA GLY G 86 -16.22 -13.67 47.60
C GLY G 86 -16.58 -13.82 46.13
N VAL G 87 -16.02 -14.83 45.46
CA VAL G 87 -16.30 -15.05 44.05
C VAL G 87 -17.73 -15.54 43.88
N GLU G 88 -18.45 -14.93 42.95
CA GLU G 88 -19.80 -15.36 42.61
C GLU G 88 -19.79 -16.03 41.23
N VAL G 89 -20.75 -16.93 41.02
CA VAL G 89 -20.82 -17.71 39.79
C VAL G 89 -21.60 -16.93 38.74
N THR G 90 -20.95 -16.63 37.63
CA THR G 90 -21.55 -15.81 36.59
C THR G 90 -20.91 -16.22 35.26
N GLN G 91 -21.40 -15.66 34.15
CA GLN G 91 -21.00 -16.01 32.80
C GLN G 91 -19.58 -15.58 32.44
N THR G 92 -18.81 -15.07 33.41
CA THR G 92 -17.41 -14.64 33.30
C THR G 92 -17.22 -13.54 32.25
N LYS G 93 -18.31 -13.09 31.62
CA LYS G 93 -18.24 -11.92 30.77
C LYS G 93 -18.32 -10.62 31.55
N VAL G 94 -18.74 -10.69 32.82
CA VAL G 94 -18.76 -9.52 33.69
C VAL G 94 -17.37 -8.96 33.96
N ARG G 95 -16.32 -9.66 33.54
CA ARG G 95 -15.00 -9.07 33.57
C ARG G 95 -14.92 -7.84 32.67
N ARG G 96 -15.88 -7.68 31.75
CA ARG G 96 -15.96 -6.52 30.87
C ARG G 96 -16.84 -5.41 31.43
N GLU G 97 -17.52 -5.63 32.55
CA GLU G 97 -18.51 -4.67 33.03
C GLU G 97 -18.23 -4.13 34.43
N ARG G 98 -17.78 -4.98 35.35
CA ARG G 98 -17.51 -4.52 36.71
C ARG G 98 -16.29 -3.62 36.73
N MET G 99 -16.38 -2.49 37.45
CA MET G 99 -15.39 -1.44 37.37
C MET G 99 -14.39 -1.47 38.53
N GLY G 100 -14.88 -1.36 39.77
CA GLY G 100 -14.00 -1.23 40.91
C GLY G 100 -13.53 0.20 41.12
N HIS G 101 -12.82 0.40 42.23
CA HIS G 101 -12.35 1.74 42.59
C HIS G 101 -11.15 1.61 43.52
N ILE G 102 -10.44 2.71 43.69
CA ILE G 102 -9.35 2.82 44.65
C ILE G 102 -9.51 4.14 45.39
N GLU G 103 -9.44 4.08 46.73
CA GLU G 103 -9.46 5.29 47.54
C GLU G 103 -8.06 5.86 47.66
N LEU G 104 -7.93 7.16 47.37
CA LEU G 104 -6.62 7.80 47.33
C LEU G 104 -6.13 8.27 48.68
N ALA G 105 -7.01 8.31 49.69
CA ALA G 105 -6.65 8.70 51.06
C ALA G 105 -6.15 10.14 51.12
N SER G 106 -6.14 10.83 49.99
CA SER G 106 -5.73 12.22 49.87
C SER G 106 -6.25 12.76 48.54
N PRO G 107 -7.00 13.86 48.55
CA PRO G 107 -7.54 14.39 47.29
C PRO G 107 -6.43 14.71 46.29
N THR G 108 -6.68 14.37 45.04
CA THR G 108 -5.81 14.69 43.92
C THR G 108 -6.59 15.49 42.88
N ALA G 109 -5.88 16.18 42.01
CA ALA G 109 -6.47 17.08 41.03
C ALA G 109 -6.58 16.37 39.69
N HIS G 110 -7.73 16.53 39.04
CA HIS G 110 -7.97 15.93 37.73
C HIS G 110 -7.11 16.64 36.68
N ILE G 111 -6.24 15.88 36.02
CA ILE G 111 -5.38 16.44 34.99
C ILE G 111 -6.22 16.90 33.79
N TRP G 112 -7.43 16.36 33.67
CA TRP G 112 -8.32 16.70 32.57
C TRP G 112 -8.69 18.18 32.58
N PHE G 113 -9.00 18.71 33.76
CA PHE G 113 -9.54 20.07 33.88
C PHE G 113 -8.47 21.11 34.18
N LEU G 114 -7.48 20.77 35.02
CA LEU G 114 -6.49 21.75 35.42
C LEU G 114 -5.60 22.17 34.25
N LYS G 115 -5.20 21.21 33.42
CA LYS G 115 -4.24 21.47 32.33
C LYS G 115 -5.00 21.54 31.01
N SER G 116 -5.52 22.73 30.71
CA SER G 116 -6.10 23.03 29.41
C SER G 116 -6.16 24.54 29.30
N LEU G 117 -5.97 25.05 28.07
CA LEU G 117 -5.92 26.50 27.88
C LEU G 117 -7.15 27.22 28.41
N PRO G 118 -8.39 26.76 28.18
CA PRO G 118 -9.53 27.30 28.94
C PRO G 118 -9.79 26.48 30.22
N SER G 119 -8.84 26.56 31.16
CA SER G 119 -8.92 25.77 32.38
C SER G 119 -10.18 26.12 33.16
N ARG G 120 -10.98 25.10 33.48
CA ARG G 120 -12.26 25.33 34.14
C ARG G 120 -12.06 25.86 35.56
N ILE G 121 -11.22 25.19 36.36
CA ILE G 121 -10.97 25.66 37.71
C ILE G 121 -10.19 26.97 37.70
N GLY G 122 -9.28 27.12 36.73
CA GLY G 122 -8.47 28.34 36.68
C GLY G 122 -9.31 29.58 36.48
N LEU G 123 -10.23 29.56 35.51
CA LEU G 123 -11.09 30.71 35.27
C LEU G 123 -12.33 30.71 36.16
N LEU G 124 -12.57 29.61 36.90
CA LEU G 124 -13.64 29.57 37.87
C LEU G 124 -13.22 30.16 39.21
N LEU G 125 -11.93 30.14 39.51
CA LEU G 125 -11.41 30.71 40.75
C LEU G 125 -10.84 32.10 40.56
N ASP G 126 -10.90 32.65 39.34
CA ASP G 126 -10.37 33.98 39.03
C ASP G 126 -8.89 34.09 39.39
N MET G 127 -8.16 33.01 39.17
CA MET G 127 -6.73 32.93 39.44
C MET G 127 -6.03 32.33 38.23
N PRO G 128 -4.76 32.68 38.00
CA PRO G 128 -4.08 32.20 36.80
C PRO G 128 -3.56 30.77 36.96
N LEU G 129 -3.34 30.13 35.82
CA LEU G 129 -2.95 28.72 35.80
C LEU G 129 -1.61 28.52 36.50
N ARG G 130 -0.71 29.50 36.41
CA ARG G 130 0.59 29.36 37.06
C ARG G 130 0.44 29.21 38.57
N ASP G 131 -0.44 30.01 39.19
CA ASP G 131 -0.60 29.95 40.64
C ASP G 131 -1.26 28.65 41.10
N ILE G 132 -2.25 28.16 40.36
CA ILE G 132 -2.93 26.94 40.80
C ILE G 132 -2.03 25.72 40.57
N GLU G 133 -1.39 25.66 39.39
CA GLU G 133 -0.40 24.62 39.17
C GLU G 133 0.74 24.72 40.19
N ARG G 134 0.96 25.93 40.75
CA ARG G 134 2.01 26.12 41.76
C ARG G 134 1.56 25.58 43.13
N VAL G 135 0.32 25.89 43.55
CA VAL G 135 -0.12 25.34 44.85
C VAL G 135 -0.31 23.83 44.74
N LEU G 136 -0.66 23.32 43.56
CA LEU G 136 -0.96 21.89 43.44
C LEU G 136 0.27 21.02 43.68
N TYR G 137 1.47 21.60 43.70
CA TYR G 137 2.69 20.86 44.00
C TYR G 137 3.39 21.41 45.25
N PHE G 138 2.62 21.98 46.16
CA PHE G 138 3.02 22.34 47.53
C PHE G 138 4.12 23.38 47.60
N GLU G 139 4.50 24.01 46.48
CA GLU G 139 5.59 24.98 46.56
C GLU G 139 5.08 26.34 47.05
N SER G 140 3.76 26.59 47.01
CA SER G 140 3.20 27.79 47.63
C SER G 140 1.89 27.44 48.34
N TYR G 141 1.56 28.27 49.33
CA TYR G 141 0.37 28.13 50.15
C TYR G 141 -0.72 29.12 49.73
N VAL G 142 -1.96 28.73 50.00
CA VAL G 142 -3.13 29.58 49.81
C VAL G 142 -3.89 29.66 51.13
N VAL G 143 -4.09 30.87 51.62
CA VAL G 143 -4.85 31.08 52.85
C VAL G 143 -6.32 31.25 52.51
N ILE G 144 -7.19 30.83 53.44
CA ILE G 144 -8.63 30.96 53.29
C ILE G 144 -9.19 31.63 54.54
N GLU G 145 -10.32 32.32 54.36
CA GLU G 145 -11.02 33.05 55.42
C GLU G 145 -10.05 34.11 55.95
N GLY G 146 -9.76 34.16 57.24
CA GLY G 146 -8.87 35.19 57.76
C GLY G 146 -9.43 36.59 57.66
N GLY G 147 -10.72 36.75 57.95
CA GLY G 147 -11.32 38.08 57.87
C GLY G 147 -10.76 39.05 58.90
N MET G 148 -10.50 38.54 60.11
CA MET G 148 -9.93 39.39 61.15
C MET G 148 -8.54 39.89 60.77
N THR G 149 -7.73 39.02 60.18
CA THR G 149 -6.38 39.40 59.75
C THR G 149 -6.44 40.15 58.42
N ASN G 150 -5.30 40.74 58.06
CA ASN G 150 -5.20 41.49 56.81
C ASN G 150 -5.05 40.61 55.59
N LEU G 151 -4.89 39.30 55.76
CA LEU G 151 -4.73 38.40 54.63
C LEU G 151 -6.03 38.34 53.81
N GLU G 152 -5.87 38.25 52.49
CA GLU G 152 -7.01 38.20 51.59
C GLU G 152 -7.58 36.79 51.50
N ARG G 153 -8.72 36.68 50.81
CA ARG G 153 -9.37 35.38 50.65
C ARG G 153 -8.55 34.46 49.75
N GLN G 154 -7.92 35.02 48.71
CA GLN G 154 -7.17 34.25 47.73
C GLN G 154 -5.71 34.67 47.71
N GLN G 155 -5.11 34.82 48.89
CA GLN G 155 -3.70 35.18 48.97
C GLN G 155 -2.81 34.06 48.45
N ILE G 156 -1.67 34.44 47.88
CA ILE G 156 -0.76 33.49 47.25
C ILE G 156 0.55 33.50 48.05
N LEU G 157 0.45 33.73 49.35
CA LEU G 157 1.63 33.84 50.19
C LEU G 157 2.45 32.56 50.16
N THR G 158 3.77 32.72 50.13
CA THR G 158 4.69 31.60 50.06
C THR G 158 5.02 31.09 51.46
N GLU G 159 6.04 30.23 51.56
CA GLU G 159 6.39 29.64 52.85
C GLU G 159 6.88 30.70 53.83
N GLU G 160 7.79 31.57 53.39
CA GLU G 160 8.33 32.59 54.28
C GLU G 160 7.24 33.51 54.78
N GLN G 161 6.32 33.91 53.90
CA GLN G 161 5.16 34.68 54.33
C GLN G 161 4.28 33.87 55.30
N TYR G 162 4.25 32.54 55.14
CA TYR G 162 3.48 31.71 56.05
C TYR G 162 4.06 31.75 57.46
N LEU G 163 5.38 31.59 57.59
CA LEU G 163 6.01 31.73 58.91
C LEU G 163 5.85 33.14 59.46
N ASP G 164 5.93 34.16 58.61
CA ASP G 164 5.74 35.52 59.09
C ASP G 164 4.34 35.72 59.64
N ALA G 165 3.33 35.21 58.92
CA ALA G 165 1.95 35.31 59.41
C ALA G 165 1.76 34.52 60.69
N LEU G 166 2.35 33.32 60.78
CA LEU G 166 2.25 32.54 62.00
C LEU G 166 2.85 33.27 63.19
N GLU G 167 4.00 33.92 62.98
CA GLU G 167 4.61 34.71 64.05
C GLU G 167 3.74 35.92 64.41
N GLU G 168 3.14 36.56 63.41
CA GLU G 168 2.36 37.77 63.65
C GLU G 168 0.89 37.46 63.91
N PHE G 169 0.21 36.85 62.95
CA PHE G 169 -1.22 36.61 63.09
C PHE G 169 -1.52 35.44 64.02
N GLY G 170 -0.67 34.41 64.03
CA GLY G 170 -0.92 33.24 64.84
C GLY G 170 -2.15 32.49 64.38
N ASP G 171 -3.22 32.56 65.16
CA ASP G 171 -4.49 31.97 64.77
C ASP G 171 -5.15 32.80 63.67
N GLU G 172 -6.35 32.39 63.28
CA GLU G 172 -7.19 33.01 62.25
C GLU G 172 -6.58 32.90 60.86
N PHE G 173 -5.41 32.29 60.71
CA PHE G 173 -4.78 32.08 59.41
C PHE G 173 -4.89 30.60 59.07
N ASP G 174 -5.72 30.29 58.07
CA ASP G 174 -5.97 28.92 57.63
C ASP G 174 -5.43 28.76 56.22
N ALA G 175 -4.27 28.11 56.10
CA ALA G 175 -3.63 27.89 54.80
C ALA G 175 -3.20 26.44 54.70
N LYS G 176 -3.49 25.80 53.57
CA LYS G 176 -3.06 24.44 53.29
C LYS G 176 -2.30 24.43 51.96
N MET G 177 -1.37 23.48 51.85
CA MET G 177 -0.45 23.46 50.72
C MET G 177 -0.92 22.63 49.55
N GLY G 178 -1.66 21.55 49.78
CA GLY G 178 -2.01 20.61 48.73
C GLY G 178 -3.35 20.91 48.09
N ALA G 179 -3.85 19.91 47.35
CA ALA G 179 -5.14 20.03 46.69
C ALA G 179 -6.30 20.07 47.69
N GLU G 180 -6.04 19.73 48.96
CA GLU G 180 -7.08 19.86 49.97
C GLU G 180 -7.51 21.31 50.14
N ALA G 181 -6.56 22.24 50.06
CA ALA G 181 -6.91 23.66 50.10
C ALA G 181 -7.79 24.05 48.92
N ILE G 182 -7.48 23.53 47.73
CA ILE G 182 -8.29 23.82 46.55
C ILE G 182 -9.70 23.27 46.74
N GLN G 183 -9.81 22.05 47.28
CA GLN G 183 -11.13 21.48 47.54
C GLN G 183 -11.91 22.31 48.56
N ALA G 184 -11.23 22.75 49.63
CA ALA G 184 -11.90 23.54 50.65
C ALA G 184 -12.41 24.87 50.09
N LEU G 185 -11.56 25.56 49.32
CA LEU G 185 -11.97 26.84 48.77
C LEU G 185 -12.95 26.70 47.61
N LEU G 186 -13.02 25.52 46.99
CA LEU G 186 -14.06 25.24 46.02
C LEU G 186 -15.40 24.99 46.71
N LYS G 187 -15.39 24.25 47.82
CA LYS G 187 -16.61 24.01 48.57
C LYS G 187 -17.15 25.28 49.21
N SER G 188 -16.25 26.14 49.71
CA SER G 188 -16.66 27.35 50.42
C SER G 188 -17.31 28.39 49.51
N MET G 189 -17.23 28.23 48.19
CA MET G 189 -17.77 29.22 47.28
C MET G 189 -19.29 29.10 47.18
N ASP G 190 -19.95 30.26 47.17
CA ASP G 190 -21.40 30.34 46.94
C ASP G 190 -21.62 30.76 45.50
N LEU G 191 -22.13 29.84 44.69
CA LEU G 191 -22.23 30.06 43.25
C LEU G 191 -23.22 31.17 42.91
N GLU G 192 -24.39 31.16 43.56
CA GLU G 192 -25.46 32.07 43.15
C GLU G 192 -25.11 33.52 43.42
N GLN G 193 -24.64 33.83 44.64
CA GLN G 193 -24.30 35.21 44.97
C GLN G 193 -23.11 35.70 44.15
N GLU G 194 -22.15 34.81 43.87
CA GLU G 194 -21.03 35.18 43.02
C GLU G 194 -21.49 35.51 41.61
N CYS G 195 -22.42 34.71 41.06
CA CYS G 195 -22.96 35.00 39.75
C CYS G 195 -23.72 36.32 39.72
N GLU G 196 -24.51 36.58 40.78
CA GLU G 196 -25.24 37.85 40.84
C GLU G 196 -24.28 39.04 40.91
N GLN G 197 -23.22 38.91 41.72
CA GLN G 197 -22.23 39.99 41.80
C GLN G 197 -21.52 40.21 40.48
N LEU G 198 -21.18 39.11 39.78
CA LEU G 198 -20.53 39.24 38.48
C LEU G 198 -21.45 39.91 37.47
N ARG G 199 -22.74 39.55 37.47
CA ARG G 199 -23.69 40.20 36.57
C ARG G 199 -23.84 41.68 36.91
N GLU G 200 -23.89 42.02 38.20
CA GLU G 200 -23.99 43.42 38.60
C GLU G 200 -22.77 44.21 38.13
N GLU G 201 -21.57 43.63 38.29
CA GLU G 201 -20.36 44.31 37.82
C GLU G 201 -20.36 44.44 36.31
N LEU G 202 -20.82 43.41 35.59
CA LEU G 202 -20.83 43.45 34.14
C LEU G 202 -21.76 44.53 33.61
N ASN G 203 -22.98 44.62 34.17
CA ASN G 203 -23.92 45.62 33.68
C ASN G 203 -23.59 47.02 34.18
N GLU G 204 -22.97 47.13 35.36
CA GLU G 204 -22.66 48.45 35.89
C GLU G 204 -21.51 49.11 35.13
N THR G 205 -20.45 48.35 34.86
CA THR G 205 -19.26 48.87 34.20
C THR G 205 -19.08 48.17 32.86
N ASN G 206 -18.90 48.95 31.80
CA ASN G 206 -18.73 48.43 30.45
C ASN G 206 -17.30 48.68 30.00
N SER G 207 -16.61 47.61 29.61
CA SER G 207 -15.24 47.70 29.10
C SER G 207 -14.96 46.48 28.25
N GLU G 208 -14.50 46.70 27.02
CA GLU G 208 -14.29 45.60 26.08
C GLU G 208 -13.23 44.62 26.56
N THR G 209 -12.32 45.04 27.43
CA THR G 209 -11.29 44.14 27.91
C THR G 209 -11.84 43.15 28.92
N LYS G 210 -12.52 43.64 29.96
CA LYS G 210 -13.07 42.77 31.00
C LYS G 210 -14.39 42.13 30.61
N ARG G 211 -15.03 42.61 29.53
CA ARG G 211 -16.33 42.06 29.14
C ARG G 211 -16.22 40.59 28.76
N LYS G 212 -15.19 40.23 27.98
CA LYS G 212 -15.06 38.84 27.56
C LYS G 212 -14.84 37.91 28.75
N LYS G 213 -13.99 38.33 29.69
CA LYS G 213 -13.73 37.50 30.87
C LYS G 213 -14.96 37.38 31.74
N LEU G 214 -15.68 38.49 31.95
CA LEU G 214 -16.88 38.45 32.77
C LEU G 214 -17.95 37.56 32.14
N THR G 215 -18.12 37.66 30.81
CA THR G 215 -19.10 36.83 30.13
C THR G 215 -18.72 35.35 30.21
N LYS G 216 -17.44 35.03 30.01
CA LYS G 216 -17.02 33.63 30.11
C LYS G 216 -17.24 33.09 31.51
N ARG G 217 -16.90 33.87 32.54
CA ARG G 217 -17.07 33.42 33.92
C ARG G 217 -18.55 33.23 34.25
N ILE G 218 -19.40 34.17 33.85
CA ILE G 218 -20.82 34.05 34.17
C ILE G 218 -21.44 32.89 33.41
N LYS G 219 -20.98 32.64 32.17
CA LYS G 219 -21.47 31.50 31.42
C LYS G 219 -21.10 30.18 32.10
N LEU G 220 -19.84 30.06 32.56
CA LEU G 220 -19.44 28.84 33.24
C LEU G 220 -20.21 28.66 34.54
N LEU G 221 -20.41 29.75 35.30
CA LEU G 221 -21.14 29.66 36.56
C LEU G 221 -22.60 29.26 36.31
N GLU G 222 -23.23 29.84 35.29
CA GLU G 222 -24.60 29.49 34.96
C GLU G 222 -24.71 28.03 34.54
N ALA G 223 -23.76 27.56 33.73
CA ALA G 223 -23.75 26.15 33.34
C ALA G 223 -23.61 25.25 34.55
N PHE G 224 -22.73 25.62 35.49
CA PHE G 224 -22.54 24.81 36.69
C PHE G 224 -23.80 24.76 37.54
N VAL G 225 -24.48 25.89 37.73
CA VAL G 225 -25.66 25.88 38.59
C VAL G 225 -26.81 25.15 37.91
N GLN G 226 -26.96 25.31 36.60
CA GLN G 226 -28.10 24.72 35.91
C GLN G 226 -27.90 23.23 35.61
N SER G 227 -26.65 22.77 35.53
CA SER G 227 -26.38 21.38 35.16
C SER G 227 -26.49 20.42 36.33
N GLY G 228 -26.61 20.93 37.57
CA GLY G 228 -26.64 20.07 38.73
C GLY G 228 -25.31 19.57 39.21
N ASN G 229 -24.22 19.96 38.56
CA ASN G 229 -22.88 19.54 38.97
C ASN G 229 -22.43 20.34 40.19
N LYS G 230 -21.37 19.86 40.82
CA LYS G 230 -20.77 20.52 41.96
C LYS G 230 -19.28 20.72 41.68
N PRO G 231 -18.75 21.93 41.85
CA PRO G 231 -17.35 22.17 41.50
C PRO G 231 -16.37 21.31 42.28
N GLU G 232 -16.69 20.92 43.51
CA GLU G 232 -15.80 20.08 44.29
C GLU G 232 -15.58 18.72 43.65
N TRP G 233 -16.46 18.30 42.73
CA TRP G 233 -16.27 17.06 42.00
C TRP G 233 -15.16 17.15 40.96
N MET G 234 -14.65 18.35 40.67
CA MET G 234 -13.59 18.49 39.67
C MET G 234 -12.35 17.71 40.08
N ILE G 235 -11.93 17.84 41.32
CA ILE G 235 -10.82 17.06 41.86
C ILE G 235 -11.38 15.87 42.62
N LEU G 236 -10.83 14.69 42.36
CA LEU G 236 -11.43 13.43 42.79
C LEU G 236 -10.66 12.84 43.97
N THR G 237 -11.42 12.28 44.91
CA THR G 237 -10.86 11.54 46.03
C THR G 237 -10.90 10.03 45.84
N VAL G 238 -11.73 9.53 44.92
CA VAL G 238 -11.82 8.11 44.61
C VAL G 238 -11.60 7.94 43.11
N LEU G 239 -10.73 7.00 42.73
CA LEU G 239 -10.37 6.81 41.33
C LEU G 239 -10.94 5.51 40.81
N PRO G 240 -11.77 5.53 39.77
CA PRO G 240 -12.25 4.28 39.17
C PRO G 240 -11.16 3.62 38.33
N VAL G 241 -11.32 2.32 38.15
CA VAL G 241 -10.36 1.51 37.39
C VAL G 241 -11.12 0.74 36.31
N LEU G 242 -10.42 0.50 35.19
CA LEU G 242 -11.02 -0.18 34.06
C LEU G 242 -11.29 -1.64 34.39
N PRO G 243 -12.32 -2.24 33.78
CA PRO G 243 -12.51 -3.68 33.94
C PRO G 243 -11.33 -4.45 33.38
N PRO G 244 -10.99 -5.59 33.99
CA PRO G 244 -9.77 -6.30 33.56
C PRO G 244 -9.80 -6.77 32.11
N ASP G 245 -10.95 -7.22 31.62
CA ASP G 245 -11.01 -7.78 30.27
C ASP G 245 -10.80 -6.72 29.20
N LEU G 246 -10.89 -5.44 29.55
CA LEU G 246 -10.57 -4.38 28.61
C LEU G 246 -9.10 -3.99 28.63
N ARG G 247 -8.32 -4.49 29.60
CA ARG G 247 -6.88 -4.23 29.68
C ARG G 247 -6.12 -5.53 29.91
N PRO G 248 -6.20 -6.47 28.97
CA PRO G 248 -5.51 -7.75 29.16
C PRO G 248 -4.00 -7.59 29.13
N LEU G 249 -3.33 -8.40 29.93
CA LEU G 249 -1.87 -8.38 30.00
C LEU G 249 -1.30 -9.35 28.99
N VAL G 250 -0.18 -8.98 28.39
CA VAL G 250 0.32 -9.72 27.21
C VAL G 250 0.87 -11.07 27.65
N PRO G 251 0.66 -12.13 26.88
CA PRO G 251 1.35 -13.40 27.11
C PRO G 251 2.58 -13.55 26.22
N LEU G 252 3.39 -14.53 26.58
CA LEU G 252 4.70 -14.73 25.98
C LEU G 252 5.24 -16.08 26.44
N ASP G 253 6.49 -16.39 26.10
CA ASP G 253 7.01 -17.72 26.35
C ASP G 253 7.03 -18.03 27.83
N GLY G 254 6.57 -19.24 28.18
CA GLY G 254 6.44 -19.63 29.56
C GLY G 254 5.14 -19.13 30.16
N GLY G 255 4.98 -19.42 31.46
CA GLY G 255 3.84 -18.96 32.20
C GLY G 255 3.93 -17.52 32.67
N ARG G 256 5.05 -16.85 32.39
CA ARG G 256 5.22 -15.46 32.77
C ARG G 256 4.27 -14.57 31.98
N PHE G 257 3.79 -13.52 32.64
CA PHE G 257 2.90 -12.54 32.02
C PHE G 257 3.51 -11.16 32.19
N ALA G 258 3.74 -10.48 31.07
CA ALA G 258 4.27 -9.12 31.10
C ALA G 258 3.13 -8.13 31.30
N THR G 259 3.23 -7.32 32.34
CA THR G 259 2.19 -6.34 32.62
C THR G 259 2.15 -5.29 31.51
N SER G 260 0.95 -4.78 31.22
CA SER G 260 0.78 -3.85 30.13
C SER G 260 0.99 -2.41 30.61
N ASP G 261 0.77 -1.47 29.69
CA ASP G 261 0.97 -0.05 29.99
C ASP G 261 -0.07 0.46 30.97
N LEU G 262 -1.35 0.19 30.71
CA LEU G 262 -2.41 0.64 31.60
C LEU G 262 -2.27 0.02 32.98
N ASN G 263 -1.93 -1.28 33.03
CA ASN G 263 -1.68 -1.93 34.30
C ASN G 263 -0.46 -1.33 34.99
N ASP G 264 0.56 -0.94 34.23
CA ASP G 264 1.71 -0.25 34.83
C ASP G 264 1.28 1.05 35.51
N LEU G 265 0.51 1.88 34.81
CA LEU G 265 0.07 3.13 35.41
C LEU G 265 -0.79 2.88 36.65
N TYR G 266 -1.73 1.92 36.55
CA TYR G 266 -2.60 1.64 37.69
C TYR G 266 -1.81 1.14 38.89
N ARG G 267 -0.85 0.23 38.66
CA ARG G 267 -0.08 -0.31 39.77
C ARG G 267 0.86 0.73 40.36
N ARG G 268 1.40 1.64 39.54
CA ARG G 268 2.17 2.74 40.09
C ARG G 268 1.32 3.62 40.99
N VAL G 269 0.09 3.93 40.54
CA VAL G 269 -0.81 4.74 41.35
C VAL G 269 -1.13 4.04 42.67
N ILE G 270 -1.40 2.73 42.60
CA ILE G 270 -1.73 1.99 43.82
C ILE G 270 -0.53 1.95 44.77
N ASN G 271 0.68 1.75 44.23
CA ASN G 271 1.86 1.72 45.08
C ASN G 271 2.05 3.05 45.80
N ARG G 272 1.96 4.15 45.06
CA ARG G 272 2.12 5.47 45.67
C ARG G 272 1.04 5.72 46.72
N ASN G 273 -0.21 5.38 46.40
CA ASN G 273 -1.30 5.60 47.35
C ASN G 273 -1.13 4.77 48.61
N ASN G 274 -0.73 3.50 48.46
CA ASN G 274 -0.56 2.65 49.63
C ASN G 274 0.57 3.15 50.52
N ARG G 275 1.71 3.52 49.93
CA ARG G 275 2.80 4.02 50.76
C ARG G 275 2.43 5.35 51.41
N LEU G 276 1.69 6.21 50.72
CA LEU G 276 1.30 7.49 51.29
C LEU G 276 0.33 7.29 52.45
N LYS G 277 -0.67 6.43 52.26
CA LYS G 277 -1.64 6.18 53.33
C LYS G 277 -0.98 5.50 54.52
N ARG G 278 0.02 4.66 54.29
CA ARG G 278 0.71 4.07 55.44
C ARG G 278 1.65 5.05 56.12
N LEU G 279 2.16 6.05 55.39
CA LEU G 279 2.96 7.08 56.02
C LEU G 279 2.11 8.05 56.82
N LEU G 280 0.83 8.18 56.49
CA LEU G 280 -0.05 9.04 57.29
C LEU G 280 -0.15 8.57 58.74
N ASP G 281 -0.32 7.27 58.97
CA ASP G 281 -0.56 6.81 60.34
C ASP G 281 0.70 6.83 61.21
N LEU G 282 1.87 7.08 60.64
CA LEU G 282 3.12 7.04 61.38
C LEU G 282 3.52 8.40 61.96
N ALA G 283 2.70 9.42 61.81
CA ALA G 283 3.00 10.77 62.28
C ALA G 283 4.35 11.25 61.72
N ALA G 284 4.56 11.01 60.42
CA ALA G 284 5.80 11.35 59.78
C ALA G 284 5.94 12.88 59.67
N PRO G 285 7.16 13.38 59.51
CA PRO G 285 7.35 14.82 59.32
C PRO G 285 6.64 15.31 58.07
N ASP G 286 6.27 16.59 58.10
CA ASP G 286 5.44 17.16 57.04
C ASP G 286 6.14 17.12 55.69
N ILE G 287 7.48 17.12 55.66
CA ILE G 287 8.21 17.19 54.40
C ILE G 287 8.01 15.91 53.59
N ILE G 288 8.16 14.74 54.22
CA ILE G 288 8.07 13.48 53.49
C ILE G 288 6.64 13.23 53.06
N VAL G 289 5.66 13.54 53.90
CA VAL G 289 4.26 13.39 53.52
C VAL G 289 3.91 14.34 52.39
N ARG G 290 4.44 15.56 52.42
CA ARG G 290 4.26 16.52 51.34
C ARG G 290 4.80 15.97 50.03
N ASN G 291 6.02 15.44 50.06
CA ASN G 291 6.63 14.89 48.85
C ASN G 291 5.84 13.70 48.33
N GLU G 292 5.35 12.85 49.23
CA GLU G 292 4.60 11.67 48.79
C GLU G 292 3.25 12.06 48.20
N LYS G 293 2.60 13.09 48.76
CA LYS G 293 1.37 13.59 48.18
C LYS G 293 1.62 14.16 46.79
N ARG G 294 2.72 14.90 46.62
CA ARG G 294 3.07 15.41 45.30
C ARG G 294 3.31 14.26 44.32
N MET G 295 4.00 13.21 44.77
CA MET G 295 4.25 12.06 43.90
C MET G 295 2.97 11.36 43.52
N LEU G 296 2.04 11.20 44.46
CA LEU G 296 0.76 10.58 44.14
C LEU G 296 -0.02 11.42 43.12
N GLN G 297 -0.03 12.75 43.31
CA GLN G 297 -0.72 13.61 42.36
C GLN G 297 -0.10 13.49 40.96
N GLU G 298 1.24 13.46 40.88
CA GLU G 298 1.91 13.31 39.61
C GLU G 298 1.57 11.97 38.96
N ALA G 299 1.56 10.90 39.76
CA ALA G 299 1.24 9.58 39.22
C ALA G 299 -0.18 9.52 38.70
N VAL G 300 -1.14 10.11 39.42
CA VAL G 300 -2.52 10.13 38.96
C VAL G 300 -2.64 10.92 37.67
N ASP G 301 -1.98 12.08 37.60
CA ASP G 301 -2.01 12.88 36.38
C ASP G 301 -1.42 12.11 35.20
N ALA G 302 -0.32 11.39 35.42
CA ALA G 302 0.28 10.59 34.36
C ALA G 302 -0.66 9.47 33.92
N LEU G 303 -1.32 8.81 34.88
CA LEU G 303 -2.22 7.72 34.54
C LEU G 303 -3.40 8.21 33.71
N LEU G 304 -4.00 9.34 34.09
CA LEU G 304 -5.20 9.79 33.41
C LEU G 304 -4.87 10.38 32.04
N ASP G 305 -3.81 11.17 31.94
CA ASP G 305 -3.33 11.71 30.66
C ASP G 305 -1.81 11.80 30.73
N ASN G 306 -1.13 10.83 30.15
CA ASN G 306 0.33 10.81 30.17
C ASN G 306 0.87 11.87 29.21
N GLY G 307 1.89 12.59 29.67
CA GLY G 307 2.49 13.64 28.87
C GLY G 307 2.02 15.05 29.18
N ARG G 308 1.25 15.24 30.24
CA ARG G 308 0.75 16.56 30.63
C ARG G 308 1.30 16.94 31.99
N ARG G 309 1.60 18.22 32.16
CA ARG G 309 2.16 18.78 33.39
C ARG G 309 3.43 18.03 33.78
N GLY G 310 4.42 18.09 32.89
CA GLY G 310 5.69 17.43 33.05
C GLY G 310 5.98 16.56 31.84
N ARG G 311 6.97 15.68 32.00
CA ARG G 311 7.34 14.75 30.94
C ARG G 311 6.48 13.50 31.04
N ALA G 312 6.51 12.67 29.99
CA ALA G 312 5.76 11.43 29.95
C ALA G 312 6.64 10.29 30.43
N ILE G 313 6.15 9.52 31.40
CA ILE G 313 6.90 8.39 31.91
C ILE G 313 6.96 7.29 30.84
N THR G 314 8.05 6.54 30.84
CA THR G 314 8.32 5.55 29.81
C THR G 314 8.47 4.17 30.43
N GLY G 315 8.10 3.14 29.66
CA GLY G 315 8.21 1.76 30.10
C GLY G 315 9.64 1.24 29.99
N SER G 316 9.75 -0.05 29.67
CA SER G 316 11.07 -0.66 29.52
C SER G 316 11.85 0.00 28.39
N ASN G 317 11.19 0.23 27.26
CA ASN G 317 11.81 0.97 26.16
C ASN G 317 11.63 2.47 26.35
N LYS G 318 12.30 3.24 25.50
CA LYS G 318 12.26 4.70 25.56
C LYS G 318 11.08 5.23 24.74
N ARG G 319 9.88 4.78 25.11
CA ARG G 319 8.66 5.22 24.47
C ARG G 319 7.63 5.58 25.53
N PRO G 320 6.76 6.55 25.25
CA PRO G 320 5.78 6.99 26.25
C PRO G 320 4.82 5.85 26.62
N LEU G 321 4.44 5.82 27.89
CA LEU G 321 3.47 4.85 28.38
C LEU G 321 2.08 5.45 28.14
N LYS G 322 1.42 5.00 27.09
CA LYS G 322 0.17 5.60 26.66
C LYS G 322 -0.93 5.39 27.69
N SER G 323 -1.63 6.48 28.03
CA SER G 323 -2.57 6.50 29.14
C SER G 323 -3.99 6.21 28.65
N LEU G 324 -4.98 6.45 29.52
CA LEU G 324 -6.37 6.26 29.15
C LEU G 324 -6.77 7.19 28.02
N ALA G 325 -6.34 8.45 28.09
CA ALA G 325 -6.71 9.43 27.06
C ALA G 325 -6.13 9.05 25.69
N ASP G 326 -4.87 8.60 25.67
CA ASP G 326 -4.23 8.28 24.40
C ASP G 326 -4.85 7.04 23.74
N MET G 327 -5.54 6.21 24.52
CA MET G 327 -6.04 4.93 24.04
C MET G 327 -7.56 4.90 23.98
N ILE G 328 -8.20 6.07 23.87
CA ILE G 328 -9.65 6.18 23.80
C ILE G 328 -10.16 5.29 22.67
N LYS G 329 -9.79 5.62 21.43
CA LYS G 329 -10.04 4.73 20.29
C LYS G 329 -9.05 5.12 19.19
N GLY G 330 -7.98 4.34 19.07
CA GLY G 330 -6.99 4.58 18.03
C GLY G 330 -6.29 5.92 18.13
N LYS G 331 -6.60 6.82 17.19
CA LYS G 331 -5.97 8.14 17.16
C LYS G 331 -6.70 9.13 18.07
N GLN G 332 -6.86 8.75 19.33
CA GLN G 332 -7.41 9.54 20.43
C GLN G 332 -8.88 9.90 20.23
N GLY G 333 -9.48 9.57 19.09
CA GLY G 333 -10.88 9.86 18.87
C GLY G 333 -11.72 8.61 18.87
N ARG G 334 -12.33 8.29 17.72
CA ARG G 334 -13.00 7.01 17.53
C ARG G 334 -12.70 6.44 16.15
N PHE G 335 -11.53 6.75 15.60
CA PHE G 335 -11.22 6.37 14.23
C PHE G 335 -11.10 4.85 14.08
N ARG G 336 -10.42 4.18 14.99
CA ARG G 336 -9.93 2.84 14.73
C ARG G 336 -11.01 1.77 14.96
N GLN G 337 -11.47 1.64 16.19
CA GLN G 337 -12.37 0.54 16.55
C GLN G 337 -13.84 0.96 16.62
N ASN G 338 -14.13 2.25 16.41
CA ASN G 338 -15.49 2.75 16.38
C ASN G 338 -15.61 3.67 15.18
N LEU G 339 -16.74 4.38 15.07
CA LEU G 339 -16.94 5.43 14.08
C LEU G 339 -16.44 5.02 12.71
N LEU G 340 -17.07 4.02 12.11
CA LEU G 340 -16.72 3.57 10.76
C LEU G 340 -15.30 3.01 10.69
N GLY G 341 -14.83 2.39 11.77
CA GLY G 341 -13.50 1.81 11.77
C GLY G 341 -13.53 0.30 11.88
N LYS G 342 -14.73 -0.26 11.89
CA LYS G 342 -14.89 -1.68 12.15
C LYS G 342 -14.42 -2.52 10.96
N ARG G 343 -13.59 -3.52 11.25
CA ARG G 343 -13.31 -4.58 10.29
C ARG G 343 -14.50 -5.52 10.26
N VAL G 344 -14.86 -6.00 9.08
CA VAL G 344 -16.05 -6.79 8.89
C VAL G 344 -15.68 -8.13 8.26
N ASP G 345 -16.43 -9.17 8.61
CA ASP G 345 -16.26 -10.48 8.01
C ASP G 345 -17.13 -10.56 6.76
N TYR G 346 -17.27 -11.76 6.20
CA TYR G 346 -17.93 -11.95 4.90
C TYR G 346 -17.27 -11.07 3.84
N SER G 347 -15.95 -10.93 3.95
CA SER G 347 -15.18 -9.97 3.17
C SER G 347 -14.01 -10.67 2.52
N GLY G 348 -13.84 -10.46 1.21
CA GLY G 348 -12.69 -10.94 0.48
C GLY G 348 -11.84 -9.80 -0.05
N ARG G 349 -10.71 -10.16 -0.64
CA ARG G 349 -9.77 -9.17 -1.16
C ARG G 349 -8.84 -9.85 -2.15
N SER G 350 -8.69 -9.27 -3.34
CA SER G 350 -7.80 -9.87 -4.32
C SER G 350 -7.48 -8.88 -5.44
N VAL G 351 -6.53 -9.29 -6.28
CA VAL G 351 -6.11 -8.48 -7.41
C VAL G 351 -7.18 -8.50 -8.48
N ILE G 352 -7.38 -7.35 -9.13
CA ILE G 352 -8.41 -7.20 -10.15
C ILE G 352 -7.78 -7.24 -11.53
N THR G 353 -8.40 -7.99 -12.44
CA THR G 353 -8.07 -8.01 -13.85
C THR G 353 -9.27 -7.51 -14.65
N VAL G 354 -9.16 -7.57 -15.97
CA VAL G 354 -10.18 -7.01 -16.87
C VAL G 354 -10.95 -8.17 -17.51
N GLY G 355 -12.28 -8.02 -17.54
CA GLY G 355 -13.11 -8.91 -18.30
C GLY G 355 -13.95 -8.15 -19.31
N PRO G 356 -13.63 -8.29 -20.59
CA PRO G 356 -14.39 -7.58 -21.63
C PRO G 356 -15.68 -8.28 -22.03
N TYR G 357 -15.93 -9.49 -21.56
CA TYR G 357 -17.17 -10.19 -21.85
C TYR G 357 -18.26 -9.90 -20.83
N LEU G 358 -17.94 -9.21 -19.74
CA LEU G 358 -18.90 -8.98 -18.68
C LEU G 358 -19.90 -7.91 -19.06
N ARG G 359 -21.11 -8.02 -18.51
CA ARG G 359 -22.09 -6.97 -18.63
C ARG G 359 -21.79 -5.85 -17.63
N LEU G 360 -22.56 -4.77 -17.73
CA LEU G 360 -22.32 -3.63 -16.84
C LEU G 360 -22.63 -3.97 -15.39
N HIS G 361 -23.60 -4.84 -15.15
CA HIS G 361 -24.00 -5.19 -13.79
C HIS G 361 -23.31 -6.43 -13.26
N GLN G 362 -22.39 -7.02 -14.01
CA GLN G 362 -21.75 -8.27 -13.63
C GLN G 362 -20.29 -8.07 -13.28
N CYS G 363 -19.78 -8.95 -12.42
CA CYS G 363 -18.37 -8.96 -12.06
C CYS G 363 -17.94 -10.40 -11.86
N GLY G 364 -16.69 -10.69 -12.24
CA GLY G 364 -16.16 -12.03 -12.08
C GLY G 364 -15.62 -12.25 -10.69
N LEU G 365 -16.11 -13.29 -10.02
CA LEU G 365 -15.68 -13.64 -8.68
C LEU G 365 -15.03 -15.02 -8.71
N PRO G 366 -13.85 -15.19 -8.12
CA PRO G 366 -13.27 -16.53 -8.04
C PRO G 366 -14.15 -17.45 -7.22
N LYS G 367 -14.32 -18.68 -7.70
CA LYS G 367 -15.12 -19.65 -6.98
C LYS G 367 -14.40 -20.16 -5.73
N LYS G 368 -13.09 -19.95 -5.64
CA LYS G 368 -12.39 -20.21 -4.38
C LYS G 368 -12.63 -19.10 -3.37
N MET G 369 -12.72 -17.84 -3.82
CA MET G 369 -13.15 -16.76 -2.94
C MET G 369 -14.59 -16.97 -2.51
N ALA G 370 -15.46 -17.32 -3.44
CA ALA G 370 -16.77 -17.83 -3.08
C ALA G 370 -16.63 -19.19 -2.40
N LEU G 371 -17.76 -19.73 -1.93
CA LEU G 371 -17.79 -20.94 -1.12
C LEU G 371 -17.17 -20.67 0.24
N GLU G 372 -16.61 -19.48 0.41
CA GLU G 372 -16.12 -18.99 1.69
C GLU G 372 -16.92 -17.80 2.19
N LEU G 373 -17.08 -16.77 1.36
CA LEU G 373 -17.95 -15.66 1.71
C LEU G 373 -19.41 -16.09 1.84
N PHE G 374 -19.80 -17.18 1.16
CA PHE G 374 -21.18 -17.65 1.14
C PHE G 374 -21.32 -18.99 1.86
N LYS G 375 -20.42 -19.27 2.80
CA LYS G 375 -20.46 -20.54 3.52
C LYS G 375 -21.75 -20.74 4.31
N PRO G 376 -22.26 -19.76 5.07
CA PRO G 376 -23.53 -20.01 5.80
C PRO G 376 -24.69 -20.30 4.87
N PHE G 377 -24.75 -19.64 3.72
CA PHE G 377 -25.81 -19.90 2.75
C PHE G 377 -25.71 -21.32 2.20
N ILE G 378 -24.48 -21.78 1.95
CA ILE G 378 -24.28 -23.14 1.48
C ILE G 378 -24.70 -24.15 2.55
N TYR G 379 -24.38 -23.87 3.83
CA TYR G 379 -24.85 -24.73 4.90
C TYR G 379 -26.37 -24.79 4.94
N GLY G 380 -27.02 -23.63 4.80
CA GLY G 380 -28.48 -23.60 4.83
C GLY G 380 -29.10 -24.37 3.68
N LYS G 381 -28.54 -24.22 2.47
CA LYS G 381 -29.07 -24.94 1.32
C LYS G 381 -28.82 -26.44 1.44
N LEU G 382 -27.66 -26.83 1.99
CA LEU G 382 -27.38 -28.25 2.20
C LEU G 382 -28.35 -28.85 3.21
N GLU G 383 -28.64 -28.13 4.30
CA GLU G 383 -29.59 -28.63 5.28
C GLU G 383 -31.02 -28.65 4.73
N LEU G 384 -31.33 -27.71 3.84
CA LEU G 384 -32.70 -27.62 3.32
C LEU G 384 -33.01 -28.77 2.36
N ARG G 385 -32.08 -29.13 1.49
CA ARG G 385 -32.32 -30.12 0.45
C ARG G 385 -32.11 -31.55 0.93
N GLY G 386 -31.84 -31.75 2.22
CA GLY G 386 -31.71 -33.08 2.77
C GLY G 386 -30.38 -33.76 2.52
N LEU G 387 -29.43 -33.08 1.89
CA LEU G 387 -28.11 -33.67 1.68
C LEU G 387 -27.40 -33.92 3.00
N ALA G 388 -27.50 -32.97 3.93
CA ALA G 388 -26.94 -33.10 5.26
C ALA G 388 -28.02 -32.81 6.29
N THR G 389 -28.25 -33.75 7.20
CA THR G 389 -29.27 -33.56 8.22
C THR G 389 -28.76 -32.69 9.36
N THR G 390 -27.54 -32.94 9.82
CA THR G 390 -26.93 -32.17 10.89
C THR G 390 -25.94 -31.17 10.32
N ILE G 391 -25.62 -30.16 11.14
CA ILE G 391 -24.70 -29.10 10.71
C ILE G 391 -23.30 -29.66 10.51
N LYS G 392 -22.90 -30.65 11.32
CA LYS G 392 -21.56 -31.22 11.19
C LYS G 392 -21.35 -31.87 9.84
N ALA G 393 -22.36 -32.59 9.34
CA ALA G 393 -22.26 -33.23 8.03
C ALA G 393 -22.11 -32.18 6.93
N ALA G 394 -22.89 -31.10 7.00
CA ALA G 394 -22.78 -30.04 6.01
C ALA G 394 -21.41 -29.40 6.05
N LYS G 395 -20.89 -29.13 7.25
CA LYS G 395 -19.55 -28.56 7.38
C LYS G 395 -18.49 -29.48 6.78
N LYS G 396 -18.57 -30.78 7.09
CA LYS G 396 -17.58 -31.72 6.59
C LYS G 396 -17.64 -31.84 5.08
N MET G 397 -18.85 -31.87 4.51
CA MET G 397 -18.97 -32.01 3.06
C MET G 397 -18.62 -30.72 2.33
N VAL G 398 -18.75 -29.57 3.00
CA VAL G 398 -18.23 -28.33 2.43
C VAL G 398 -16.71 -28.34 2.43
N GLU G 399 -16.11 -28.83 3.52
CA GLU G 399 -14.65 -28.94 3.56
C GLU G 399 -14.14 -29.89 2.49
N ARG G 400 -14.85 -31.00 2.27
CA ARG G 400 -14.43 -31.96 1.24
C ARG G 400 -14.64 -31.42 -0.18
N GLU G 401 -15.55 -30.47 -0.35
CA GLU G 401 -15.78 -29.80 -1.64
C GLU G 401 -16.16 -30.79 -2.74
N GLU G 402 -17.32 -31.41 -2.55
CA GLU G 402 -17.86 -32.30 -3.58
C GLU G 402 -18.50 -31.48 -4.69
N ALA G 403 -18.84 -32.17 -5.79
CA ALA G 403 -19.40 -31.48 -6.96
C ALA G 403 -20.76 -30.86 -6.64
N VAL G 404 -21.59 -31.56 -5.86
CA VAL G 404 -22.89 -31.02 -5.50
C VAL G 404 -22.74 -29.77 -4.65
N VAL G 405 -21.63 -29.65 -3.90
CA VAL G 405 -21.35 -28.42 -3.18
C VAL G 405 -21.16 -27.27 -4.14
N TRP G 406 -20.42 -27.51 -5.24
CA TRP G 406 -20.26 -26.47 -6.26
C TRP G 406 -21.59 -26.13 -6.92
N ASP G 407 -22.43 -27.13 -7.18
CA ASP G 407 -23.74 -26.87 -7.76
C ASP G 407 -24.59 -26.01 -6.84
N ILE G 408 -24.58 -26.31 -5.55
CA ILE G 408 -25.35 -25.52 -4.58
C ILE G 408 -24.77 -24.11 -4.44
N LEU G 409 -23.44 -23.98 -4.53
CA LEU G 409 -22.85 -22.64 -4.52
C LEU G 409 -23.30 -21.84 -5.74
N ASP G 410 -23.36 -22.47 -6.90
CA ASP G 410 -23.86 -21.79 -8.09
C ASP G 410 -25.33 -21.39 -7.91
N GLU G 411 -26.12 -22.27 -7.29
CA GLU G 411 -27.52 -21.96 -7.03
C GLU G 411 -27.65 -20.76 -6.09
N VAL G 412 -26.83 -20.71 -5.05
CA VAL G 412 -26.90 -19.61 -4.08
C VAL G 412 -26.44 -18.30 -4.72
N ILE G 413 -25.36 -18.35 -5.50
CA ILE G 413 -24.80 -17.16 -6.11
C ILE G 413 -25.76 -16.48 -7.08
N ARG G 414 -26.75 -17.22 -7.59
CA ARG G 414 -27.51 -16.87 -8.79
C ARG G 414 -27.80 -15.39 -8.92
N GLU G 415 -28.50 -14.81 -7.95
CA GLU G 415 -28.86 -13.39 -8.02
C GLU G 415 -28.68 -12.73 -6.67
N HIS G 416 -27.55 -13.02 -6.00
CA HIS G 416 -27.22 -12.36 -4.75
C HIS G 416 -26.15 -11.31 -5.04
N PRO G 417 -26.47 -10.03 -5.03
CA PRO G 417 -25.46 -9.01 -5.35
C PRO G 417 -24.36 -8.96 -4.30
N VAL G 418 -23.17 -8.55 -4.75
CA VAL G 418 -22.02 -8.41 -3.87
C VAL G 418 -21.34 -7.09 -4.22
N LEU G 419 -20.89 -6.35 -3.22
CA LEU G 419 -20.40 -4.99 -3.44
C LEU G 419 -18.89 -4.95 -3.35
N LEU G 420 -18.26 -4.39 -4.38
CA LEU G 420 -16.82 -4.29 -4.47
C LEU G 420 -16.38 -2.85 -4.25
N ASN G 421 -15.27 -2.68 -3.54
CA ASN G 421 -14.71 -1.36 -3.30
C ASN G 421 -13.20 -1.40 -3.43
N ARG G 422 -12.64 -0.27 -3.85
CA ARG G 422 -11.19 -0.09 -3.93
C ARG G 422 -10.71 0.70 -2.72
N ALA G 423 -9.41 0.60 -2.44
CA ALA G 423 -8.90 1.06 -1.15
C ALA G 423 -9.12 2.55 -0.90
N PRO G 424 -8.69 3.48 -1.77
CA PRO G 424 -8.94 4.90 -1.46
C PRO G 424 -10.31 5.37 -1.97
N THR G 425 -11.35 5.06 -1.20
CA THR G 425 -12.71 5.44 -1.56
C THR G 425 -12.84 6.95 -1.43
N LEU G 426 -12.82 7.65 -2.57
CA LEU G 426 -12.87 9.11 -2.57
C LEU G 426 -14.31 9.62 -2.61
N HIS G 427 -15.08 9.19 -3.59
CA HIS G 427 -16.49 9.54 -3.72
C HIS G 427 -17.33 8.29 -3.60
N ARG G 428 -18.65 8.47 -3.64
CA ARG G 428 -19.56 7.36 -3.42
C ARG G 428 -19.50 6.31 -4.52
N LEU G 429 -18.97 6.67 -5.70
CA LEU G 429 -18.87 5.72 -6.79
C LEU G 429 -17.69 4.77 -6.64
N GLY G 430 -16.89 4.91 -5.58
CA GLY G 430 -15.79 4.01 -5.31
C GLY G 430 -16.17 2.70 -4.67
N ILE G 431 -17.46 2.49 -4.42
CA ILE G 431 -17.98 1.22 -3.90
C ILE G 431 -19.27 0.92 -4.63
N GLN G 432 -19.30 -0.17 -5.39
CA GLN G 432 -20.41 -0.45 -6.29
C GLN G 432 -20.83 -1.90 -6.19
N ALA G 433 -22.12 -2.14 -6.36
CA ALA G 433 -22.67 -3.49 -6.33
C ALA G 433 -22.62 -4.13 -7.70
N PHE G 434 -22.38 -5.44 -7.72
CA PHE G 434 -22.28 -6.20 -8.96
C PHE G 434 -22.97 -7.54 -8.75
N GLU G 435 -23.46 -8.11 -9.86
CA GLU G 435 -23.93 -9.48 -9.86
C GLU G 435 -22.73 -10.40 -10.10
N PRO G 436 -22.43 -11.32 -9.20
CA PRO G 436 -21.23 -12.14 -9.36
C PRO G 436 -21.44 -13.30 -10.32
N VAL G 437 -20.42 -13.56 -11.13
CA VAL G 437 -20.34 -14.76 -11.96
C VAL G 437 -19.09 -15.52 -11.56
N LEU G 438 -19.25 -16.80 -11.27
CA LEU G 438 -18.14 -17.61 -10.77
C LEU G 438 -17.15 -17.89 -11.89
N ILE G 439 -15.87 -17.65 -11.63
CA ILE G 439 -14.81 -17.91 -12.59
C ILE G 439 -13.78 -18.82 -11.95
N GLU G 440 -13.12 -19.63 -12.78
CA GLU G 440 -12.11 -20.58 -12.31
C GLU G 440 -10.76 -19.88 -12.28
N GLY G 441 -10.56 -19.05 -11.27
CA GLY G 441 -9.31 -18.35 -11.12
C GLY G 441 -9.13 -17.85 -9.71
N LYS G 442 -8.28 -16.82 -9.58
CA LYS G 442 -8.02 -16.20 -8.28
C LYS G 442 -8.07 -14.68 -8.32
N ALA G 443 -8.32 -14.08 -9.48
CA ALA G 443 -8.36 -12.64 -9.64
C ALA G 443 -9.77 -12.18 -9.99
N ILE G 444 -10.16 -11.03 -9.44
CA ILE G 444 -11.48 -10.47 -9.72
C ILE G 444 -11.48 -9.88 -11.12
N GLN G 445 -12.45 -10.27 -11.93
CA GLN G 445 -12.63 -9.71 -13.26
C GLN G 445 -13.60 -8.55 -13.18
N LEU G 446 -13.11 -7.36 -13.49
CA LEU G 446 -13.88 -6.12 -13.36
C LEU G 446 -14.24 -5.58 -14.73
N HIS G 447 -15.47 -5.08 -14.84
CA HIS G 447 -15.94 -4.53 -16.11
C HIS G 447 -15.18 -3.24 -16.42
N PRO G 448 -14.61 -3.09 -17.62
CA PRO G 448 -13.78 -1.91 -17.88
C PRO G 448 -14.49 -0.58 -17.74
N LEU G 449 -15.78 -0.49 -18.12
CA LEU G 449 -16.46 0.80 -18.15
C LEU G 449 -16.55 1.46 -16.78
N VAL G 450 -16.52 0.67 -15.70
CA VAL G 450 -16.60 1.24 -14.35
C VAL G 450 -15.24 1.60 -13.80
N CYS G 451 -14.15 1.24 -14.48
CA CYS G 451 -12.81 1.49 -13.95
C CYS G 451 -12.56 2.98 -13.76
N ALA G 452 -13.00 3.81 -14.72
CA ALA G 452 -12.85 5.26 -14.58
C ALA G 452 -13.55 5.75 -13.33
N ALA G 453 -14.66 5.12 -12.95
CA ALA G 453 -15.33 5.49 -11.70
C ALA G 453 -14.52 5.04 -10.50
N TYR G 454 -13.85 3.89 -10.59
CA TYR G 454 -13.05 3.36 -9.50
C TYR G 454 -11.66 3.97 -9.41
N ASN G 455 -11.23 4.72 -10.43
CA ASN G 455 -9.86 5.18 -10.56
C ASN G 455 -8.89 3.99 -10.51
N ALA G 456 -9.33 2.88 -11.09
CA ALA G 456 -8.61 1.60 -11.00
C ALA G 456 -8.01 1.25 -12.35
N ASP G 457 -6.74 0.85 -12.33
CA ASP G 457 -6.05 0.35 -13.52
C ASP G 457 -5.47 -1.01 -13.19
N PHE G 458 -5.29 -1.84 -14.22
CA PHE G 458 -4.85 -3.21 -14.05
C PHE G 458 -3.32 -3.28 -14.13
N ASP G 459 -2.68 -2.69 -13.13
CA ASP G 459 -1.23 -2.75 -12.98
C ASP G 459 -0.85 -3.16 -11.56
N GLY G 460 -1.69 -3.95 -10.91
CA GLY G 460 -1.41 -4.41 -9.57
C GLY G 460 -2.42 -3.97 -8.53
N ASP G 461 -3.51 -3.34 -8.99
CA ASP G 461 -4.55 -2.90 -8.07
C ASP G 461 -5.27 -4.09 -7.45
N GLN G 462 -5.71 -3.90 -6.20
CA GLN G 462 -6.48 -4.89 -5.47
C GLN G 462 -7.77 -4.26 -4.97
N MET G 463 -8.80 -5.09 -4.84
CA MET G 463 -10.12 -4.63 -4.43
C MET G 463 -10.72 -5.62 -3.45
N ALA G 464 -11.64 -5.12 -2.63
CA ALA G 464 -12.27 -5.87 -1.56
C ALA G 464 -13.74 -6.09 -1.87
N VAL G 465 -14.25 -7.21 -1.35
CA VAL G 465 -15.58 -7.73 -1.67
C VAL G 465 -16.34 -7.88 -0.37
N HIS G 466 -17.57 -7.35 -0.33
CA HIS G 466 -18.43 -7.47 0.84
C HIS G 466 -19.79 -8.01 0.42
N VAL G 467 -20.32 -8.92 1.20
CA VAL G 467 -21.57 -9.62 0.89
C VAL G 467 -22.70 -8.94 1.66
N PRO G 468 -23.67 -8.31 1.00
CA PRO G 468 -24.85 -7.78 1.69
C PRO G 468 -25.83 -8.88 2.07
N LEU G 469 -25.58 -9.53 3.20
CA LEU G 469 -26.29 -10.76 3.58
C LEU G 469 -27.59 -10.45 4.33
N THR G 470 -28.40 -9.56 3.78
CA THR G 470 -29.69 -9.23 4.36
C THR G 470 -30.64 -8.84 3.23
N LEU G 471 -31.92 -9.12 3.43
CA LEU G 471 -32.91 -8.78 2.41
C LEU G 471 -32.94 -7.29 2.14
N GLU G 472 -32.97 -6.48 3.19
CA GLU G 472 -32.88 -5.03 3.01
C GLU G 472 -31.55 -4.65 2.39
N ALA G 473 -30.46 -5.29 2.83
CA ALA G 473 -29.15 -5.00 2.24
C ALA G 473 -29.11 -5.42 0.77
N GLN G 474 -29.72 -6.56 0.44
CA GLN G 474 -29.75 -6.98 -0.97
C GLN G 474 -30.55 -6.01 -1.82
N LEU G 475 -31.70 -5.55 -1.33
CA LEU G 475 -32.47 -4.56 -2.09
C LEU G 475 -31.70 -3.26 -2.24
N GLU G 476 -31.02 -2.83 -1.18
CA GLU G 476 -30.23 -1.60 -1.26
C GLU G 476 -29.10 -1.74 -2.27
N ALA G 477 -28.44 -2.89 -2.29
CA ALA G 477 -27.38 -3.12 -3.27
C ALA G 477 -27.94 -3.14 -4.68
N ARG G 478 -29.12 -3.73 -4.86
CA ARG G 478 -29.69 -3.83 -6.19
C ARG G 478 -30.28 -2.50 -6.67
N ALA G 479 -30.88 -1.73 -5.77
CA ALA G 479 -31.61 -0.52 -6.15
C ALA G 479 -30.80 0.76 -5.96
N LEU G 480 -29.78 0.75 -5.12
CA LEU G 480 -29.00 1.96 -4.83
C LEU G 480 -27.53 1.86 -5.21
N MET G 481 -26.97 0.65 -5.17
CA MET G 481 -25.53 0.45 -5.33
C MET G 481 -25.14 -0.10 -6.70
N MET G 482 -26.08 -0.60 -7.49
CA MET G 482 -25.75 -1.29 -8.73
C MET G 482 -25.05 -0.34 -9.71
N SER G 483 -24.12 -0.90 -10.48
CA SER G 483 -23.39 -0.09 -11.45
C SER G 483 -24.32 0.47 -12.53
N THR G 484 -25.35 -0.29 -12.91
CA THR G 484 -26.34 0.21 -13.86
C THR G 484 -27.16 1.35 -13.28
N ASN G 485 -27.14 1.53 -11.96
CA ASN G 485 -27.95 2.58 -11.34
C ASN G 485 -27.24 3.93 -11.37
N ASN G 486 -25.94 3.96 -11.07
CA ASN G 486 -25.17 5.20 -11.03
C ASN G 486 -24.35 5.31 -12.30
N ILE G 487 -24.90 5.99 -13.30
CA ILE G 487 -24.20 6.27 -14.55
C ILE G 487 -23.69 7.71 -14.59
N LEU G 488 -24.49 8.66 -14.13
CA LEU G 488 -24.07 10.05 -14.05
C LEU G 488 -23.45 10.31 -12.68
N SER G 489 -22.27 10.91 -12.68
CA SER G 489 -21.59 11.18 -11.43
C SER G 489 -22.32 12.27 -10.64
N PRO G 490 -22.44 12.12 -9.32
CA PRO G 490 -23.10 13.13 -8.48
C PRO G 490 -22.19 14.31 -8.11
N ALA G 491 -21.44 14.80 -9.07
CA ALA G 491 -20.62 15.99 -8.90
C ALA G 491 -20.91 17.06 -9.95
N ASN G 492 -21.19 16.65 -11.19
CA ASN G 492 -21.51 17.60 -12.25
C ASN G 492 -22.66 17.15 -13.15
N GLY G 493 -23.10 15.90 -13.04
CA GLY G 493 -24.13 15.37 -13.89
C GLY G 493 -23.64 14.73 -15.17
N GLU G 494 -22.36 14.88 -15.50
CA GLU G 494 -21.83 14.26 -16.69
C GLU G 494 -21.73 12.75 -16.51
N PRO G 495 -21.92 11.96 -17.57
CA PRO G 495 -21.85 10.50 -17.42
C PRO G 495 -20.45 10.05 -17.03
N ILE G 496 -20.34 9.45 -15.85
CA ILE G 496 -19.04 8.98 -15.38
C ILE G 496 -18.66 7.67 -16.04
N ILE G 497 -19.63 6.85 -16.42
CA ILE G 497 -19.36 5.62 -17.14
C ILE G 497 -19.29 5.99 -18.62
N VAL G 498 -18.07 6.08 -19.14
CA VAL G 498 -17.84 6.45 -20.54
C VAL G 498 -16.71 5.59 -21.09
N PRO G 499 -16.81 5.11 -22.32
CA PRO G 499 -15.71 4.33 -22.90
C PRO G 499 -14.44 5.16 -22.99
N SER G 500 -13.32 4.49 -22.75
CA SER G 500 -12.02 5.14 -22.78
C SER G 500 -10.98 4.14 -23.25
N GLN G 501 -9.83 4.66 -23.66
CA GLN G 501 -8.67 3.87 -24.09
C GLN G 501 -9.07 3.11 -25.36
N ASP G 502 -8.93 1.79 -25.42
CA ASP G 502 -9.11 1.03 -26.66
C ASP G 502 -10.44 1.35 -27.33
N VAL G 503 -11.51 1.41 -26.53
CA VAL G 503 -12.84 1.64 -27.10
C VAL G 503 -12.87 2.96 -27.87
N VAL G 504 -12.30 4.02 -27.29
CA VAL G 504 -12.23 5.30 -28.00
C VAL G 504 -11.43 5.15 -29.28
N LEU G 505 -10.34 4.38 -29.22
CA LEU G 505 -9.59 4.10 -30.44
C LEU G 505 -10.38 3.20 -31.39
N GLY G 506 -11.22 2.31 -30.84
CA GLY G 506 -12.00 1.44 -31.68
C GLY G 506 -13.04 2.19 -32.50
N LEU G 507 -13.76 3.11 -31.87
CA LEU G 507 -14.77 3.87 -32.60
C LEU G 507 -14.13 4.91 -33.51
N TYR G 508 -13.09 5.61 -33.01
CA TYR G 508 -12.47 6.66 -33.81
C TYR G 508 -11.91 6.11 -35.11
N TYR G 509 -11.23 4.97 -35.05
CA TYR G 509 -10.76 4.35 -36.29
C TYR G 509 -11.92 3.92 -37.18
N MET G 510 -13.03 3.50 -36.58
CA MET G 510 -14.17 3.06 -37.37
C MET G 510 -14.83 4.23 -38.10
N THR G 511 -15.02 5.36 -37.40
CA THR G 511 -15.68 6.52 -37.98
C THR G 511 -14.62 7.52 -38.45
N ARG G 512 -13.93 7.15 -39.53
CA ARG G 512 -13.00 8.03 -40.21
C ARG G 512 -13.18 7.86 -41.71
N ASP G 513 -12.78 8.88 -42.46
CA ASP G 513 -12.94 8.89 -43.91
C ASP G 513 -11.59 8.97 -44.59
N CYS G 514 -11.48 8.33 -45.74
CA CYS G 514 -10.29 8.38 -46.57
C CYS G 514 -10.70 8.81 -47.98
N VAL G 515 -9.85 9.61 -48.63
CA VAL G 515 -10.18 10.14 -49.94
C VAL G 515 -10.33 9.02 -50.97
N ASN G 516 -9.51 7.98 -50.88
CA ASN G 516 -9.60 6.84 -51.79
C ASN G 516 -9.46 5.56 -50.99
N ALA G 517 -10.38 4.63 -51.21
CA ALA G 517 -10.36 3.33 -50.54
C ALA G 517 -11.16 2.35 -51.39
N LYS G 518 -11.37 1.15 -50.86
CA LYS G 518 -12.17 0.15 -51.57
C LYS G 518 -13.64 0.56 -51.51
N GLY G 519 -14.15 1.09 -52.61
CA GLY G 519 -15.52 1.55 -52.68
C GLY G 519 -15.64 3.06 -52.63
N GLU G 520 -16.08 3.66 -53.73
CA GLU G 520 -16.25 5.11 -53.81
C GLU G 520 -17.59 5.41 -54.44
N GLY G 521 -18.44 6.14 -53.72
CA GLY G 521 -19.74 6.53 -54.25
C GLY G 521 -20.71 5.39 -54.41
N MET G 522 -20.44 4.24 -53.82
CA MET G 522 -21.38 3.13 -53.87
C MET G 522 -22.65 3.48 -53.10
N VAL G 523 -23.79 3.11 -53.66
CA VAL G 523 -25.09 3.37 -53.05
C VAL G 523 -25.62 2.04 -52.52
N LEU G 524 -25.78 1.95 -51.20
CA LEU G 524 -26.17 0.71 -50.53
C LEU G 524 -27.47 0.90 -49.77
N THR G 525 -28.29 -0.16 -49.75
CA THR G 525 -29.66 -0.05 -49.26
C THR G 525 -29.74 0.06 -47.73
N GLY G 526 -28.76 -0.50 -47.01
CA GLY G 526 -28.83 -0.51 -45.57
C GLY G 526 -27.51 -0.74 -44.88
N PRO G 527 -27.46 -0.44 -43.58
CA PRO G 527 -26.22 -0.69 -42.82
C PRO G 527 -25.80 -2.14 -42.80
N LYS G 528 -26.74 -3.07 -42.99
CA LYS G 528 -26.38 -4.48 -43.06
C LYS G 528 -25.45 -4.75 -44.23
N GLU G 529 -25.70 -4.11 -45.37
CA GLU G 529 -24.83 -4.30 -46.52
C GLU G 529 -23.45 -3.70 -46.28
N ALA G 530 -23.36 -2.60 -45.53
CA ALA G 530 -22.05 -2.05 -45.20
C ALA G 530 -21.23 -3.06 -44.41
N GLU G 531 -21.85 -3.72 -43.41
CA GLU G 531 -21.17 -4.77 -42.67
C GLU G 531 -20.80 -5.93 -43.58
N ARG G 532 -21.70 -6.29 -44.50
CA ARG G 532 -21.42 -7.39 -45.42
C ARG G 532 -20.19 -7.10 -46.27
N LEU G 533 -20.12 -5.88 -46.82
CA LEU G 533 -18.97 -5.51 -47.65
C LEU G 533 -17.70 -5.43 -46.84
N TYR G 534 -17.76 -4.88 -45.62
CA TYR G 534 -16.56 -4.80 -44.81
C TYR G 534 -16.05 -6.18 -44.44
N ARG G 535 -16.94 -7.09 -44.05
CA ARG G 535 -16.51 -8.43 -43.64
C ARG G 535 -16.03 -9.24 -44.84
N SER G 536 -16.68 -9.08 -45.99
CA SER G 536 -16.28 -9.82 -47.19
C SER G 536 -14.96 -9.33 -47.77
N GLY G 537 -14.47 -8.17 -47.33
CA GLY G 537 -13.25 -7.62 -47.86
C GLY G 537 -13.41 -6.82 -49.13
N LEU G 538 -14.64 -6.57 -49.57
CA LEU G 538 -14.91 -5.80 -50.78
C LEU G 538 -15.00 -4.31 -50.53
N ALA G 539 -14.94 -3.86 -49.28
CA ALA G 539 -14.99 -2.45 -48.96
C ALA G 539 -14.19 -2.20 -47.70
N SER G 540 -13.79 -0.94 -47.52
CA SER G 540 -12.97 -0.53 -46.38
C SER G 540 -13.83 0.22 -45.37
N LEU G 541 -13.31 0.30 -44.13
CA LEU G 541 -14.03 1.00 -43.07
C LEU G 541 -14.09 2.49 -43.33
N HIS G 542 -13.12 3.05 -44.05
CA HIS G 542 -13.04 4.49 -44.28
C HIS G 542 -13.54 4.90 -45.65
N ALA G 543 -14.16 3.99 -46.39
CA ALA G 543 -14.67 4.33 -47.72
C ALA G 543 -15.91 5.22 -47.60
N ARG G 544 -16.00 6.20 -48.50
CA ARG G 544 -17.13 7.13 -48.51
C ARG G 544 -18.21 6.60 -49.45
N VAL G 545 -19.37 6.25 -48.89
CA VAL G 545 -20.47 5.68 -49.64
C VAL G 545 -21.77 6.37 -49.23
N LYS G 546 -22.79 6.20 -50.06
CA LYS G 546 -24.13 6.68 -49.75
C LYS G 546 -24.98 5.50 -49.31
N VAL G 547 -25.66 5.64 -48.17
CA VAL G 547 -26.43 4.56 -47.57
C VAL G 547 -27.85 5.03 -47.34
N ARG G 548 -28.80 4.14 -47.62
CA ARG G 548 -30.21 4.39 -47.31
C ARG G 548 -30.44 4.04 -45.85
N ILE G 549 -30.72 5.03 -45.02
CA ILE G 549 -30.76 4.88 -43.58
C ILE G 549 -32.06 5.46 -43.05
N THR G 550 -32.66 4.78 -42.07
CA THR G 550 -33.91 5.21 -41.45
C THR G 550 -33.63 5.63 -40.01
N GLU G 551 -34.08 6.83 -39.65
CA GLU G 551 -33.99 7.35 -38.30
C GLU G 551 -35.35 7.37 -37.65
N TYR G 552 -35.34 7.35 -36.32
CA TYR G 552 -36.54 7.46 -35.50
C TYR G 552 -36.47 8.75 -34.71
N GLU G 553 -37.62 9.41 -34.55
CA GLU G 553 -37.68 10.73 -33.94
C GLU G 553 -38.86 10.80 -32.98
N LYS G 554 -38.70 11.60 -31.92
CA LYS G 554 -39.61 11.60 -30.78
C LYS G 554 -40.46 12.86 -30.68
N ASP G 555 -40.62 13.61 -31.79
CA ASP G 555 -41.44 14.83 -31.71
C ASP G 555 -42.89 14.50 -31.40
N ALA G 556 -43.41 13.41 -31.96
CA ALA G 556 -44.74 12.95 -31.59
C ALA G 556 -44.79 12.65 -30.10
N ASN G 557 -45.84 13.14 -29.43
CA ASN G 557 -45.94 13.02 -27.98
C ASN G 557 -45.98 11.56 -27.54
N GLY G 558 -44.90 11.09 -26.92
CA GLY G 558 -44.81 9.71 -26.50
C GLY G 558 -44.86 8.72 -27.63
N GLU G 559 -44.36 9.08 -28.80
CA GLU G 559 -44.40 8.21 -29.97
C GLU G 559 -43.16 8.46 -30.81
N LEU G 560 -42.86 7.49 -31.67
CA LEU G 560 -41.70 7.54 -32.56
C LEU G 560 -42.17 7.56 -34.00
N VAL G 561 -41.60 8.45 -34.81
CA VAL G 561 -41.86 8.52 -36.24
C VAL G 561 -40.59 8.13 -36.98
N ALA G 562 -40.76 7.40 -38.08
CA ALA G 562 -39.63 6.87 -38.84
C ALA G 562 -39.50 7.61 -40.16
N LYS G 563 -38.28 8.06 -40.45
CA LYS G 563 -38.00 8.74 -41.71
C LYS G 563 -36.82 8.06 -42.39
N THR G 564 -36.92 7.83 -43.69
CA THR G 564 -35.91 7.13 -44.46
C THR G 564 -35.30 8.08 -45.47
N SER G 565 -33.96 8.10 -45.55
CA SER G 565 -33.29 9.03 -46.46
C SER G 565 -31.94 8.46 -46.87
N LEU G 566 -31.45 8.95 -48.00
CA LEU G 566 -30.13 8.59 -48.51
C LEU G 566 -29.11 9.56 -47.96
N LYS G 567 -28.19 9.07 -47.13
CA LYS G 567 -27.18 9.89 -46.47
C LYS G 567 -25.79 9.50 -46.95
N ASP G 568 -24.97 10.51 -47.22
CA ASP G 568 -23.57 10.29 -47.59
C ASP G 568 -22.73 10.19 -46.33
N THR G 569 -22.11 9.04 -46.12
CA THR G 569 -21.37 8.74 -44.90
C THR G 569 -20.23 7.81 -45.25
N THR G 570 -19.66 7.14 -44.26
CA THR G 570 -18.68 6.10 -44.50
C THR G 570 -19.26 4.75 -44.13
N VAL G 571 -18.51 3.70 -44.48
CA VAL G 571 -18.94 2.34 -44.14
C VAL G 571 -18.89 2.11 -42.64
N GLY G 572 -17.88 2.66 -41.97
CA GLY G 572 -17.75 2.47 -40.54
C GLY G 572 -18.89 3.08 -39.75
N ARG G 573 -19.29 4.30 -40.12
CA ARG G 573 -20.42 4.94 -39.43
C ARG G 573 -21.71 4.17 -39.68
N ALA G 574 -21.91 3.67 -40.90
CA ALA G 574 -23.09 2.86 -41.18
C ALA G 574 -23.11 1.59 -40.34
N ILE G 575 -21.95 0.94 -40.20
CA ILE G 575 -21.86 -0.25 -39.36
C ILE G 575 -22.17 0.10 -37.91
N LEU G 576 -21.61 1.21 -37.43
CA LEU G 576 -21.83 1.63 -36.03
C LEU G 576 -23.28 1.99 -35.77
N TRP G 577 -23.99 2.48 -36.79
CA TRP G 577 -25.38 2.87 -36.62
C TRP G 577 -26.27 1.69 -36.22
N MET G 578 -25.84 0.45 -36.46
CA MET G 578 -26.66 -0.71 -36.17
C MET G 578 -26.80 -0.98 -34.67
N ILE G 579 -25.99 -0.35 -33.82
CA ILE G 579 -26.05 -0.59 -32.39
C ILE G 579 -26.72 0.54 -31.62
N VAL G 580 -26.88 1.72 -32.21
CA VAL G 580 -27.52 2.82 -31.48
C VAL G 580 -29.01 2.55 -31.37
N PRO G 581 -29.68 2.98 -30.31
CA PRO G 581 -31.11 2.75 -30.18
C PRO G 581 -31.91 3.75 -31.00
N LYS G 582 -33.19 3.43 -31.19
CA LYS G 582 -34.09 4.31 -31.92
C LYS G 582 -34.30 5.61 -31.15
N GLY G 583 -34.61 6.67 -31.89
CA GLY G 583 -34.86 7.97 -31.30
C GLY G 583 -33.68 8.93 -31.34
N LEU G 584 -32.54 8.50 -31.89
CA LEU G 584 -31.36 9.35 -31.99
C LEU G 584 -31.10 9.73 -33.44
N PRO G 585 -30.70 10.97 -33.70
CA PRO G 585 -30.43 11.39 -35.08
C PRO G 585 -29.16 10.74 -35.61
N TYR G 586 -29.09 10.63 -36.93
CA TYR G 586 -27.93 10.01 -37.55
C TYR G 586 -26.69 10.89 -37.43
N SER G 587 -26.87 12.20 -37.31
CA SER G 587 -25.75 13.13 -37.18
C SER G 587 -24.98 12.90 -35.89
N ILE G 588 -25.48 11.99 -35.05
CA ILE G 588 -24.78 11.63 -33.82
C ILE G 588 -23.60 10.70 -34.11
N VAL G 589 -23.55 10.09 -35.29
CA VAL G 589 -22.45 9.20 -35.65
C VAL G 589 -21.71 9.66 -36.89
N ASN G 590 -22.17 10.72 -37.56
CA ASN G 590 -21.48 11.21 -38.75
C ASN G 590 -20.35 12.16 -38.38
N GLN G 591 -19.48 11.73 -37.47
CA GLN G 591 -18.33 12.51 -37.04
C GLN G 591 -17.16 11.57 -36.81
N ALA G 592 -16.12 12.07 -36.15
CA ALA G 592 -14.94 11.26 -35.85
C ALA G 592 -15.01 10.56 -34.50
N LEU G 593 -15.89 11.01 -33.60
CA LEU G 593 -16.12 10.36 -32.31
C LEU G 593 -14.85 10.33 -31.46
N GLY G 594 -14.34 11.52 -31.15
CA GLY G 594 -13.10 11.64 -30.40
C GLY G 594 -13.25 11.81 -28.90
N LYS G 595 -13.85 10.83 -28.23
CA LYS G 595 -13.92 10.76 -26.77
C LYS G 595 -14.81 11.86 -26.20
N LYS G 596 -15.25 12.79 -27.05
CA LYS G 596 -16.18 13.84 -26.65
C LYS G 596 -17.53 13.72 -27.32
N ALA G 597 -17.57 13.26 -28.57
CA ALA G 597 -18.84 13.02 -29.23
C ALA G 597 -19.51 11.75 -28.72
N ILE G 598 -18.73 10.75 -28.34
CA ILE G 598 -19.29 9.51 -27.81
C ILE G 598 -19.88 9.73 -26.43
N SER G 599 -19.19 10.50 -25.58
CA SER G 599 -19.76 10.85 -24.27
C SER G 599 -21.01 11.69 -24.44
N LYS G 600 -21.00 12.62 -25.39
CA LYS G 600 -22.19 13.41 -25.67
C LYS G 600 -23.34 12.54 -26.16
N MET G 601 -23.03 11.53 -26.98
CA MET G 601 -24.10 10.65 -27.47
C MET G 601 -24.66 9.80 -26.33
N LEU G 602 -23.80 9.36 -25.41
CA LEU G 602 -24.29 8.63 -24.24
C LEU G 602 -25.17 9.51 -23.37
N ASN G 603 -24.76 10.77 -23.17
CA ASN G 603 -25.57 11.69 -22.38
C ASN G 603 -26.92 11.95 -23.04
N THR G 604 -26.93 12.14 -24.36
CA THR G 604 -28.19 12.36 -25.07
C THR G 604 -29.07 11.11 -25.03
N CYS G 605 -28.46 9.93 -25.13
CA CYS G 605 -29.24 8.70 -25.04
C CYS G 605 -29.88 8.55 -23.68
N TYR G 606 -29.16 8.89 -22.60
CA TYR G 606 -29.77 8.87 -21.29
C TYR G 606 -30.89 9.90 -21.18
N ARG G 607 -30.64 11.13 -21.63
CA ARG G 607 -31.61 12.19 -21.44
C ARG G 607 -32.86 12.03 -22.28
N ILE G 608 -32.77 11.34 -23.41
CA ILE G 608 -33.89 11.22 -24.35
C ILE G 608 -34.65 9.91 -24.16
N LEU G 609 -33.94 8.79 -24.01
CA LEU G 609 -34.58 7.48 -23.96
C LEU G 609 -34.85 7.00 -22.54
N GLY G 610 -33.81 6.85 -21.72
CA GLY G 610 -33.98 6.29 -20.40
C GLY G 610 -32.72 5.72 -19.77
N LEU G 611 -32.85 4.61 -19.04
CA LEU G 611 -31.73 4.01 -18.34
C LEU G 611 -31.34 2.64 -18.89
N LYS G 612 -32.31 1.75 -19.10
CA LYS G 612 -32.00 0.47 -19.73
C LYS G 612 -31.47 0.64 -21.15
N PRO G 613 -32.11 1.43 -22.04
CA PRO G 613 -31.54 1.57 -23.39
C PRO G 613 -30.14 2.14 -23.40
N THR G 614 -29.82 3.09 -22.51
CA THR G 614 -28.46 3.63 -22.52
C THR G 614 -27.46 2.66 -21.91
N VAL G 615 -27.89 1.81 -20.97
CA VAL G 615 -27.01 0.77 -20.45
C VAL G 615 -26.67 -0.23 -21.55
N ILE G 616 -27.68 -0.68 -22.29
CA ILE G 616 -27.44 -1.60 -23.40
C ILE G 616 -26.58 -0.93 -24.47
N PHE G 617 -26.82 0.35 -24.73
CA PHE G 617 -26.05 1.09 -25.73
C PHE G 617 -24.60 1.21 -25.31
N ALA G 618 -24.34 1.49 -24.04
CA ALA G 618 -22.96 1.58 -23.56
C ALA G 618 -22.26 0.23 -23.67
N ASP G 619 -22.95 -0.85 -23.30
CA ASP G 619 -22.35 -2.18 -23.43
C ASP G 619 -22.02 -2.51 -24.88
N GLN G 620 -22.96 -2.22 -25.79
CA GLN G 620 -22.71 -2.48 -27.20
C GLN G 620 -21.58 -1.62 -27.75
N ILE G 621 -21.52 -0.36 -27.32
CA ILE G 621 -20.43 0.52 -27.75
C ILE G 621 -19.09 -0.03 -27.29
N MET G 622 -19.01 -0.51 -26.05
CA MET G 622 -17.74 -1.01 -25.54
C MET G 622 -17.34 -2.30 -26.26
N TYR G 623 -18.31 -3.18 -26.50
CA TYR G 623 -18.07 -4.38 -27.30
C TYR G 623 -17.52 -4.04 -28.68
N THR G 624 -18.20 -3.17 -29.41
CA THR G 624 -17.79 -2.87 -30.77
C THR G 624 -16.47 -2.10 -30.81
N GLY G 625 -16.23 -1.24 -29.81
CA GLY G 625 -14.97 -0.54 -29.75
C GLY G 625 -13.80 -1.48 -29.55
N PHE G 626 -13.94 -2.43 -28.61
CA PHE G 626 -12.89 -3.43 -28.42
C PHE G 626 -12.69 -4.25 -29.69
N ALA G 627 -13.79 -4.70 -30.30
CA ALA G 627 -13.67 -5.56 -31.47
C ALA G 627 -12.97 -4.84 -32.62
N TYR G 628 -13.36 -3.60 -32.91
CA TYR G 628 -12.78 -2.90 -34.04
C TYR G 628 -11.40 -2.33 -33.73
N ALA G 629 -11.08 -2.08 -32.45
CA ALA G 629 -9.70 -1.77 -32.11
C ALA G 629 -8.79 -2.97 -32.33
N ALA G 630 -9.28 -4.17 -32.01
CA ALA G 630 -8.52 -5.37 -32.33
C ALA G 630 -8.40 -5.57 -33.83
N ARG G 631 -9.48 -5.33 -34.57
CA ARG G 631 -9.44 -5.49 -36.02
C ARG G 631 -8.46 -4.52 -36.67
N SER G 632 -8.44 -3.27 -36.21
CA SER G 632 -7.58 -2.26 -36.83
C SER G 632 -6.11 -2.60 -36.69
N GLY G 633 -5.73 -3.24 -35.59
CA GLY G 633 -4.32 -3.56 -35.38
C GLY G 633 -3.45 -2.35 -35.19
N ALA G 634 -3.92 -1.37 -34.42
CA ALA G 634 -3.13 -0.17 -34.16
C ALA G 634 -1.88 -0.51 -33.36
N SER G 635 -0.77 0.10 -33.74
CA SER G 635 0.51 -0.16 -33.10
C SER G 635 1.34 1.11 -33.10
N VAL G 636 2.26 1.20 -32.14
CA VAL G 636 3.14 2.35 -31.99
C VAL G 636 4.57 1.91 -32.29
N GLY G 637 5.20 2.58 -33.25
CA GLY G 637 6.55 2.28 -33.66
C GLY G 637 7.48 3.48 -33.50
N ILE G 638 8.75 3.25 -33.86
CA ILE G 638 9.74 4.31 -33.75
C ILE G 638 9.64 5.31 -34.89
N ASP G 639 9.02 4.95 -36.01
CA ASP G 639 8.82 5.87 -37.13
C ASP G 639 7.54 6.68 -37.01
N ASP G 640 6.69 6.38 -36.02
CA ASP G 640 5.43 7.10 -35.88
C ASP G 640 5.64 8.51 -35.34
N MET G 641 6.83 8.83 -34.84
CA MET G 641 7.14 10.14 -34.30
C MET G 641 7.90 10.93 -35.36
N VAL G 642 7.15 11.49 -36.30
CA VAL G 642 7.77 12.16 -37.43
C VAL G 642 8.45 13.44 -36.95
N ILE G 643 9.73 13.58 -37.27
CA ILE G 643 10.55 14.71 -36.83
C ILE G 643 10.41 15.83 -37.86
N PRO G 644 10.06 17.05 -37.45
CA PRO G 644 10.09 18.17 -38.40
C PRO G 644 11.50 18.44 -38.88
N GLU G 645 11.65 18.51 -40.21
CA GLU G 645 12.97 18.65 -40.82
C GLU G 645 13.50 20.07 -40.73
N LYS G 646 12.64 21.06 -40.49
CA LYS G 646 13.09 22.42 -40.20
C LYS G 646 13.60 22.60 -38.77
N LYS G 647 13.36 21.64 -37.87
CA LYS G 647 13.61 21.83 -36.45
C LYS G 647 14.99 22.44 -36.19
N HIS G 648 16.05 21.69 -36.53
CA HIS G 648 17.41 22.15 -36.24
C HIS G 648 17.63 23.55 -36.79
N GLU G 649 17.09 23.84 -37.97
CA GLU G 649 17.26 25.15 -38.58
C GLU G 649 16.89 26.24 -37.59
N ILE G 650 15.64 26.22 -37.09
CA ILE G 650 15.21 27.29 -36.20
C ILE G 650 16.01 27.22 -34.91
N ILE G 651 16.33 26.01 -34.45
CA ILE G 651 17.17 25.86 -33.27
C ILE G 651 18.48 26.60 -33.49
N SER G 652 19.12 26.35 -34.64
CA SER G 652 20.35 27.05 -34.95
C SER G 652 20.13 28.56 -34.93
N GLU G 653 19.03 29.02 -35.54
CA GLU G 653 18.74 30.44 -35.51
C GLU G 653 18.70 30.95 -34.09
N ALA G 654 17.99 30.24 -33.21
CA ALA G 654 17.93 30.63 -31.81
C ALA G 654 19.34 30.79 -31.24
N GLU G 655 20.19 29.78 -31.46
CA GLU G 655 21.56 29.86 -30.97
C GLU G 655 22.23 31.14 -31.45
N ALA G 656 22.11 31.43 -32.75
CA ALA G 656 22.71 32.64 -33.30
C ALA G 656 22.24 33.86 -32.53
N GLU G 657 20.92 33.98 -32.35
CA GLU G 657 20.38 35.12 -31.61
C GLU G 657 20.97 35.18 -30.22
N VAL G 658 21.06 34.03 -29.54
CA VAL G 658 21.65 34.00 -28.20
C VAL G 658 23.07 34.57 -28.26
N ALA G 659 23.87 34.09 -29.22
CA ALA G 659 25.21 34.61 -29.36
C ALA G 659 25.20 36.13 -29.46
N GLU G 660 24.29 36.66 -30.28
CA GLU G 660 24.23 38.11 -30.46
C GLU G 660 23.97 38.81 -29.14
N ILE G 661 23.00 38.31 -28.36
CA ILE G 661 22.72 38.98 -27.10
C ILE G 661 23.90 38.86 -26.16
N GLN G 662 24.63 37.73 -26.23
CA GLN G 662 25.84 37.61 -25.44
C GLN G 662 26.83 38.70 -25.81
N GLU G 663 27.00 38.94 -27.11
CA GLU G 663 27.84 40.05 -27.55
C GLU G 663 27.30 41.36 -27.00
N GLN G 664 25.98 41.54 -27.00
CA GLN G 664 25.40 42.72 -26.39
C GLN G 664 25.75 42.78 -24.91
N PHE G 665 25.64 41.64 -24.21
CA PHE G 665 26.04 41.62 -22.81
C PHE G 665 27.54 41.83 -22.66
N GLN G 666 28.31 41.51 -23.70
CA GLN G 666 29.74 41.81 -23.67
C GLN G 666 30.00 43.29 -23.89
N SER G 667 29.06 44.00 -24.52
CA SER G 667 29.24 45.43 -24.74
C SER G 667 28.85 46.26 -23.52
N GLY G 668 28.14 45.68 -22.57
CA GLY G 668 27.79 46.34 -21.32
C GLY G 668 26.52 47.16 -21.33
N LEU G 669 25.82 47.23 -22.47
CA LEU G 669 24.59 48.02 -22.55
C LEU G 669 23.36 47.24 -22.10
N VAL G 670 23.51 45.97 -21.76
CA VAL G 670 22.39 45.13 -21.33
C VAL G 670 22.71 44.59 -19.94
N THR G 671 21.73 44.69 -19.03
CA THR G 671 21.89 44.15 -17.70
C THR G 671 21.60 42.65 -17.71
N ALA G 672 21.97 41.99 -16.59
CA ALA G 672 21.79 40.55 -16.49
C ALA G 672 20.32 40.16 -16.57
N GLY G 673 19.46 40.90 -15.88
CA GLY G 673 18.04 40.58 -15.91
C GLY G 673 17.43 40.71 -17.29
N GLU G 674 17.82 41.76 -18.02
CA GLU G 674 17.27 41.97 -19.37
C GLU G 674 17.66 40.83 -20.30
N ARG G 675 18.94 40.46 -20.32
CA ARG G 675 19.38 39.38 -21.20
C ARG G 675 18.79 38.04 -20.77
N TYR G 676 18.66 37.82 -19.47
CA TYR G 676 18.05 36.59 -18.98
C TYR G 676 16.59 36.47 -19.44
N ASN G 677 15.82 37.54 -19.26
CA ASN G 677 14.42 37.52 -19.67
C ASN G 677 14.31 37.36 -21.19
N LYS G 678 15.18 38.05 -21.94
CA LYS G 678 15.12 37.97 -23.40
C LYS G 678 15.48 36.57 -23.89
N VAL G 679 16.48 35.93 -23.28
CA VAL G 679 16.87 34.59 -23.72
C VAL G 679 15.77 33.59 -23.38
N ILE G 680 15.12 33.75 -22.21
CA ILE G 680 13.99 32.87 -21.90
C ILE G 680 12.86 33.08 -22.90
N ASP G 681 12.58 34.34 -23.26
CA ASP G 681 11.51 34.62 -24.20
C ASP G 681 11.80 34.03 -25.58
N ILE G 682 13.03 34.18 -26.06
CA ILE G 682 13.36 33.67 -27.39
C ILE G 682 13.36 32.14 -27.40
N TRP G 683 13.82 31.51 -26.30
CA TRP G 683 13.75 30.07 -26.23
C TRP G 683 12.32 29.57 -26.21
N ALA G 684 11.44 30.29 -25.49
CA ALA G 684 10.02 29.92 -25.49
C ALA G 684 9.41 30.08 -26.88
N ALA G 685 9.78 31.14 -27.59
CA ALA G 685 9.29 31.33 -28.96
C ALA G 685 9.77 30.20 -29.87
N ALA G 686 11.04 29.80 -29.71
CA ALA G 686 11.57 28.69 -30.51
C ALA G 686 10.82 27.40 -30.20
N ASN G 687 10.53 27.15 -28.92
CA ASN G 687 9.76 25.97 -28.54
C ASN G 687 8.38 26.01 -29.18
N ASP G 688 7.71 27.16 -29.12
CA ASP G 688 6.38 27.28 -29.70
C ASP G 688 6.41 27.03 -31.21
N ARG G 689 7.38 27.61 -31.91
CA ARG G 689 7.41 27.45 -33.36
C ARG G 689 7.81 26.04 -33.77
N VAL G 690 8.71 25.38 -33.03
CA VAL G 690 9.07 24.01 -33.38
C VAL G 690 7.90 23.07 -33.12
N SER G 691 7.15 23.31 -32.02
CA SER G 691 5.97 22.49 -31.76
C SER G 691 4.92 22.71 -32.84
N LYS G 692 4.72 23.96 -33.26
CA LYS G 692 3.76 24.25 -34.32
C LYS G 692 4.16 23.59 -35.63
N ALA G 693 5.44 23.66 -35.99
CA ALA G 693 5.91 23.03 -37.21
C ALA G 693 5.72 21.52 -37.16
N MET G 694 6.05 20.90 -36.03
CA MET G 694 5.86 19.46 -35.90
C MET G 694 4.39 19.08 -36.01
N MET G 695 3.51 19.85 -35.36
CA MET G 695 2.08 19.55 -35.42
C MET G 695 1.55 19.72 -36.83
N ASP G 696 1.99 20.75 -37.55
CA ASP G 696 1.58 20.93 -38.93
C ASP G 696 2.05 19.77 -39.80
N ASN G 697 3.28 19.31 -39.58
CA ASN G 697 3.79 18.17 -40.34
C ASN G 697 3.03 16.89 -40.03
N LEU G 698 2.66 16.69 -38.76
CA LEU G 698 2.11 15.42 -38.31
C LEU G 698 0.58 15.34 -38.43
N GLN G 699 -0.11 16.47 -38.56
CA GLN G 699 -1.57 16.46 -38.62
C GLN G 699 -2.08 15.97 -39.97
N THR G 700 -1.77 16.71 -41.03
CA THR G 700 -2.18 16.35 -42.39
C THR G 700 -1.02 15.69 -43.14
N GLU G 701 -0.49 14.62 -42.54
CA GLU G 701 0.68 13.96 -43.10
C GLU G 701 0.33 13.18 -44.37
N THR G 702 -0.87 12.61 -44.43
CA THR G 702 -1.25 11.75 -45.54
C THR G 702 -1.53 12.62 -46.76
N VAL G 703 -0.71 12.48 -47.79
CA VAL G 703 -0.95 13.11 -49.08
C VAL G 703 -1.31 11.97 -50.03
N ILE G 704 -2.61 11.71 -50.16
CA ILE G 704 -3.11 10.56 -50.91
C ILE G 704 -3.82 11.06 -52.17
N ASN G 705 -3.64 10.31 -53.26
CA ASN G 705 -4.28 10.66 -54.51
C ASN G 705 -5.77 10.37 -54.46
N ARG G 706 -6.51 11.03 -55.34
CA ARG G 706 -7.94 10.86 -55.50
C ARG G 706 -8.21 10.34 -56.92
N ASP G 707 -9.49 10.31 -57.29
CA ASP G 707 -9.85 9.92 -58.66
C ASP G 707 -9.23 10.87 -59.68
N GLY G 708 -8.89 12.08 -59.27
CA GLY G 708 -8.18 13.01 -60.13
C GLY G 708 -7.07 13.75 -59.41
N GLN G 709 -5.87 13.71 -59.95
CA GLN G 709 -4.68 14.40 -59.41
C GLN G 709 -4.41 13.86 -58.01
N GLU G 710 -3.99 14.70 -57.07
CA GLU G 710 -3.67 14.27 -55.71
C GLU G 710 -4.29 15.24 -54.71
N GLU G 711 -4.50 14.74 -53.50
CA GLU G 711 -5.13 15.52 -52.44
C GLU G 711 -4.41 15.25 -51.13
N LYS G 712 -4.87 15.89 -50.06
CA LYS G 712 -4.31 15.71 -48.73
C LYS G 712 -5.45 15.67 -47.72
N GLN G 713 -5.22 14.97 -46.61
CA GLN G 713 -6.26 14.77 -45.61
C GLN G 713 -5.62 14.55 -44.25
N VAL G 714 -6.46 14.34 -43.23
CA VAL G 714 -5.97 14.07 -41.90
C VAL G 714 -5.23 12.74 -41.87
N SER G 715 -4.06 12.74 -41.24
CA SER G 715 -3.19 11.57 -41.27
C SER G 715 -3.78 10.43 -40.44
N PHE G 716 -3.39 9.20 -40.80
CA PHE G 716 -3.68 8.01 -40.03
C PHE G 716 -2.52 7.58 -39.16
N ASN G 717 -1.64 8.51 -38.79
CA ASN G 717 -0.54 8.19 -37.91
C ASN G 717 -1.07 7.66 -36.59
N SER G 718 -0.53 6.52 -36.15
CA SER G 718 -1.08 5.84 -34.98
C SER G 718 -0.96 6.69 -33.73
N ILE G 719 0.17 7.38 -33.54
CA ILE G 719 0.34 8.23 -32.37
C ILE G 719 -0.55 9.46 -32.49
N TYR G 720 -0.65 10.03 -33.70
CA TYR G 720 -1.57 11.15 -33.91
C TYR G 720 -3.02 10.71 -33.71
N MET G 721 -3.38 9.50 -34.16
CA MET G 721 -4.71 9.00 -33.90
C MET G 721 -4.96 8.79 -32.42
N MET G 722 -3.93 8.37 -31.68
CA MET G 722 -4.05 8.22 -30.25
C MET G 722 -4.30 9.57 -29.56
N ALA G 723 -3.57 10.60 -29.98
CA ALA G 723 -3.69 11.90 -29.36
C ALA G 723 -5.01 12.58 -29.73
N ASP G 724 -5.37 12.54 -31.01
CA ASP G 724 -6.54 13.26 -31.49
C ASP G 724 -7.83 12.62 -31.00
N SER G 725 -7.89 11.29 -30.97
CA SER G 725 -9.11 10.61 -30.54
C SER G 725 -9.40 10.83 -29.07
N GLY G 726 -8.42 11.29 -28.29
CA GLY G 726 -8.61 11.42 -26.86
C GLY G 726 -8.52 10.14 -26.09
N ALA G 727 -8.18 9.03 -26.75
CA ALA G 727 -8.05 7.75 -26.04
C ALA G 727 -6.94 7.82 -25.01
N ARG G 728 -5.81 8.41 -25.36
CA ARG G 728 -4.67 8.48 -24.46
C ARG G 728 -3.67 9.49 -24.99
N GLY G 729 -3.10 10.29 -24.10
CA GLY G 729 -2.10 11.28 -24.47
C GLY G 729 -2.70 12.65 -24.68
N SER G 730 -1.80 13.61 -24.93
CA SER G 730 -2.20 14.99 -25.16
C SER G 730 -1.15 15.66 -26.04
N ALA G 731 -1.38 16.94 -26.36
CA ALA G 731 -0.49 17.67 -27.24
C ALA G 731 0.88 17.89 -26.61
N ALA G 732 0.91 18.14 -25.30
CA ALA G 732 2.20 18.37 -24.63
C ALA G 732 3.07 17.12 -24.66
N GLN G 733 2.46 15.95 -24.43
CA GLN G 733 3.21 14.71 -24.51
C GLN G 733 3.67 14.44 -25.94
N ILE G 734 2.85 14.83 -26.93
CA ILE G 734 3.26 14.74 -28.32
C ILE G 734 4.50 15.59 -28.55
N ARG G 735 4.49 16.82 -28.01
CA ARG G 735 5.63 17.71 -28.16
C ARG G 735 6.88 17.14 -27.52
N GLN G 736 6.74 16.56 -26.32
CA GLN G 736 7.88 15.96 -25.66
C GLN G 736 8.38 14.72 -26.41
N LEU G 737 7.49 14.03 -27.13
CA LEU G 737 7.90 12.87 -27.91
C LEU G 737 8.66 13.28 -29.17
N ALA G 738 8.17 14.27 -29.90
CA ALA G 738 8.74 14.62 -31.20
C ALA G 738 9.46 15.97 -31.18
N GLY G 739 8.78 17.04 -30.76
CA GLY G 739 9.40 18.34 -30.70
C GLY G 739 10.36 18.45 -29.54
N MET G 740 10.90 19.66 -29.37
CA MET G 740 11.84 19.89 -28.28
C MET G 740 11.13 19.72 -26.93
N ARG G 741 11.89 19.25 -25.94
CA ARG G 741 11.31 19.01 -24.63
C ARG G 741 10.81 20.31 -23.99
N GLY G 742 11.53 21.40 -24.18
CA GLY G 742 11.11 22.70 -23.72
C GLY G 742 11.92 23.18 -22.52
N LEU G 743 11.64 24.42 -22.14
CA LEU G 743 12.29 25.03 -20.98
C LEU G 743 11.70 24.41 -19.72
N MET G 744 12.56 23.82 -18.88
CA MET G 744 12.10 23.20 -17.65
C MET G 744 13.19 23.29 -16.60
N ALA G 745 12.77 23.53 -15.35
CA ALA G 745 13.66 23.57 -14.20
C ALA G 745 12.83 23.64 -12.94
N LYS G 746 13.24 22.90 -11.92
CA LYS G 746 12.62 23.06 -10.61
C LYS G 746 13.59 22.81 -9.46
N PRO G 747 14.75 23.49 -9.42
CA PRO G 747 15.57 23.40 -8.20
C PRO G 747 14.98 24.26 -7.09
N ASP G 748 14.49 25.45 -7.48
CA ASP G 748 13.78 26.33 -6.57
C ASP G 748 12.61 27.03 -7.25
N GLY G 749 12.19 26.57 -8.43
CA GLY G 749 11.15 27.20 -9.20
C GLY G 749 11.62 28.04 -10.37
N SER G 750 12.93 28.25 -10.50
CA SER G 750 13.46 29.06 -11.58
C SER G 750 13.50 28.26 -12.89
N ILE G 751 14.09 28.85 -13.92
CA ILE G 751 14.21 28.23 -15.23
C ILE G 751 15.66 28.35 -15.69
N ILE G 752 16.24 27.23 -16.12
CA ILE G 752 17.58 27.26 -16.66
C ILE G 752 17.57 27.95 -18.02
N GLU G 753 18.66 28.68 -18.30
CA GLU G 753 18.75 29.44 -19.55
C GLU G 753 18.72 28.52 -20.76
N THR G 754 19.49 27.43 -20.73
CA THR G 754 19.55 26.51 -21.85
C THR G 754 18.51 25.41 -21.65
N PRO G 755 17.51 25.29 -22.53
CA PRO G 755 16.50 24.24 -22.38
C PRO G 755 16.99 22.93 -22.96
N ILE G 756 16.11 21.93 -22.93
CA ILE G 756 16.39 20.62 -23.50
C ILE G 756 15.91 20.64 -24.95
N THR G 757 16.85 20.63 -25.88
CA THR G 757 16.54 20.69 -27.31
C THR G 757 16.39 19.31 -27.93
N ALA G 758 16.47 18.25 -27.15
CA ALA G 758 16.38 16.88 -27.65
C ALA G 758 15.13 16.22 -27.10
N ASN G 759 14.37 15.57 -27.98
CA ASN G 759 13.15 14.88 -27.59
C ASN G 759 13.50 13.47 -27.10
N PHE G 760 12.48 12.63 -26.91
CA PHE G 760 12.70 11.26 -26.48
C PHE G 760 12.98 10.31 -27.64
N ARG G 761 12.53 10.64 -28.85
CA ARG G 761 12.88 9.83 -30.01
C ARG G 761 14.39 9.83 -30.22
N GLU G 762 15.02 11.00 -30.11
CA GLU G 762 16.46 11.08 -30.02
C GLU G 762 16.90 10.90 -28.57
N GLY G 763 18.20 10.74 -28.37
CA GLY G 763 18.73 10.58 -27.04
C GLY G 763 18.79 11.90 -26.28
N LEU G 764 18.96 11.77 -24.97
CA LEU G 764 19.18 12.91 -24.09
C LEU G 764 20.58 12.83 -23.51
N ASN G 765 21.25 13.98 -23.43
CA ASN G 765 22.56 14.02 -22.79
C ASN G 765 22.42 13.73 -21.30
N VAL G 766 23.58 13.52 -20.67
CA VAL G 766 23.59 13.33 -19.22
C VAL G 766 23.05 14.57 -18.51
N LEU G 767 23.46 15.75 -18.98
CA LEU G 767 23.00 17.00 -18.38
C LEU G 767 21.49 17.17 -18.52
N GLN G 768 20.95 16.85 -19.70
CA GLN G 768 19.51 17.01 -19.91
C GLN G 768 18.70 16.07 -19.01
N TYR G 769 19.15 14.82 -18.89
CA TYR G 769 18.45 13.87 -18.02
C TYR G 769 18.55 14.31 -16.56
N PHE G 770 19.73 14.76 -16.12
CA PHE G 770 19.88 15.23 -14.75
C PHE G 770 19.03 16.47 -14.50
N ILE G 771 18.82 17.29 -15.54
CA ILE G 771 17.96 18.47 -15.41
C ILE G 771 16.50 18.04 -15.26
N SER G 772 16.05 17.11 -16.10
CA SER G 772 14.65 16.67 -16.03
C SER G 772 14.36 15.92 -14.75
N THR G 773 15.37 15.31 -14.15
CA THR G 773 15.17 14.61 -12.88
C THR G 773 14.70 15.56 -11.78
N HIS G 774 15.12 16.83 -11.84
CA HIS G 774 14.66 17.80 -10.86
C HIS G 774 13.14 17.89 -10.86
N GLY G 775 12.56 18.11 -12.05
CA GLY G 775 11.11 18.19 -12.14
C GLY G 775 10.43 16.88 -11.82
N ALA G 776 11.03 15.76 -12.24
CA ALA G 776 10.44 14.46 -11.95
C ALA G 776 10.33 14.23 -10.44
N ARG G 777 11.44 14.43 -9.72
CA ARG G 777 11.43 14.24 -8.27
C ARG G 777 10.51 15.23 -7.59
N LYS G 778 10.50 16.49 -8.05
CA LYS G 778 9.62 17.49 -7.44
C LYS G 778 8.16 17.08 -7.59
N GLY G 779 7.75 16.65 -8.79
CA GLY G 779 6.38 16.24 -9.00
C GLY G 779 6.01 15.00 -8.21
N LEU G 780 6.90 14.00 -8.17
CA LEU G 780 6.61 12.78 -7.44
C LEU G 780 6.48 13.06 -5.94
N ALA G 781 7.39 13.87 -5.38
CA ALA G 781 7.30 14.22 -3.97
C ALA G 781 6.05 15.04 -3.68
N ASP G 782 5.69 15.95 -4.59
CA ASP G 782 4.48 16.74 -4.42
C ASP G 782 3.24 15.85 -4.37
N THR G 783 3.17 14.87 -5.27
CA THR G 783 2.04 13.94 -5.27
C THR G 783 2.04 13.11 -3.99
N ALA G 784 3.22 12.68 -3.53
CA ALA G 784 3.30 11.80 -2.37
C ALA G 784 2.90 12.48 -1.07
N LEU G 785 2.91 13.82 -1.01
CA LEU G 785 2.59 14.54 0.21
C LEU G 785 1.39 15.47 0.12
N LYS G 786 0.93 15.81 -1.08
CA LYS G 786 -0.30 16.59 -1.21
C LYS G 786 -1.55 15.76 -0.97
N THR G 787 -1.43 14.43 -1.06
CA THR G 787 -2.58 13.57 -0.82
C THR G 787 -3.05 13.66 0.63
N ALA G 788 -2.13 13.82 1.57
CA ALA G 788 -2.53 14.02 2.96
C ALA G 788 -3.28 15.33 3.14
N ASN G 789 -2.81 16.40 2.49
CA ASN G 789 -3.48 17.69 2.57
C ASN G 789 -4.86 17.66 1.91
N SER G 790 -5.05 16.83 0.88
CA SER G 790 -6.37 16.68 0.29
C SER G 790 -7.28 15.82 1.17
N GLY G 791 -6.74 14.75 1.75
CA GLY G 791 -7.55 13.89 2.59
C GLY G 791 -8.01 14.57 3.86
N TYR G 792 -7.16 15.41 4.44
CA TYR G 792 -7.56 16.18 5.62
C TYR G 792 -8.70 17.13 5.29
N LEU G 793 -8.61 17.81 4.14
CA LEU G 793 -9.69 18.68 3.72
C LEU G 793 -10.99 17.91 3.48
N THR G 794 -10.88 16.73 2.85
CA THR G 794 -12.07 15.91 2.65
C THR G 794 -12.68 15.48 3.97
N ARG G 795 -11.85 15.10 4.93
CA ARG G 795 -12.34 14.74 6.26
C ARG G 795 -13.07 15.90 6.90
N ARG G 796 -12.48 17.09 6.86
CA ARG G 796 -13.11 18.26 7.47
C ARG G 796 -14.42 18.60 6.79
N LEU G 797 -14.48 18.53 5.46
CA LEU G 797 -15.72 18.83 4.74
C LEU G 797 -16.80 17.82 5.08
N VAL G 798 -16.46 16.54 5.09
CA VAL G 798 -17.45 15.50 5.42
C VAL G 798 -17.97 15.70 6.83
N ASP G 799 -17.08 15.99 7.77
CA ASP G 799 -17.50 16.20 9.15
C ASP G 799 -18.41 17.41 9.27
N VAL G 800 -18.06 18.51 8.61
CA VAL G 800 -18.83 19.74 8.78
C VAL G 800 -20.18 19.65 8.06
N ALA G 801 -20.28 18.81 7.02
CA ALA G 801 -21.49 18.76 6.21
C ALA G 801 -22.32 17.50 6.41
N GLN G 802 -21.89 16.57 7.28
CA GLN G 802 -22.60 15.30 7.38
C GLN G 802 -24.03 15.47 7.90
N ASP G 803 -24.24 16.42 8.80
CA ASP G 803 -25.57 16.63 9.39
C ASP G 803 -26.40 17.53 8.46
N LEU G 804 -26.74 16.96 7.30
CA LEU G 804 -27.57 17.67 6.34
C LEU G 804 -28.24 16.65 5.42
N VAL G 805 -29.55 16.46 5.59
CA VAL G 805 -30.34 15.62 4.70
C VAL G 805 -31.58 16.41 4.29
N VAL G 806 -32.17 16.01 3.17
CA VAL G 806 -33.37 16.68 2.66
C VAL G 806 -34.56 16.20 3.47
N THR G 807 -35.19 17.11 4.20
CA THR G 807 -36.31 16.78 5.08
C THR G 807 -37.64 17.37 4.63
N GLU G 808 -37.63 18.36 3.74
CA GLU G 808 -38.84 19.02 3.31
C GLU G 808 -38.97 18.93 1.80
N ASP G 809 -40.22 18.97 1.32
CA ASP G 809 -40.49 18.92 -0.11
C ASP G 809 -40.42 20.30 -0.76
N ASP G 810 -41.00 21.30 -0.11
CA ASP G 810 -40.96 22.67 -0.63
C ASP G 810 -41.24 23.62 0.52
N CYS G 811 -40.25 24.46 0.86
CA CYS G 811 -40.44 25.43 1.94
C CYS G 811 -41.29 26.61 1.49
N GLY G 812 -41.30 26.92 0.19
CA GLY G 812 -42.10 28.01 -0.33
C GLY G 812 -41.50 29.38 -0.18
N THR G 813 -40.21 29.50 0.17
CA THR G 813 -39.58 30.80 0.32
C THR G 813 -39.42 31.48 -1.03
N HIS G 814 -39.46 32.80 -1.02
CA HIS G 814 -39.28 33.62 -2.21
C HIS G 814 -37.85 34.12 -2.36
N GLU G 815 -36.96 33.79 -1.44
CA GLU G 815 -35.57 34.23 -1.55
C GLU G 815 -34.84 33.43 -2.62
N GLY G 816 -33.73 33.98 -3.09
CA GLY G 816 -32.97 33.33 -4.13
C GLY G 816 -31.64 34.02 -4.36
N ILE G 817 -30.99 33.61 -5.45
CA ILE G 817 -29.68 34.12 -5.82
C ILE G 817 -29.74 34.52 -7.30
N MET G 818 -29.24 35.71 -7.62
CA MET G 818 -29.09 36.10 -9.01
C MET G 818 -27.92 35.35 -9.63
N MET G 819 -28.15 34.80 -10.82
CA MET G 819 -27.18 33.93 -11.47
C MET G 819 -26.98 34.39 -12.90
N THR G 820 -25.74 34.73 -13.23
CA THR G 820 -25.33 35.23 -14.53
C THR G 820 -24.14 34.42 -15.01
N PRO G 821 -23.90 34.37 -16.33
CA PRO G 821 -22.71 33.68 -16.83
C PRO G 821 -21.43 34.29 -16.26
N VAL G 822 -20.48 33.43 -15.95
CA VAL G 822 -19.23 33.87 -15.32
C VAL G 822 -18.26 34.30 -16.41
N ILE G 823 -17.83 35.55 -16.34
CA ILE G 823 -16.88 36.13 -17.31
C ILE G 823 -15.80 36.85 -16.52
N GLU G 824 -14.54 36.55 -16.83
CA GLU G 824 -13.39 37.24 -16.25
C GLU G 824 -12.83 38.15 -17.32
N GLY G 825 -13.09 39.45 -17.20
CA GLY G 825 -12.61 40.41 -18.18
C GLY G 825 -13.36 40.36 -19.49
N GLY G 826 -12.71 39.90 -20.55
CA GLY G 826 -13.26 39.94 -21.88
C GLY G 826 -13.62 38.62 -22.54
N ASP G 827 -13.44 37.50 -21.85
CA ASP G 827 -13.75 36.19 -22.40
C ASP G 827 -14.79 35.50 -21.54
N VAL G 828 -15.61 34.66 -22.17
CA VAL G 828 -16.63 33.91 -21.45
C VAL G 828 -16.02 32.62 -20.92
N LYS G 829 -16.10 32.41 -19.61
CA LYS G 829 -15.63 31.18 -19.00
C LYS G 829 -16.74 30.25 -18.55
N GLU G 830 -17.95 30.76 -18.33
CA GLU G 830 -19.02 29.85 -17.93
C GLU G 830 -20.36 30.36 -18.44
N PRO G 831 -21.01 29.65 -19.37
CA PRO G 831 -22.30 30.09 -19.89
C PRO G 831 -23.41 29.91 -18.85
N LEU G 832 -24.55 30.55 -19.14
CA LEU G 832 -25.67 30.49 -18.23
C LEU G 832 -26.27 29.09 -18.12
N ARG G 833 -26.28 28.34 -19.23
CA ARG G 833 -26.91 27.03 -19.22
C ARG G 833 -26.24 26.07 -18.24
N ASP G 834 -24.90 26.06 -18.21
CA ASP G 834 -24.19 25.17 -17.31
C ASP G 834 -24.48 25.50 -15.85
N ARG G 835 -24.54 26.79 -15.52
CA ARG G 835 -24.74 27.20 -14.14
C ARG G 835 -26.19 27.03 -13.67
N VAL G 836 -27.17 27.28 -14.54
CA VAL G 836 -28.56 27.30 -14.12
C VAL G 836 -29.27 25.96 -14.33
N LEU G 837 -28.64 25.01 -15.01
CA LEU G 837 -29.29 23.73 -15.28
C LEU G 837 -29.54 22.97 -13.98
N GLY G 838 -30.68 22.29 -13.93
CA GLY G 838 -31.04 21.51 -12.75
C GLY G 838 -31.26 22.35 -11.51
N ARG G 839 -31.92 23.50 -11.66
CA ARG G 839 -32.20 24.39 -10.54
C ARG G 839 -33.62 24.92 -10.67
N VAL G 840 -34.19 25.30 -9.53
CA VAL G 840 -35.57 25.78 -9.46
C VAL G 840 -35.55 27.30 -9.43
N THR G 841 -36.34 27.91 -10.31
CA THR G 841 -36.38 29.37 -10.39
C THR G 841 -37.15 29.96 -9.22
N ALA G 842 -36.52 30.90 -8.51
CA ALA G 842 -37.20 31.60 -7.43
C ALA G 842 -38.16 32.67 -7.96
N GLU G 843 -37.85 33.24 -9.12
CA GLU G 843 -38.69 34.27 -9.73
C GLU G 843 -38.80 34.02 -11.21
N ASP G 844 -39.88 34.52 -11.80
CA ASP G 844 -40.07 34.42 -13.24
C ASP G 844 -39.01 35.21 -13.98
N VAL G 845 -38.58 34.68 -15.11
CA VAL G 845 -37.58 35.34 -15.96
C VAL G 845 -38.33 36.12 -17.03
N LEU G 846 -38.12 37.43 -17.04
CA LEU G 846 -38.77 38.29 -18.03
C LEU G 846 -37.89 38.45 -19.25
N LYS G 847 -38.44 38.16 -20.42
CA LYS G 847 -37.73 38.36 -21.67
C LYS G 847 -37.58 39.85 -21.93
N PRO G 848 -36.69 40.24 -22.85
CA PRO G 848 -36.55 41.68 -23.16
C PRO G 848 -37.85 42.37 -23.48
N GLY G 849 -38.80 41.68 -24.12
CA GLY G 849 -40.15 42.19 -24.22
C GLY G 849 -40.80 42.23 -22.85
N THR G 850 -41.26 43.40 -22.42
CA THR G 850 -41.77 43.55 -21.06
C THR G 850 -43.10 42.84 -20.90
N ALA G 851 -43.39 42.46 -19.64
CA ALA G 851 -44.65 41.80 -19.28
C ALA G 851 -44.87 40.51 -20.06
N ASP G 852 -43.80 39.76 -20.28
CA ASP G 852 -43.86 38.48 -20.98
C ASP G 852 -43.26 37.42 -20.07
N ILE G 853 -44.06 36.40 -19.74
CA ILE G 853 -43.65 35.33 -18.84
C ILE G 853 -43.16 34.16 -19.67
N LEU G 854 -41.92 33.74 -19.42
CA LEU G 854 -41.33 32.62 -20.15
C LEU G 854 -41.57 31.29 -19.43
N VAL G 855 -41.10 31.18 -18.20
CA VAL G 855 -41.34 29.99 -17.39
C VAL G 855 -41.74 30.46 -15.99
N PRO G 856 -42.81 29.93 -15.41
CA PRO G 856 -43.33 30.47 -14.15
C PRO G 856 -42.37 30.25 -12.98
N ARG G 857 -42.72 30.88 -11.86
CA ARG G 857 -41.94 30.74 -10.64
C ARG G 857 -42.09 29.34 -10.05
N ASN G 858 -41.02 28.88 -9.39
CA ASN G 858 -40.98 27.59 -8.72
C ASN G 858 -41.22 26.45 -9.72
N THR G 859 -40.30 26.34 -10.66
CA THR G 859 -40.29 25.25 -11.63
C THR G 859 -38.87 24.71 -11.77
N LEU G 860 -38.76 23.43 -12.11
CA LEU G 860 -37.47 22.79 -12.28
C LEU G 860 -36.99 22.97 -13.70
N LEU G 861 -35.76 23.48 -13.86
CA LEU G 861 -35.17 23.71 -15.16
C LEU G 861 -34.41 22.47 -15.63
N HIS G 862 -34.64 22.09 -16.87
CA HIS G 862 -34.01 20.92 -17.47
C HIS G 862 -33.53 21.31 -18.86
N GLU G 863 -33.16 20.28 -19.66
CA GLU G 863 -32.56 20.54 -20.96
C GLU G 863 -33.50 21.32 -21.87
N GLN G 864 -34.79 20.96 -21.89
CA GLN G 864 -35.74 21.67 -22.73
C GLN G 864 -35.89 23.13 -22.30
N TRP G 865 -36.06 23.36 -20.99
CA TRP G 865 -36.18 24.71 -20.49
C TRP G 865 -34.90 25.51 -20.71
N CYS G 866 -33.74 24.88 -20.53
CA CYS G 866 -32.48 25.56 -20.77
C CYS G 866 -32.32 25.95 -22.24
N ASP G 867 -32.70 25.05 -23.15
CA ASP G 867 -32.63 25.37 -24.57
C ASP G 867 -33.59 26.49 -24.94
N LEU G 868 -34.81 26.47 -24.40
CA LEU G 868 -35.75 27.55 -24.65
C LEU G 868 -35.25 28.87 -24.10
N LEU G 869 -34.62 28.83 -22.93
CA LEU G 869 -34.08 30.04 -22.33
C LEU G 869 -32.92 30.61 -23.14
N GLU G 870 -31.99 29.74 -23.56
CA GLU G 870 -30.86 30.20 -24.36
C GLU G 870 -31.28 30.63 -25.75
N GLU G 871 -32.45 30.17 -26.22
CA GLU G 871 -32.96 30.64 -27.50
C GLU G 871 -33.22 32.13 -27.47
N ASN G 872 -33.70 32.64 -26.34
CA ASN G 872 -33.92 34.07 -26.15
C ASN G 872 -32.64 34.73 -25.66
N SER G 873 -32.74 35.98 -25.22
CA SER G 873 -31.57 36.78 -24.82
C SER G 873 -31.54 37.01 -23.32
N VAL G 874 -31.88 35.99 -22.54
CA VAL G 874 -31.85 36.11 -21.09
C VAL G 874 -30.41 36.10 -20.61
N ASP G 875 -30.11 36.90 -19.59
CA ASP G 875 -28.77 36.99 -19.02
C ASP G 875 -28.70 36.57 -17.56
N ALA G 876 -29.64 37.01 -16.73
CA ALA G 876 -29.63 36.71 -15.30
C ALA G 876 -30.91 36.01 -14.90
N VAL G 877 -30.78 35.00 -14.04
CA VAL G 877 -31.92 34.21 -13.57
C VAL G 877 -31.89 34.17 -12.05
N LYS G 878 -33.04 34.36 -11.42
CA LYS G 878 -33.16 34.26 -9.98
C LYS G 878 -33.47 32.81 -9.62
N VAL G 879 -32.53 32.14 -8.95
CA VAL G 879 -32.64 30.72 -8.65
C VAL G 879 -32.43 30.53 -7.14
N ARG G 880 -33.37 29.83 -6.51
CA ARG G 880 -33.26 29.55 -5.08
C ARG G 880 -32.11 28.59 -4.80
N SER G 881 -31.49 28.76 -3.64
CA SER G 881 -30.31 27.99 -3.25
C SER G 881 -30.52 27.40 -1.86
N VAL G 882 -29.58 26.53 -1.47
CA VAL G 882 -29.68 25.83 -0.19
C VAL G 882 -29.46 26.78 0.98
N VAL G 883 -28.64 27.82 0.80
CA VAL G 883 -28.35 28.73 1.91
C VAL G 883 -29.58 29.54 2.31
N SER G 884 -30.61 29.58 1.46
CA SER G 884 -31.86 30.26 1.78
C SER G 884 -33.04 29.30 1.81
N CYS G 885 -32.84 28.08 2.29
CA CYS G 885 -33.92 27.09 2.31
C CYS G 885 -35.01 27.48 3.30
N ASP G 886 -34.63 28.15 4.39
CA ASP G 886 -35.55 28.69 5.39
C ASP G 886 -36.15 27.56 6.24
N THR G 887 -35.89 26.32 5.86
CA THR G 887 -36.36 25.20 6.66
C THR G 887 -35.42 24.94 7.83
N ASP G 888 -35.94 24.21 8.82
CA ASP G 888 -35.21 23.94 10.04
C ASP G 888 -34.72 22.50 10.05
N PHE G 889 -33.43 22.31 10.34
CA PHE G 889 -32.79 20.99 10.42
C PHE G 889 -32.96 20.21 9.12
N GLY G 890 -32.40 20.76 8.06
CA GLY G 890 -32.41 20.11 6.76
C GLY G 890 -32.52 21.13 5.65
N VAL G 891 -32.74 20.63 4.44
CA VAL G 891 -32.89 21.47 3.25
C VAL G 891 -34.15 21.02 2.51
N CYS G 892 -34.87 21.99 1.96
CA CYS G 892 -36.05 21.68 1.16
C CYS G 892 -35.65 20.99 -0.14
N ALA G 893 -36.54 20.13 -0.63
CA ALA G 893 -36.28 19.41 -1.88
C ALA G 893 -36.36 20.31 -3.10
N HIS G 894 -36.92 21.51 -2.95
CA HIS G 894 -37.01 22.44 -4.08
C HIS G 894 -35.86 23.43 -4.10
N CYS G 895 -35.43 23.91 -2.94
CA CYS G 895 -34.27 24.79 -2.88
C CYS G 895 -33.00 24.10 -3.38
N TYR G 896 -32.89 22.79 -3.14
CA TYR G 896 -31.84 21.97 -3.74
C TYR G 896 -32.37 21.44 -5.05
N GLY G 897 -31.64 21.67 -6.14
CA GLY G 897 -32.10 21.28 -7.45
C GLY G 897 -32.11 19.77 -7.65
N ARG G 898 -32.20 19.33 -8.90
CA ARG G 898 -32.16 17.90 -9.17
C ARG G 898 -30.79 17.34 -8.79
N ASP G 899 -30.79 16.14 -8.21
CA ASP G 899 -29.52 15.49 -7.89
C ASP G 899 -28.73 15.22 -9.16
N LEU G 900 -27.43 15.40 -9.10
CA LEU G 900 -26.60 15.25 -10.29
C LEU G 900 -26.49 13.80 -10.74
N ALA G 901 -26.88 12.83 -9.91
CA ALA G 901 -26.80 11.43 -10.31
C ALA G 901 -27.93 11.05 -11.26
N ARG G 902 -29.12 11.60 -11.08
CA ARG G 902 -30.29 11.21 -11.86
C ARG G 902 -31.03 12.45 -12.33
N GLY G 903 -31.76 12.31 -13.45
CA GLY G 903 -32.44 13.44 -14.05
C GLY G 903 -33.58 14.00 -13.22
N HIS G 904 -34.15 13.19 -12.32
CA HIS G 904 -35.28 13.63 -11.53
C HIS G 904 -34.82 14.56 -10.40
N ILE G 905 -35.79 15.23 -9.78
CA ILE G 905 -35.49 16.08 -8.64
C ILE G 905 -35.09 15.22 -7.46
N ILE G 906 -34.29 15.78 -6.55
CA ILE G 906 -33.85 15.05 -5.38
C ILE G 906 -35.05 14.75 -4.48
N ASN G 907 -35.07 13.56 -3.91
CA ASN G 907 -36.17 13.12 -3.05
C ASN G 907 -35.76 13.21 -1.58
N LYS G 908 -36.77 13.17 -0.72
CA LYS G 908 -36.55 13.33 0.71
C LYS G 908 -35.70 12.18 1.27
N GLY G 909 -34.84 12.50 2.22
CA GLY G 909 -34.01 11.51 2.86
C GLY G 909 -32.63 11.33 2.26
N GLU G 910 -32.27 12.11 1.25
CA GLU G 910 -30.95 12.00 0.62
C GLU G 910 -29.94 12.82 1.40
N ALA G 911 -28.85 12.16 1.82
CA ALA G 911 -27.79 12.82 2.58
C ALA G 911 -26.96 13.66 1.62
N ILE G 912 -27.37 14.91 1.43
CA ILE G 912 -26.73 15.76 0.44
C ILE G 912 -25.39 16.30 0.94
N GLY G 913 -25.22 16.41 2.25
CA GLY G 913 -23.98 16.96 2.77
C GLY G 913 -22.78 16.08 2.48
N VAL G 914 -22.92 14.77 2.68
CA VAL G 914 -21.83 13.84 2.39
C VAL G 914 -21.52 13.84 0.91
N ILE G 915 -22.56 13.87 0.06
CA ILE G 915 -22.34 13.90 -1.38
C ILE G 915 -21.60 15.16 -1.78
N ALA G 916 -21.99 16.31 -1.23
CA ALA G 916 -21.32 17.56 -1.56
C ALA G 916 -19.86 17.54 -1.11
N ALA G 917 -19.61 17.05 0.10
CA ALA G 917 -18.25 17.01 0.61
C ALA G 917 -17.38 16.07 -0.22
N GLN G 918 -17.90 14.91 -0.58
CA GLN G 918 -17.15 13.98 -1.42
C GLN G 918 -16.91 14.55 -2.81
N SER G 919 -17.90 15.27 -3.36
CA SER G 919 -17.74 15.87 -4.67
C SER G 919 -16.65 16.93 -4.66
N ILE G 920 -16.61 17.76 -3.61
CA ILE G 920 -15.58 18.80 -3.54
C ILE G 920 -14.21 18.19 -3.27
N GLY G 921 -14.14 17.18 -2.38
CA GLY G 921 -12.86 16.64 -1.98
C GLY G 921 -12.31 15.51 -2.83
N GLU G 922 -13.09 14.99 -3.79
CA GLU G 922 -12.54 13.97 -4.68
C GLU G 922 -11.40 14.51 -5.53
N PRO G 923 -11.49 15.70 -6.14
CA PRO G 923 -10.28 16.33 -6.68
C PRO G 923 -9.39 16.87 -5.56
N GLY G 924 -8.30 17.53 -5.91
CA GLY G 924 -7.35 17.95 -4.91
C GLY G 924 -6.12 17.07 -4.96
N THR G 925 -6.34 15.77 -5.15
CA THR G 925 -5.23 14.88 -5.45
C THR G 925 -4.62 15.18 -6.81
N GLN G 926 -5.37 15.84 -7.70
CA GLN G 926 -4.88 16.24 -9.01
C GLN G 926 -4.71 17.75 -9.14
N LEU G 927 -5.00 18.52 -8.09
CA LEU G 927 -4.78 19.95 -8.11
C LEU G 927 -3.30 20.25 -7.89
N THR G 928 -2.75 21.13 -8.71
CA THR G 928 -1.31 21.34 -8.78
C THR G 928 -0.75 22.19 -7.64
N MET G 929 -1.52 22.40 -6.58
CA MET G 929 -1.07 23.15 -5.39
C MET G 929 -0.43 24.49 -5.71
N ALA G 942 1.72 44.23 -16.94
CA ALA G 942 1.43 44.89 -18.21
C ALA G 942 1.27 46.40 -18.01
N ALA G 943 2.27 47.16 -18.48
CA ALA G 943 2.23 48.61 -18.35
C ALA G 943 1.28 49.26 -19.36
N GLU G 944 0.79 48.52 -20.34
CA GLU G 944 -0.11 49.07 -21.34
C GLU G 944 -1.50 49.28 -20.73
N SER G 945 -1.96 50.52 -20.75
CA SER G 945 -3.28 50.88 -20.21
C SER G 945 -4.38 50.81 -21.25
N SER G 946 -4.05 50.52 -22.50
CA SER G 946 -5.07 50.43 -23.55
C SER G 946 -5.95 49.20 -23.34
N ILE G 947 -7.23 49.36 -23.64
CA ILE G 947 -8.21 48.28 -23.50
C ILE G 947 -8.64 47.85 -24.90
N GLN G 948 -8.44 46.58 -25.21
CA GLN G 948 -8.80 46.03 -26.51
C GLN G 948 -10.19 45.40 -26.46
N VAL G 949 -10.90 45.50 -27.57
CA VAL G 949 -12.25 44.97 -27.71
C VAL G 949 -12.23 43.86 -28.74
N LYS G 950 -12.68 42.66 -28.35
CA LYS G 950 -12.59 41.51 -29.25
C LYS G 950 -13.61 41.59 -30.39
N ASN G 951 -14.86 41.95 -30.08
CA ASN G 951 -15.93 41.93 -31.05
C ASN G 951 -16.68 43.27 -31.04
N LYS G 952 -17.37 43.55 -32.14
CA LYS G 952 -18.08 44.81 -32.32
C LYS G 952 -19.34 44.80 -31.48
N GLY G 953 -19.18 45.12 -30.20
CA GLY G 953 -20.29 45.25 -29.27
C GLY G 953 -20.30 46.63 -28.66
N SER G 954 -21.47 47.27 -28.68
CA SER G 954 -21.61 48.62 -28.18
C SER G 954 -21.30 48.67 -26.69
N ILE G 955 -20.48 49.65 -26.29
CA ILE G 955 -20.09 49.77 -24.89
C ILE G 955 -21.27 50.28 -24.07
N LYS G 956 -21.48 49.67 -22.91
CA LYS G 956 -22.54 50.03 -21.99
C LYS G 956 -21.91 50.36 -20.64
N LEU G 957 -21.54 51.62 -20.45
CA LEU G 957 -20.91 52.06 -19.21
C LEU G 957 -21.97 52.28 -18.14
N SER G 958 -21.78 51.67 -16.98
CA SER G 958 -22.72 51.74 -15.88
C SER G 958 -22.03 52.20 -14.61
N ASN G 959 -22.79 52.90 -13.75
CA ASN G 959 -22.30 53.42 -12.49
C ASN G 959 -21.09 54.34 -12.71
N VAL G 960 -21.34 55.43 -13.43
CA VAL G 960 -20.30 56.39 -13.77
C VAL G 960 -20.81 57.80 -13.50
N LYS G 961 -19.88 58.73 -13.35
CA LYS G 961 -20.17 60.13 -13.13
C LYS G 961 -19.74 60.94 -14.35
N SER G 962 -20.66 61.71 -14.91
CA SER G 962 -20.38 62.48 -16.11
C SER G 962 -19.82 63.85 -15.72
N VAL G 963 -18.56 64.07 -16.04
CA VAL G 963 -17.88 65.34 -15.76
C VAL G 963 -17.32 65.88 -17.08
N VAL G 964 -17.64 67.15 -17.38
CA VAL G 964 -17.17 67.75 -18.61
C VAL G 964 -15.67 67.97 -18.52
N ASN G 965 -14.95 67.51 -19.55
CA ASN G 965 -13.50 67.63 -19.61
C ASN G 965 -13.11 68.79 -20.53
N SER G 966 -11.81 68.97 -20.73
CA SER G 966 -11.32 69.99 -21.65
C SER G 966 -11.67 69.71 -23.10
N SER G 967 -12.08 68.48 -23.42
CA SER G 967 -12.48 68.12 -24.77
C SER G 967 -13.87 67.50 -24.76
N GLY G 968 -14.30 66.92 -25.88
CA GLY G 968 -15.61 66.31 -25.95
C GLY G 968 -15.78 65.09 -25.07
N LYS G 969 -14.68 64.47 -24.67
CA LYS G 969 -14.75 63.30 -23.80
C LYS G 969 -15.09 63.69 -22.38
N LEU G 970 -15.40 62.69 -21.56
CA LEU G 970 -15.78 62.88 -20.18
C LEU G 970 -14.86 62.06 -19.27
N VAL G 971 -14.68 62.56 -18.04
CA VAL G 971 -13.82 61.91 -17.05
C VAL G 971 -14.71 61.42 -15.92
N ILE G 972 -14.53 60.15 -15.54
CA ILE G 972 -15.34 59.53 -14.50
C ILE G 972 -14.66 59.72 -13.16
N THR G 973 -15.42 60.21 -12.17
CA THR G 973 -14.91 60.44 -10.83
C THR G 973 -15.32 59.34 -9.84
N SER G 974 -15.97 58.28 -10.33
CA SER G 974 -16.42 57.19 -9.47
C SER G 974 -15.44 56.03 -9.56
N ARG G 975 -15.05 55.49 -8.39
CA ARG G 975 -14.09 54.40 -8.36
C ARG G 975 -14.67 53.13 -8.97
N ASN G 976 -15.94 52.84 -8.68
CA ASN G 976 -16.57 51.61 -9.15
C ASN G 976 -17.23 51.88 -10.51
N THR G 977 -16.64 51.32 -11.57
CA THR G 977 -17.18 51.48 -12.92
C THR G 977 -17.17 50.12 -13.62
N GLU G 978 -18.17 49.91 -14.47
CA GLU G 978 -18.33 48.66 -15.19
C GLU G 978 -18.60 48.94 -16.66
N LEU G 979 -18.12 48.04 -17.52
CA LEU G 979 -18.35 48.11 -18.95
C LEU G 979 -19.08 46.87 -19.42
N LYS G 980 -20.03 47.07 -20.34
CA LYS G 980 -20.80 45.97 -20.91
C LYS G 980 -20.88 46.15 -22.42
N LEU G 981 -20.91 45.03 -23.14
CA LEU G 981 -20.96 45.02 -24.59
C LEU G 981 -22.29 44.46 -25.06
N ILE G 982 -23.02 45.25 -25.85
CA ILE G 982 -24.27 44.84 -26.47
C ILE G 982 -24.10 44.95 -27.97
N ASP G 983 -24.27 43.83 -28.67
CA ASP G 983 -24.09 43.78 -30.13
C ASP G 983 -25.39 43.51 -30.86
N GLU G 984 -26.07 42.40 -30.55
CA GLU G 984 -27.34 42.07 -31.17
C GLU G 984 -28.38 41.76 -30.12
N PHE G 985 -27.95 41.25 -28.97
CA PHE G 985 -28.82 40.88 -27.87
C PHE G 985 -28.29 41.49 -26.59
N GLY G 986 -29.02 41.28 -25.49
CA GLY G 986 -28.65 41.85 -24.21
C GLY G 986 -27.55 41.12 -23.48
N ARG G 987 -27.06 40.01 -24.02
CA ARG G 987 -26.00 39.25 -23.37
C ARG G 987 -24.66 39.98 -23.54
N THR G 988 -23.92 40.13 -22.45
CA THR G 988 -22.62 40.76 -22.47
C THR G 988 -21.53 39.73 -22.73
N LYS G 989 -20.37 40.21 -23.19
CA LYS G 989 -19.26 39.34 -23.49
C LYS G 989 -17.94 39.88 -22.92
N GLU G 990 -17.89 41.18 -22.67
CA GLU G 990 -16.68 41.83 -22.19
C GLU G 990 -17.04 42.77 -21.05
N SER G 991 -16.31 42.65 -19.93
CA SER G 991 -16.56 43.47 -18.76
C SER G 991 -15.40 44.41 -18.43
N TYR G 992 -14.21 43.88 -18.23
CA TYR G 992 -13.02 44.65 -17.87
C TYR G 992 -13.28 45.42 -16.57
N LYS G 993 -12.53 46.49 -16.35
CA LYS G 993 -12.70 47.35 -15.18
C LYS G 993 -12.05 48.70 -15.48
N VAL G 994 -12.61 49.75 -14.91
CA VAL G 994 -12.12 51.11 -15.17
C VAL G 994 -11.90 51.84 -13.85
N PRO G 995 -10.71 52.36 -13.60
CA PRO G 995 -10.46 53.12 -12.37
C PRO G 995 -10.94 54.56 -12.51
N TYR G 996 -10.83 55.30 -11.42
CA TYR G 996 -11.25 56.70 -11.42
C TYR G 996 -10.29 57.55 -12.26
N GLY G 997 -10.82 58.67 -12.75
CA GLY G 997 -10.01 59.56 -13.57
C GLY G 997 -9.72 59.06 -14.97
N ALA G 998 -10.55 58.16 -15.50
CA ALA G 998 -10.34 57.62 -16.83
C ALA G 998 -11.06 58.47 -17.87
N VAL G 999 -10.53 58.45 -19.09
CA VAL G 999 -11.10 59.17 -20.22
C VAL G 999 -11.52 58.16 -21.27
N LEU G 1000 -12.79 58.18 -21.64
CA LEU G 1000 -13.33 57.23 -22.61
C LEU G 1000 -13.06 57.72 -24.02
N ALA G 1001 -12.53 56.82 -24.86
CA ALA G 1001 -12.25 57.17 -26.24
C ALA G 1001 -13.54 57.33 -27.04
N LYS G 1002 -14.52 56.47 -26.80
CA LYS G 1002 -15.81 56.51 -27.47
C LYS G 1002 -16.92 56.66 -26.43
N GLY G 1003 -17.93 57.44 -26.77
CA GLY G 1003 -19.01 57.69 -25.85
C GLY G 1003 -19.86 56.47 -25.58
N ASP G 1004 -20.61 56.53 -24.48
CA ASP G 1004 -21.46 55.42 -24.09
C ASP G 1004 -22.57 55.21 -25.12
N GLY G 1005 -22.86 53.95 -25.43
CA GLY G 1005 -23.86 53.61 -26.41
C GLY G 1005 -23.38 53.59 -27.85
N GLU G 1006 -22.12 53.95 -28.10
CA GLU G 1006 -21.58 53.93 -29.45
C GLU G 1006 -21.16 52.52 -29.83
N GLN G 1007 -21.59 52.08 -31.01
CA GLN G 1007 -21.28 50.74 -31.50
C GLN G 1007 -19.84 50.73 -32.01
N VAL G 1008 -18.91 50.43 -31.10
CA VAL G 1008 -17.50 50.35 -31.47
C VAL G 1008 -17.28 49.12 -32.35
N ALA G 1009 -16.53 49.32 -33.45
CA ALA G 1009 -16.27 48.23 -34.38
C ALA G 1009 -15.40 47.13 -33.81
N GLY G 1010 -14.75 47.37 -32.67
CA GLY G 1010 -13.90 46.37 -32.04
C GLY G 1010 -12.45 46.49 -32.48
N GLY G 1011 -11.56 45.98 -31.64
CA GLY G 1011 -10.14 46.05 -31.91
C GLY G 1011 -9.52 47.41 -31.68
N GLU G 1012 -10.26 48.35 -31.08
CA GLU G 1012 -9.77 49.69 -30.82
C GLU G 1012 -10.05 50.07 -29.37
N THR G 1013 -9.23 50.96 -28.84
CA THR G 1013 -9.38 51.39 -27.46
C THR G 1013 -10.67 52.18 -27.28
N VAL G 1014 -11.40 51.89 -26.21
CA VAL G 1014 -12.63 52.61 -25.90
C VAL G 1014 -12.48 53.52 -24.68
N ALA G 1015 -11.47 53.30 -23.85
CA ALA G 1015 -11.22 54.13 -22.69
C ALA G 1015 -9.74 54.13 -22.39
N ASN G 1016 -9.20 55.31 -22.08
CA ASN G 1016 -7.77 55.47 -21.80
C ASN G 1016 -7.60 56.16 -20.45
N TRP G 1017 -6.63 55.68 -19.68
CA TRP G 1017 -6.35 56.24 -18.36
C TRP G 1017 -4.88 56.01 -18.04
N ASP G 1018 -4.37 56.78 -17.09
CA ASP G 1018 -2.99 56.62 -16.65
C ASP G 1018 -2.85 55.33 -15.86
N PRO G 1019 -1.97 54.41 -16.26
CA PRO G 1019 -1.82 53.15 -15.52
C PRO G 1019 -1.04 53.27 -14.22
N HIS G 1020 -0.52 54.46 -13.90
CA HIS G 1020 0.26 54.66 -12.70
C HIS G 1020 -0.35 55.67 -11.73
N THR G 1021 -1.11 56.63 -12.23
CA THR G 1021 -1.65 57.69 -11.38
C THR G 1021 -3.14 57.86 -11.67
N MET G 1022 -3.89 58.23 -10.63
CA MET G 1022 -5.30 58.56 -10.77
C MET G 1022 -5.45 60.06 -10.71
N PRO G 1023 -5.77 60.73 -11.81
CA PRO G 1023 -5.86 62.20 -11.78
C PRO G 1023 -7.00 62.69 -10.90
N VAL G 1024 -6.79 63.87 -10.31
CA VAL G 1024 -7.77 64.53 -9.46
C VAL G 1024 -8.43 65.62 -10.29
N ILE G 1025 -9.75 65.55 -10.42
CA ILE G 1025 -10.48 66.46 -11.29
C ILE G 1025 -10.63 67.82 -10.62
N THR G 1026 -10.88 68.85 -11.41
CA THR G 1026 -11.09 70.21 -10.91
C THR G 1026 -12.55 70.58 -11.13
N GLU G 1027 -13.25 70.89 -10.03
CA GLU G 1027 -14.67 71.21 -10.14
C GLU G 1027 -14.90 72.62 -10.66
N VAL G 1028 -13.97 73.53 -10.41
CA VAL G 1028 -14.09 74.93 -10.81
C VAL G 1028 -13.04 75.22 -11.87
N SER G 1029 -13.45 75.83 -12.98
CA SER G 1029 -12.56 76.17 -14.08
C SER G 1029 -12.04 77.59 -13.89
N GLY G 1030 -10.73 77.75 -13.97
CA GLY G 1030 -10.12 79.05 -13.83
C GLY G 1030 -8.71 78.91 -13.25
N PHE G 1031 -8.24 80.02 -12.68
CA PHE G 1031 -6.91 80.06 -12.12
C PHE G 1031 -6.81 79.14 -10.90
N VAL G 1032 -5.65 78.51 -10.75
CA VAL G 1032 -5.40 77.65 -9.60
C VAL G 1032 -4.97 78.50 -8.42
N ARG G 1033 -5.65 78.34 -7.29
CA ARG G 1033 -5.38 79.11 -6.09
C ARG G 1033 -4.50 78.28 -5.15
N PHE G 1034 -3.27 78.71 -4.96
CA PHE G 1034 -2.33 78.05 -4.07
C PHE G 1034 -2.21 78.84 -2.77
N THR G 1035 -2.43 78.16 -1.65
CA THR G 1035 -2.42 78.79 -0.34
C THR G 1035 -1.24 78.26 0.48
N ASP G 1036 -0.53 79.19 1.14
CA ASP G 1036 0.61 78.86 1.99
C ASP G 1036 1.69 78.10 1.20
N MET G 1037 2.21 78.76 0.17
CA MET G 1037 3.25 78.20 -0.67
C MET G 1037 4.61 78.61 -0.11
N ILE G 1038 5.31 77.65 0.49
CA ILE G 1038 6.61 77.90 1.12
C ILE G 1038 7.71 77.40 0.20
N ASP G 1039 8.69 78.25 -0.07
CA ASP G 1039 9.81 77.91 -0.95
C ASP G 1039 10.99 77.47 -0.11
N GLY G 1040 11.61 76.34 -0.51
CA GLY G 1040 12.73 75.77 0.18
C GLY G 1040 12.38 74.63 1.11
N GLN G 1041 11.13 74.54 1.53
CA GLN G 1041 10.64 73.44 2.35
C GLN G 1041 9.54 72.64 1.68
N THR G 1042 8.57 73.30 1.07
CA THR G 1042 7.48 72.65 0.35
C THR G 1042 7.60 72.83 -1.16
N ILE G 1043 8.80 73.13 -1.65
CA ILE G 1043 9.06 73.30 -3.07
C ILE G 1043 10.21 72.38 -3.47
N THR G 1044 10.00 71.58 -4.52
CA THR G 1044 11.02 70.65 -5.03
C THR G 1044 11.11 70.85 -6.54
N ARG G 1045 12.17 71.51 -6.98
CA ARG G 1045 12.37 71.74 -8.41
C ARG G 1045 12.69 70.43 -9.12
N GLN G 1046 12.11 70.26 -10.30
CA GLN G 1046 12.32 69.05 -11.09
C GLN G 1046 13.19 69.35 -12.32
N SER G 1054 5.54 76.16 -13.44
CA SER G 1054 6.61 75.18 -13.36
C SER G 1054 6.19 73.97 -12.52
N SER G 1055 6.86 72.84 -12.73
CA SER G 1055 6.56 71.61 -12.01
C SER G 1055 7.21 71.70 -10.62
N LEU G 1056 6.40 71.95 -9.60
CA LEU G 1056 6.88 72.07 -8.23
C LEU G 1056 5.97 71.27 -7.30
N VAL G 1057 6.55 70.69 -6.26
CA VAL G 1057 5.76 69.95 -5.29
C VAL G 1057 4.93 70.91 -4.46
N VAL G 1058 3.81 70.40 -3.92
CA VAL G 1058 2.91 71.24 -3.16
C VAL G 1058 3.37 71.37 -1.72
N LEU G 1059 3.40 70.26 -1.00
CA LEU G 1059 3.79 70.25 0.41
C LEU G 1059 4.07 68.81 0.81
N ASP G 1060 4.72 68.65 1.96
CA ASP G 1060 5.02 67.34 2.55
C ASP G 1060 4.45 67.30 3.95
N SER G 1061 3.60 66.30 4.23
CA SER G 1061 3.02 66.17 5.55
C SER G 1061 4.07 65.87 6.61
N ALA G 1062 5.03 64.99 6.29
CA ALA G 1062 6.08 64.67 7.24
C ALA G 1062 6.96 65.88 7.54
N GLU G 1063 7.30 66.66 6.51
CA GLU G 1063 8.13 67.84 6.72
C GLU G 1063 7.41 68.88 7.57
N ARG G 1064 6.12 69.08 7.33
CA ARG G 1064 5.35 70.06 8.08
C ARG G 1064 5.00 69.52 9.47
N ARG G 1072 -1.13 70.64 4.76
CA ARG G 1072 -1.75 70.60 3.44
C ARG G 1072 -2.93 71.56 3.37
N PRO G 1073 -2.65 72.82 3.01
CA PRO G 1073 -3.72 73.80 2.89
C PRO G 1073 -4.71 73.42 1.80
N ALA G 1074 -5.98 73.74 2.03
CA ALA G 1074 -7.06 73.44 1.10
C ALA G 1074 -7.68 74.74 0.60
N LEU G 1075 -7.83 74.85 -0.71
CA LEU G 1075 -8.41 76.04 -1.32
C LEU G 1075 -9.15 75.64 -2.59
N LYS G 1076 -10.10 76.49 -2.98
CA LYS G 1076 -10.89 76.25 -4.18
C LYS G 1076 -10.25 76.94 -5.38
N ILE G 1077 -10.54 76.39 -6.56
CA ILE G 1077 -10.02 76.96 -7.80
C ILE G 1077 -10.66 78.31 -8.07
N VAL G 1078 -9.84 79.30 -8.41
CA VAL G 1078 -10.35 80.65 -8.66
C VAL G 1078 -11.22 80.64 -9.91
N ASP G 1079 -12.19 81.55 -9.96
CA ASP G 1079 -13.09 81.64 -11.11
C ASP G 1079 -12.34 82.15 -12.33
N ALA G 1080 -11.85 83.39 -12.28
CA ALA G 1080 -11.06 83.95 -13.37
C ALA G 1080 -9.63 84.21 -12.92
N GLN G 1081 -9.41 84.96 -11.84
CA GLN G 1081 -8.08 85.25 -11.34
C GLN G 1081 -7.92 84.91 -9.87
N GLY G 1082 -8.78 85.45 -9.00
CA GLY G 1082 -8.69 85.15 -7.58
C GLY G 1082 -10.04 85.03 -6.90
N ASN G 1083 -11.10 84.96 -7.70
CA ASN G 1083 -12.46 84.89 -7.15
C ASN G 1083 -12.67 83.57 -6.42
N ASP G 1084 -13.50 83.61 -5.38
CA ASP G 1084 -13.80 82.45 -4.55
C ASP G 1084 -15.09 81.79 -5.05
N VAL G 1085 -15.03 80.49 -5.28
CA VAL G 1085 -16.18 79.74 -5.75
C VAL G 1085 -16.52 78.63 -4.77
N ALA G 1094 -15.25 73.87 -2.97
CA ALA G 1094 -14.25 72.92 -3.43
C ALA G 1094 -13.03 72.94 -2.51
N GLN G 1095 -12.64 71.76 -2.02
CA GLN G 1095 -11.49 71.61 -1.14
C GLN G 1095 -10.42 70.78 -1.85
N TYR G 1096 -9.21 71.31 -1.88
CA TYR G 1096 -8.08 70.64 -2.52
C TYR G 1096 -7.22 69.98 -1.45
N PHE G 1097 -7.09 68.66 -1.53
CA PHE G 1097 -6.31 67.89 -0.57
C PHE G 1097 -4.97 67.51 -1.19
N LEU G 1098 -3.89 67.76 -0.45
CA LEU G 1098 -2.53 67.46 -0.92
C LEU G 1098 -1.91 66.40 -0.03
N PRO G 1099 -1.95 65.12 -0.43
CA PRO G 1099 -1.29 64.07 0.37
C PRO G 1099 0.21 64.09 0.22
N GLY G 1100 0.89 63.10 0.80
CA GLY G 1100 2.34 63.05 0.71
C GLY G 1100 2.80 62.95 -0.73
N LYS G 1101 3.88 63.68 -1.05
CA LYS G 1101 4.52 63.71 -2.35
C LYS G 1101 3.61 64.25 -3.45
N ALA G 1102 2.50 64.89 -3.10
CA ALA G 1102 1.62 65.46 -4.11
C ALA G 1102 2.24 66.71 -4.72
N ILE G 1103 2.26 66.78 -6.04
CA ILE G 1103 2.87 67.88 -6.77
C ILE G 1103 1.86 68.43 -7.77
N VAL G 1104 1.78 69.75 -7.86
CA VAL G 1104 0.95 70.44 -8.84
C VAL G 1104 1.86 71.25 -9.75
N GLN G 1105 1.82 70.96 -11.04
CA GLN G 1105 2.65 71.65 -12.02
C GLN G 1105 2.03 72.93 -12.56
N LEU G 1106 0.82 73.27 -12.11
CA LEU G 1106 0.12 74.47 -12.56
C LEU G 1106 0.30 75.57 -11.52
N GLU G 1107 0.93 76.66 -11.92
CA GLU G 1107 1.14 77.78 -11.02
C GLU G 1107 -0.12 78.62 -10.90
N ASP G 1108 -0.09 79.59 -9.99
CA ASP G 1108 -1.22 80.48 -9.80
C ASP G 1108 -1.45 81.34 -11.04
N GLY G 1109 -2.71 81.54 -11.39
CA GLY G 1109 -3.05 82.30 -12.57
C GLY G 1109 -2.97 81.54 -13.87
N VAL G 1110 -2.82 80.21 -13.82
CA VAL G 1110 -2.72 79.41 -15.04
C VAL G 1110 -4.03 79.39 -15.82
N GLN G 1111 -5.15 79.71 -15.15
CA GLN G 1111 -6.47 79.74 -15.80
C GLN G 1111 -6.80 78.39 -16.46
N ILE G 1112 -6.57 77.32 -15.71
CA ILE G 1112 -6.84 75.98 -16.21
C ILE G 1112 -8.35 75.75 -16.28
N SER G 1113 -8.78 75.05 -17.33
CA SER G 1113 -10.19 74.76 -17.50
C SER G 1113 -10.57 73.49 -16.76
N SER G 1114 -11.88 73.30 -16.60
CA SER G 1114 -12.38 72.11 -15.94
C SER G 1114 -12.12 70.86 -16.79
N GLY G 1115 -11.82 69.76 -16.12
CA GLY G 1115 -11.51 68.53 -16.79
C GLY G 1115 -10.04 68.29 -17.08
N ASP G 1116 -9.15 69.10 -16.54
CA ASP G 1116 -7.73 68.96 -16.73
C ASP G 1116 -7.02 68.67 -15.42
N THR G 1117 -5.93 67.91 -15.51
CA THR G 1117 -5.16 67.53 -14.33
C THR G 1117 -3.69 67.39 -14.72
N LEU G 1118 -2.82 67.84 -13.82
CA LEU G 1118 -1.38 67.70 -13.98
C LEU G 1118 -0.90 66.42 -13.31
N ALA G 1119 0.40 66.16 -13.44
CA ALA G 1119 0.99 64.97 -12.83
C ALA G 1119 0.93 65.08 -11.31
N ARG G 1120 0.42 64.02 -10.66
CA ARG G 1120 0.26 64.02 -9.21
C ARG G 1120 1.46 63.47 -8.47
N ILE G 1121 2.28 62.65 -9.12
CA ILE G 1121 3.48 62.07 -8.53
C ILE G 1121 3.11 61.28 -7.27
N PRO G 1122 2.46 60.12 -7.40
CA PRO G 1122 2.06 59.37 -6.20
C PRO G 1122 3.27 58.96 -5.37
N GLN G 1123 3.08 58.96 -4.05
CA GLN G 1123 4.14 58.59 -3.11
C GLN G 1123 4.45 57.10 -3.18
N GLY G 1133 -2.57 31.80 -4.61
CA GLY G 1133 -3.02 30.94 -5.68
C GLY G 1133 -2.87 29.46 -5.36
N GLY G 1134 -2.87 28.63 -6.40
CA GLY G 1134 -2.74 27.20 -6.20
C GLY G 1134 -3.99 26.61 -5.54
N LEU G 1135 -3.82 25.42 -4.99
CA LEU G 1135 -4.93 24.86 -4.23
C LEU G 1135 -4.58 24.42 -2.82
N PRO G 1136 -3.72 25.17 -2.07
CA PRO G 1136 -3.94 25.34 -0.62
C PRO G 1136 -4.79 26.59 -0.36
N ARG G 1137 -5.86 26.75 -1.12
CA ARG G 1137 -6.68 27.95 -1.02
C ARG G 1137 -8.13 27.54 -0.87
N VAL G 1138 -8.48 26.37 -1.42
CA VAL G 1138 -9.76 25.76 -1.12
C VAL G 1138 -9.88 25.51 0.37
N ALA G 1139 -8.80 25.03 0.99
CA ALA G 1139 -8.76 24.94 2.45
C ALA G 1139 -8.81 26.32 3.08
N ASP G 1140 -8.06 27.27 2.55
CA ASP G 1140 -8.03 28.61 3.12
C ASP G 1140 -9.40 29.28 3.02
N LEU G 1141 -10.07 29.11 1.88
CA LEU G 1141 -11.40 29.70 1.70
C LEU G 1141 -12.40 29.09 2.67
N PHE G 1142 -12.38 27.76 2.82
CA PHE G 1142 -13.33 27.09 3.70
C PHE G 1142 -12.99 27.31 5.17
N GLU G 1143 -11.72 27.56 5.49
CA GLU G 1143 -11.35 27.88 6.86
C GLU G 1143 -11.73 29.29 7.25
N ALA G 1144 -12.15 30.13 6.29
CA ALA G 1144 -12.52 31.51 6.55
C ALA G 1144 -11.39 32.28 7.24
N ARG G 1145 -10.17 32.07 6.76
CA ARG G 1145 -9.01 32.73 7.34
C ARG G 1145 -8.90 34.16 6.79
N ARG G 1146 -8.78 35.12 7.70
CA ARG G 1146 -8.60 36.50 7.28
C ARG G 1146 -7.24 36.67 6.61
N PRO G 1147 -7.16 37.38 5.49
CA PRO G 1147 -5.88 37.60 4.82
C PRO G 1147 -5.00 38.55 5.59
N LYS G 1148 -3.74 38.64 5.16
CA LYS G 1148 -2.78 39.52 5.82
C LYS G 1148 -3.19 40.98 5.71
N GLU G 1149 -3.78 41.38 4.59
CA GLU G 1149 -4.15 42.77 4.33
C GLU G 1149 -5.65 42.83 4.05
N PRO G 1150 -6.47 42.97 5.08
CA PRO G 1150 -7.90 43.21 4.85
C PRO G 1150 -8.14 44.57 4.21
N ALA G 1151 -9.23 44.66 3.46
CA ALA G 1151 -9.69 45.91 2.87
C ALA G 1151 -10.95 46.36 3.61
N ILE G 1152 -10.82 47.42 4.41
CA ILE G 1152 -11.96 47.89 5.20
C ILE G 1152 -12.98 48.54 4.29
N LEU G 1153 -14.24 48.50 4.73
CA LEU G 1153 -15.36 49.10 4.02
C LEU G 1153 -16.01 50.16 4.89
N ALA G 1154 -17.12 50.72 4.40
CA ALA G 1154 -17.77 51.85 5.04
C ALA G 1154 -19.25 51.53 5.31
N GLU G 1155 -19.98 52.55 5.76
CA GLU G 1155 -21.38 52.48 6.13
C GLU G 1155 -22.24 53.20 5.09
N ILE G 1156 -23.52 53.37 5.42
CA ILE G 1156 -24.51 53.84 4.45
C ILE G 1156 -24.08 55.17 3.82
N SER G 1157 -23.62 56.11 4.65
CA SER G 1157 -23.20 57.43 4.16
C SER G 1157 -21.76 57.69 4.61
N GLY G 1158 -20.82 57.54 3.68
CA GLY G 1158 -19.42 57.79 3.97
C GLY G 1158 -18.98 59.21 3.65
N ILE G 1159 -19.43 60.16 4.46
CA ILE G 1159 -19.06 61.56 4.24
C ILE G 1159 -17.57 61.74 4.52
N VAL G 1160 -16.94 62.64 3.75
CA VAL G 1160 -15.51 62.88 3.88
C VAL G 1160 -15.23 63.62 5.17
N SER G 1161 -14.30 63.10 5.96
CA SER G 1161 -13.87 63.76 7.19
C SER G 1161 -12.36 63.74 7.39
N PHE G 1162 -11.59 63.09 6.51
CA PHE G 1162 -10.14 62.99 6.62
C PHE G 1162 -9.74 62.44 7.98
N GLY G 1163 -9.15 63.28 8.81
CA GLY G 1163 -8.74 62.87 10.14
C GLY G 1163 -9.41 63.65 11.25
N LYS G 1164 -9.42 63.08 12.46
CA LYS G 1164 -10.04 63.75 13.61
C LYS G 1164 -9.29 63.28 14.86
N GLU G 1165 -8.38 64.13 15.34
CA GLU G 1165 -7.55 63.82 16.51
C GLU G 1165 -6.81 62.50 16.32
N THR G 1166 -6.21 62.34 15.14
CA THR G 1166 -5.50 61.10 14.83
C THR G 1166 -4.31 60.90 15.77
N LYS G 1167 -3.44 61.91 15.87
CA LYS G 1167 -2.27 61.88 16.74
C LYS G 1167 -1.43 60.63 16.55
N GLY G 1168 -0.86 60.12 17.65
CA GLY G 1168 0.01 58.96 17.54
C GLY G 1168 -0.72 57.69 17.15
N LYS G 1169 -1.89 57.45 17.72
CA LYS G 1169 -2.62 56.22 17.47
C LYS G 1169 -3.18 56.24 16.05
N ARG G 1170 -2.67 55.33 15.20
CA ARG G 1170 -3.06 55.25 13.80
C ARG G 1170 -2.93 56.60 13.12
N ARG G 1171 -3.84 56.92 12.21
CA ARG G 1171 -3.86 58.19 11.49
C ARG G 1171 -5.12 58.24 10.64
N LEU G 1172 -5.48 59.44 10.21
CA LEU G 1172 -6.61 59.66 9.30
C LEU G 1172 -7.89 59.04 9.85
N VAL G 1173 -8.32 59.55 11.01
CA VAL G 1173 -9.53 59.05 11.65
C VAL G 1173 -10.73 59.54 10.86
N ILE G 1174 -11.32 58.66 10.05
CA ILE G 1174 -12.46 59.04 9.22
C ILE G 1174 -13.71 59.09 10.09
N THR G 1175 -14.46 60.19 9.98
CA THR G 1175 -15.65 60.41 10.79
C THR G 1175 -16.82 60.78 9.89
N PRO G 1176 -17.40 59.81 9.18
CA PRO G 1176 -18.58 60.08 8.35
C PRO G 1176 -19.82 60.25 9.23
N VAL G 1177 -20.40 61.45 9.19
CA VAL G 1177 -21.53 61.76 10.06
C VAL G 1177 -22.70 60.84 9.77
N ASP G 1178 -23.03 60.68 8.49
CA ASP G 1178 -24.12 59.80 8.05
C ASP G 1178 -25.43 60.13 8.75
N GLY G 1179 -25.67 61.42 8.97
CA GLY G 1179 -26.86 61.86 9.66
C GLY G 1179 -26.75 61.73 11.17
N SER G 1180 -26.48 60.51 11.64
CA SER G 1180 -26.35 60.26 13.06
C SER G 1180 -25.44 59.06 13.28
N ASP G 1181 -24.89 58.97 14.49
CA ASP G 1181 -24.00 57.88 14.90
C ASP G 1181 -22.85 57.69 13.92
N PRO G 1182 -21.88 58.61 13.90
CA PRO G 1182 -20.74 58.46 12.99
C PRO G 1182 -19.94 57.20 13.30
N TYR G 1183 -19.42 56.57 12.25
CA TYR G 1183 -18.65 55.35 12.38
C TYR G 1183 -17.16 55.70 12.38
N GLU G 1184 -16.57 55.70 13.57
CA GLU G 1184 -15.15 56.04 13.71
C GLU G 1184 -14.31 54.82 13.32
N GLU G 1185 -13.36 55.03 12.42
CA GLU G 1185 -12.43 53.99 11.99
C GLU G 1185 -11.01 54.51 12.13
N MET G 1186 -10.09 53.57 12.40
CA MET G 1186 -8.67 53.90 12.57
C MET G 1186 -7.87 53.21 11.47
N ILE G 1187 -7.02 53.97 10.80
CA ILE G 1187 -6.16 53.47 9.73
C ILE G 1187 -4.72 53.72 10.13
N PRO G 1188 -3.86 52.70 10.12
CA PRO G 1188 -2.47 52.90 10.58
C PRO G 1188 -1.61 53.76 9.64
N LYS G 1189 -2.19 54.32 8.58
CA LYS G 1189 -1.55 55.18 7.60
C LYS G 1189 -0.55 54.45 6.72
N TRP G 1190 -0.30 53.15 6.96
CA TRP G 1190 0.52 52.37 6.05
C TRP G 1190 -0.22 52.04 4.77
N ARG G 1191 -1.54 52.25 4.74
CA ARG G 1191 -2.37 51.98 3.57
C ARG G 1191 -3.00 53.28 3.10
N GLN G 1192 -2.93 53.53 1.80
CA GLN G 1192 -3.50 54.75 1.24
C GLN G 1192 -5.03 54.69 1.23
N LEU G 1193 -5.65 55.86 1.28
CA LEU G 1193 -7.10 56.00 1.21
C LEU G 1193 -7.50 56.31 -0.22
N ASN G 1194 -8.46 55.56 -0.76
CA ASN G 1194 -8.85 55.68 -2.16
C ASN G 1194 -9.79 56.85 -2.40
N VAL G 1195 -10.93 56.87 -1.71
CA VAL G 1195 -11.97 57.86 -1.93
C VAL G 1195 -11.61 59.10 -1.12
N PHE G 1196 -11.09 60.12 -1.81
CA PHE G 1196 -10.67 61.34 -1.13
C PHE G 1196 -11.86 62.19 -0.70
N GLU G 1197 -12.84 62.34 -1.59
CA GLU G 1197 -13.99 63.18 -1.31
C GLU G 1197 -15.07 62.37 -0.61
N GLY G 1198 -16.25 62.98 -0.45
CA GLY G 1198 -17.37 62.27 0.14
C GLY G 1198 -18.00 61.29 -0.82
N GLU G 1199 -18.49 61.79 -1.95
CA GLU G 1199 -19.06 61.00 -3.04
C GLU G 1199 -20.23 60.13 -2.62
N ARG G 1200 -20.80 60.37 -1.43
CA ARG G 1200 -21.91 59.58 -0.89
C ARG G 1200 -21.57 58.09 -0.90
N VAL G 1201 -20.53 57.74 -0.15
CA VAL G 1201 -20.05 56.38 -0.12
C VAL G 1201 -21.10 55.50 0.55
N GLU G 1202 -21.54 54.47 -0.17
CA GLU G 1202 -22.57 53.56 0.31
C GLU G 1202 -21.93 52.45 1.15
N ARG G 1203 -22.79 51.71 1.85
CA ARG G 1203 -22.32 50.61 2.69
C ARG G 1203 -21.74 49.50 1.82
N GLY G 1204 -20.60 48.96 2.24
CA GLY G 1204 -19.91 47.93 1.50
C GLY G 1204 -18.93 48.43 0.47
N ASP G 1205 -18.85 49.75 0.25
CA ASP G 1205 -17.90 50.29 -0.70
C ASP G 1205 -16.47 50.13 -0.18
N VAL G 1206 -15.54 50.01 -1.11
CA VAL G 1206 -14.13 49.78 -0.78
C VAL G 1206 -13.51 51.15 -0.49
N ILE G 1207 -13.30 51.44 0.78
CA ILE G 1207 -12.61 52.68 1.16
C ILE G 1207 -11.13 52.58 0.81
N SER G 1208 -10.51 51.43 1.07
CA SER G 1208 -9.11 51.19 0.78
C SER G 1208 -8.96 49.87 0.04
N ASP G 1209 -8.12 49.86 -0.99
CA ASP G 1209 -7.95 48.69 -1.83
C ASP G 1209 -7.24 47.57 -1.08
N GLY G 1210 -7.52 46.33 -1.49
CA GLY G 1210 -6.89 45.17 -0.90
C GLY G 1210 -7.81 43.96 -0.92
N PRO G 1211 -7.26 42.78 -0.65
CA PRO G 1211 -8.09 41.57 -0.56
C PRO G 1211 -8.99 41.63 0.66
N GLU G 1212 -10.29 41.48 0.44
CA GLU G 1212 -11.28 41.60 1.51
C GLU G 1212 -11.54 40.24 2.14
N ALA G 1213 -11.65 40.24 3.48
CA ALA G 1213 -11.98 39.02 4.20
C ALA G 1213 -13.45 38.68 4.05
N PRO G 1214 -13.79 37.38 3.99
CA PRO G 1214 -15.21 37.00 3.88
C PRO G 1214 -16.04 37.40 5.09
N HIS G 1215 -15.42 37.62 6.25
CA HIS G 1215 -16.17 38.04 7.43
C HIS G 1215 -16.81 39.40 7.23
N ASP G 1216 -16.07 40.34 6.65
CA ASP G 1216 -16.61 41.68 6.43
C ASP G 1216 -17.73 41.68 5.41
N ILE G 1217 -17.68 40.78 4.43
CA ILE G 1217 -18.73 40.71 3.42
C ILE G 1217 -20.05 40.32 4.06
N LEU G 1218 -20.02 39.35 4.97
CA LEU G 1218 -21.25 38.92 5.64
C LEU G 1218 -21.86 40.05 6.46
N ARG G 1219 -21.03 40.78 7.20
CA ARG G 1219 -21.55 41.82 8.08
C ARG G 1219 -22.20 42.96 7.31
N LEU G 1220 -21.62 43.35 6.18
CA LEU G 1220 -22.01 44.58 5.49
C LEU G 1220 -22.79 44.34 4.21
N ARG G 1221 -22.42 43.33 3.41
CA ARG G 1221 -23.05 43.15 2.11
C ARG G 1221 -24.23 42.19 2.11
N GLY G 1222 -24.22 41.19 2.99
CA GLY G 1222 -25.34 40.28 3.12
C GLY G 1222 -24.91 38.82 3.03
N VAL G 1223 -25.88 37.95 3.28
CA VAL G 1223 -25.63 36.51 3.26
C VAL G 1223 -25.35 36.03 1.85
N HIS G 1224 -26.08 36.57 0.86
CA HIS G 1224 -25.90 36.14 -0.51
C HIS G 1224 -24.51 36.50 -1.03
N ALA G 1225 -23.99 37.66 -0.63
CA ALA G 1225 -22.69 38.10 -1.14
C ALA G 1225 -21.57 37.18 -0.71
N VAL G 1226 -21.60 36.69 0.54
CA VAL G 1226 -20.53 35.81 0.99
C VAL G 1226 -20.59 34.47 0.28
N THR G 1227 -21.79 34.01 -0.10
CA THR G 1227 -21.89 32.79 -0.89
C THR G 1227 -21.38 33.01 -2.31
N ARG G 1228 -21.71 34.16 -2.90
CA ARG G 1228 -21.23 34.46 -4.25
C ARG G 1228 -19.70 34.59 -4.27
N TYR G 1229 -19.13 35.22 -3.24
CA TYR G 1229 -17.68 35.38 -3.18
C TYR G 1229 -16.98 34.04 -3.02
N ILE G 1230 -17.43 33.22 -2.06
CA ILE G 1230 -16.78 31.95 -1.79
C ILE G 1230 -16.91 31.02 -2.99
N VAL G 1231 -18.12 30.95 -3.57
CA VAL G 1231 -18.37 30.04 -4.69
C VAL G 1231 -17.53 30.43 -5.89
N ASN G 1232 -17.54 31.71 -6.25
CA ASN G 1232 -16.78 32.16 -7.42
C ASN G 1232 -15.29 31.98 -7.19
N GLU G 1233 -14.81 32.27 -5.98
CA GLU G 1233 -13.37 32.21 -5.71
C GLU G 1233 -12.87 30.77 -5.68
N VAL G 1234 -13.65 29.86 -5.10
CA VAL G 1234 -13.22 28.46 -5.04
C VAL G 1234 -13.39 27.79 -6.40
N GLN G 1235 -14.32 28.26 -7.22
CA GLN G 1235 -14.47 27.72 -8.56
C GLN G 1235 -13.33 28.16 -9.46
N ASP G 1236 -12.68 29.27 -9.12
CA ASP G 1236 -11.51 29.71 -9.89
C ASP G 1236 -10.39 28.67 -9.80
N VAL G 1237 -10.16 28.11 -8.62
CA VAL G 1237 -9.14 27.08 -8.47
C VAL G 1237 -9.50 25.84 -9.28
N TYR G 1238 -10.77 25.42 -9.21
CA TYR G 1238 -11.18 24.20 -9.89
C TYR G 1238 -11.26 24.39 -11.41
N ARG G 1239 -11.77 25.53 -11.86
CA ARG G 1239 -11.93 25.74 -13.30
C ARG G 1239 -10.57 25.89 -14.00
N LEU G 1240 -9.57 26.43 -13.31
CA LEU G 1240 -8.26 26.59 -13.91
C LEU G 1240 -7.65 25.23 -14.25
N GLN G 1241 -7.85 24.25 -13.40
CA GLN G 1241 -7.28 22.91 -13.58
C GLN G 1241 -8.20 21.96 -14.34
N GLY G 1242 -9.32 22.45 -14.87
CA GLY G 1242 -10.21 21.62 -15.65
C GLY G 1242 -11.00 20.61 -14.83
N VAL G 1243 -11.54 21.04 -13.70
CA VAL G 1243 -12.36 20.21 -12.84
C VAL G 1243 -13.77 20.77 -12.82
N LYS G 1244 -14.75 19.92 -13.12
CA LYS G 1244 -16.15 20.32 -13.15
C LYS G 1244 -16.81 19.88 -11.85
N ILE G 1245 -17.25 20.87 -11.06
CA ILE G 1245 -17.96 20.63 -9.81
C ILE G 1245 -19.18 21.54 -9.79
N ASN G 1246 -20.35 20.97 -9.48
CA ASN G 1246 -21.57 21.75 -9.46
C ASN G 1246 -21.54 22.78 -8.35
N ASP G 1247 -22.19 23.92 -8.61
CA ASP G 1247 -22.21 25.02 -7.66
C ASP G 1247 -23.00 24.69 -6.41
N LYS G 1248 -23.91 23.72 -6.48
CA LYS G 1248 -24.75 23.37 -5.34
C LYS G 1248 -23.91 22.78 -4.20
N HIS G 1249 -22.92 21.95 -4.55
CA HIS G 1249 -22.11 21.30 -3.51
C HIS G 1249 -21.34 22.31 -2.70
N ILE G 1250 -20.79 23.34 -3.34
CA ILE G 1250 -20.06 24.37 -2.61
C ILE G 1250 -21.03 25.19 -1.76
N GLU G 1251 -22.21 25.51 -2.29
CA GLU G 1251 -23.20 26.27 -1.53
C GLU G 1251 -23.71 25.48 -0.33
N VAL G 1252 -23.78 24.15 -0.46
CA VAL G 1252 -24.25 23.32 0.65
C VAL G 1252 -23.29 23.42 1.83
N ILE G 1253 -21.98 23.35 1.57
CA ILE G 1253 -21.00 23.47 2.64
C ILE G 1253 -21.00 24.89 3.22
N VAL G 1254 -21.21 25.89 2.38
CA VAL G 1254 -21.29 27.27 2.87
C VAL G 1254 -22.44 27.42 3.85
N ARG G 1255 -23.56 26.72 3.59
CA ARG G 1255 -24.68 26.75 4.53
C ARG G 1255 -24.26 26.23 5.90
N GLN G 1256 -23.40 25.21 5.93
CA GLN G 1256 -22.91 24.71 7.21
C GLN G 1256 -21.96 25.67 7.89
N MET G 1257 -21.44 26.66 7.17
CA MET G 1257 -20.59 27.68 7.74
C MET G 1257 -21.36 28.90 8.23
N LEU G 1258 -22.66 28.95 8.00
CA LEU G 1258 -23.49 30.12 8.27
C LEU G 1258 -24.46 29.87 9.43
N ARG G 1259 -24.01 29.16 10.45
CA ARG G 1259 -24.78 28.93 11.66
C ARG G 1259 -24.16 29.72 12.82
N LYS G 1260 -24.69 29.51 14.02
CA LYS G 1260 -24.21 30.16 15.23
C LYS G 1260 -24.29 31.69 15.12
N ALA G 1261 -25.53 32.16 14.99
CA ALA G 1261 -25.78 33.60 14.95
C ALA G 1261 -25.65 34.20 16.34
N THR G 1262 -25.19 35.44 16.39
CA THR G 1262 -25.03 36.17 17.64
C THR G 1262 -26.17 37.17 17.81
N ILE G 1263 -26.73 37.23 19.02
CA ILE G 1263 -27.87 38.08 19.32
C ILE G 1263 -27.35 39.45 19.78
N VAL G 1264 -27.96 40.51 19.23
CA VAL G 1264 -27.62 41.88 19.58
C VAL G 1264 -28.80 42.55 20.27
N ASN G 1265 -29.77 41.75 20.69
CA ASN G 1265 -30.96 42.25 21.37
C ASN G 1265 -31.24 41.35 22.57
N ALA G 1266 -32.39 41.53 23.20
CA ALA G 1266 -32.73 40.76 24.41
C ALA G 1266 -34.23 40.57 24.46
N GLY G 1267 -34.72 40.12 25.62
CA GLY G 1267 -36.14 39.91 25.85
C GLY G 1267 -36.58 38.46 25.79
N SER G 1268 -35.95 37.66 24.94
CA SER G 1268 -36.37 36.28 24.70
C SER G 1268 -35.32 35.30 25.23
N SER G 1269 -34.77 35.61 26.41
CA SER G 1269 -33.78 34.77 27.08
C SER G 1269 -32.52 34.60 26.24
N ASP G 1270 -32.20 35.59 25.42
CA ASP G 1270 -30.98 35.58 24.62
C ASP G 1270 -30.35 36.96 24.69
N PHE G 1271 -29.04 37.00 24.94
CA PHE G 1271 -28.35 38.28 25.06
C PHE G 1271 -26.86 38.08 24.85
N LEU G 1272 -26.31 38.72 23.82
CA LEU G 1272 -24.87 38.74 23.49
C LEU G 1272 -24.22 37.38 23.71
N GLU G 1273 -24.69 36.40 22.94
CA GLU G 1273 -24.14 35.06 23.01
C GLU G 1273 -24.19 34.41 21.63
N GLY G 1274 -23.46 33.31 21.48
CA GLY G 1274 -23.49 32.54 20.26
C GLY G 1274 -24.52 31.43 20.31
N GLU G 1275 -25.56 31.53 19.49
CA GLU G 1275 -26.68 30.61 19.53
C GLU G 1275 -26.99 30.11 18.12
N GLN G 1276 -27.44 28.85 18.04
CA GLN G 1276 -27.81 28.26 16.76
C GLN G 1276 -28.87 29.11 16.06
N VAL G 1277 -28.67 29.33 14.76
CA VAL G 1277 -29.62 30.14 13.99
C VAL G 1277 -30.96 29.43 13.89
N GLU G 1278 -30.96 28.10 13.87
CA GLU G 1278 -32.21 27.35 13.85
C GLU G 1278 -33.00 27.56 15.14
N TYR G 1279 -32.31 27.54 16.28
CA TYR G 1279 -32.99 27.79 17.55
C TYR G 1279 -33.49 29.24 17.62
N SER G 1280 -32.69 30.18 17.17
CA SER G 1280 -33.10 31.59 17.20
C SER G 1280 -34.30 31.83 16.30
N ARG G 1281 -34.30 31.24 15.10
CA ARG G 1281 -35.43 31.41 14.20
C ARG G 1281 -36.69 30.77 14.76
N VAL G 1282 -36.56 29.60 15.39
CA VAL G 1282 -37.72 28.93 15.97
C VAL G 1282 -38.30 29.74 17.12
N LYS G 1283 -37.43 30.23 18.01
CA LYS G 1283 -37.91 31.00 19.16
C LYS G 1283 -38.56 32.30 18.73
N ILE G 1284 -37.99 32.97 17.72
CA ILE G 1284 -38.56 34.22 17.24
C ILE G 1284 -39.95 33.98 16.66
N ALA G 1285 -40.12 32.90 15.89
CA ALA G 1285 -41.41 32.61 15.28
C ALA G 1285 -42.49 32.39 16.34
N ASN G 1286 -42.16 31.65 17.40
CA ASN G 1286 -43.12 31.46 18.48
C ASN G 1286 -43.44 32.77 19.18
N ARG G 1287 -42.43 33.58 19.45
CA ARG G 1287 -42.65 34.87 20.10
C ARG G 1287 -43.46 35.80 19.19
N GLU G 1288 -43.16 35.80 17.89
CA GLU G 1288 -43.90 36.66 16.97
C GLU G 1288 -45.35 36.20 16.80
N LEU G 1289 -45.59 34.89 16.88
CA LEU G 1289 -46.95 34.38 16.75
C LEU G 1289 -47.85 34.89 17.87
N GLU G 1290 -47.32 34.94 19.09
CA GLU G 1290 -48.08 35.44 20.23
C GLU G 1290 -48.26 36.95 20.12
N ALA G 1291 -49.03 37.50 21.06
CA ALA G 1291 -49.31 38.94 21.04
C ALA G 1291 -48.04 39.76 21.24
N ASN G 1292 -47.16 39.31 22.13
CA ASN G 1292 -45.94 40.04 22.46
C ASN G 1292 -44.91 39.80 21.35
N GLY G 1293 -45.06 40.56 20.27
CA GLY G 1293 -44.16 40.44 19.13
C GLY G 1293 -42.83 41.14 19.32
N LYS G 1294 -42.75 42.11 20.22
CA LYS G 1294 -41.51 42.85 20.43
C LYS G 1294 -40.47 42.05 21.19
N VAL G 1295 -40.84 40.90 21.76
CA VAL G 1295 -39.89 40.08 22.51
C VAL G 1295 -38.84 39.50 21.57
N GLY G 1296 -39.17 39.33 20.30
CA GLY G 1296 -38.23 38.81 19.33
C GLY G 1296 -36.95 39.62 19.25
N ALA G 1297 -35.81 38.95 19.37
CA ALA G 1297 -34.52 39.61 19.47
C ALA G 1297 -33.78 39.52 18.14
N THR G 1298 -33.29 40.66 17.66
CA THR G 1298 -32.51 40.70 16.44
C THR G 1298 -31.18 39.98 16.63
N TYR G 1299 -30.65 39.44 15.54
CA TYR G 1299 -29.46 38.62 15.58
C TYR G 1299 -28.46 39.07 14.54
N SER G 1300 -27.20 38.72 14.75
CA SER G 1300 -26.11 38.95 13.80
C SER G 1300 -25.54 37.60 13.39
N ARG G 1301 -25.57 37.31 12.10
CA ARG G 1301 -25.09 36.04 11.60
C ARG G 1301 -23.57 36.05 11.49
N ASP G 1302 -22.95 34.93 11.84
CA ASP G 1302 -21.50 34.79 11.85
C ASP G 1302 -21.06 33.77 10.80
N LEU G 1303 -19.78 33.85 10.45
CA LEU G 1303 -19.16 32.93 9.50
C LEU G 1303 -17.96 32.29 10.18
N LEU G 1304 -17.96 30.97 10.27
CA LEU G 1304 -16.89 30.21 10.91
C LEU G 1304 -16.25 29.27 9.89
N GLY G 1305 -15.02 28.86 10.21
CA GLY G 1305 -14.35 27.88 9.38
C GLY G 1305 -14.94 26.50 9.55
N ILE G 1306 -14.61 25.62 8.60
CA ILE G 1306 -15.13 24.26 8.66
C ILE G 1306 -14.57 23.53 9.88
N THR G 1307 -13.32 23.80 10.24
CA THR G 1307 -12.74 23.18 11.43
C THR G 1307 -13.35 23.73 12.71
N LYS G 1308 -13.85 24.97 12.68
CA LYS G 1308 -14.42 25.60 13.87
C LYS G 1308 -15.93 25.42 13.96
N ALA G 1309 -16.65 25.56 12.84
CA ALA G 1309 -18.09 25.36 12.87
C ALA G 1309 -18.46 23.91 13.12
N SER G 1310 -17.54 22.98 12.83
CA SER G 1310 -17.78 21.58 13.14
C SER G 1310 -17.76 21.32 14.64
N LEU G 1311 -16.79 21.88 15.35
CA LEU G 1311 -16.67 21.68 16.78
C LEU G 1311 -17.72 22.45 17.57
N ALA G 1312 -18.48 23.33 16.91
CA ALA G 1312 -19.49 24.14 17.57
C ALA G 1312 -20.88 23.51 17.53
N THR G 1313 -20.98 22.27 17.06
CA THR G 1313 -22.28 21.60 17.03
C THR G 1313 -22.80 21.37 18.45
N GLU G 1314 -24.12 21.30 18.57
CA GLU G 1314 -24.76 21.19 19.88
C GLU G 1314 -24.73 19.78 20.44
N SER G 1315 -24.17 18.82 19.71
CA SER G 1315 -24.12 17.43 20.12
C SER G 1315 -22.66 17.03 20.34
N PHE G 1316 -22.39 16.43 21.50
CA PHE G 1316 -21.00 16.18 21.90
C PHE G 1316 -20.44 14.87 21.38
N ILE G 1317 -21.29 13.89 21.04
CA ILE G 1317 -20.76 12.63 20.51
C ILE G 1317 -20.08 12.88 19.18
N SER G 1318 -20.73 13.64 18.29
CA SER G 1318 -20.04 14.22 17.16
C SER G 1318 -19.23 15.43 17.62
N ALA G 1319 -18.28 15.85 16.77
CA ALA G 1319 -17.32 16.92 17.03
C ALA G 1319 -16.35 16.57 18.15
N ALA G 1320 -16.49 15.41 18.79
CA ALA G 1320 -15.45 14.84 19.62
C ALA G 1320 -14.78 13.66 18.96
N SER G 1321 -15.38 13.11 17.90
CA SER G 1321 -14.81 12.03 17.11
C SER G 1321 -14.05 12.55 15.89
N PHE G 1322 -13.88 13.86 15.77
CA PHE G 1322 -13.24 14.49 14.63
C PHE G 1322 -11.95 15.20 14.99
N GLN G 1323 -11.99 16.07 16.00
CA GLN G 1323 -10.87 16.90 16.42
C GLN G 1323 -10.62 16.64 17.90
N GLU G 1324 -9.83 17.53 18.51
CA GLU G 1324 -9.38 17.37 19.89
C GLU G 1324 -10.49 16.86 20.80
N THR G 1325 -10.28 15.65 21.33
CA THR G 1325 -11.30 15.01 22.15
C THR G 1325 -11.21 15.48 23.60
N THR G 1326 -10.02 15.82 24.07
CA THR G 1326 -9.86 16.30 25.43
C THR G 1326 -10.66 17.58 25.66
N ARG G 1327 -10.55 18.55 24.74
CA ARG G 1327 -11.27 19.80 24.93
C ARG G 1327 -12.77 19.60 24.91
N VAL G 1328 -13.28 18.83 23.95
CA VAL G 1328 -14.73 18.68 23.80
C VAL G 1328 -15.32 17.97 25.00
N LEU G 1329 -14.62 16.96 25.53
CA LEU G 1329 -15.16 16.20 26.65
C LEU G 1329 -15.26 17.03 27.92
N THR G 1330 -14.27 17.89 28.18
CA THR G 1330 -14.32 18.73 29.37
C THR G 1330 -15.50 19.70 29.32
N GLU G 1331 -15.68 20.38 28.19
CA GLU G 1331 -16.79 21.32 28.06
C GLU G 1331 -18.13 20.59 28.11
N ALA G 1332 -18.20 19.40 27.52
CA ALA G 1332 -19.44 18.62 27.56
C ALA G 1332 -19.72 18.11 28.97
N ALA G 1333 -18.67 17.77 29.72
CA ALA G 1333 -18.86 17.23 31.06
C ALA G 1333 -19.39 18.29 32.01
N VAL G 1334 -18.79 19.49 32.00
CA VAL G 1334 -19.20 20.54 32.93
C VAL G 1334 -20.60 21.03 32.58
N ALA G 1335 -20.95 21.09 31.29
CA ALA G 1335 -22.26 21.59 30.90
C ALA G 1335 -23.37 20.59 31.17
N GLY G 1336 -23.04 19.30 31.26
CA GLY G 1336 -24.06 18.28 31.45
C GLY G 1336 -25.02 18.17 30.28
N LYS G 1337 -24.52 18.26 29.06
CA LYS G 1337 -25.37 18.28 27.87
C LYS G 1337 -25.69 16.86 27.41
N ARG G 1338 -26.54 16.79 26.38
CA ARG G 1338 -26.97 15.53 25.79
C ARG G 1338 -26.73 15.57 24.29
N ASP G 1339 -26.57 14.39 23.71
CA ASP G 1339 -26.30 14.28 22.27
C ASP G 1339 -27.58 14.15 21.46
N GLU G 1340 -28.50 13.29 21.90
CA GLU G 1340 -29.80 13.02 21.29
C GLU G 1340 -29.71 12.30 19.96
N LEU G 1341 -28.50 12.06 19.43
CA LEU G 1341 -28.27 11.23 18.25
C LEU G 1341 -29.17 11.65 17.09
N ARG G 1342 -28.95 12.87 16.61
CA ARG G 1342 -29.75 13.43 15.53
C ARG G 1342 -29.04 13.40 14.19
N GLY G 1343 -27.72 13.40 14.17
CA GLY G 1343 -26.95 13.40 12.94
C GLY G 1343 -26.58 12.01 12.47
N LEU G 1344 -25.68 11.97 11.49
CA LEU G 1344 -25.25 10.71 10.90
C LEU G 1344 -24.12 10.05 11.70
N LYS G 1345 -23.16 10.84 12.17
CA LYS G 1345 -22.01 10.27 12.88
C LYS G 1345 -22.42 9.60 14.18
N GLU G 1346 -23.36 10.21 14.92
CA GLU G 1346 -23.78 9.65 16.19
C GLU G 1346 -24.44 8.29 16.02
N ASN G 1347 -25.36 8.18 15.04
CA ASN G 1347 -26.03 6.91 14.82
C ASN G 1347 -25.08 5.86 14.29
N VAL G 1348 -24.07 6.28 13.52
CA VAL G 1348 -23.04 5.36 13.05
C VAL G 1348 -22.24 4.82 14.23
N ILE G 1349 -21.87 5.70 15.16
CA ILE G 1349 -21.10 5.26 16.34
C ILE G 1349 -21.92 4.30 17.18
N VAL G 1350 -23.18 4.65 17.45
CA VAL G 1350 -24.05 3.78 18.24
C VAL G 1350 -24.40 2.52 17.47
N GLY G 1351 -24.65 2.66 16.16
CA GLY G 1351 -24.98 1.52 15.33
C GLY G 1351 -26.43 1.45 14.90
N ARG G 1352 -27.23 2.47 15.16
CA ARG G 1352 -28.62 2.48 14.71
C ARG G 1352 -28.69 2.88 13.25
N LEU G 1353 -29.90 2.94 12.71
CA LEU G 1353 -30.10 3.37 11.33
C LEU G 1353 -29.87 4.88 11.23
N ILE G 1354 -29.07 5.28 10.26
CA ILE G 1354 -28.83 6.71 10.06
C ILE G 1354 -30.09 7.38 9.54
N PRO G 1355 -30.39 8.62 9.92
CA PRO G 1355 -31.59 9.32 9.46
C PRO G 1355 -31.49 9.84 8.03
N ALA G 1356 -31.13 8.95 7.10
CA ALA G 1356 -31.00 9.32 5.70
C ALA G 1356 -31.23 8.08 4.84
N GLY G 1357 -31.75 8.32 3.64
CA GLY G 1357 -31.96 7.21 2.72
C GLY G 1357 -33.04 6.27 3.21
N THR G 1358 -32.72 4.98 3.23
CA THR G 1358 -33.68 3.97 3.66
C THR G 1358 -34.00 4.10 5.15
N GLY G 1359 -33.04 4.55 5.95
CA GLY G 1359 -33.27 4.75 7.37
C GLY G 1359 -34.08 5.97 7.71
N TYR G 1360 -34.35 6.83 6.73
CA TYR G 1360 -35.18 8.01 6.98
C TYR G 1360 -36.61 7.62 7.32
N ALA G 1361 -37.14 6.58 6.67
CA ALA G 1361 -38.50 6.15 6.94
C ALA G 1361 -38.65 5.62 8.37
N TYR G 1362 -37.68 4.82 8.82
CA TYR G 1362 -37.74 4.28 10.19
C TYR G 1362 -37.64 5.39 11.23
N HIS G 1363 -36.76 6.35 11.01
CA HIS G 1363 -36.55 7.42 12.00
C HIS G 1363 -37.76 8.34 12.10
N GLN G 1364 -38.50 8.51 11.01
CA GLN G 1364 -39.67 9.38 11.05
C GLN G 1364 -40.79 8.76 11.89
N ASP G 1365 -41.01 7.45 11.74
CA ASP G 1365 -42.06 6.80 12.52
C ASP G 1365 -41.75 6.83 14.02
N ARG G 1366 -40.47 6.68 14.38
CA ARG G 1366 -40.09 6.73 15.78
C ARG G 1366 -40.36 8.10 16.38
N MET G 1367 -40.16 9.17 15.59
CA MET G 1367 -40.35 10.52 16.11
C MET G 1367 -41.81 10.77 16.50
N ARG G 1368 -42.75 10.28 15.71
CA ARG G 1368 -44.16 10.45 16.04
C ARG G 1368 -44.53 9.72 17.32
N ARG G 1369 -43.95 8.54 17.54
CA ARG G 1369 -44.21 7.79 18.77
C ARG G 1369 -43.75 8.57 19.99
N ARG G 1370 -42.56 9.19 19.92
CA ARG G 1370 -42.09 10.00 21.03
C ARG G 1370 -42.97 11.23 21.22
N ALA G 1371 -43.39 11.86 20.12
CA ALA G 1371 -44.26 13.03 20.22
C ALA G 1371 -45.61 12.67 20.81
N ALA G 1372 -46.17 11.52 20.43
CA ALA G 1372 -47.47 11.09 20.92
C ALA G 1372 -47.40 10.45 22.29
N GLY G 1373 -46.20 10.23 22.84
CA GLY G 1373 -46.05 9.64 24.15
C GLY G 1373 -46.30 8.14 24.16
N ALA H 1 -34.98 -12.21 -14.24
CA ALA H 1 -33.99 -11.36 -13.59
C ALA H 1 -34.15 -9.91 -14.03
N ARG H 2 -33.93 -8.98 -13.10
CA ARG H 2 -34.06 -7.55 -13.36
C ARG H 2 -32.68 -6.91 -13.27
N VAL H 3 -32.14 -6.52 -14.43
CA VAL H 3 -30.85 -5.84 -14.44
C VAL H 3 -30.98 -4.43 -13.86
N THR H 4 -32.05 -3.72 -14.21
CA THR H 4 -32.28 -2.37 -13.73
C THR H 4 -33.67 -2.30 -13.10
N VAL H 5 -33.82 -1.37 -12.15
CA VAL H 5 -35.05 -1.27 -11.37
C VAL H 5 -35.76 0.05 -11.65
N GLN H 6 -35.54 0.61 -12.85
CA GLN H 6 -36.15 1.90 -13.18
C GLN H 6 -37.67 1.80 -13.23
N ASP H 7 -38.20 0.70 -13.76
CA ASP H 7 -39.65 0.53 -13.78
C ASP H 7 -40.23 0.47 -12.37
N ALA H 8 -39.54 -0.23 -11.46
CA ALA H 8 -39.97 -0.23 -10.06
C ALA H 8 -39.85 1.15 -9.46
N VAL H 9 -38.82 1.92 -9.85
CA VAL H 9 -38.68 3.29 -9.37
C VAL H 9 -39.87 4.14 -9.81
N GLU H 10 -40.27 4.00 -11.07
CA GLU H 10 -41.35 4.83 -11.60
C GLU H 10 -42.74 4.35 -11.22
N LYS H 11 -42.88 3.10 -10.75
CA LYS H 11 -44.18 2.64 -10.27
C LYS H 11 -44.60 3.41 -9.01
N ILE H 12 -43.71 3.47 -8.02
CA ILE H 12 -43.85 4.39 -6.90
C ILE H 12 -42.50 5.10 -6.74
N GLY H 13 -42.52 6.42 -6.87
CA GLY H 13 -41.27 7.14 -7.03
C GLY H 13 -40.63 7.69 -5.77
N ASN H 14 -39.75 6.91 -5.16
CA ASN H 14 -38.81 7.45 -4.19
C ASN H 14 -37.40 6.90 -4.31
N ARG H 15 -37.21 5.70 -4.90
CA ARG H 15 -35.92 5.00 -4.96
C ARG H 15 -35.51 4.59 -3.55
N PHE H 16 -36.27 4.99 -2.55
CA PHE H 16 -36.02 4.66 -1.15
C PHE H 16 -37.15 3.87 -0.53
N ASP H 17 -38.41 4.25 -0.78
CA ASP H 17 -39.54 3.48 -0.27
C ASP H 17 -39.69 2.14 -0.97
N LEU H 18 -39.27 2.05 -2.24
CA LEU H 18 -39.39 0.77 -2.94
C LEU H 18 -38.49 -0.28 -2.29
N VAL H 19 -37.36 0.13 -1.72
CA VAL H 19 -36.51 -0.81 -1.01
C VAL H 19 -37.27 -1.42 0.17
N LEU H 20 -37.95 -0.56 0.94
CA LEU H 20 -38.72 -1.05 2.09
C LEU H 20 -39.86 -1.95 1.64
N VAL H 21 -40.59 -1.55 0.59
CA VAL H 21 -41.73 -2.32 0.13
C VAL H 21 -41.27 -3.69 -0.38
N ALA H 22 -40.20 -3.71 -1.17
CA ALA H 22 -39.68 -4.97 -1.70
C ALA H 22 -39.11 -5.84 -0.59
N ALA H 23 -38.49 -5.24 0.42
CA ALA H 23 -38.00 -6.03 1.56
C ALA H 23 -39.16 -6.66 2.31
N ARG H 24 -40.24 -5.92 2.52
CA ARG H 24 -41.41 -6.47 3.20
C ARG H 24 -42.01 -7.61 2.38
N ARG H 25 -42.16 -7.41 1.08
CA ARG H 25 -42.73 -8.46 0.23
C ARG H 25 -41.82 -9.69 0.19
N ALA H 26 -40.50 -9.48 0.12
CA ALA H 26 -39.57 -10.60 0.11
C ALA H 26 -39.62 -11.36 1.43
N ARG H 27 -39.76 -10.65 2.55
CA ARG H 27 -39.95 -11.32 3.83
C ARG H 27 -41.22 -12.16 3.81
N GLN H 28 -42.31 -11.59 3.30
CA GLN H 28 -43.57 -12.34 3.24
C GLN H 28 -43.44 -13.61 2.42
N MET H 29 -42.78 -13.53 1.26
CA MET H 29 -42.64 -14.67 0.38
C MET H 29 -41.51 -15.62 0.79
N GLN H 30 -40.63 -15.21 1.70
CA GLN H 30 -39.48 -16.01 2.08
C GLN H 30 -39.68 -16.73 3.41
N VAL H 31 -40.19 -16.04 4.43
CA VAL H 31 -40.41 -16.70 5.72
C VAL H 31 -41.58 -17.66 5.66
N GLY H 32 -42.39 -17.59 4.62
CA GLY H 32 -43.54 -18.45 4.45
C GLY H 32 -44.84 -17.69 4.55
N GLY H 33 -45.93 -18.43 4.35
CA GLY H 33 -47.26 -17.86 4.40
C GLY H 33 -47.56 -16.85 3.33
N LYS H 34 -47.00 -17.04 2.13
CA LYS H 34 -47.26 -16.16 1.00
C LYS H 34 -46.71 -16.82 -0.26
N ASP H 35 -47.38 -16.58 -1.39
CA ASP H 35 -46.96 -17.11 -2.67
C ASP H 35 -46.85 -15.96 -3.67
N PRO H 36 -45.88 -16.04 -4.59
CA PRO H 36 -45.73 -14.96 -5.57
C PRO H 36 -46.97 -14.82 -6.44
N LEU H 37 -47.30 -13.57 -6.77
CA LEU H 37 -48.42 -13.26 -7.66
C LEU H 37 -47.98 -13.15 -9.11
N VAL H 38 -46.70 -13.39 -9.40
CA VAL H 38 -46.15 -13.34 -10.75
C VAL H 38 -45.45 -14.67 -10.98
N PRO H 39 -45.46 -15.22 -12.20
CA PRO H 39 -44.82 -16.53 -12.43
C PRO H 39 -43.37 -16.54 -11.96
N GLU H 40 -43.01 -17.62 -11.28
CA GLU H 40 -41.70 -17.75 -10.65
C GLU H 40 -40.72 -18.37 -11.65
N GLU H 41 -39.65 -17.65 -11.95
CA GLU H 41 -38.66 -18.06 -12.94
C GLU H 41 -37.38 -18.57 -12.28
N ASN H 42 -37.51 -19.33 -11.19
CA ASN H 42 -36.42 -19.97 -10.46
C ASN H 42 -35.44 -18.94 -9.88
N ASP H 43 -35.79 -17.67 -9.94
CA ASP H 43 -34.97 -16.62 -9.39
C ASP H 43 -35.33 -16.37 -7.92
N LYS H 44 -34.49 -15.58 -7.25
CA LYS H 44 -34.64 -15.35 -5.82
C LYS H 44 -35.85 -14.45 -5.55
N THR H 45 -36.25 -14.43 -4.26
CA THR H 45 -37.46 -13.70 -3.88
C THR H 45 -37.29 -12.18 -4.05
N THR H 46 -36.06 -11.69 -3.98
CA THR H 46 -35.82 -10.25 -4.14
C THR H 46 -36.32 -9.75 -5.49
N VAL H 47 -35.87 -10.39 -6.57
CA VAL H 47 -36.29 -9.96 -7.89
C VAL H 47 -37.73 -10.32 -8.16
N ILE H 48 -38.27 -11.35 -7.51
CA ILE H 48 -39.69 -11.65 -7.65
C ILE H 48 -40.53 -10.52 -7.09
N ALA H 49 -40.16 -10.03 -5.90
CA ALA H 49 -40.85 -8.88 -5.32
C ALA H 49 -40.67 -7.64 -6.18
N LEU H 50 -39.47 -7.44 -6.72
CA LEU H 50 -39.24 -6.27 -7.57
C LEU H 50 -40.08 -6.34 -8.84
N ARG H 51 -40.21 -7.52 -9.45
CA ARG H 51 -41.04 -7.68 -10.63
C ARG H 51 -42.52 -7.51 -10.30
N GLU H 52 -42.94 -7.96 -9.12
CA GLU H 52 -44.31 -7.71 -8.68
C GLU H 52 -44.57 -6.22 -8.54
N ILE H 53 -43.62 -5.48 -7.98
CA ILE H 53 -43.75 -4.04 -7.88
C ILE H 53 -43.82 -3.41 -9.27
N GLU H 54 -42.95 -3.86 -10.18
CA GLU H 54 -42.89 -3.26 -11.51
C GLU H 54 -44.17 -3.49 -12.29
N GLU H 55 -44.75 -4.70 -12.21
CA GLU H 55 -45.98 -5.00 -12.91
C GLU H 55 -47.22 -4.38 -12.26
N GLY H 56 -47.06 -3.72 -11.12
CA GLY H 56 -48.12 -2.89 -10.56
C GLY H 56 -49.11 -3.56 -9.63
N LEU H 57 -48.87 -4.81 -9.24
CA LEU H 57 -49.77 -5.52 -8.35
C LEU H 57 -49.20 -5.65 -6.94
N ILE H 58 -48.17 -4.88 -6.61
CA ILE H 58 -47.64 -4.83 -5.25
C ILE H 58 -47.24 -3.39 -4.95
N ASN H 59 -47.82 -2.82 -3.89
CA ASN H 59 -47.46 -1.49 -3.43
C ASN H 59 -47.77 -1.41 -1.94
N ASN H 60 -47.62 -0.22 -1.37
CA ASN H 60 -47.84 -0.05 0.06
C ASN H 60 -49.31 -0.19 0.43
N GLN H 61 -50.19 0.46 -0.34
CA GLN H 61 -51.61 0.50 0.02
C GLN H 61 -52.21 -0.90 0.02
N ILE H 62 -52.01 -1.65 -1.06
CA ILE H 62 -52.62 -2.97 -1.15
C ILE H 62 -51.97 -3.93 -0.17
N LEU H 63 -50.68 -3.75 0.13
CA LEU H 63 -50.05 -4.54 1.18
C LEU H 63 -50.72 -4.29 2.54
N ASP H 64 -51.01 -3.01 2.84
CA ASP H 64 -51.67 -2.70 4.10
C ASP H 64 -53.09 -3.27 4.15
N VAL H 65 -53.83 -3.16 3.05
CA VAL H 65 -55.20 -3.70 3.06
C VAL H 65 -55.16 -5.23 3.12
N ARG H 66 -54.13 -5.87 2.56
CA ARG H 66 -53.97 -7.32 2.70
C ARG H 66 -53.67 -7.69 4.15
N GLU H 67 -52.81 -6.91 4.82
CA GLU H 67 -52.57 -7.12 6.24
C GLU H 67 -53.87 -7.03 7.02
N ARG H 68 -54.69 -6.02 6.71
CA ARG H 68 -55.97 -5.87 7.39
C ARG H 68 -56.90 -7.05 7.12
N GLN H 69 -56.93 -7.53 5.87
CA GLN H 69 -57.86 -8.59 5.51
C GLN H 69 -57.50 -9.90 6.22
N GLU H 70 -56.22 -10.30 6.14
CA GLU H 70 -55.75 -11.44 6.92
C GLU H 70 -55.82 -11.24 8.44
N GLN H 71 -55.78 -10.00 8.93
CA GLN H 71 -55.98 -9.80 10.36
C GLN H 71 -57.43 -10.01 10.75
N GLN H 72 -58.37 -9.54 9.92
CA GLN H 72 -59.78 -9.70 10.21
C GLN H 72 -60.25 -11.13 10.00
N GLU H 73 -59.60 -11.86 9.08
CA GLU H 73 -59.98 -13.25 8.84
C GLU H 73 -59.74 -14.11 10.07
N GLN H 74 -58.63 -13.90 10.76
CA GLN H 74 -58.32 -14.66 11.97
C GLN H 74 -58.92 -14.01 13.20
N THR I 1 27.67 -17.28 28.49
CA THR I 1 27.83 -18.62 29.04
C THR I 1 28.24 -19.60 27.95
N ALA I 2 27.34 -19.82 26.98
CA ALA I 2 27.60 -20.73 25.89
C ALA I 2 26.74 -20.33 24.70
N GLY I 3 27.11 -20.82 23.52
CA GLY I 3 26.39 -20.54 22.29
C GLY I 3 25.55 -21.73 21.88
N THR I 4 24.27 -21.47 21.61
CA THR I 4 23.37 -22.52 21.17
C THR I 4 23.49 -22.71 19.66
N PRO I 5 23.90 -23.88 19.18
CA PRO I 5 24.07 -24.06 17.72
C PRO I 5 22.79 -23.83 16.94
N SER I 6 21.64 -24.22 17.48
CA SER I 6 20.38 -24.08 16.78
C SER I 6 19.49 -23.07 17.50
N GLY I 7 18.76 -22.28 16.71
CA GLY I 7 17.87 -21.28 17.25
C GLY I 7 16.41 -21.65 17.12
N ASN I 8 15.69 -21.66 18.24
CA ASN I 8 14.27 -22.01 18.22
C ASN I 8 13.47 -20.93 17.50
N GLY I 9 12.51 -21.36 16.68
CA GLY I 9 11.65 -20.42 15.99
C GLY I 9 10.70 -19.73 16.94
N VAL I 10 10.18 -18.59 16.49
CA VAL I 10 9.28 -17.75 17.27
C VAL I 10 7.88 -17.88 16.72
N ASP I 11 6.96 -18.40 17.54
CA ASP I 11 5.55 -18.45 17.18
C ASP I 11 4.69 -18.30 18.42
N TYR I 12 4.28 -17.07 18.72
CA TYR I 12 3.48 -16.76 19.90
C TYR I 12 3.16 -15.27 19.88
N GLN I 13 2.20 -14.87 20.71
CA GLN I 13 1.86 -13.47 20.91
C GLN I 13 1.40 -12.82 19.61
N ASP I 14 1.81 -11.56 19.40
CA ASP I 14 1.53 -10.78 18.20
C ASP I 14 0.08 -10.32 18.14
N ASP I 15 -0.13 -9.12 17.64
CA ASP I 15 -1.46 -8.51 17.56
C ASP I 15 -1.38 -7.28 16.66
N GLU I 16 -2.43 -6.47 16.65
CA GLU I 16 -2.35 -5.16 16.00
C GLU I 16 -1.45 -4.28 16.84
N LEU I 17 -0.14 -4.34 16.57
CA LEU I 17 0.96 -3.82 17.39
C LEU I 17 1.12 -4.74 18.60
N PRO I 18 2.16 -4.56 19.43
CA PRO I 18 2.30 -5.44 20.60
C PRO I 18 1.38 -5.02 21.74
N VAL I 19 0.39 -4.19 21.43
CA VAL I 19 -0.60 -3.77 22.42
C VAL I 19 -1.38 -4.95 22.95
N TYR I 20 -1.51 -6.02 22.16
CA TYR I 20 -2.23 -7.23 22.55
C TYR I 20 -3.69 -6.92 22.86
N GLN I 21 -4.41 -6.52 21.81
CA GLN I 21 -5.87 -6.48 21.92
C GLN I 21 -6.45 -7.87 22.14
N GLY I 22 -5.71 -8.91 21.81
CA GLY I 22 -6.07 -10.27 22.14
C GLY I 22 -6.59 -11.03 20.93
N GLU I 23 -6.66 -12.35 21.10
CA GLU I 23 -7.25 -13.25 20.11
C GLU I 23 -8.18 -14.21 20.82
N THR I 24 -9.36 -14.43 20.23
CA THR I 24 -10.28 -15.40 20.78
C THR I 24 -9.86 -16.82 20.39
N THR I 25 -10.23 -17.78 21.23
CA THR I 25 -9.91 -19.18 21.01
C THR I 25 -11.15 -20.04 21.20
N GLN I 26 -11.17 -21.17 20.52
CA GLN I 26 -12.27 -22.13 20.61
C GLN I 26 -11.96 -23.19 21.65
N SER I 27 -13.02 -23.85 22.13
CA SER I 27 -12.88 -24.89 23.13
C SER I 27 -14.01 -25.91 22.90
N LEU I 28 -13.98 -26.97 23.71
CA LEU I 28 -15.01 -28.01 23.60
C LEU I 28 -16.39 -27.45 23.89
N GLN I 29 -16.52 -26.69 24.98
CA GLN I 29 -17.82 -26.10 25.33
C GLN I 29 -18.23 -25.05 24.31
N ASP I 30 -17.28 -24.27 23.82
CA ASP I 30 -17.60 -23.25 22.81
C ASP I 30 -18.12 -23.90 21.54
N TYR I 31 -17.44 -24.95 21.06
CA TYR I 31 -17.89 -25.65 19.86
C TYR I 31 -19.23 -26.32 20.08
N LEU I 32 -19.43 -26.92 21.27
CA LEU I 32 -20.71 -27.56 21.57
C LEU I 32 -21.85 -26.54 21.56
N MET I 33 -21.62 -25.36 22.15
CA MET I 33 -22.66 -24.33 22.15
C MET I 33 -22.92 -23.82 20.75
N TRP I 34 -21.85 -23.68 19.93
CA TRP I 34 -22.03 -23.26 18.55
C TRP I 34 -22.89 -24.26 17.78
N GLN I 35 -22.64 -25.56 17.98
CA GLN I 35 -23.46 -26.57 17.34
C GLN I 35 -24.89 -26.55 17.88
N VAL I 36 -25.06 -26.30 19.18
CA VAL I 36 -26.39 -26.27 19.78
C VAL I 36 -27.23 -25.16 19.19
N GLU I 37 -26.63 -23.97 19.03
CA GLU I 37 -27.38 -22.83 18.52
C GLU I 37 -27.88 -23.04 17.09
N LEU I 38 -27.26 -23.94 16.33
CA LEU I 38 -27.63 -24.18 14.95
C LEU I 38 -28.54 -25.39 14.78
N THR I 39 -28.95 -26.03 15.87
CA THR I 39 -29.86 -27.17 15.78
C THR I 39 -31.26 -26.76 16.22
N PRO I 40 -32.30 -27.36 15.64
CA PRO I 40 -33.67 -26.98 16.02
C PRO I 40 -34.04 -27.43 17.42
N PHE I 41 -34.11 -26.49 18.35
CA PHE I 41 -34.46 -26.77 19.74
C PHE I 41 -35.44 -25.73 20.23
N THR I 42 -36.34 -26.14 21.12
CA THR I 42 -37.22 -25.20 21.79
C THR I 42 -36.51 -24.58 23.00
N ASP I 43 -37.17 -23.60 23.62
CA ASP I 43 -36.54 -22.84 24.69
C ASP I 43 -36.15 -23.73 25.87
N THR I 44 -37.06 -24.62 26.28
CA THR I 44 -36.75 -25.53 27.39
C THR I 44 -35.60 -26.45 27.03
N ASP I 45 -35.62 -27.02 25.83
CA ASP I 45 -34.51 -27.87 25.40
C ASP I 45 -33.24 -27.05 25.20
N ARG I 46 -33.35 -25.78 24.82
CA ARG I 46 -32.17 -24.93 24.76
C ARG I 46 -31.54 -24.75 26.14
N ALA I 47 -32.37 -24.51 27.15
CA ALA I 47 -31.85 -24.37 28.52
C ALA I 47 -31.21 -25.67 29.00
N ILE I 48 -31.86 -26.80 28.71
CA ILE I 48 -31.30 -28.09 29.11
C ILE I 48 -29.97 -28.34 28.40
N ALA I 49 -29.90 -28.01 27.10
CA ALA I 49 -28.67 -28.21 26.36
C ALA I 49 -27.54 -27.34 26.91
N THR I 50 -27.85 -26.08 27.24
CA THR I 50 -26.83 -25.24 27.85
C THR I 50 -26.37 -25.81 29.20
N SER I 51 -27.31 -26.30 30.00
CA SER I 51 -26.95 -26.85 31.30
C SER I 51 -26.05 -28.07 31.17
N ILE I 52 -26.35 -28.95 30.21
CA ILE I 52 -25.55 -30.17 30.06
C ILE I 52 -24.29 -29.99 29.21
N VAL I 53 -24.14 -28.88 28.50
CA VAL I 53 -22.86 -28.58 27.86
C VAL I 53 -21.95 -27.75 28.77
N ASP I 54 -22.52 -27.07 29.78
CA ASP I 54 -21.67 -26.38 30.75
C ASP I 54 -20.83 -27.38 31.55
N ALA I 55 -21.42 -28.53 31.87
CA ALA I 55 -20.76 -29.54 32.71
C ALA I 55 -19.83 -30.45 31.93
N VAL I 56 -19.70 -30.25 30.62
CA VAL I 56 -18.79 -31.07 29.82
C VAL I 56 -17.36 -30.71 30.15
N ASP I 57 -16.56 -31.70 30.52
CA ASP I 57 -15.17 -31.47 30.88
C ASP I 57 -14.32 -31.29 29.63
N ASP I 58 -13.01 -31.07 29.83
CA ASP I 58 -12.11 -30.93 28.70
C ASP I 58 -11.98 -32.24 27.93
N THR I 59 -12.11 -33.37 28.61
CA THR I 59 -12.01 -34.67 27.95
C THR I 59 -13.29 -35.07 27.23
N GLY I 60 -14.38 -34.33 27.42
CA GLY I 60 -15.64 -34.66 26.78
C GLY I 60 -16.57 -35.54 27.59
N TYR I 61 -16.29 -35.74 28.87
CA TYR I 61 -17.11 -36.58 29.72
C TYR I 61 -17.99 -35.72 30.62
N LEU I 62 -19.27 -36.07 30.69
CA LEU I 62 -20.21 -35.36 31.55
C LEU I 62 -19.87 -35.66 33.00
N THR I 63 -19.23 -34.71 33.67
CA THR I 63 -18.81 -34.92 35.06
C THR I 63 -19.99 -35.11 35.99
N ILE I 64 -21.05 -34.34 35.80
CA ILE I 64 -22.20 -34.38 36.68
C ILE I 64 -23.19 -35.42 36.18
N GLN I 65 -24.09 -35.86 37.07
CA GLN I 65 -25.06 -36.88 36.73
C GLN I 65 -26.34 -36.26 36.16
N ILE I 66 -27.16 -37.11 35.54
CA ILE I 66 -28.40 -36.65 34.93
C ILE I 66 -29.39 -36.18 35.99
N GLU I 67 -29.46 -36.88 37.13
CA GLU I 67 -30.37 -36.50 38.19
C GLU I 67 -30.03 -35.12 38.74
N ASP I 68 -28.73 -34.82 38.89
CA ASP I 68 -28.34 -33.50 39.35
C ASP I 68 -28.69 -32.44 38.31
N ILE I 69 -28.61 -32.77 37.02
CA ILE I 69 -29.04 -31.83 35.98
C ILE I 69 -30.52 -31.54 36.12
N VAL I 70 -31.34 -32.59 36.32
CA VAL I 70 -32.77 -32.40 36.47
C VAL I 70 -33.08 -31.54 37.69
N ASP I 71 -32.38 -31.78 38.80
CA ASP I 71 -32.56 -30.96 39.98
C ASP I 71 -32.13 -29.51 39.72
N SER I 72 -31.06 -29.33 38.96
CA SER I 72 -30.56 -27.99 38.65
C SER I 72 -31.58 -27.20 37.85
N ILE I 73 -32.23 -27.84 36.87
CA ILE I 73 -33.29 -27.16 36.14
C ILE I 73 -34.42 -26.79 37.09
N GLY I 74 -34.83 -27.74 37.94
CA GLY I 74 -35.79 -27.45 39.00
C GLY I 74 -37.14 -26.97 38.52
N ASP I 75 -37.69 -27.62 37.49
CA ASP I 75 -39.00 -27.26 36.98
C ASP I 75 -39.78 -28.53 36.66
N ASP I 76 -41.11 -28.38 36.68
CA ASP I 76 -41.98 -29.50 36.34
C ASP I 76 -41.90 -29.80 34.84
N GLU I 77 -42.21 -31.04 34.49
CA GLU I 77 -42.15 -31.56 33.12
C GLU I 77 -40.75 -31.48 32.53
N ILE I 78 -39.73 -31.49 33.39
CA ILE I 78 -38.33 -31.54 32.96
C ILE I 78 -37.70 -32.80 33.54
N GLY I 79 -38.50 -33.86 33.64
CA GLY I 79 -38.04 -35.12 34.19
C GLY I 79 -36.85 -35.72 33.48
N LEU I 80 -36.34 -36.84 34.00
CA LEU I 80 -35.13 -37.43 33.46
C LEU I 80 -35.32 -37.96 32.04
N GLU I 81 -36.57 -38.21 31.62
CA GLU I 81 -36.79 -38.73 30.28
C GLU I 81 -36.39 -37.72 29.21
N GLU I 82 -36.90 -36.48 29.31
CA GLU I 82 -36.56 -35.45 28.34
C GLU I 82 -35.11 -35.01 28.44
N VAL I 83 -34.56 -34.95 29.66
CA VAL I 83 -33.14 -34.64 29.82
C VAL I 83 -32.29 -35.70 29.14
N GLU I 84 -32.65 -36.98 29.32
CA GLU I 84 -31.93 -38.06 28.64
C GLU I 84 -32.06 -37.98 27.14
N ALA I 85 -33.26 -37.61 26.64
CA ALA I 85 -33.44 -37.45 25.20
C ALA I 85 -32.55 -36.34 24.66
N VAL I 86 -32.48 -35.20 25.35
CA VAL I 86 -31.62 -34.10 24.92
C VAL I 86 -30.16 -34.52 24.99
N LEU I 87 -29.80 -35.30 26.01
CA LEU I 87 -28.43 -35.78 26.15
C LEU I 87 -28.05 -36.69 24.98
N LYS I 88 -28.95 -37.61 24.61
CA LYS I 88 -28.69 -38.47 23.46
C LYS I 88 -28.62 -37.68 22.17
N ARG I 89 -29.44 -36.64 22.03
CA ARG I 89 -29.34 -35.78 20.86
C ARG I 89 -27.99 -35.09 20.80
N ILE I 90 -27.52 -34.58 21.92
CA ILE I 90 -26.24 -33.84 21.95
C ILE I 90 -25.07 -34.78 21.70
N GLN I 91 -25.14 -36.03 22.19
CA GLN I 91 -24.07 -36.98 21.94
C GLN I 91 -23.87 -37.24 20.45
N ARG I 92 -24.88 -36.96 19.62
CA ARG I 92 -24.75 -37.09 18.17
C ARG I 92 -24.28 -35.77 17.54
N PHE I 93 -23.18 -35.23 18.05
CA PHE I 93 -22.61 -33.98 17.56
C PHE I 93 -21.31 -34.26 16.81
N ASP I 94 -20.63 -33.19 16.41
CA ASP I 94 -19.40 -33.34 15.64
C ASP I 94 -18.34 -34.13 16.40
N PRO I 95 -18.03 -33.83 17.67
CA PRO I 95 -17.20 -34.80 18.43
C PRO I 95 -18.06 -35.96 18.93
N VAL I 96 -18.27 -36.94 18.05
CA VAL I 96 -19.16 -38.05 18.35
C VAL I 96 -18.68 -38.77 19.59
N GLY I 97 -19.58 -38.91 20.57
CA GLY I 97 -19.23 -39.49 21.86
C GLY I 97 -19.01 -38.50 22.98
N VAL I 98 -19.14 -37.20 22.70
CA VAL I 98 -18.96 -36.19 23.74
C VAL I 98 -20.14 -36.23 24.71
N ALA I 99 -19.89 -35.79 25.95
CA ALA I 99 -20.90 -35.71 27.00
C ALA I 99 -21.55 -37.08 27.24
N ALA I 100 -20.74 -38.02 27.71
CA ALA I 100 -21.20 -39.37 28.00
C ALA I 100 -21.10 -39.66 29.49
N LYS I 101 -22.01 -40.51 29.98
CA LYS I 101 -22.04 -40.83 31.40
C LYS I 101 -20.79 -41.61 31.82
N ASP I 102 -20.42 -42.62 31.04
CA ASP I 102 -19.26 -43.45 31.35
C ASP I 102 -18.62 -43.92 30.05
N LEU I 103 -17.59 -44.75 30.18
CA LEU I 103 -16.90 -45.26 28.99
C LEU I 103 -17.80 -46.17 28.18
N ARG I 104 -18.59 -47.01 28.85
CA ARG I 104 -19.53 -47.89 28.14
C ARG I 104 -20.50 -47.07 27.31
N ASP I 105 -20.94 -45.92 27.84
CA ASP I 105 -21.79 -45.03 27.06
C ASP I 105 -21.07 -44.54 25.81
N CYS I 106 -19.77 -44.24 25.94
CA CYS I 106 -19.00 -43.78 24.78
C CYS I 106 -18.90 -44.87 23.72
N LEU I 107 -18.59 -46.10 24.12
CA LEU I 107 -18.51 -47.18 23.14
C LEU I 107 -19.86 -47.43 22.48
N LEU I 108 -20.94 -47.46 23.28
CA LEU I 108 -22.26 -47.69 22.70
C LEU I 108 -22.63 -46.56 21.73
N ILE I 109 -22.32 -45.32 22.10
CA ILE I 109 -22.71 -44.20 21.27
C ILE I 109 -21.88 -44.17 19.98
N GLN I 110 -20.63 -44.63 20.04
CA GLN I 110 -19.82 -44.68 18.83
C GLN I 110 -20.24 -45.82 17.90
N LEU I 111 -20.48 -47.01 18.43
CA LEU I 111 -20.91 -48.11 17.57
C LEU I 111 -22.38 -48.02 17.16
N SER I 112 -23.14 -47.10 17.75
CA SER I 112 -24.53 -46.93 17.32
C SER I 112 -24.61 -46.49 15.87
N GLN I 113 -23.73 -45.56 15.46
CA GLN I 113 -23.72 -45.02 14.10
C GLN I 113 -22.57 -45.68 13.33
N PHE I 114 -22.91 -46.62 12.46
CA PHE I 114 -21.98 -47.34 11.60
C PHE I 114 -22.74 -47.88 10.40
N ALA I 115 -22.05 -48.64 9.55
CA ALA I 115 -22.66 -49.18 8.34
C ALA I 115 -23.56 -50.37 8.60
N LYS I 116 -23.57 -50.92 9.81
CA LYS I 116 -24.35 -52.09 10.19
C LYS I 116 -23.98 -53.32 9.38
N GLU I 117 -22.81 -53.31 8.76
CA GLU I 117 -22.36 -54.44 7.96
C GLU I 117 -20.93 -54.82 8.30
N THR I 118 -20.32 -54.17 9.29
CA THR I 118 -18.99 -54.59 9.72
C THR I 118 -19.06 -56.02 10.24
N PRO I 119 -17.98 -56.77 10.14
CA PRO I 119 -18.07 -58.15 10.39
C PRO I 119 -18.18 -58.58 11.87
N TRP I 120 -18.07 -57.68 12.85
CA TRP I 120 -18.30 -58.06 14.24
C TRP I 120 -19.12 -56.99 14.94
N LEU I 121 -20.02 -56.35 14.18
CA LEU I 121 -20.81 -55.25 14.72
C LEU I 121 -21.73 -55.74 15.83
N GLU I 122 -22.49 -56.81 15.58
CA GLU I 122 -23.33 -57.40 16.62
C GLU I 122 -22.50 -58.06 17.70
N GLU I 123 -21.40 -58.71 17.33
CA GLU I 123 -20.57 -59.41 18.30
C GLU I 123 -19.83 -58.46 19.24
N ALA I 124 -19.73 -57.18 18.88
CA ALA I 124 -19.02 -56.21 19.70
C ALA I 124 -19.88 -55.04 20.15
N ARG I 125 -21.16 -54.99 19.74
CA ARG I 125 -22.02 -53.87 20.10
C ARG I 125 -22.39 -53.91 21.58
N LEU I 126 -22.95 -55.03 22.03
CA LEU I 126 -23.36 -55.19 23.42
C LEU I 126 -22.78 -56.42 24.10
N ILE I 127 -22.20 -57.36 23.35
CA ILE I 127 -21.63 -58.56 23.96
C ILE I 127 -20.44 -58.20 24.83
N ILE I 128 -19.56 -57.33 24.34
CA ILE I 128 -18.35 -56.94 25.05
C ILE I 128 -18.43 -55.52 25.59
N SER I 129 -19.06 -54.61 24.86
CA SER I 129 -19.18 -53.24 25.33
C SER I 129 -20.14 -53.13 26.51
N ASP I 130 -21.31 -53.75 26.40
CA ASP I 130 -22.33 -53.67 27.44
C ASP I 130 -22.26 -54.80 28.45
N HIS I 131 -21.30 -55.72 28.31
CA HIS I 131 -21.18 -56.83 29.24
C HIS I 131 -19.74 -57.34 29.23
N LEU I 132 -19.31 -57.87 30.37
CA LEU I 132 -17.95 -58.37 30.57
C LEU I 132 -16.90 -57.32 30.19
N ASP I 133 -17.13 -56.08 30.63
CA ASP I 133 -16.12 -55.04 30.46
C ASP I 133 -14.87 -55.36 31.27
N LEU I 134 -15.04 -55.86 32.49
CA LEU I 134 -13.89 -56.27 33.30
C LEU I 134 -13.14 -57.42 32.64
N LEU I 135 -13.84 -58.28 31.90
CA LEU I 135 -13.17 -59.33 31.13
C LEU I 135 -12.26 -58.72 30.07
N ALA I 136 -12.74 -57.69 29.36
CA ALA I 136 -11.89 -56.99 28.42
C ALA I 136 -10.72 -56.32 29.12
N ASN I 137 -10.94 -55.84 30.35
CA ASN I 137 -9.83 -55.31 31.14
C ASN I 137 -8.78 -56.38 31.41
N HIS I 138 -9.23 -57.62 31.64
CA HIS I 138 -8.33 -58.74 31.85
C HIS I 138 -8.04 -59.42 30.50
N ASP I 139 -7.44 -60.61 30.54
CA ASP I 139 -7.13 -61.34 29.32
C ASP I 139 -8.38 -61.86 28.62
N PHE I 140 -9.50 -61.96 29.32
CA PHE I 140 -10.77 -62.42 28.76
C PHE I 140 -10.67 -63.82 28.19
N ARG I 141 -9.88 -64.68 28.82
CA ARG I 141 -9.77 -66.07 28.37
C ARG I 141 -11.08 -66.81 28.54
N THR I 142 -11.75 -66.62 29.69
CA THR I 142 -13.03 -67.26 29.92
C THR I 142 -14.19 -66.54 29.24
N LEU I 143 -13.97 -65.30 28.80
CA LEU I 143 -15.01 -64.57 28.11
C LEU I 143 -15.42 -65.25 26.81
N MET I 144 -14.46 -65.89 26.14
CA MET I 144 -14.79 -66.64 24.92
C MET I 144 -15.75 -67.79 25.23
N ARG I 145 -15.52 -68.50 26.34
CA ARG I 145 -16.44 -69.55 26.75
C ARG I 145 -17.79 -68.95 27.13
N VAL I 146 -17.79 -67.79 27.80
CA VAL I 146 -19.04 -67.16 28.20
C VAL I 146 -19.86 -66.74 26.98
N THR I 147 -19.20 -66.18 25.97
CA THR I 147 -19.89 -65.67 24.79
C THR I 147 -20.18 -66.76 23.77
N ARG I 148 -19.79 -68.01 24.04
CA ARG I 148 -20.00 -69.13 23.12
C ARG I 148 -19.36 -68.86 21.75
N LEU I 149 -18.19 -68.24 21.77
CA LEU I 149 -17.43 -67.97 20.55
C LEU I 149 -15.97 -68.31 20.79
N LYS I 150 -15.27 -68.62 19.70
CA LYS I 150 -13.87 -68.99 19.80
C LYS I 150 -13.02 -67.79 20.19
N GLU I 151 -11.76 -68.07 20.53
CA GLU I 151 -10.81 -67.00 20.84
C GLU I 151 -10.33 -66.28 19.59
N GLU I 152 -10.35 -66.94 18.44
CA GLU I 152 -9.86 -66.32 17.20
C GLU I 152 -10.71 -65.12 16.82
N VAL I 153 -12.03 -65.26 16.88
CA VAL I 153 -12.91 -64.15 16.53
C VAL I 153 -12.77 -63.01 17.52
N LEU I 154 -12.68 -63.32 18.82
CA LEU I 154 -12.52 -62.28 19.82
C LEU I 154 -11.19 -61.56 19.69
N LYS I 155 -10.17 -62.25 19.15
CA LYS I 155 -8.86 -61.63 18.98
C LYS I 155 -8.93 -60.38 18.10
N GLU I 156 -9.77 -60.40 17.07
CA GLU I 156 -9.99 -59.21 16.25
C GLU I 156 -11.21 -58.40 16.68
N ALA I 157 -12.14 -58.99 17.42
CA ALA I 157 -13.24 -58.21 17.98
C ALA I 157 -12.71 -57.17 18.97
N VAL I 158 -11.71 -57.55 19.78
CA VAL I 158 -11.09 -56.61 20.71
C VAL I 158 -10.43 -55.47 19.95
N ASN I 159 -9.74 -55.79 18.84
CA ASN I 159 -9.12 -54.75 18.02
C ASN I 159 -10.17 -53.82 17.43
N LEU I 160 -11.28 -54.39 16.93
CA LEU I 160 -12.35 -53.56 16.38
C LEU I 160 -12.93 -52.63 17.43
N ILE I 161 -13.08 -53.13 18.67
CA ILE I 161 -13.54 -52.27 19.76
C ILE I 161 -12.51 -51.17 20.03
N GLN I 162 -11.23 -51.54 20.07
CA GLN I 162 -10.17 -50.57 20.35
C GLN I 162 -9.99 -49.56 19.23
N SER I 163 -10.53 -49.81 18.04
CA SER I 163 -10.44 -48.85 16.95
C SER I 163 -11.13 -47.53 17.32
N LEU I 164 -12.13 -47.58 18.20
CA LEU I 164 -12.81 -46.37 18.62
C LEU I 164 -11.89 -45.47 19.43
N ASP I 165 -12.17 -44.17 19.36
CA ASP I 165 -11.39 -43.21 20.12
C ASP I 165 -11.61 -43.44 21.61
N PRO I 166 -10.57 -43.29 22.44
CA PRO I 166 -10.71 -43.52 23.90
C PRO I 166 -11.48 -42.44 24.65
N ARG I 167 -11.20 -41.17 24.38
CA ARG I 167 -11.83 -40.06 25.08
C ARG I 167 -12.27 -39.03 24.06
N PRO I 168 -13.46 -39.21 23.49
CA PRO I 168 -13.87 -38.37 22.38
C PRO I 168 -14.13 -36.93 22.82
N GLY I 169 -13.91 -36.02 21.89
CA GLY I 169 -14.02 -34.61 22.14
C GLY I 169 -12.73 -33.93 22.53
N GLN I 170 -11.69 -34.69 22.87
CA GLN I 170 -10.39 -34.11 23.21
C GLN I 170 -9.64 -33.63 21.97
N SER I 171 -9.93 -34.18 20.79
CA SER I 171 -9.27 -33.77 19.56
C SER I 171 -9.52 -32.31 19.21
N ILE I 172 -10.59 -31.69 19.73
CA ILE I 172 -10.86 -30.29 19.45
C ILE I 172 -10.02 -29.36 20.32
N GLN I 173 -9.44 -29.87 21.40
CA GLN I 173 -8.57 -29.04 22.24
C GLN I 173 -7.33 -28.62 21.47
N THR I 174 -7.23 -27.33 21.18
CA THR I 174 -6.06 -26.82 20.45
C THR I 174 -4.78 -27.08 21.23
N GLY I 175 -4.81 -26.83 22.54
CA GLY I 175 -3.63 -27.05 23.35
C GLY I 175 -2.49 -26.13 23.00
N GLU I 176 -2.79 -24.86 22.71
CA GLU I 176 -1.74 -23.91 22.36
C GLU I 176 -0.70 -23.69 23.48
N PRO I 177 -1.05 -23.62 24.77
CA PRO I 177 0.01 -23.39 25.75
C PRO I 177 0.77 -24.68 26.04
N GLU I 178 2.07 -24.66 25.79
CA GLU I 178 2.92 -25.82 26.01
C GLU I 178 3.55 -25.86 27.39
N TYR I 179 3.24 -24.88 28.25
CA TYR I 179 3.78 -24.81 29.61
C TYR I 179 5.31 -24.75 29.60
N VAL I 180 5.84 -23.68 29.01
CA VAL I 180 7.28 -23.52 28.87
C VAL I 180 7.89 -23.16 30.22
N ILE I 181 9.08 -23.68 30.48
CA ILE I 181 9.87 -23.33 31.66
C ILE I 181 11.22 -22.83 31.20
N PRO I 182 11.59 -21.58 31.52
CA PRO I 182 12.91 -21.07 31.13
C PRO I 182 14.04 -21.66 31.93
N ASP I 183 13.75 -22.40 33.00
CA ASP I 183 14.77 -22.96 33.90
C ASP I 183 15.64 -21.84 34.48
N VAL I 184 14.99 -21.05 35.34
CA VAL I 184 15.50 -19.77 35.84
C VAL I 184 16.93 -19.87 36.36
N LEU I 185 17.37 -21.07 36.71
CA LEU I 185 18.76 -21.30 37.09
C LEU I 185 19.19 -22.68 36.64
N VAL I 186 20.43 -22.77 36.15
CA VAL I 186 20.96 -24.02 35.61
C VAL I 186 22.15 -24.47 36.45
N ARG I 187 22.39 -25.78 36.44
CA ARG I 187 23.53 -26.39 37.10
C ARG I 187 24.26 -27.27 36.09
N LYS I 188 25.60 -27.23 36.13
CA LYS I 188 26.44 -27.95 35.20
C LYS I 188 27.35 -28.89 35.96
N VAL I 189 28.17 -29.62 35.21
CA VAL I 189 29.15 -30.54 35.80
C VAL I 189 30.50 -29.84 35.87
N ASN I 190 31.09 -29.84 37.06
CA ASN I 190 32.41 -29.24 37.27
C ASN I 190 33.19 -30.15 38.21
N ASP I 191 34.34 -29.67 38.68
CA ASP I 191 35.10 -30.40 39.68
C ASP I 191 34.31 -30.53 40.98
N ARG I 192 33.67 -29.43 41.40
CA ARG I 192 32.81 -29.43 42.58
C ARG I 192 31.34 -29.25 42.22
N TRP I 193 31.01 -29.27 40.92
CA TRP I 193 29.63 -29.18 40.45
C TRP I 193 28.97 -27.87 40.90
N VAL I 194 29.52 -26.75 40.42
CA VAL I 194 29.01 -25.44 40.77
C VAL I 194 27.68 -25.19 40.07
N VAL I 195 26.89 -24.27 40.62
CA VAL I 195 25.55 -23.96 40.12
C VAL I 195 25.44 -22.45 39.93
N GLU I 196 24.88 -22.03 38.80
CA GLU I 196 24.68 -20.64 38.47
C GLU I 196 23.20 -20.35 38.24
N LEU I 197 22.90 -19.12 37.83
CA LEU I 197 21.53 -18.67 37.63
C LEU I 197 21.45 -17.84 36.35
N ASN I 198 20.34 -17.99 35.63
CA ASN I 198 20.18 -17.33 34.35
C ASN I 198 18.76 -16.78 34.17
N SER I 199 18.13 -16.42 35.29
CA SER I 199 16.73 -15.97 35.30
C SER I 199 16.49 -14.77 34.39
N ASP I 200 17.52 -14.02 34.02
CA ASP I 200 17.40 -12.92 33.07
C ASP I 200 16.40 -11.86 33.56
N SER I 201 16.48 -11.56 34.86
CA SER I 201 15.60 -10.59 35.50
C SER I 201 14.12 -10.90 35.26
N ARG I 202 13.17 10.91 41.49
CA ARG I 202 14.06 10.47 40.42
C ARG I 202 14.22 8.95 40.44
N TRP I 203 15.46 8.49 40.59
CA TRP I 203 15.76 7.06 40.65
C TRP I 203 15.45 6.57 42.06
N LEU I 204 14.15 6.33 42.30
CA LEU I 204 13.71 5.83 43.60
C LEU I 204 14.32 4.47 43.88
N ILE I 205 14.80 4.30 45.12
CA ILE I 205 15.54 3.11 45.49
C ILE I 205 14.61 2.01 45.99
N LYS I 206 14.02 1.26 45.05
CA LYS I 206 13.45 -0.04 45.39
C LYS I 206 14.56 -1.08 45.34
N SER I 207 14.27 -2.31 45.76
CA SER I 207 15.30 -3.34 45.76
C SER I 207 14.96 -4.34 44.68
N LEU I 208 13.83 -5.04 44.77
CA LEU I 208 13.39 -6.02 43.77
C LEU I 208 14.53 -6.93 43.30
N GLU I 209 15.53 -7.14 44.14
CA GLU I 209 16.76 -7.83 43.75
C GLU I 209 17.16 -8.93 44.71
N SER I 210 16.87 -8.77 46.01
CA SER I 210 17.26 -9.78 46.99
C SER I 210 16.63 -11.12 46.74
N ALA I 211 15.53 -11.17 45.97
CA ALA I 211 14.92 -12.45 45.64
C ALA I 211 15.89 -13.34 44.86
N ASN I 212 16.58 -12.76 43.87
CA ASN I 212 17.57 -13.51 43.12
C ASN I 212 18.74 -13.92 44.01
N ASP I 213 19.21 -13.02 44.86
CA ASP I 213 20.33 -13.33 45.75
C ASP I 213 19.95 -14.42 46.74
N THR I 214 18.76 -14.32 47.33
CA THR I 214 18.30 -15.35 48.26
C THR I 214 18.04 -16.67 47.53
N LEU I 215 17.49 -16.60 46.31
CA LEU I 215 17.24 -17.81 45.54
C LEU I 215 18.53 -18.54 45.23
N LEU I 216 19.60 -17.80 44.90
CA LEU I 216 20.89 -18.44 44.68
C LEU I 216 21.40 -19.10 45.96
N ARG I 217 21.18 -18.46 47.11
CA ARG I 217 21.70 -18.99 48.37
C ARG I 217 21.01 -20.30 48.74
N VAL I 218 19.67 -20.33 48.68
CA VAL I 218 18.95 -21.55 49.06
C VAL I 218 19.23 -22.67 48.07
N SER I 219 19.23 -22.36 46.77
CA SER I 219 19.50 -23.39 45.77
C SER I 219 20.91 -23.95 45.90
N ARG I 220 21.89 -23.07 46.16
CA ARG I 220 23.25 -23.55 46.36
C ARG I 220 23.36 -24.45 47.57
N CYS I 221 22.72 -24.06 48.69
CA CYS I 221 22.76 -24.89 49.88
C CYS I 221 22.08 -26.23 49.66
N ILE I 222 20.95 -26.23 48.94
CA ILE I 222 20.27 -27.47 48.61
C ILE I 222 21.17 -28.35 47.74
N VAL I 223 21.87 -27.75 46.79
CA VAL I 223 22.72 -28.51 45.87
C VAL I 223 23.84 -29.22 46.64
N GLU I 224 24.49 -28.49 47.56
CA GLU I 224 25.54 -29.11 48.36
C GLU I 224 24.98 -30.23 49.23
N GLN I 225 23.81 -30.02 49.84
CA GLN I 225 23.17 -31.09 50.58
C GLN I 225 22.76 -32.24 49.66
N GLN I 226 22.26 -31.91 48.48
CA GLN I 226 21.85 -32.92 47.51
C GLN I 226 22.98 -33.29 46.55
N GLN I 227 24.23 -33.09 46.96
CA GLN I 227 25.36 -33.35 46.06
C GLN I 227 25.41 -34.81 45.65
N ALA I 228 25.16 -35.72 46.58
CA ALA I 228 25.13 -37.14 46.23
C ALA I 228 24.00 -37.47 45.28
N PHE I 229 22.90 -36.71 45.34
CA PHE I 229 21.79 -36.93 44.40
C PHE I 229 22.23 -36.66 42.97
N PHE I 230 22.96 -35.56 42.76
CA PHE I 230 23.48 -35.25 41.44
C PHE I 230 24.75 -36.02 41.10
N GLU I 231 25.32 -36.74 42.06
CA GLU I 231 26.52 -37.53 41.84
C GLU I 231 26.16 -38.99 41.61
N GLN I 232 26.73 -39.57 40.55
CA GLN I 232 26.57 -40.99 40.22
C GLN I 232 25.08 -41.28 40.00
N GLY I 233 24.48 -42.18 40.78
CA GLY I 233 23.10 -42.57 40.52
C GLY I 233 22.12 -41.46 40.83
N GLU I 234 20.93 -41.62 40.25
CA GLU I 234 19.87 -40.62 40.43
C GLU I 234 19.28 -40.66 41.83
N GLU I 235 19.10 -41.86 42.38
CA GLU I 235 18.38 -42.04 43.64
C GLU I 235 19.34 -42.05 44.82
N TYR I 236 19.81 -40.85 45.16
CA TYR I 236 20.66 -40.62 46.33
C TYR I 236 20.17 -39.39 47.08
N MET I 237 18.86 -39.34 47.31
CA MET I 237 18.21 -38.17 47.87
C MET I 237 18.37 -38.12 49.39
N LYS I 238 18.50 -36.90 49.92
CA LYS I 238 18.50 -36.78 51.37
C LYS I 238 17.13 -36.34 51.86
N PRO I 239 16.70 -36.82 53.04
CA PRO I 239 15.46 -36.31 53.62
C PRO I 239 15.63 -34.88 54.12
N MET I 240 15.61 -33.93 53.20
CA MET I 240 15.96 -32.54 53.51
C MET I 240 14.77 -31.87 54.17
N VAL I 241 14.92 -31.51 55.44
CA VAL I 241 13.87 -30.83 56.20
C VAL I 241 14.10 -29.34 56.15
N LEU I 242 13.01 -28.57 56.29
CA LEU I 242 13.13 -27.11 56.24
C LEU I 242 14.04 -26.59 57.36
N ALA I 243 14.11 -27.30 58.48
CA ALA I 243 14.96 -26.85 59.59
C ALA I 243 16.44 -26.93 59.24
N ASP I 244 16.84 -27.93 58.45
CA ASP I 244 18.25 -28.08 58.11
C ASP I 244 18.75 -26.93 57.25
N ILE I 245 18.03 -26.62 56.17
CA ILE I 245 18.40 -25.45 55.36
C ILE I 245 18.20 -24.17 56.16
N ALA I 246 17.23 -24.16 57.08
CA ALA I 246 17.01 -23.00 57.92
C ALA I 246 18.25 -22.68 58.75
N GLN I 247 18.85 -23.70 59.35
CA GLN I 247 20.09 -23.51 60.09
C GLN I 247 21.27 -23.24 59.15
N ALA I 248 21.24 -23.82 57.95
CA ALA I 248 22.33 -23.61 57.00
C ALA I 248 22.42 -22.16 56.56
N VAL I 249 21.28 -21.53 56.28
CA VAL I 249 21.26 -20.13 55.85
C VAL I 249 20.94 -19.18 56.98
N GLU I 250 20.81 -19.68 58.22
CA GLU I 250 20.51 -18.87 59.39
C GLU I 250 19.21 -18.07 59.19
N MET I 251 18.19 -18.74 58.65
CA MET I 251 16.93 -18.08 58.30
C MET I 251 15.75 -19.01 58.55
N HIS I 252 14.62 -18.41 58.96
CA HIS I 252 13.40 -19.15 59.23
C HIS I 252 12.92 -19.93 58.01
N GLU I 253 12.14 -20.98 58.28
CA GLU I 253 11.76 -21.95 57.26
C GLU I 253 10.64 -21.45 56.34
N SER I 254 9.76 -20.58 56.84
CA SER I 254 8.54 -20.26 56.09
C SER I 254 8.84 -19.56 54.77
N THR I 255 9.65 -18.49 54.82
CA THR I 255 9.91 -17.73 53.60
C THR I 255 10.81 -18.53 52.66
N ILE I 256 11.76 -19.27 53.20
CA ILE I 256 12.64 -20.07 52.36
C ILE I 256 11.86 -21.20 51.69
N SER I 257 10.75 -21.64 52.28
CA SER I 257 9.85 -22.54 51.58
C SER I 257 9.00 -21.80 50.55
N ARG I 258 8.60 -20.56 50.86
CA ARG I 258 7.80 -19.78 49.93
C ARG I 258 8.58 -19.47 48.66
N VAL I 259 9.86 -19.12 48.78
CA VAL I 259 10.67 -18.75 47.63
C VAL I 259 10.92 -19.94 46.72
N THR I 260 10.66 -21.17 47.19
CA THR I 260 10.87 -22.38 46.43
C THR I 260 9.58 -22.89 45.79
N THR I 261 8.57 -22.04 45.64
CA THR I 261 7.25 -22.51 45.26
C THR I 261 7.23 -23.07 43.84
N GLN I 262 7.77 -22.33 42.87
CA GLN I 262 7.68 -22.77 41.49
C GLN I 262 8.99 -22.53 40.71
N LYS I 263 10.11 -22.41 41.40
CA LYS I 263 11.39 -22.23 40.72
C LYS I 263 11.94 -23.59 40.30
N TYR I 264 12.35 -23.70 39.04
CA TYR I 264 12.83 -24.96 38.47
C TYR I 264 14.28 -24.80 38.01
N LEU I 265 15.08 -25.83 38.28
CA LEU I 265 16.48 -25.85 37.89
C LEU I 265 16.68 -26.72 36.66
N HIS I 266 17.74 -26.44 35.91
CA HIS I 266 18.16 -27.28 34.79
C HIS I 266 19.35 -28.14 35.18
N SER I 267 19.23 -29.43 34.96
CA SER I 267 20.30 -30.39 35.09
C SER I 267 20.33 -31.29 33.86
N PRO I 268 21.50 -31.78 33.48
CA PRO I 268 21.57 -32.73 32.36
C PRO I 268 20.75 -33.99 32.60
N ARG I 269 20.66 -34.45 33.84
CA ARG I 269 19.85 -35.61 34.18
C ARG I 269 18.99 -35.43 35.43
N GLY I 270 19.16 -34.36 36.18
CA GLY I 270 18.36 -34.17 37.38
C GLY I 270 16.92 -33.80 37.07
N ILE I 271 16.10 -33.86 38.11
CA ILE I 271 14.67 -33.59 37.99
C ILE I 271 14.42 -32.10 38.14
N PHE I 272 13.71 -31.52 37.17
CA PHE I 272 13.42 -30.08 37.17
C PHE I 272 12.28 -29.82 38.14
N GLU I 273 12.65 -29.43 39.35
CA GLU I 273 11.70 -29.21 40.44
C GLU I 273 12.44 -28.48 41.55
N LEU I 274 11.69 -28.02 42.55
CA LEU I 274 12.33 -27.57 43.77
C LEU I 274 11.53 -27.93 45.03
N LYS I 275 10.31 -28.48 44.88
CA LYS I 275 9.62 -29.15 45.97
C LYS I 275 9.97 -30.63 46.08
N TYR I 276 10.44 -31.26 45.01
CA TYR I 276 10.72 -32.69 45.09
C TYR I 276 11.86 -32.97 46.06
N PHE I 277 12.80 -32.05 46.19
CA PHE I 277 13.91 -32.21 47.13
C PHE I 277 13.52 -31.94 48.57
N PHE I 278 12.33 -31.41 48.82
CA PHE I 278 11.90 -31.10 50.18
C PHE I 278 11.19 -32.31 50.81
N SER I 279 11.96 -33.38 50.95
CA SER I 279 11.43 -34.64 51.47
C SER I 279 11.72 -34.77 52.97
N SER I 280 10.73 -35.31 53.69
CA SER I 280 10.88 -35.62 55.11
C SER I 280 10.31 -37.03 55.31
N HIS I 281 11.16 -38.04 55.09
CA HIS I 281 10.72 -39.43 55.04
C HIS I 281 11.68 -40.33 55.82
N VAL I 282 11.94 -39.96 57.08
CA VAL I 282 12.84 -40.69 57.96
C VAL I 282 12.56 -42.19 57.90
N ASN I 283 11.28 -42.56 57.88
CA ASN I 283 10.79 -43.92 57.58
C ASN I 283 11.45 -45.00 58.44
N THR I 284 12.10 -44.59 59.55
CA THR I 284 12.79 -45.52 60.46
C THR I 284 13.73 -46.45 59.70
N GLU I 285 14.63 -45.84 58.93
CA GLU I 285 15.62 -46.60 58.17
C GLU I 285 16.54 -47.37 59.12
N GLY I 286 16.94 -48.56 58.68
CA GLY I 286 17.83 -49.38 59.50
C GLY I 286 19.13 -48.68 59.82
N GLY I 287 19.75 -48.04 58.83
CA GLY I 287 20.92 -47.23 59.08
C GLY I 287 20.60 -45.75 59.07
N GLY I 288 20.48 -45.17 60.26
CA GLY I 288 20.15 -43.75 60.35
C GLY I 288 18.79 -43.47 59.75
N GLU I 289 18.75 -42.50 58.83
CA GLU I 289 17.52 -42.09 58.16
C GLU I 289 17.73 -42.16 56.65
N ALA I 290 16.61 -42.06 55.92
CA ALA I 290 16.64 -42.14 54.47
C ALA I 290 15.50 -41.30 53.91
N SER I 291 15.28 -41.39 52.60
CA SER I 291 14.24 -40.65 51.92
C SER I 291 13.35 -41.61 51.14
N SER I 292 12.05 -41.32 51.11
CA SER I 292 11.09 -42.19 50.44
C SER I 292 11.13 -42.07 48.92
N THR I 293 11.83 -41.07 48.38
CA THR I 293 12.01 -41.01 46.93
C THR I 293 12.91 -42.15 46.45
N ALA I 294 14.03 -42.37 47.15
CA ALA I 294 14.91 -43.48 46.80
C ALA I 294 14.22 -44.82 47.01
N ILE I 295 13.45 -44.95 48.08
CA ILE I 295 12.72 -46.19 48.34
C ILE I 295 11.65 -46.39 47.27
N ARG I 296 10.99 -45.31 46.84
CA ARG I 296 10.03 -45.38 45.76
C ARG I 296 10.69 -45.88 44.48
N ALA I 297 11.88 -45.36 44.16
CA ALA I 297 12.60 -45.82 42.97
C ALA I 297 13.00 -47.29 43.11
N LEU I 298 13.44 -47.69 44.30
CA LEU I 298 13.78 -49.09 44.52
C LEU I 298 12.58 -49.99 44.28
N VAL I 299 11.41 -49.59 44.77
CA VAL I 299 10.18 -50.34 44.47
C VAL I 299 9.85 -50.27 42.99
N LYS I 300 10.23 -49.19 42.32
CA LYS I 300 9.90 -49.00 40.91
C LYS I 300 10.66 -50.00 40.03
N LYS I 301 12.00 -49.91 40.03
CA LYS I 301 12.72 -50.85 39.18
C LYS I 301 12.77 -52.26 39.76
N LEU I 302 12.63 -52.41 41.08
CA LEU I 302 12.61 -53.74 41.68
C LEU I 302 11.41 -54.54 41.19
N ILE I 303 10.24 -53.92 41.13
CA ILE I 303 9.05 -54.60 40.63
C ILE I 303 9.15 -54.83 39.13
N ALA I 304 9.69 -53.85 38.40
CA ALA I 304 9.82 -53.98 36.95
C ALA I 304 10.78 -55.12 36.59
N ALA I 305 11.90 -55.22 37.29
CA ALA I 305 12.90 -56.26 37.03
C ALA I 305 12.53 -57.48 37.86
N GLU I 306 11.58 -58.25 37.35
CA GLU I 306 11.09 -59.46 38.03
C GLU I 306 10.81 -60.53 37.00
N ASN I 307 10.30 -61.66 37.48
CA ASN I 307 9.92 -62.76 36.60
C ASN I 307 8.67 -62.40 35.82
N PRO I 308 8.37 -63.12 34.73
CA PRO I 308 7.12 -62.86 34.00
C PRO I 308 5.88 -62.97 34.88
N ALA I 309 5.89 -63.89 35.86
CA ALA I 309 4.81 -63.93 36.84
C ALA I 309 4.77 -62.63 37.65
N LYS I 310 5.95 -62.15 38.07
CA LYS I 310 6.12 -60.90 38.79
C LYS I 310 5.21 -60.85 40.02
N PRO I 311 5.53 -61.61 41.08
CA PRO I 311 4.71 -61.56 42.29
C PRO I 311 4.63 -60.17 42.90
N LEU I 312 5.78 -59.60 43.23
CA LEU I 312 5.87 -58.25 43.78
C LEU I 312 4.94 -58.05 44.97
N SER I 313 4.87 -59.08 45.82
CA SER I 313 3.98 -59.03 46.98
C SER I 313 4.44 -57.94 47.94
N ASP I 314 3.47 -57.29 48.59
CA ASP I 314 3.79 -56.22 49.52
C ASP I 314 4.63 -56.74 50.68
N SER I 315 4.27 -57.90 51.23
CA SER I 315 5.09 -58.52 52.27
C SER I 315 6.47 -58.90 51.74
N LYS I 316 6.51 -59.48 50.53
CA LYS I 316 7.78 -59.85 49.93
C LYS I 316 8.64 -58.63 49.63
N LEU I 317 8.02 -57.56 49.10
CA LEU I 317 8.76 -56.34 48.83
C LEU I 317 9.29 -55.71 50.11
N THR I 318 8.47 -55.71 51.17
CA THR I 318 8.93 -55.18 52.45
C THR I 318 10.08 -55.99 53.02
N SER I 319 10.00 -57.33 52.91
CA SER I 319 11.10 -58.18 53.38
C SER I 319 12.38 -57.93 52.58
N MET I 320 12.25 -57.77 51.26
CA MET I 320 13.42 -57.48 50.44
C MET I 320 14.03 -56.14 50.81
N LEU I 321 13.19 -55.12 51.05
CA LEU I 321 13.69 -53.82 51.44
C LEU I 321 14.39 -53.88 52.80
N SER I 322 13.81 -54.63 53.75
CA SER I 322 14.43 -54.78 55.05
C SER I 322 15.78 -55.49 54.95
N GLU I 323 15.86 -56.51 54.09
CA GLU I 323 17.13 -57.19 53.85
C GLU I 323 18.15 -56.23 53.24
N GLN I 324 17.70 -55.37 52.32
CA GLN I 324 18.58 -54.38 51.72
C GLN I 324 18.99 -53.30 52.71
N GLY I 325 18.28 -53.17 53.83
CA GLY I 325 18.60 -52.18 54.84
C GLY I 325 17.54 -51.12 55.08
N ILE I 326 16.40 -51.16 54.38
CA ILE I 326 15.34 -50.17 54.55
C ILE I 326 14.24 -50.84 55.37
N MET I 327 14.17 -50.47 56.65
CA MET I 327 13.17 -51.04 57.57
C MET I 327 11.84 -50.37 57.28
N VAL I 328 11.09 -50.93 56.32
CA VAL I 328 9.78 -50.43 55.93
C VAL I 328 8.77 -51.53 56.17
N ALA I 329 7.62 -51.15 56.73
CA ALA I 329 6.59 -52.12 57.05
C ALA I 329 5.92 -52.65 55.78
N ARG I 330 4.97 -53.56 55.97
CA ARG I 330 4.29 -54.18 54.84
C ARG I 330 3.50 -53.18 54.02
N ARG I 331 2.81 -52.25 54.67
CA ARG I 331 1.95 -51.30 53.97
C ARG I 331 2.71 -50.21 53.25
N THR I 332 4.01 -50.05 53.52
CA THR I 332 4.77 -49.01 52.84
C THR I 332 4.85 -49.28 51.34
N VAL I 333 5.27 -50.50 50.97
CA VAL I 333 5.34 -50.86 49.55
C VAL I 333 3.96 -50.80 48.92
N ALA I 334 2.91 -51.07 49.70
CA ALA I 334 1.55 -51.06 49.17
C ALA I 334 1.21 -49.72 48.51
N LYS I 335 1.20 -48.64 49.31
CA LYS I 335 0.84 -47.36 48.75
C LYS I 335 1.97 -46.79 47.90
N TYR I 336 3.22 -47.20 48.16
CA TYR I 336 4.33 -46.78 47.31
C TYR I 336 4.11 -47.23 45.88
N ARG I 337 3.63 -48.46 45.70
CA ARG I 337 3.28 -48.95 44.37
C ARG I 337 1.98 -48.33 43.89
N GLU I 338 0.98 -48.23 44.76
CA GLU I 338 -0.34 -47.76 44.36
C GLU I 338 -0.35 -46.31 43.90
N SER I 339 0.65 -45.51 44.31
CA SER I 339 0.68 -44.11 43.91
C SER I 339 0.80 -43.95 42.39
N LEU I 340 1.65 -44.78 41.75
CA LEU I 340 1.87 -44.64 40.32
C LEU I 340 1.96 -45.99 39.60
N SER I 341 1.39 -47.05 40.16
CA SER I 341 1.46 -48.37 39.53
C SER I 341 0.37 -49.26 40.12
N ILE I 342 0.25 -50.45 39.56
CA ILE I 342 -0.71 -51.46 40.01
C ILE I 342 0.05 -52.77 40.19
N PRO I 343 -0.40 -53.68 41.05
CA PRO I 343 0.35 -54.91 41.31
C PRO I 343 0.25 -55.88 40.15
N PRO I 344 1.38 -56.43 39.68
CA PRO I 344 1.34 -57.50 38.66
C PRO I 344 0.70 -58.78 39.19
N SER I 345 -0.62 -58.73 39.38
CA SER I 345 -1.39 -59.86 39.90
C SER I 345 -0.82 -60.37 41.23
N ASN I 346 -0.45 -59.44 42.11
CA ASN I 346 0.10 -59.83 43.41
C ASN I 346 -0.98 -60.45 44.29
N GLN I 347 -2.23 -60.05 44.13
CA GLN I 347 -3.33 -60.58 44.93
C GLN I 347 -3.62 -62.03 44.56
#